data_2NB1
#
_entry.id   2NB1
#
loop_
_entity.id
_entity.type
_entity.pdbx_description
1 polymer 'Tumor protein 63'
2 polymer 'Tumor protein p73'
#
loop_
_entity_poly.entity_id
_entity_poly.type
_entity_poly.pdbx_seq_one_letter_code
_entity_poly.pdbx_strand_id
1 'polypeptide(L)' SDDELLYLPVRGRETYEMLLEIKESLELMQYLPQHTIETYRQQQQQQHQHLLQKQTSIQS A,C
2 'polypeptide(L)' GSDEDTYYLQVRGRKNFEILMKLKESLELMELVPQPLVDSYRQQQQLLQR B,D
#
# COMPACT_ATOMS: atom_id res chain seq x y z
N SER A 1 15.70 -19.23 10.24
CA SER A 1 16.53 -18.10 10.68
C SER A 1 15.76 -16.79 10.49
N ASP A 2 16.15 -15.73 11.21
CA ASP A 2 15.55 -14.40 11.12
C ASP A 2 15.86 -13.85 9.73
N ASP A 3 17.14 -13.80 9.38
CA ASP A 3 17.70 -13.32 8.12
C ASP A 3 17.46 -14.26 6.93
N GLU A 4 16.42 -15.09 6.98
CA GLU A 4 16.02 -16.04 5.95
C GLU A 4 15.83 -15.31 4.62
N LEU A 5 16.78 -15.48 3.70
CA LEU A 5 16.72 -14.84 2.39
C LEU A 5 15.65 -15.56 1.56
N LEU A 6 14.45 -15.00 1.58
CA LEU A 6 13.28 -15.49 0.85
C LEU A 6 13.26 -14.72 -0.46
N TYR A 7 12.43 -15.19 -1.39
CA TYR A 7 12.26 -14.58 -2.69
C TYR A 7 10.77 -14.50 -2.97
N LEU A 8 10.39 -13.61 -3.89
CA LEU A 8 9.00 -13.38 -4.29
C LEU A 8 8.93 -13.51 -5.81
N PRO A 9 8.68 -14.71 -6.36
CA PRO A 9 8.57 -14.99 -7.80
C PRO A 9 7.25 -14.37 -8.30
N VAL A 10 7.33 -13.29 -9.08
CA VAL A 10 6.17 -12.57 -9.61
C VAL A 10 6.42 -12.17 -11.07
N ARG A 11 5.35 -12.11 -11.89
CA ARG A 11 5.47 -11.64 -13.27
C ARG A 11 4.30 -10.71 -13.55
N GLY A 12 4.57 -9.41 -13.53
CA GLY A 12 3.67 -8.30 -13.77
C GLY A 12 4.57 -7.10 -13.98
N ARG A 13 4.48 -6.36 -15.09
CA ARG A 13 5.36 -5.21 -15.31
C ARG A 13 5.02 -4.06 -14.36
N GLU A 14 3.75 -3.66 -14.33
CA GLU A 14 3.29 -2.57 -13.47
C GLU A 14 3.48 -2.99 -12.01
N THR A 15 3.13 -4.25 -11.74
CA THR A 15 3.23 -4.85 -10.42
C THR A 15 4.67 -4.75 -9.93
N TYR A 16 5.66 -5.12 -10.76
CA TYR A 16 7.07 -5.07 -10.39
C TYR A 16 7.47 -3.67 -9.97
N GLU A 17 7.22 -2.66 -10.81
CA GLU A 17 7.60 -1.29 -10.50
C GLU A 17 7.01 -0.82 -9.17
N MET A 18 5.72 -1.04 -8.92
CA MET A 18 5.09 -0.61 -7.68
C MET A 18 5.58 -1.41 -6.47
N LEU A 19 5.69 -2.74 -6.60
CA LEU A 19 6.13 -3.60 -5.51
C LEU A 19 7.57 -3.28 -5.14
N LEU A 20 8.46 -3.09 -6.12
CA LEU A 20 9.87 -2.77 -5.87
C LEU A 20 9.99 -1.39 -5.23
N GLU A 21 9.36 -0.36 -5.81
CA GLU A 21 9.45 0.99 -5.28
C GLU A 21 8.90 1.11 -3.86
N ILE A 22 7.69 0.63 -3.57
CA ILE A 22 7.14 0.77 -2.21
C ILE A 22 7.98 -0.05 -1.22
N LYS A 23 8.54 -1.17 -1.68
CA LYS A 23 9.37 -2.01 -0.86
C LYS A 23 10.66 -1.25 -0.53
N GLU A 24 11.26 -0.63 -1.54
CA GLU A 24 12.50 0.12 -1.41
C GLU A 24 12.30 1.34 -0.53
N SER A 25 11.33 2.22 -0.82
CA SER A 25 11.09 3.41 -0.03
C SER A 25 10.93 3.10 1.46
N LEU A 26 10.14 2.07 1.81
CA LEU A 26 9.95 1.73 3.22
C LEU A 26 11.26 1.19 3.82
N GLU A 27 11.89 0.21 3.17
CA GLU A 27 13.13 -0.41 3.62
C GLU A 27 14.21 0.63 3.85
N LEU A 28 14.38 1.54 2.89
CA LEU A 28 15.36 2.60 2.97
C LEU A 28 15.00 3.55 4.11
N MET A 29 13.72 3.92 4.26
CA MET A 29 13.28 4.81 5.34
C MET A 29 13.69 4.22 6.69
N GLN A 30 13.43 2.93 6.94
CA GLN A 30 13.78 2.27 8.19
C GLN A 30 15.29 1.95 8.29
N TYR A 31 16.05 1.99 7.19
CA TYR A 31 17.47 1.70 7.22
C TYR A 31 18.25 2.98 7.57
N LEU A 32 18.03 4.05 6.80
CA LEU A 32 18.69 5.33 7.01
C LEU A 32 18.26 5.92 8.36
N PRO A 33 19.10 6.73 9.03
CA PRO A 33 18.75 7.33 10.30
C PRO A 33 17.67 8.37 10.02
N GLN A 34 16.46 8.10 10.51
CA GLN A 34 15.25 8.90 10.37
C GLN A 34 15.30 10.25 11.10
N HIS A 35 16.45 10.94 11.11
CA HIS A 35 16.63 12.23 11.77
C HIS A 35 15.57 13.25 11.32
N THR A 36 15.49 13.53 10.02
CA THR A 36 14.54 14.50 9.47
C THR A 36 13.10 14.08 9.78
N ILE A 37 12.80 12.81 9.53
CA ILE A 37 11.49 12.19 9.70
C ILE A 37 11.01 12.26 11.14
N GLU A 38 11.87 11.97 12.11
CA GLU A 38 11.56 12.00 13.52
C GLU A 38 11.16 13.43 13.87
N THR A 39 12.05 14.40 13.63
CA THR A 39 11.81 15.81 13.93
C THR A 39 10.54 16.31 13.23
N TYR A 40 10.30 15.90 11.97
CA TYR A 40 9.12 16.29 11.20
C TYR A 40 7.85 15.73 11.83
N ARG A 41 7.77 14.42 12.07
CA ARG A 41 6.59 13.78 12.64
C ARG A 41 6.31 14.33 14.03
N GLN A 42 7.36 14.52 14.84
CA GLN A 42 7.26 15.04 16.19
C GLN A 42 6.75 16.48 16.14
N GLN A 43 7.39 17.39 15.39
CA GLN A 43 6.94 18.78 15.31
C GLN A 43 5.51 18.86 14.82
N GLN A 44 5.13 18.11 13.77
CA GLN A 44 3.75 18.14 13.26
C GLN A 44 2.77 17.75 14.39
N GLN A 45 3.16 16.81 15.25
CA GLN A 45 2.35 16.38 16.39
C GLN A 45 2.22 17.55 17.35
N GLN A 46 3.34 18.12 17.78
CA GLN A 46 3.36 19.24 18.71
C GLN A 46 2.56 20.44 18.17
N GLN A 47 2.58 20.69 16.85
CA GLN A 47 1.86 21.79 16.23
C GLN A 47 0.35 21.67 16.47
N HIS A 48 -0.19 20.45 16.54
CA HIS A 48 -1.62 20.24 16.75
C HIS A 48 -2.10 20.93 18.04
N GLN A 49 -1.34 20.81 19.12
CA GLN A 49 -1.65 21.40 20.42
C GLN A 49 -1.53 22.94 20.41
N HIS A 50 -0.68 23.48 19.53
CA HIS A 50 -0.49 24.93 19.39
C HIS A 50 -1.49 25.53 18.40
N LEU A 51 -2.07 24.72 17.50
CA LEU A 51 -3.04 25.11 16.47
C LEU A 51 -4.30 25.76 17.05
N LEU A 52 -4.53 25.58 18.37
CA LEU A 52 -5.67 26.17 19.07
C LEU A 52 -5.53 27.71 19.04
N GLN A 53 -4.29 28.19 18.89
CA GLN A 53 -3.78 29.56 18.82
C GLN A 53 -3.34 29.98 20.21
N LYS A 54 -2.01 30.05 20.41
CA LYS A 54 -1.38 30.41 21.68
C LYS A 54 -0.10 31.25 21.54
N GLN A 55 0.49 31.37 20.35
CA GLN A 55 1.70 32.14 20.15
C GLN A 55 1.33 33.59 19.79
N THR A 56 2.23 34.53 20.05
CA THR A 56 2.02 35.94 19.74
C THR A 56 2.05 36.17 18.22
N SER A 57 2.94 35.48 17.50
CA SER A 57 3.11 35.59 16.06
C SER A 57 3.53 34.24 15.50
N ILE A 58 2.97 33.86 14.35
CA ILE A 58 3.23 32.63 13.60
C ILE A 58 3.21 33.03 12.13
N GLN A 59 4.02 32.36 11.31
CA GLN A 59 4.13 32.59 9.87
C GLN A 59 4.43 31.26 9.18
N SER A 60 4.15 31.15 7.88
CA SER A 60 4.39 29.96 7.07
C SER A 60 5.12 30.37 5.80
N GLY B 1 4.58 22.47 -1.32
CA GLY B 1 4.71 22.59 -2.78
C GLY B 1 3.87 21.53 -3.44
N SER B 2 2.98 21.93 -4.36
CA SER B 2 1.99 21.22 -5.18
C SER B 2 0.79 22.18 -5.31
N ASP B 3 -0.35 21.65 -5.78
CA ASP B 3 -1.62 22.34 -5.99
C ASP B 3 -2.23 22.80 -4.66
N GLU B 4 -3.52 23.12 -4.69
CA GLU B 4 -4.33 23.55 -3.55
C GLU B 4 -5.33 22.46 -3.17
N ASP B 5 -5.33 21.33 -3.89
CA ASP B 5 -6.22 20.20 -3.67
C ASP B 5 -5.57 19.13 -2.79
N THR B 6 -6.39 18.30 -2.14
CA THR B 6 -5.99 17.21 -1.28
C THR B 6 -6.96 16.05 -1.52
N TYR B 7 -6.47 14.81 -1.37
CA TYR B 7 -7.28 13.62 -1.54
C TYR B 7 -7.60 13.16 -0.12
N TYR B 8 -8.85 12.75 0.07
CA TYR B 8 -9.40 12.30 1.33
C TYR B 8 -9.81 10.84 1.21
N LEU B 9 -9.65 10.09 2.31
CA LEU B 9 -9.99 8.68 2.41
C LEU B 9 -10.71 8.47 3.73
N GLN B 10 -11.87 7.82 3.67
CA GLN B 10 -12.74 7.52 4.79
C GLN B 10 -13.04 6.03 4.66
N VAL B 11 -12.35 5.20 5.45
CA VAL B 11 -12.50 3.73 5.43
C VAL B 11 -12.08 3.17 6.79
N ARG B 12 -12.66 2.05 7.23
CA ARG B 12 -12.35 1.43 8.51
C ARG B 12 -11.70 0.07 8.32
N GLY B 13 -10.38 0.02 8.48
CA GLY B 13 -9.58 -1.18 8.38
C GLY B 13 -8.47 -1.11 9.39
N ARG B 14 -8.40 -1.95 10.43
CA ARG B 14 -7.30 -1.88 11.40
C ARG B 14 -5.96 -2.14 10.70
N LYS B 15 -5.82 -3.28 10.02
CA LYS B 15 -4.61 -3.66 9.31
C LYS B 15 -4.36 -2.65 8.21
N ASN B 16 -5.40 -2.42 7.39
CA ASN B 16 -5.33 -1.50 6.27
C ASN B 16 -4.82 -0.12 6.69
N PHE B 17 -5.34 0.50 7.75
CA PHE B 17 -4.88 1.82 8.16
C PHE B 17 -3.42 1.79 8.59
N GLU B 18 -2.99 0.81 9.40
CA GLU B 18 -1.59 0.72 9.82
C GLU B 18 -0.66 0.66 8.61
N ILE B 19 -0.97 -0.26 7.69
CA ILE B 19 -0.25 -0.54 6.46
C ILE B 19 -0.26 0.68 5.55
N LEU B 20 -1.43 1.19 5.18
CA LEU B 20 -1.53 2.33 4.29
C LEU B 20 -0.84 3.53 4.90
N MET B 21 -0.88 3.76 6.22
CA MET B 21 -0.19 4.90 6.82
C MET B 21 1.32 4.78 6.60
N LYS B 22 1.93 3.65 6.98
CA LYS B 22 3.38 3.50 6.82
C LYS B 22 3.80 3.60 5.36
N LEU B 23 3.07 2.98 4.44
CA LEU B 23 3.42 3.05 3.02
C LEU B 23 3.19 4.46 2.47
N LYS B 24 2.16 5.16 2.96
CA LYS B 24 1.82 6.51 2.53
C LYS B 24 2.92 7.47 2.93
N GLU B 25 3.25 7.47 4.23
CA GLU B 25 4.28 8.31 4.83
C GLU B 25 5.62 7.97 4.19
N SER B 26 5.90 6.69 3.98
CA SER B 26 7.14 6.23 3.36
C SER B 26 7.39 6.94 2.04
N LEU B 27 6.41 6.93 1.13
CA LEU B 27 6.58 7.57 -0.17
C LEU B 27 6.65 9.09 -0.02
N GLU B 28 5.86 9.70 0.87
CA GLU B 28 5.90 11.15 1.07
C GLU B 28 7.32 11.56 1.49
N LEU B 29 7.90 10.81 2.44
CA LEU B 29 9.25 11.08 2.91
C LEU B 29 10.22 10.79 1.79
N MET B 30 10.07 9.67 1.06
CA MET B 30 10.94 9.32 -0.08
C MET B 30 10.98 10.46 -1.10
N GLU B 31 9.88 11.22 -1.26
CA GLU B 31 9.79 12.34 -2.18
C GLU B 31 10.47 13.59 -1.59
N LEU B 32 10.45 13.77 -0.27
CA LEU B 32 11.06 14.92 0.42
C LEU B 32 12.54 14.74 0.78
N VAL B 33 12.99 13.54 1.13
CA VAL B 33 14.38 13.25 1.49
C VAL B 33 15.11 12.81 0.22
N PRO B 34 16.41 13.08 0.08
CA PRO B 34 17.12 12.69 -1.12
C PRO B 34 17.34 11.17 -1.13
N GLN B 35 17.90 10.65 -2.21
CA GLN B 35 18.14 9.23 -2.39
C GLN B 35 19.60 8.72 -2.25
N PRO B 36 20.50 9.28 -1.39
CA PRO B 36 21.86 8.79 -1.27
C PRO B 36 21.94 7.33 -0.84
N LEU B 37 21.35 7.00 0.31
CA LEU B 37 21.38 5.63 0.82
C LEU B 37 20.69 4.67 -0.15
N VAL B 38 19.70 5.14 -0.91
CA VAL B 38 18.96 4.33 -1.87
C VAL B 38 19.92 3.83 -2.95
N ASP B 39 20.62 4.72 -3.65
CA ASP B 39 21.56 4.36 -4.71
C ASP B 39 22.79 3.65 -4.14
N SER B 40 23.23 4.06 -2.95
CA SER B 40 24.37 3.48 -2.27
C SER B 40 24.08 2.01 -1.97
N TYR B 41 22.92 1.69 -1.38
CA TYR B 41 22.56 0.32 -1.06
C TYR B 41 22.24 -0.45 -2.36
N ARG B 42 21.55 0.19 -3.32
CA ARG B 42 21.16 -0.40 -4.60
C ARG B 42 22.35 -1.00 -5.32
N GLN B 43 23.44 -0.26 -5.42
CA GLN B 43 24.64 -0.69 -6.09
C GLN B 43 25.47 -1.68 -5.24
N GLN B 44 25.66 -1.36 -3.96
CA GLN B 44 26.42 -2.20 -3.04
C GLN B 44 25.79 -3.61 -3.01
N GLN B 45 24.46 -3.67 -3.06
CA GLN B 45 23.67 -4.89 -3.09
C GLN B 45 23.66 -5.44 -4.52
N GLN B 46 23.76 -4.61 -5.58
CA GLN B 46 23.79 -5.08 -6.96
C GLN B 46 24.96 -6.05 -7.11
N LEU B 47 26.04 -5.87 -6.33
CA LEU B 47 27.19 -6.80 -6.38
C LEU B 47 26.79 -8.26 -6.03
N LEU B 48 25.60 -8.50 -5.47
CA LEU B 48 25.05 -9.81 -5.11
C LEU B 48 24.34 -10.41 -6.34
N GLN B 49 23.94 -9.58 -7.31
CA GLN B 49 23.30 -9.97 -8.56
C GLN B 49 24.43 -10.23 -9.56
N ARG B 50 24.15 -11.02 -10.60
CA ARG B 50 25.12 -11.37 -11.64
C ARG B 50 24.44 -11.41 -12.98
N SER C 1 10.52 -9.42 -21.72
CA SER C 1 9.21 -10.07 -21.95
C SER C 1 8.19 -9.51 -20.98
N ASP C 2 6.92 -9.44 -21.38
CA ASP C 2 5.89 -8.93 -20.47
C ASP C 2 5.71 -9.90 -19.29
N ASP C 3 5.97 -11.20 -19.53
CA ASP C 3 5.88 -12.30 -18.58
C ASP C 3 7.23 -12.65 -17.93
N GLU C 4 8.13 -11.67 -17.80
CA GLU C 4 9.44 -11.89 -17.18
C GLU C 4 9.25 -12.34 -15.73
N LEU C 5 9.74 -13.55 -15.42
CA LEU C 5 9.67 -14.13 -14.08
C LEU C 5 10.74 -13.43 -13.26
N LEU C 6 10.33 -12.40 -12.55
CA LEU C 6 11.14 -11.53 -11.71
C LEU C 6 11.04 -12.02 -10.27
N TYR C 7 12.18 -12.24 -9.62
CA TYR C 7 12.26 -12.71 -8.24
C TYR C 7 12.68 -11.56 -7.33
N LEU C 8 11.89 -11.22 -6.32
CA LEU C 8 12.19 -10.14 -5.35
C LEU C 8 12.84 -10.77 -4.10
N PRO C 9 14.17 -10.75 -3.91
CA PRO C 9 14.80 -11.32 -2.71
C PRO C 9 14.59 -10.39 -1.49
N VAL C 10 13.97 -10.88 -0.41
CA VAL C 10 13.71 -10.11 0.80
C VAL C 10 13.82 -10.99 2.05
N ARG C 11 14.17 -10.42 3.22
CA ARG C 11 14.23 -11.16 4.47
C ARG C 11 13.56 -10.28 5.54
N GLY C 12 12.32 -10.54 5.91
CA GLY C 12 11.59 -9.79 6.93
C GLY C 12 10.35 -10.59 7.30
N ARG C 13 10.04 -10.86 8.58
CA ARG C 13 8.83 -11.65 8.86
C ARG C 13 7.55 -10.87 8.55
N GLU C 14 7.40 -9.66 9.09
CA GLU C 14 6.20 -8.86 8.81
C GLU C 14 6.27 -8.36 7.37
N THR C 15 7.48 -8.13 6.87
CA THR C 15 7.71 -7.67 5.50
C THR C 15 7.23 -8.72 4.50
N TYR C 16 7.48 -10.00 4.74
CA TYR C 16 7.05 -11.04 3.81
C TYR C 16 5.54 -11.13 3.86
N GLU C 17 4.96 -11.29 5.05
CA GLU C 17 3.52 -11.41 5.25
C GLU C 17 2.72 -10.28 4.62
N MET C 18 3.01 -9.04 5.03
CA MET C 18 2.31 -7.87 4.54
C MET C 18 2.43 -7.72 3.02
N LEU C 19 3.63 -7.88 2.47
CA LEU C 19 3.81 -7.74 1.03
C LEU C 19 3.10 -8.87 0.30
N LEU C 20 3.10 -10.11 0.82
CA LEU C 20 2.45 -11.24 0.18
C LEU C 20 0.92 -11.11 0.27
N GLU C 21 0.36 -10.84 1.44
CA GLU C 21 -1.10 -10.73 1.64
C GLU C 21 -1.69 -9.70 0.68
N ILE C 22 -1.07 -8.52 0.58
CA ILE C 22 -1.55 -7.46 -0.31
C ILE C 22 -1.35 -7.89 -1.77
N LYS C 23 -0.19 -8.43 -2.10
CA LYS C 23 0.16 -8.88 -3.45
C LYS C 23 -0.83 -9.92 -3.95
N GLU C 24 -1.15 -10.90 -3.10
CA GLU C 24 -2.08 -11.97 -3.42
C GLU C 24 -3.47 -11.39 -3.57
N SER C 25 -3.95 -10.59 -2.60
CA SER C 25 -5.29 -10.00 -2.69
C SER C 25 -5.47 -9.23 -4.01
N LEU C 26 -4.43 -8.46 -4.39
CA LEU C 26 -4.43 -7.65 -5.60
C LEU C 26 -4.40 -8.54 -6.83
N GLU C 27 -3.45 -9.49 -6.90
CA GLU C 27 -3.32 -10.39 -8.04
C GLU C 27 -4.60 -11.20 -8.25
N LEU C 28 -5.19 -11.70 -7.17
CA LEU C 28 -6.41 -12.48 -7.25
C LEU C 28 -7.55 -11.58 -7.70
N MET C 29 -7.64 -10.33 -7.23
CA MET C 29 -8.68 -9.41 -7.64
C MET C 29 -8.58 -9.12 -9.15
N GLN C 30 -7.37 -9.04 -9.71
CA GLN C 30 -7.17 -8.78 -11.14
C GLN C 30 -7.18 -10.07 -11.99
N TYR C 31 -7.10 -11.26 -11.37
CA TYR C 31 -7.06 -12.55 -12.04
C TYR C 31 -8.41 -13.24 -12.08
N LEU C 32 -9.01 -13.48 -10.91
CA LEU C 32 -10.29 -14.17 -10.79
C LEU C 32 -11.45 -13.32 -11.33
N PRO C 33 -12.58 -13.95 -11.74
CA PRO C 33 -13.74 -13.26 -12.28
C PRO C 33 -14.49 -12.51 -11.18
N GLN C 34 -13.99 -11.34 -10.79
CA GLN C 34 -14.57 -10.51 -9.74
C GLN C 34 -15.84 -9.76 -10.18
N HIS C 35 -16.91 -10.51 -10.48
CA HIS C 35 -18.18 -9.97 -10.91
C HIS C 35 -18.85 -9.20 -9.76
N THR C 36 -18.78 -9.71 -8.53
CA THR C 36 -19.35 -9.04 -7.35
C THR C 36 -18.70 -7.66 -7.21
N ILE C 37 -17.37 -7.53 -7.37
CA ILE C 37 -16.69 -6.24 -7.27
C ILE C 37 -17.24 -5.28 -8.34
N GLU C 38 -17.38 -5.75 -9.58
CA GLU C 38 -17.90 -4.95 -10.69
C GLU C 38 -19.29 -4.40 -10.35
N THR C 39 -20.24 -5.27 -9.99
CA THR C 39 -21.59 -4.86 -9.64
C THR C 39 -21.62 -4.00 -8.37
N TYR C 40 -20.76 -4.26 -7.39
CA TYR C 40 -20.67 -3.51 -6.15
C TYR C 40 -20.24 -2.08 -6.42
N ARG C 41 -19.13 -1.91 -7.16
CA ARG C 41 -18.59 -0.61 -7.52
C ARG C 41 -19.67 0.19 -8.22
N GLN C 42 -20.33 -0.43 -9.19
CA GLN C 42 -21.41 0.17 -9.95
C GLN C 42 -22.54 0.60 -9.02
N GLN C 43 -23.11 -0.32 -8.23
CA GLN C 43 -24.20 -0.05 -7.31
C GLN C 43 -23.89 1.16 -6.42
N GLN C 44 -22.72 1.21 -5.78
CA GLN C 44 -22.32 2.31 -4.90
C GLN C 44 -22.21 3.63 -5.70
N GLN C 45 -21.65 3.58 -6.91
CA GLN C 45 -21.51 4.74 -7.77
C GLN C 45 -22.89 5.29 -8.14
N GLN C 46 -23.83 4.40 -8.48
CA GLN C 46 -25.18 4.81 -8.81
C GLN C 46 -25.89 5.37 -7.58
N GLN C 47 -25.81 4.69 -6.42
CA GLN C 47 -26.46 5.12 -5.18
C GLN C 47 -26.10 6.55 -4.82
N HIS C 48 -24.83 6.94 -4.89
CA HIS C 48 -24.40 8.29 -4.54
C HIS C 48 -25.20 9.37 -5.29
N GLN C 49 -25.52 9.13 -6.57
CA GLN C 49 -26.29 10.06 -7.40
C GLN C 49 -27.76 10.13 -6.95
N HIS C 50 -28.32 9.03 -6.43
CA HIS C 50 -29.69 8.93 -5.96
C HIS C 50 -29.83 9.33 -4.49
N LEU C 51 -28.70 9.54 -3.78
CA LEU C 51 -28.60 9.92 -2.38
C LEU C 51 -29.31 11.24 -2.06
N LEU C 52 -29.72 12.00 -3.08
CA LEU C 52 -30.45 13.27 -2.99
C LEU C 52 -31.92 13.04 -2.55
N GLN C 53 -32.22 11.87 -1.99
CA GLN C 53 -33.50 11.39 -1.47
C GLN C 53 -34.65 11.56 -2.47
N LYS C 54 -34.61 10.72 -3.52
CA LYS C 54 -35.61 10.71 -4.60
C LYS C 54 -36.46 9.44 -4.65
N GLN C 55 -36.29 8.51 -3.71
CA GLN C 55 -37.05 7.27 -3.68
C GLN C 55 -38.35 7.48 -2.90
N THR C 56 -39.29 6.55 -3.02
CA THR C 56 -40.55 6.61 -2.29
C THR C 56 -40.25 6.23 -0.84
N SER C 57 -39.55 5.10 -0.63
CA SER C 57 -39.14 4.57 0.66
C SER C 57 -37.71 4.04 0.51
N ILE C 58 -36.93 4.05 1.59
CA ILE C 58 -35.54 3.58 1.61
C ILE C 58 -35.37 2.76 2.89
N GLN C 59 -34.69 1.62 2.80
CA GLN C 59 -34.44 0.74 3.93
C GLN C 59 -33.08 0.06 3.76
N SER C 60 -32.49 -0.42 4.85
CA SER C 60 -31.21 -1.13 4.92
C SER C 60 -31.46 -2.39 5.75
N GLY D 1 -21.06 -3.31 8.90
CA GLY D 1 -20.99 -4.50 9.75
C GLY D 1 -19.62 -4.62 10.42
N SER D 2 -19.26 -3.62 11.22
CA SER D 2 -18.04 -3.48 11.99
C SER D 2 -18.33 -2.40 13.06
N ASP D 3 -17.30 -1.92 13.75
CA ASP D 3 -17.40 -0.88 14.77
C ASP D 3 -17.95 0.40 14.10
N GLU D 4 -18.48 1.35 14.87
CA GLU D 4 -19.02 2.61 14.34
C GLU D 4 -17.94 3.67 14.07
N ASP D 5 -16.70 3.45 14.51
CA ASP D 5 -15.60 4.41 14.28
C ASP D 5 -15.06 4.22 12.85
N THR D 6 -14.20 5.10 12.35
CA THR D 6 -13.60 5.03 11.01
C THR D 6 -12.31 5.86 11.01
N TYR D 7 -11.39 5.56 10.09
CA TYR D 7 -10.13 6.29 9.97
C TYR D 7 -10.26 7.25 8.80
N TYR D 8 -9.82 8.49 9.02
CA TYR D 8 -9.86 9.60 8.07
C TYR D 8 -8.45 10.10 7.82
N LEU D 9 -8.01 10.11 6.57
CA LEU D 9 -6.66 10.57 6.17
C LEU D 9 -6.80 11.63 5.08
N GLN D 10 -5.89 12.61 5.03
CA GLN D 10 -5.83 13.72 4.09
C GLN D 10 -4.38 13.90 3.60
N VAL D 11 -4.10 13.62 2.33
CA VAL D 11 -2.76 13.71 1.71
C VAL D 11 -2.89 13.90 0.19
N ARG D 12 -1.92 14.56 -0.47
CA ARG D 12 -1.97 14.74 -1.93
C ARG D 12 -0.69 14.21 -2.57
N GLY D 13 -0.79 13.02 -3.16
CA GLY D 13 0.26 12.32 -3.88
C GLY D 13 -0.42 11.64 -5.05
N ARG D 14 -0.04 11.89 -6.32
CA ARG D 14 -0.75 11.26 -7.42
C ARG D 14 -0.59 9.75 -7.50
N LYS D 15 0.64 9.23 -7.60
CA LYS D 15 0.84 7.78 -7.67
C LYS D 15 0.34 7.14 -6.39
N ASN D 16 0.63 7.79 -5.27
CA ASN D 16 0.24 7.34 -3.96
C ASN D 16 -1.27 7.09 -3.92
N PHE D 17 -2.10 8.02 -4.40
CA PHE D 17 -3.56 7.84 -4.37
C PHE D 17 -3.99 6.66 -5.23
N GLU D 18 -3.52 6.55 -6.48
CA GLU D 18 -3.90 5.44 -7.37
C GLU D 18 -3.65 4.08 -6.70
N ILE D 19 -2.46 3.96 -6.12
CA ILE D 19 -1.97 2.78 -5.43
C ILE D 19 -2.74 2.54 -4.14
N LEU D 20 -2.77 3.50 -3.21
CA LEU D 20 -3.47 3.34 -1.95
C LEU D 20 -4.94 2.99 -2.17
N MET D 21 -5.61 3.59 -3.17
CA MET D 21 -7.01 3.29 -3.41
C MET D 21 -7.16 1.83 -3.81
N LYS D 22 -6.42 1.35 -4.81
CA LYS D 22 -6.58 -0.06 -5.21
C LYS D 22 -6.10 -1.02 -4.13
N LEU D 23 -5.07 -0.69 -3.35
CA LEU D 23 -4.60 -1.60 -2.30
C LEU D 23 -5.63 -1.65 -1.17
N LYS D 24 -6.26 -0.53 -0.83
CA LYS D 24 -7.28 -0.50 0.22
C LYS D 24 -8.43 -1.39 -0.24
N GLU D 25 -8.93 -1.13 -1.45
CA GLU D 25 -10.02 -1.84 -2.10
C GLU D 25 -9.68 -3.33 -2.19
N SER D 26 -8.44 -3.67 -2.55
CA SER D 26 -7.96 -5.03 -2.67
C SER D 26 -8.26 -5.82 -1.40
N LEU D 27 -7.82 -5.33 -0.24
CA LEU D 27 -8.07 -6.04 1.00
C LEU D 27 -9.56 -6.00 1.36
N GLU D 28 -10.23 -4.86 1.23
CA GLU D 28 -11.65 -4.72 1.54
C GLU D 28 -12.50 -5.73 0.79
N LEU D 29 -12.27 -5.83 -0.52
CA LEU D 29 -13.01 -6.74 -1.38
C LEU D 29 -12.55 -8.16 -1.08
N MET D 30 -11.26 -8.47 -1.02
CA MET D 30 -10.78 -9.82 -0.71
C MET D 30 -11.39 -10.29 0.63
N GLU D 31 -11.62 -9.36 1.57
CA GLU D 31 -12.22 -9.67 2.86
C GLU D 31 -13.73 -9.92 2.71
N LEU D 32 -14.43 -9.26 1.78
CA LEU D 32 -15.87 -9.45 1.57
C LEU D 32 -16.22 -10.59 0.61
N VAL D 33 -15.39 -10.87 -0.40
CA VAL D 33 -15.63 -11.94 -1.37
C VAL D 33 -14.92 -13.20 -0.86
N PRO D 34 -15.44 -14.40 -1.16
CA PRO D 34 -14.77 -15.62 -0.72
C PRO D 34 -13.45 -15.79 -1.48
N GLN D 35 -12.70 -16.83 -1.14
CA GLN D 35 -11.39 -17.15 -1.72
C GLN D 35 -11.31 -18.45 -2.57
N PRO D 36 -12.24 -18.72 -3.52
CA PRO D 36 -12.20 -19.93 -4.33
C PRO D 36 -11.01 -19.99 -5.28
N LEU D 37 -10.77 -18.94 -6.07
CA LEU D 37 -9.63 -18.95 -7.00
C LEU D 37 -8.32 -18.93 -6.23
N VAL D 38 -8.31 -18.32 -5.05
CA VAL D 38 -7.13 -18.21 -4.21
C VAL D 38 -6.67 -19.61 -3.84
N ASP D 39 -7.52 -20.46 -3.27
CA ASP D 39 -7.15 -21.82 -2.88
C ASP D 39 -6.70 -22.64 -4.10
N SER D 40 -7.46 -22.56 -5.20
CA SER D 40 -7.18 -23.28 -6.44
C SER D 40 -5.80 -22.88 -6.99
N TYR D 41 -5.53 -21.58 -7.10
CA TYR D 41 -4.28 -21.02 -7.61
C TYR D 41 -3.14 -21.30 -6.65
N ARG D 42 -3.34 -21.15 -5.34
CA ARG D 42 -2.31 -21.37 -4.33
C ARG D 42 -1.67 -22.74 -4.50
N GLN D 43 -2.49 -23.78 -4.61
CA GLN D 43 -1.93 -25.11 -4.74
C GLN D 43 -1.35 -25.33 -6.15
N GLN D 44 -2.03 -24.83 -7.19
CA GLN D 44 -1.59 -24.97 -8.57
C GLN D 44 -0.24 -24.26 -8.79
N GLN D 45 0.04 -23.19 -8.05
CA GLN D 45 1.28 -22.43 -8.15
C GLN D 45 2.34 -23.19 -7.35
N GLN D 46 1.99 -23.76 -6.19
CA GLN D 46 2.91 -24.53 -5.37
C GLN D 46 3.52 -25.67 -6.20
N LEU D 47 2.77 -26.24 -7.15
CA LEU D 47 3.23 -27.32 -8.04
C LEU D 47 4.38 -26.88 -8.98
N LEU D 48 4.67 -25.58 -9.09
CA LEU D 48 5.77 -25.04 -9.91
C LEU D 48 7.09 -25.13 -9.13
N GLN D 49 6.99 -25.22 -7.80
CA GLN D 49 8.07 -25.31 -6.83
C GLN D 49 8.35 -26.78 -6.52
N ARG D 50 9.35 -27.05 -5.69
CA ARG D 50 9.74 -28.39 -5.30
C ARG D 50 10.05 -28.43 -3.82
N SER A 1 12.36 -16.88 9.89
CA SER A 1 13.22 -15.91 10.59
C SER A 1 13.18 -14.54 9.91
N ASP A 2 13.56 -13.46 10.62
CA ASP A 2 13.58 -12.10 10.09
C ASP A 2 14.75 -11.89 9.10
N ASP A 3 15.66 -12.85 9.03
CA ASP A 3 16.85 -12.85 8.16
C ASP A 3 16.76 -13.95 7.10
N GLU A 4 15.60 -14.59 6.97
CA GLU A 4 15.36 -15.67 6.03
C GLU A 4 15.42 -15.11 4.60
N LEU A 5 16.44 -15.50 3.84
CA LEU A 5 16.67 -15.09 2.45
C LEU A 5 15.51 -15.73 1.65
N LEU A 6 14.43 -14.99 1.41
CA LEU A 6 13.25 -15.48 0.71
C LEU A 6 13.22 -14.94 -0.71
N TYR A 7 13.04 -15.83 -1.68
CA TYR A 7 12.98 -15.51 -3.10
C TYR A 7 11.51 -15.56 -3.49
N LEU A 8 10.98 -14.43 -3.94
CA LEU A 8 9.58 -14.25 -4.35
C LEU A 8 9.45 -14.27 -5.89
N PRO A 9 9.11 -15.40 -6.52
CA PRO A 9 8.95 -15.56 -7.96
C PRO A 9 7.62 -14.93 -8.45
N VAL A 10 7.66 -13.87 -9.26
CA VAL A 10 6.46 -13.19 -9.77
C VAL A 10 6.73 -12.68 -11.19
N ARG A 11 5.67 -12.50 -11.99
CA ARG A 11 5.73 -12.00 -13.36
C ARG A 11 4.62 -10.98 -13.54
N GLY A 12 4.96 -9.70 -13.51
CA GLY A 12 4.01 -8.62 -13.68
C GLY A 12 4.79 -7.35 -13.90
N ARG A 13 4.63 -6.64 -15.02
CA ARG A 13 5.38 -5.40 -15.20
C ARG A 13 4.85 -4.36 -14.23
N GLU A 14 3.53 -4.14 -14.21
CA GLU A 14 2.95 -3.17 -13.30
C GLU A 14 3.10 -3.69 -11.87
N THR A 15 3.05 -5.01 -11.68
CA THR A 15 3.18 -5.60 -10.36
C THR A 15 4.54 -5.23 -9.78
N TYR A 16 5.64 -5.51 -10.50
CA TYR A 16 6.98 -5.23 -10.01
C TYR A 16 7.28 -3.74 -9.89
N GLU A 17 6.83 -2.92 -10.83
CA GLU A 17 7.07 -1.48 -10.81
C GLU A 17 6.59 -0.88 -9.48
N MET A 18 5.31 -1.07 -9.17
CA MET A 18 4.71 -0.54 -7.95
C MET A 18 5.22 -1.30 -6.71
N LEU A 19 5.48 -2.61 -6.83
CA LEU A 19 5.96 -3.41 -5.71
C LEU A 19 7.29 -2.88 -5.21
N LEU A 20 8.30 -2.71 -6.08
CA LEU A 20 9.59 -2.19 -5.63
C LEU A 20 9.48 -0.74 -5.20
N GLU A 21 8.64 0.08 -5.84
CA GLU A 21 8.52 1.50 -5.49
C GLU A 21 8.19 1.65 -3.99
N ILE A 22 7.19 0.91 -3.51
CA ILE A 22 6.75 0.96 -2.12
C ILE A 22 7.62 0.06 -1.20
N LYS A 23 8.09 -1.10 -1.69
CA LYS A 23 8.90 -2.01 -0.89
C LYS A 23 10.20 -1.31 -0.49
N GLU A 24 10.83 -0.67 -1.46
CA GLU A 24 12.08 0.04 -1.28
C GLU A 24 11.85 1.26 -0.39
N SER A 25 10.84 2.11 -0.66
CA SER A 25 10.63 3.29 0.16
C SER A 25 10.56 2.96 1.65
N LEU A 26 9.87 1.88 2.02
CA LEU A 26 9.74 1.52 3.42
C LEU A 26 11.04 0.94 3.98
N GLU A 27 11.64 -0.05 3.30
CA GLU A 27 12.88 -0.65 3.80
C GLU A 27 13.93 0.44 4.04
N LEU A 28 14.10 1.33 3.07
CA LEU A 28 15.06 2.43 3.09
C LEU A 28 14.74 3.41 4.22
N MET A 29 13.48 3.84 4.35
CA MET A 29 13.01 4.74 5.40
C MET A 29 13.33 4.13 6.77
N GLN A 30 13.01 2.84 6.96
CA GLN A 30 13.22 2.10 8.18
C GLN A 30 14.71 1.95 8.50
N TYR A 31 15.56 1.70 7.49
CA TYR A 31 17.01 1.53 7.64
C TYR A 31 17.73 2.85 7.96
N LEU A 32 17.20 3.98 7.49
CA LEU A 32 17.80 5.30 7.72
C LEU A 32 16.75 6.25 8.32
N PRO A 33 16.35 6.03 9.58
CA PRO A 33 15.37 6.86 10.26
C PRO A 33 15.97 8.20 10.71
N GLN A 34 16.13 9.14 9.78
CA GLN A 34 16.66 10.46 10.12
C GLN A 34 15.59 11.18 10.96
N HIS A 35 15.94 12.30 11.59
CA HIS A 35 14.98 13.04 12.39
C HIS A 35 13.76 13.49 11.56
N THR A 36 13.90 13.72 10.25
CA THR A 36 12.77 14.10 9.39
C THR A 36 11.69 13.01 9.52
N ILE A 37 12.07 11.73 9.40
CA ILE A 37 11.17 10.58 9.51
C ILE A 37 10.65 10.52 10.94
N GLU A 38 11.52 10.69 11.95
CA GLU A 38 11.12 10.63 13.35
C GLU A 38 10.02 11.65 13.69
N THR A 39 10.08 12.86 13.13
CA THR A 39 9.08 13.90 13.36
C THR A 39 7.77 13.43 12.74
N TYR A 40 7.79 13.05 11.45
CA TYR A 40 6.61 12.61 10.72
C TYR A 40 5.94 11.44 11.43
N ARG A 41 6.71 10.40 11.77
CA ARG A 41 6.19 9.21 12.43
C ARG A 41 5.41 9.57 13.67
N GLN A 42 5.99 10.41 14.53
CA GLN A 42 5.39 10.85 15.77
C GLN A 42 4.11 11.65 15.53
N GLN A 43 4.18 12.67 14.67
CA GLN A 43 3.06 13.54 14.35
C GLN A 43 1.90 12.77 13.72
N GLN A 44 2.15 11.81 12.83
CA GLN A 44 1.08 11.04 12.22
C GLN A 44 0.47 10.13 13.29
N GLN A 45 1.28 9.43 14.11
CA GLN A 45 0.76 8.56 15.15
C GLN A 45 -0.15 9.32 16.13
N GLN A 46 0.06 10.62 16.35
CA GLN A 46 -0.77 11.43 17.22
C GLN A 46 -2.21 11.37 16.67
N GLN A 47 -2.39 11.56 15.35
CA GLN A 47 -3.70 11.53 14.70
C GLN A 47 -4.38 10.17 14.89
N HIS A 48 -3.62 9.06 14.97
CA HIS A 48 -4.15 7.72 15.17
C HIS A 48 -4.69 7.60 16.59
N GLN A 49 -3.85 7.87 17.59
CA GLN A 49 -4.22 7.77 19.00
C GLN A 49 -5.45 8.65 19.29
N HIS A 50 -5.53 9.82 18.65
CA HIS A 50 -6.65 10.74 18.84
C HIS A 50 -7.95 10.16 18.27
N LEU A 51 -7.96 9.58 17.06
CA LEU A 51 -9.18 9.01 16.48
C LEU A 51 -9.58 7.70 17.17
N LEU A 52 -8.61 6.81 17.41
CA LEU A 52 -8.85 5.53 18.06
C LEU A 52 -9.41 5.76 19.46
N GLN A 53 -8.81 6.68 20.22
CA GLN A 53 -9.23 7.05 21.57
C GLN A 53 -9.44 5.81 22.46
N LYS A 54 -8.35 5.10 22.79
CA LYS A 54 -8.38 3.88 23.61
C LYS A 54 -7.31 3.91 24.71
N GLN A 55 -7.36 2.94 25.62
CA GLN A 55 -6.44 2.80 26.75
C GLN A 55 -6.18 1.32 27.03
N THR A 56 -5.16 0.74 26.40
CA THR A 56 -4.76 -0.67 26.58
C THR A 56 -3.23 -0.83 26.54
N SER A 57 -2.53 0.09 25.87
CA SER A 57 -1.09 0.12 25.72
C SER A 57 -0.65 1.51 26.13
N ILE A 58 -0.16 1.67 27.36
CA ILE A 58 0.32 2.95 27.88
C ILE A 58 1.75 3.24 27.41
N GLN A 59 2.26 2.39 26.52
CA GLN A 59 3.57 2.38 25.90
C GLN A 59 3.33 2.51 24.39
N SER A 60 4.34 2.96 23.64
CA SER A 60 4.29 3.17 22.20
C SER A 60 5.70 3.06 21.64
N GLY B 1 1.42 24.68 -14.39
CA GLY B 1 0.67 23.75 -13.52
C GLY B 1 -0.55 24.42 -12.88
N SER B 2 -1.16 23.75 -11.91
CA SER B 2 -2.34 24.18 -11.16
C SER B 2 -2.45 23.32 -9.89
N ASP B 3 -3.26 23.73 -8.90
CA ASP B 3 -3.47 22.96 -7.67
C ASP B 3 -4.66 22.05 -7.93
N GLU B 4 -4.37 20.78 -8.19
CA GLU B 4 -5.34 19.73 -8.50
C GLU B 4 -6.18 19.25 -7.30
N ASP B 5 -6.11 19.92 -6.15
CA ASP B 5 -6.81 19.64 -4.90
C ASP B 5 -6.24 18.40 -4.18
N THR B 6 -6.65 18.20 -2.92
CA THR B 6 -6.23 17.11 -2.04
C THR B 6 -7.12 15.87 -2.26
N TYR B 7 -6.70 14.72 -1.72
CA TYR B 7 -7.43 13.46 -1.81
C TYR B 7 -7.68 12.95 -0.40
N TYR B 8 -8.86 12.36 -0.20
CA TYR B 8 -9.30 11.83 1.09
C TYR B 8 -9.75 10.37 0.91
N LEU B 9 -9.54 9.56 1.95
CA LEU B 9 -9.88 8.13 2.01
C LEU B 9 -10.69 7.91 3.28
N GLN B 10 -11.69 7.01 3.25
CA GLN B 10 -12.56 6.70 4.39
C GLN B 10 -12.74 5.18 4.60
N VAL B 11 -12.02 4.56 5.52
CA VAL B 11 -12.12 3.10 5.75
C VAL B 11 -11.78 2.73 7.19
N ARG B 12 -12.37 1.64 7.72
CA ARG B 12 -12.06 1.20 9.08
C ARG B 12 -11.60 -0.25 9.02
N GLY B 13 -10.29 -0.43 9.10
CA GLY B 13 -9.57 -1.67 9.11
C GLY B 13 -8.43 -1.43 10.07
N ARG B 14 -8.34 -2.12 11.20
CA ARG B 14 -7.26 -1.90 12.16
C ARG B 14 -5.90 -2.23 11.54
N LYS B 15 -5.72 -3.46 11.04
CA LYS B 15 -4.46 -3.89 10.43
C LYS B 15 -4.16 -3.02 9.22
N ASN B 16 -5.17 -2.86 8.37
CA ASN B 16 -5.08 -2.07 7.16
C ASN B 16 -4.62 -0.67 7.50
N PHE B 17 -5.17 -0.03 8.53
CA PHE B 17 -4.78 1.32 8.89
C PHE B 17 -3.31 1.37 9.29
N GLU B 18 -2.86 0.57 10.26
CA GLU B 18 -1.47 0.53 10.72
C GLU B 18 -0.49 0.45 9.55
N ILE B 19 -0.71 -0.56 8.71
CA ILE B 19 0.09 -0.87 7.52
C ILE B 19 0.05 0.30 6.55
N LEU B 20 -1.14 0.72 6.10
CA LEU B 20 -1.30 1.81 5.15
C LEU B 20 -0.77 3.13 5.69
N MET B 21 -0.71 3.33 7.01
CA MET B 21 -0.20 4.55 7.61
C MET B 21 1.30 4.61 7.35
N LYS B 22 2.06 3.56 7.69
CA LYS B 22 3.50 3.61 7.46
C LYS B 22 3.80 3.67 5.96
N LEU B 23 3.04 2.95 5.14
CA LEU B 23 3.23 2.94 3.69
C LEU B 23 2.98 4.33 3.09
N LYS B 24 1.97 5.07 3.57
CA LYS B 24 1.66 6.41 3.05
C LYS B 24 2.79 7.36 3.35
N GLU B 25 3.12 7.42 4.64
CA GLU B 25 4.15 8.25 5.21
C GLU B 25 5.46 7.96 4.47
N SER B 26 5.74 6.68 4.21
CA SER B 26 6.93 6.24 3.52
C SER B 26 7.03 6.87 2.14
N LEU B 27 5.95 6.84 1.35
CA LEU B 27 5.98 7.41 0.01
C LEU B 27 6.14 8.92 0.07
N GLU B 28 5.43 9.63 0.95
CA GLU B 28 5.56 11.10 1.06
C GLU B 28 7.00 11.46 1.48
N LEU B 29 7.54 10.76 2.48
CA LEU B 29 8.89 11.01 2.97
C LEU B 29 9.91 10.68 1.87
N MET B 30 9.79 9.52 1.24
CA MET B 30 10.68 9.10 0.16
C MET B 30 10.57 10.04 -1.06
N GLU B 31 9.47 10.77 -1.23
CA GLU B 31 9.30 11.71 -2.34
C GLU B 31 9.81 13.10 -1.93
N LEU B 32 9.93 13.43 -0.64
CA LEU B 32 10.42 14.74 -0.20
C LEU B 32 11.90 14.72 0.15
N VAL B 33 12.41 13.61 0.66
CA VAL B 33 13.80 13.40 1.04
C VAL B 33 14.53 12.72 -0.13
N PRO B 34 15.83 12.97 -0.35
CA PRO B 34 16.60 12.37 -1.43
C PRO B 34 16.95 10.90 -1.14
N GLN B 35 17.69 10.24 -2.04
CA GLN B 35 18.06 8.84 -1.88
C GLN B 35 19.56 8.48 -2.04
N PRO B 36 20.45 9.01 -1.17
CA PRO B 36 21.89 8.74 -1.23
C PRO B 36 22.29 7.33 -0.77
N LEU B 37 21.88 6.93 0.45
CA LEU B 37 22.18 5.61 1.01
C LEU B 37 21.68 4.53 0.08
N VAL B 38 20.56 4.81 -0.58
CA VAL B 38 19.89 3.94 -1.53
C VAL B 38 20.82 3.66 -2.70
N ASP B 39 21.47 4.68 -3.29
CA ASP B 39 22.39 4.46 -4.41
C ASP B 39 23.56 3.59 -3.96
N SER B 40 24.02 3.79 -2.72
CA SER B 40 25.13 3.03 -2.15
C SER B 40 24.69 1.57 -1.88
N TYR B 41 23.46 1.36 -1.41
CA TYR B 41 22.90 0.04 -1.11
C TYR B 41 22.65 -0.72 -2.42
N ARG B 42 21.97 -0.08 -3.37
CA ARG B 42 21.62 -0.62 -4.67
C ARG B 42 22.87 -1.15 -5.36
N GLN B 43 23.97 -0.40 -5.42
CA GLN B 43 25.17 -0.88 -6.09
C GLN B 43 25.80 -2.04 -5.31
N GLN B 44 25.96 -1.89 -3.98
CA GLN B 44 26.54 -2.92 -3.15
C GLN B 44 25.78 -4.24 -3.28
N GLN B 45 24.45 -4.19 -3.35
CA GLN B 45 23.59 -5.34 -3.51
C GLN B 45 23.51 -5.79 -4.98
N GLN B 46 23.70 -4.91 -5.97
CA GLN B 46 23.66 -5.29 -7.39
C GLN B 46 24.81 -6.27 -7.66
N LEU B 47 25.95 -6.10 -6.96
CA LEU B 47 27.12 -6.96 -7.09
C LEU B 47 26.82 -8.41 -6.64
N LEU B 48 25.71 -8.62 -5.93
CA LEU B 48 25.25 -9.93 -5.44
C LEU B 48 24.70 -10.74 -6.62
N GLN B 49 24.40 -10.10 -7.74
CA GLN B 49 23.88 -10.70 -8.97
C GLN B 49 24.96 -10.73 -10.04
N ARG B 50 24.66 -11.45 -11.12
CA ARG B 50 25.52 -11.60 -12.29
C ARG B 50 25.26 -10.38 -13.15
N SER C 1 9.44 -7.30 -19.77
CA SER C 1 8.19 -7.93 -20.23
C SER C 1 7.26 -8.21 -19.06
N ASP C 2 5.96 -8.20 -19.32
CA ASP C 2 4.92 -8.46 -18.34
C ASP C 2 4.93 -9.94 -17.96
N ASP C 3 5.26 -10.78 -18.94
CA ASP C 3 5.35 -12.24 -18.85
C ASP C 3 6.74 -12.70 -18.40
N GLU C 4 7.63 -11.76 -18.05
CA GLU C 4 8.99 -12.05 -17.63
C GLU C 4 8.94 -12.66 -16.21
N LEU C 5 9.13 -13.98 -16.10
CA LEU C 5 9.12 -14.69 -14.83
C LEU C 5 10.43 -14.33 -14.14
N LEU C 6 10.34 -13.32 -13.27
CA LEU C 6 11.41 -12.75 -12.48
C LEU C 6 11.33 -13.29 -11.05
N TYR C 7 12.29 -12.92 -10.20
CA TYR C 7 12.40 -13.32 -8.80
C TYR C 7 12.83 -12.08 -8.01
N LEU C 8 12.33 -11.92 -6.77
CA LEU C 8 12.63 -10.79 -5.88
C LEU C 8 13.15 -11.30 -4.52
N PRO C 9 14.46 -11.19 -4.21
CA PRO C 9 15.03 -11.63 -2.94
C PRO C 9 14.84 -10.55 -1.84
N VAL C 10 14.08 -10.82 -0.78
CA VAL C 10 13.85 -9.89 0.33
C VAL C 10 13.87 -10.70 1.64
N ARG C 11 14.26 -10.08 2.76
CA ARG C 11 14.30 -10.73 4.07
C ARG C 11 13.73 -9.81 5.16
N GLY C 12 12.51 -10.07 5.63
CA GLY C 12 11.86 -9.31 6.68
C GLY C 12 10.67 -10.15 7.12
N ARG C 13 10.49 -10.50 8.40
CA ARG C 13 9.32 -11.31 8.75
C ARG C 13 8.05 -10.49 8.58
N GLU C 14 8.00 -9.29 9.17
CA GLU C 14 6.84 -8.40 9.10
C GLU C 14 6.63 -7.98 7.64
N THR C 15 7.75 -7.67 6.98
CA THR C 15 7.79 -7.24 5.62
C THR C 15 7.24 -8.30 4.67
N TYR C 16 7.63 -9.58 4.79
CA TYR C 16 7.15 -10.62 3.88
C TYR C 16 5.66 -10.87 4.06
N GLU C 17 5.18 -10.92 5.30
CA GLU C 17 3.77 -11.16 5.63
C GLU C 17 2.88 -10.14 4.91
N MET C 18 3.12 -8.85 5.16
CA MET C 18 2.34 -7.79 4.57
C MET C 18 2.57 -7.64 3.06
N LEU C 19 3.82 -7.76 2.59
CA LEU C 19 4.11 -7.63 1.15
C LEU C 19 3.29 -8.68 0.40
N LEU C 20 3.19 -9.90 0.93
CA LEU C 20 2.41 -10.97 0.30
C LEU C 20 0.94 -10.61 0.35
N GLU C 21 0.41 -10.15 1.49
CA GLU C 21 -1.01 -9.82 1.62
C GLU C 21 -1.44 -8.78 0.58
N ILE C 22 -0.69 -7.69 0.43
CA ILE C 22 -1.03 -6.63 -0.52
C ILE C 22 -0.82 -7.10 -1.98
N LYS C 23 0.23 -7.89 -2.24
CA LYS C 23 0.51 -8.39 -3.59
C LYS C 23 -0.60 -9.33 -4.00
N GLU C 24 -0.81 -10.39 -3.22
CA GLU C 24 -1.81 -11.43 -3.46
C GLU C 24 -3.18 -10.79 -3.61
N SER C 25 -3.66 -9.99 -2.64
CA SER C 25 -4.99 -9.39 -2.73
C SER C 25 -5.19 -8.61 -4.04
N LEU C 26 -4.25 -7.73 -4.41
CA LEU C 26 -4.37 -6.95 -5.64
C LEU C 26 -4.37 -7.85 -6.85
N GLU C 27 -3.37 -8.73 -6.96
CA GLU C 27 -3.22 -9.64 -8.08
C GLU C 27 -4.45 -10.54 -8.25
N LEU C 28 -5.04 -11.04 -7.17
CA LEU C 28 -6.21 -11.91 -7.22
C LEU C 28 -7.44 -11.12 -7.63
N MET C 29 -7.63 -9.92 -7.05
CA MET C 29 -8.74 -9.01 -7.35
C MET C 29 -8.69 -8.70 -8.85
N GLN C 30 -7.48 -8.45 -9.35
CA GLN C 30 -7.18 -8.16 -10.74
C GLN C 30 -7.45 -9.37 -11.64
N TYR C 31 -7.04 -10.58 -11.23
CA TYR C 31 -7.21 -11.79 -12.03
C TYR C 31 -8.66 -12.23 -12.16
N LEU C 32 -9.41 -12.21 -11.06
CA LEU C 32 -10.81 -12.62 -11.00
C LEU C 32 -11.72 -11.44 -10.63
N PRO C 33 -11.97 -10.49 -11.56
CA PRO C 33 -12.83 -9.36 -11.29
C PRO C 33 -14.30 -9.84 -11.29
N GLN C 34 -14.85 -10.06 -10.09
CA GLN C 34 -16.24 -10.48 -9.88
C GLN C 34 -17.11 -9.23 -9.88
N HIS C 35 -18.44 -9.40 -9.97
CA HIS C 35 -19.38 -8.27 -9.96
C HIS C 35 -19.17 -7.38 -8.73
N THR C 36 -18.85 -7.96 -7.58
CA THR C 36 -18.60 -7.24 -6.33
C THR C 36 -17.49 -6.19 -6.56
N ILE C 37 -16.36 -6.64 -7.14
CA ILE C 37 -15.20 -5.84 -7.46
C ILE C 37 -15.59 -4.83 -8.54
N GLU C 38 -16.30 -5.25 -9.59
CA GLU C 38 -16.74 -4.41 -10.71
C GLU C 38 -17.50 -3.16 -10.20
N THR C 39 -18.42 -3.38 -9.25
CA THR C 39 -19.25 -2.36 -8.65
C THR C 39 -18.37 -1.39 -7.85
N TYR C 40 -17.55 -1.93 -6.94
CA TYR C 40 -16.66 -1.17 -6.09
C TYR C 40 -15.73 -0.28 -6.91
N ARG C 41 -15.09 -0.85 -7.93
CA ARG C 41 -14.17 -0.12 -8.80
C ARG C 41 -14.86 1.11 -9.39
N GLN C 42 -16.06 0.93 -9.96
CA GLN C 42 -16.78 2.06 -10.54
C GLN C 42 -17.20 3.08 -9.47
N GLN C 43 -17.55 2.63 -8.26
CA GLN C 43 -17.96 3.50 -7.16
C GLN C 43 -16.80 4.43 -6.81
N GLN C 44 -15.60 3.89 -6.62
CA GLN C 44 -14.41 4.66 -6.30
C GLN C 44 -14.14 5.67 -7.41
N GLN C 45 -14.18 5.25 -8.67
CA GLN C 45 -13.93 6.14 -9.79
C GLN C 45 -14.91 7.32 -9.79
N GLN C 46 -16.17 7.14 -9.36
CA GLN C 46 -17.12 8.24 -9.32
C GLN C 46 -16.56 9.33 -8.39
N GLN C 47 -16.06 8.95 -7.21
CA GLN C 47 -15.48 9.89 -6.25
C GLN C 47 -14.14 10.46 -6.74
N HIS C 48 -13.36 9.72 -7.54
CA HIS C 48 -12.08 10.18 -8.08
C HIS C 48 -12.34 11.37 -9.00
N GLN C 49 -13.32 11.24 -9.89
CA GLN C 49 -13.68 12.30 -10.83
C GLN C 49 -14.24 13.50 -10.07
N HIS C 50 -15.04 13.33 -9.02
CA HIS C 50 -15.59 14.47 -8.28
C HIS C 50 -14.51 15.36 -7.67
N LEU C 51 -13.48 14.77 -7.06
CA LEU C 51 -12.41 15.53 -6.42
C LEU C 51 -11.44 16.15 -7.41
N LEU C 52 -10.99 15.40 -8.43
CA LEU C 52 -10.05 15.91 -9.42
C LEU C 52 -10.70 16.85 -10.42
N GLN C 53 -11.98 16.66 -10.75
CA GLN C 53 -12.82 17.45 -11.67
C GLN C 53 -12.26 17.65 -13.10
N LYS C 54 -11.14 17.01 -13.47
CA LYS C 54 -10.54 17.14 -14.80
C LYS C 54 -11.42 16.52 -15.89
N GLN C 55 -11.09 16.88 -17.13
CA GLN C 55 -11.68 16.48 -18.39
C GLN C 55 -10.41 16.37 -19.24
N THR C 56 -9.72 15.25 -19.14
CA THR C 56 -8.46 14.94 -19.83
C THR C 56 -8.45 13.54 -20.46
N SER C 57 -9.39 12.68 -20.08
CA SER C 57 -9.59 11.32 -20.56
C SER C 57 -11.11 11.15 -20.59
N ILE C 58 -11.66 10.89 -21.77
CA ILE C 58 -13.10 10.73 -21.98
C ILE C 58 -13.54 9.25 -22.10
N GLN C 59 -12.64 8.32 -21.79
CA GLN C 59 -12.86 6.88 -21.80
C GLN C 59 -12.15 6.32 -20.55
N SER C 60 -12.63 5.19 -20.03
CA SER C 60 -12.11 4.50 -18.86
C SER C 60 -12.60 3.06 -18.98
N GLY D 1 -17.47 -6.52 21.47
CA GLY D 1 -16.68 -5.65 20.59
C GLY D 1 -17.50 -4.46 20.16
N SER D 2 -17.28 -3.32 20.80
CA SER D 2 -17.96 -2.06 20.49
C SER D 2 -17.41 -1.49 19.18
N ASP D 3 -17.96 -0.35 18.74
CA ASP D 3 -17.49 0.27 17.53
C ASP D 3 -16.18 0.98 17.89
N GLU D 4 -15.30 1.17 16.91
CA GLU D 4 -13.99 1.79 17.11
C GLU D 4 -13.80 3.01 16.20
N ASP D 5 -14.89 3.64 15.75
CA ASP D 5 -14.87 4.82 14.85
C ASP D 5 -14.34 4.45 13.46
N THR D 6 -13.97 5.41 12.61
CA THR D 6 -13.43 5.18 11.27
C THR D 6 -12.04 5.83 11.19
N TYR D 7 -11.28 5.52 10.13
CA TYR D 7 -9.96 6.09 9.92
C TYR D 7 -10.00 6.84 8.61
N TYR D 8 -9.54 8.09 8.62
CA TYR D 8 -9.50 8.96 7.47
C TYR D 8 -8.06 9.37 7.19
N LEU D 9 -7.72 9.48 5.90
CA LEU D 9 -6.38 9.85 5.42
C LEU D 9 -6.52 11.08 4.53
N GLN D 10 -5.65 12.08 4.71
CA GLN D 10 -5.63 13.30 3.91
C GLN D 10 -4.20 13.49 3.40
N VAL D 11 -4.00 13.35 2.10
CA VAL D 11 -2.72 13.47 1.40
C VAL D 11 -2.99 13.85 -0.06
N ARG D 12 -2.07 14.55 -0.74
CA ARG D 12 -2.26 14.90 -2.14
C ARG D 12 -1.07 14.36 -2.93
N GLY D 13 -1.29 13.24 -3.62
CA GLY D 13 -0.31 12.57 -4.46
C GLY D 13 -1.08 12.00 -5.64
N ARG D 14 -0.77 12.34 -6.89
CA ARG D 14 -1.52 11.81 -8.02
C ARG D 14 -1.34 10.30 -8.23
N LYS D 15 -0.08 9.83 -8.42
CA LYS D 15 0.15 8.40 -8.64
C LYS D 15 -0.21 7.66 -7.37
N ASN D 16 0.20 8.24 -6.23
CA ASN D 16 -0.04 7.70 -4.92
C ASN D 16 -1.53 7.41 -4.74
N PHE D 17 -2.42 8.35 -5.08
CA PHE D 17 -3.85 8.16 -4.92
C PHE D 17 -4.38 7.03 -5.80
N GLU D 18 -4.06 7.00 -7.09
CA GLU D 18 -4.54 5.95 -8.00
C GLU D 18 -4.13 4.57 -7.49
N ILE D 19 -2.85 4.41 -7.14
CA ILE D 19 -2.29 3.17 -6.61
C ILE D 19 -3.04 2.82 -5.32
N LEU D 20 -3.19 3.79 -4.42
CA LEU D 20 -3.88 3.59 -3.15
C LEU D 20 -5.33 3.22 -3.31
N MET D 21 -6.04 3.73 -4.31
CA MET D 21 -7.43 3.42 -4.53
C MET D 21 -7.55 1.94 -4.84
N LYS D 22 -6.79 1.43 -5.83
CA LYS D 22 -6.89 0.01 -6.17
C LYS D 22 -6.45 -0.86 -5.00
N LEU D 23 -5.37 -0.50 -4.30
CA LEU D 23 -4.86 -1.28 -3.18
C LEU D 23 -5.85 -1.30 -2.02
N LYS D 24 -6.45 -0.16 -1.66
CA LYS D 24 -7.39 -0.11 -0.54
C LYS D 24 -8.63 -0.92 -0.86
N GLU D 25 -9.22 -0.65 -2.00
CA GLU D 25 -10.42 -1.32 -2.48
C GLU D 25 -10.17 -2.83 -2.46
N SER D 26 -9.07 -3.28 -3.07
CA SER D 26 -8.71 -4.66 -3.14
C SER D 26 -8.58 -5.31 -1.75
N LEU D 27 -7.95 -4.68 -0.77
CA LEU D 27 -7.80 -5.25 0.57
C LEU D 27 -9.16 -5.44 1.23
N GLU D 28 -10.02 -4.43 1.14
CA GLU D 28 -11.36 -4.45 1.71
C GLU D 28 -12.18 -5.57 1.07
N LEU D 29 -12.15 -5.64 -0.26
CA LEU D 29 -12.86 -6.63 -1.05
C LEU D 29 -12.32 -8.04 -0.78
N MET D 30 -11.00 -8.22 -0.73
CA MET D 30 -10.35 -9.51 -0.46
C MET D 30 -10.72 -10.04 0.92
N GLU D 31 -10.98 -9.16 1.88
CA GLU D 31 -11.36 -9.56 3.22
C GLU D 31 -12.85 -9.96 3.25
N LEU D 32 -13.72 -9.32 2.45
CA LEU D 32 -15.15 -9.65 2.45
C LEU D 32 -15.54 -10.80 1.52
N VAL D 33 -14.83 -11.03 0.42
CA VAL D 33 -15.14 -12.10 -0.53
C VAL D 33 -14.31 -13.34 -0.19
N PRO D 34 -14.81 -14.58 -0.35
CA PRO D 34 -14.04 -15.77 -0.02
C PRO D 34 -12.89 -15.96 -1.02
N GLN D 35 -12.03 -16.96 -0.78
CA GLN D 35 -10.85 -17.24 -1.59
C GLN D 35 -10.78 -18.61 -2.33
N PRO D 36 -11.85 -19.16 -2.93
CA PRO D 36 -11.80 -20.46 -3.61
C PRO D 36 -10.75 -20.56 -4.75
N LEU D 37 -10.74 -19.57 -5.66
CA LEU D 37 -9.78 -19.58 -6.77
C LEU D 37 -8.36 -19.44 -6.22
N VAL D 38 -8.19 -18.61 -5.19
CA VAL D 38 -6.91 -18.37 -4.57
C VAL D 38 -6.34 -19.70 -4.05
N ASP D 39 -7.16 -20.48 -3.35
CA ASP D 39 -6.75 -21.77 -2.81
C ASP D 39 -6.24 -22.65 -3.96
N SER D 40 -6.97 -22.68 -5.08
CA SER D 40 -6.55 -23.46 -6.24
C SER D 40 -5.21 -22.93 -6.78
N TYR D 41 -5.08 -21.61 -6.97
CA TYR D 41 -3.88 -20.96 -7.48
C TYR D 41 -2.67 -21.28 -6.60
N ARG D 42 -2.79 -21.05 -5.30
CA ARG D 42 -1.77 -21.27 -4.29
C ARG D 42 -1.23 -22.70 -4.36
N GLN D 43 -2.10 -23.71 -4.47
CA GLN D 43 -1.66 -25.11 -4.56
C GLN D 43 -1.02 -25.37 -5.92
N GLN D 44 -1.69 -25.01 -7.01
CA GLN D 44 -1.19 -25.22 -8.37
C GLN D 44 0.19 -24.57 -8.54
N GLN D 45 0.43 -23.42 -7.90
CA GLN D 45 1.68 -22.71 -7.95
C GLN D 45 2.72 -23.37 -7.04
N GLN D 46 2.29 -23.96 -5.91
CA GLN D 46 3.16 -24.65 -4.97
C GLN D 46 3.86 -25.80 -5.70
N LEU D 47 3.18 -26.42 -6.68
CA LEU D 47 3.73 -27.52 -7.48
C LEU D 47 4.98 -27.09 -8.29
N LEU D 48 5.30 -25.79 -8.35
CA LEU D 48 6.46 -25.21 -9.04
C LEU D 48 7.57 -24.92 -8.02
N GLN D 49 7.48 -25.43 -6.79
CA GLN D 49 8.43 -25.25 -5.70
C GLN D 49 8.71 -26.61 -5.05
N ARG D 50 9.86 -26.73 -4.39
CA ARG D 50 10.26 -27.95 -3.70
C ARG D 50 9.49 -28.04 -2.41
N SER A 1 18.07 -15.80 12.38
CA SER A 1 16.62 -16.04 12.29
C SER A 1 15.97 -15.16 11.22
N ASP A 2 15.83 -13.86 11.45
CA ASP A 2 15.20 -12.87 10.56
C ASP A 2 15.88 -12.63 9.19
N ASP A 3 17.00 -13.30 8.95
CA ASP A 3 17.83 -13.28 7.75
C ASP A 3 17.41 -14.31 6.69
N GLU A 4 16.35 -15.09 6.93
CA GLU A 4 15.87 -16.10 5.97
C GLU A 4 15.53 -15.41 4.65
N LEU A 5 16.35 -15.62 3.63
CA LEU A 5 16.21 -15.04 2.31
C LEU A 5 15.14 -15.76 1.49
N LEU A 6 14.02 -15.09 1.27
CA LEU A 6 12.88 -15.58 0.49
C LEU A 6 12.93 -14.90 -0.87
N TYR A 7 12.23 -15.43 -1.88
CA TYR A 7 12.24 -14.86 -3.23
C TYR A 7 10.82 -14.81 -3.81
N LEU A 8 10.15 -13.65 -3.84
CA LEU A 8 8.80 -13.61 -4.42
C LEU A 8 8.92 -13.63 -5.95
N PRO A 9 8.37 -14.63 -6.65
CA PRO A 9 8.42 -14.70 -8.10
C PRO A 9 7.22 -13.90 -8.65
N VAL A 10 7.43 -12.82 -9.41
CA VAL A 10 6.34 -12.01 -9.97
C VAL A 10 6.73 -11.57 -11.39
N ARG A 11 5.73 -11.35 -12.26
CA ARG A 11 5.90 -10.89 -13.64
C ARG A 11 4.90 -9.78 -13.89
N GLY A 12 5.32 -8.53 -13.90
CA GLY A 12 4.47 -7.37 -14.12
C GLY A 12 5.35 -6.18 -14.37
N ARG A 13 5.27 -5.42 -15.47
CA ARG A 13 6.16 -4.28 -15.69
C ARG A 13 5.84 -3.14 -14.71
N GLU A 14 4.57 -2.73 -14.66
CA GLU A 14 4.08 -1.65 -13.80
C GLU A 14 3.97 -2.16 -12.37
N THR A 15 3.70 -3.46 -12.22
CA THR A 15 3.57 -4.14 -10.95
C THR A 15 4.96 -4.13 -10.32
N TYR A 16 6.01 -4.57 -11.03
CA TYR A 16 7.38 -4.59 -10.53
C TYR A 16 7.81 -3.19 -10.13
N GLU A 17 7.40 -2.17 -10.90
CA GLU A 17 7.74 -0.79 -10.61
C GLU A 17 7.15 -0.34 -9.27
N MET A 18 5.82 -0.41 -9.11
CA MET A 18 5.16 0.03 -7.87
C MET A 18 5.55 -0.83 -6.68
N LEU A 19 5.60 -2.16 -6.87
CA LEU A 19 5.94 -3.12 -5.85
C LEU A 19 7.33 -2.77 -5.31
N LEU A 20 8.33 -2.59 -6.17
CA LEU A 20 9.68 -2.27 -5.70
C LEU A 20 9.76 -0.84 -5.14
N GLU A 21 9.20 0.16 -5.82
CA GLU A 21 9.28 1.56 -5.37
C GLU A 21 8.73 1.77 -3.96
N ILE A 22 7.53 1.26 -3.65
CA ILE A 22 6.94 1.43 -2.33
C ILE A 22 7.66 0.52 -1.32
N LYS A 23 8.12 -0.65 -1.76
CA LYS A 23 8.83 -1.60 -0.90
C LYS A 23 10.12 -0.93 -0.43
N GLU A 24 10.89 -0.34 -1.35
CA GLU A 24 12.15 0.33 -1.08
C GLU A 24 11.89 1.52 -0.15
N SER A 25 10.86 2.30 -0.42
CA SER A 25 10.49 3.46 0.39
C SER A 25 10.35 3.07 1.86
N LEU A 26 9.56 2.02 2.13
CA LEU A 26 9.31 1.52 3.47
C LEU A 26 10.62 1.05 4.11
N GLU A 27 11.34 0.14 3.45
CA GLU A 27 12.59 -0.44 3.92
C GLU A 27 13.63 0.62 4.26
N LEU A 28 13.91 1.55 3.35
CA LEU A 28 14.93 2.58 3.57
C LEU A 28 14.54 3.56 4.68
N MET A 29 13.26 3.98 4.73
CA MET A 29 12.79 4.89 5.77
C MET A 29 12.96 4.18 7.11
N GLN A 30 12.56 2.91 7.17
CA GLN A 30 12.65 2.10 8.37
C GLN A 30 14.11 1.83 8.75
N TYR A 31 15.03 1.72 7.78
CA TYR A 31 16.45 1.49 8.04
C TYR A 31 17.08 2.76 8.65
N LEU A 32 16.56 3.96 8.37
CA LEU A 32 17.07 5.22 8.92
C LEU A 32 15.92 5.99 9.58
N PRO A 33 15.49 5.58 10.80
CA PRO A 33 14.40 6.22 11.54
C PRO A 33 14.79 7.58 12.15
N GLN A 34 16.01 8.04 11.89
CA GLN A 34 16.52 9.32 12.37
C GLN A 34 16.73 10.24 11.17
N HIS A 35 17.65 9.91 10.27
CA HIS A 35 18.00 10.69 9.09
C HIS A 35 16.80 11.17 8.28
N THR A 36 15.88 10.26 7.94
CA THR A 36 14.71 10.64 7.16
C THR A 36 13.78 11.60 7.92
N ILE A 37 13.50 11.28 9.19
CA ILE A 37 12.62 12.08 10.04
C ILE A 37 13.23 13.44 10.36
N GLU A 38 14.55 13.53 10.51
CA GLU A 38 15.30 14.76 10.79
C GLU A 38 14.99 15.72 9.63
N THR A 39 15.23 15.25 8.41
CA THR A 39 15.01 16.02 7.20
C THR A 39 13.52 16.42 7.10
N TYR A 40 12.58 15.54 7.45
CA TYR A 40 11.14 15.83 7.42
C TYR A 40 10.81 16.99 8.35
N ARG A 41 11.22 16.89 9.62
CA ARG A 41 10.96 17.91 10.63
C ARG A 41 11.53 19.24 10.18
N GLN A 42 12.72 19.25 9.58
CA GLN A 42 13.35 20.46 9.12
C GLN A 42 12.56 21.03 7.93
N GLN A 43 12.22 20.21 6.92
CA GLN A 43 11.45 20.60 5.73
C GLN A 43 10.12 21.25 6.12
N GLN A 44 9.39 20.63 7.05
CA GLN A 44 8.11 21.12 7.53
C GLN A 44 8.28 22.47 8.21
N GLN A 45 9.24 22.58 9.12
CA GLN A 45 9.55 23.79 9.87
C GLN A 45 9.98 24.93 8.94
N GLN A 46 10.81 24.64 7.94
CA GLN A 46 11.31 25.64 7.00
C GLN A 46 10.17 26.31 6.23
N GLN A 47 9.07 25.59 5.94
CA GLN A 47 7.95 26.19 5.23
C GLN A 47 7.38 27.33 6.08
N HIS A 48 7.36 27.16 7.40
CA HIS A 48 6.87 28.18 8.32
C HIS A 48 7.91 29.31 8.39
N GLN A 49 9.21 28.98 8.37
CA GLN A 49 10.28 29.97 8.41
C GLN A 49 10.18 30.90 7.18
N HIS A 50 9.73 30.39 6.03
CA HIS A 50 9.56 31.21 4.83
C HIS A 50 8.55 32.31 5.14
N LEU A 51 7.37 31.92 5.66
CA LEU A 51 6.28 32.84 6.02
C LEU A 51 6.70 33.83 7.11
N LEU A 52 7.76 33.54 7.87
CA LEU A 52 8.28 34.41 8.92
C LEU A 52 9.04 35.59 8.29
N GLN A 53 9.41 35.49 6.99
CA GLN A 53 10.13 36.47 6.17
C GLN A 53 11.24 37.20 6.96
N LYS A 54 12.13 36.46 7.62
CA LYS A 54 13.23 37.04 8.41
C LYS A 54 14.54 36.25 8.38
N GLN A 55 14.70 35.23 7.53
CA GLN A 55 15.95 34.46 7.44
C GLN A 55 16.40 34.37 5.99
N THR A 56 17.70 34.17 5.78
CA THR A 56 18.32 34.03 4.47
C THR A 56 18.35 32.54 4.12
N SER A 57 18.79 31.70 5.05
CA SER A 57 18.91 30.27 4.93
C SER A 57 18.89 29.69 6.35
N ILE A 58 19.20 28.39 6.48
CA ILE A 58 19.27 27.65 7.74
C ILE A 58 20.44 28.16 8.62
N GLN A 59 21.34 28.95 8.04
CA GLN A 59 22.49 29.59 8.65
C GLN A 59 22.42 31.06 8.20
N SER A 60 23.08 31.95 8.94
CA SER A 60 23.16 33.38 8.72
C SER A 60 24.41 33.85 9.44
N GLY B 1 -1.11 31.72 2.88
CA GLY B 1 -0.78 30.35 2.48
C GLY B 1 -2.05 29.53 2.42
N SER B 2 -2.27 28.84 1.31
CA SER B 2 -3.45 28.02 1.10
C SER B 2 -3.06 26.72 0.43
N ASP B 3 -3.85 25.69 0.71
CA ASP B 3 -3.71 24.35 0.18
C ASP B 3 -5.07 23.70 0.42
N GLU B 4 -5.70 23.33 -0.70
CA GLU B 4 -7.01 22.71 -0.75
C GLU B 4 -6.98 21.49 -1.69
N ASP B 5 -5.93 21.40 -2.50
CA ASP B 5 -5.68 20.33 -3.44
C ASP B 5 -5.19 19.21 -2.55
N THR B 6 -6.11 18.36 -2.08
CA THR B 6 -5.79 17.25 -1.21
C THR B 6 -6.80 16.13 -1.51
N TYR B 7 -6.38 14.87 -1.30
CA TYR B 7 -7.25 13.73 -1.51
C TYR B 7 -7.69 13.29 -0.12
N TYR B 8 -8.99 13.13 0.04
CA TYR B 8 -9.60 12.71 1.28
C TYR B 8 -10.02 11.25 1.10
N LEU B 9 -10.14 10.49 2.20
CA LEU B 9 -10.53 9.08 2.14
C LEU B 9 -11.27 8.74 3.42
N GLN B 10 -12.27 7.85 3.35
CA GLN B 10 -13.12 7.40 4.46
C GLN B 10 -13.41 5.90 4.32
N VAL B 11 -12.83 5.05 5.18
CA VAL B 11 -13.05 3.60 5.17
C VAL B 11 -12.76 3.04 6.58
N ARG B 12 -13.46 2.00 7.04
CA ARG B 12 -13.20 1.39 8.34
C ARG B 12 -12.31 0.16 8.08
N GLY B 13 -11.02 0.23 8.37
CA GLY B 13 -10.09 -0.88 8.18
C GLY B 13 -9.06 -0.94 9.29
N ARG B 14 -9.08 -1.90 10.24
CA ARG B 14 -8.04 -1.91 11.29
C ARG B 14 -6.65 -2.15 10.68
N LYS B 15 -6.51 -3.27 9.98
CA LYS B 15 -5.26 -3.67 9.32
C LYS B 15 -4.92 -2.69 8.22
N ASN B 16 -5.90 -2.42 7.36
CA ASN B 16 -5.72 -1.51 6.23
C ASN B 16 -5.27 -0.14 6.68
N PHE B 17 -5.84 0.43 7.74
CA PHE B 17 -5.42 1.75 8.18
C PHE B 17 -3.96 1.71 8.57
N GLU B 18 -3.56 0.74 9.40
CA GLU B 18 -2.18 0.60 9.85
C GLU B 18 -1.20 0.47 8.68
N ILE B 19 -1.46 -0.49 7.80
CA ILE B 19 -0.67 -0.82 6.63
C ILE B 19 -0.59 0.38 5.68
N LEU B 20 -1.72 0.89 5.19
CA LEU B 20 -1.70 2.02 4.27
C LEU B 20 -1.10 3.26 4.93
N MET B 21 -1.25 3.48 6.24
CA MET B 21 -0.66 4.66 6.89
C MET B 21 0.86 4.48 6.92
N LYS B 22 1.35 3.28 7.29
CA LYS B 22 2.78 2.96 7.33
C LYS B 22 3.38 3.29 5.95
N LEU B 23 2.72 2.83 4.89
CA LEU B 23 3.15 3.06 3.51
C LEU B 23 3.03 4.53 3.12
N LYS B 24 1.97 5.23 3.55
CA LYS B 24 1.70 6.65 3.26
C LYS B 24 2.88 7.49 3.76
N GLU B 25 3.14 7.39 5.07
CA GLU B 25 4.18 8.08 5.81
C GLU B 25 5.55 7.85 5.16
N SER B 26 5.88 6.57 4.89
CA SER B 26 7.15 6.20 4.28
C SER B 26 7.36 6.85 2.91
N LEU B 27 6.30 7.01 2.11
CA LEU B 27 6.40 7.61 0.78
C LEU B 27 6.60 9.12 0.88
N GLU B 28 5.95 9.82 1.81
CA GLU B 28 6.14 11.27 1.96
C GLU B 28 7.62 11.50 2.29
N LEU B 29 8.14 10.65 3.18
CA LEU B 29 9.53 10.68 3.61
C LEU B 29 10.42 10.39 2.39
N MET B 30 10.05 9.41 1.55
CA MET B 30 10.78 9.05 0.34
C MET B 30 10.81 10.22 -0.65
N GLU B 31 9.70 10.97 -0.77
CA GLU B 31 9.59 12.09 -1.67
C GLU B 31 10.42 13.27 -1.20
N LEU B 32 10.48 13.54 0.11
CA LEU B 32 11.25 14.69 0.59
C LEU B 32 12.74 14.42 0.74
N VAL B 33 13.15 13.21 1.08
CA VAL B 33 14.56 12.89 1.24
C VAL B 33 15.09 12.32 -0.08
N PRO B 34 16.33 12.66 -0.49
CA PRO B 34 16.92 12.14 -1.72
C PRO B 34 17.19 10.63 -1.59
N GLN B 35 18.02 10.07 -2.48
CA GLN B 35 18.35 8.64 -2.48
C GLN B 35 19.81 8.32 -2.04
N PRO B 36 20.38 8.85 -0.93
CA PRO B 36 21.75 8.57 -0.51
C PRO B 36 21.94 7.12 -0.06
N LEU B 37 21.40 6.75 1.12
CA LEU B 37 21.51 5.38 1.64
C LEU B 37 20.90 4.42 0.61
N VAL B 38 19.80 4.84 -0.02
CA VAL B 38 19.05 4.11 -1.03
C VAL B 38 19.99 3.67 -2.17
N ASP B 39 20.72 4.60 -2.78
CA ASP B 39 21.66 4.32 -3.87
C ASP B 39 22.84 3.49 -3.40
N SER B 40 23.39 3.83 -2.24
CA SER B 40 24.51 3.14 -1.64
C SER B 40 24.18 1.65 -1.47
N TYR B 41 23.02 1.36 -0.87
CA TYR B 41 22.51 0.04 -0.62
C TYR B 41 22.24 -0.63 -1.96
N ARG B 42 21.55 0.03 -2.90
CA ARG B 42 21.22 -0.49 -4.22
C ARG B 42 22.45 -1.02 -4.96
N GLN B 43 23.55 -0.25 -5.00
CA GLN B 43 24.75 -0.68 -5.70
C GLN B 43 25.38 -1.89 -4.99
N GLN B 44 25.69 -1.75 -3.70
CA GLN B 44 26.30 -2.81 -2.91
C GLN B 44 25.47 -4.10 -2.98
N GLN B 45 24.15 -3.97 -2.92
CA GLN B 45 23.21 -5.07 -2.99
C GLN B 45 23.21 -5.68 -4.39
N GLN B 46 23.24 -4.87 -5.46
CA GLN B 46 23.25 -5.38 -6.82
C GLN B 46 24.44 -6.33 -7.00
N LEU B 47 25.57 -6.11 -6.31
CA LEU B 47 26.74 -6.99 -6.42
C LEU B 47 26.43 -8.44 -5.97
N LEU B 48 25.27 -8.69 -5.35
CA LEU B 48 24.81 -10.01 -4.91
C LEU B 48 24.30 -10.81 -6.12
N GLN B 49 24.10 -10.18 -7.28
CA GLN B 49 23.61 -10.80 -8.50
C GLN B 49 24.34 -10.22 -9.72
N ARG B 50 24.01 -10.76 -10.90
CA ARG B 50 24.55 -10.34 -12.17
C ARG B 50 23.81 -9.07 -12.56
N SER C 1 6.84 -10.99 -23.75
CA SER C 1 6.84 -9.54 -23.55
C SER C 1 6.73 -9.17 -22.08
N ASP C 2 5.58 -9.45 -21.49
CA ASP C 2 5.19 -9.18 -20.10
C ASP C 2 5.36 -10.39 -19.19
N ASP C 3 5.39 -11.59 -19.76
CA ASP C 3 5.53 -12.86 -19.06
C ASP C 3 6.92 -13.13 -18.47
N GLU C 4 7.83 -12.14 -18.48
CA GLU C 4 9.19 -12.29 -17.95
C GLU C 4 9.11 -12.47 -16.42
N LEU C 5 9.50 -13.64 -15.95
CA LEU C 5 9.49 -14.05 -14.55
C LEU C 5 10.69 -13.41 -13.81
N LEU C 6 10.45 -12.40 -12.96
CA LEU C 6 11.47 -11.69 -12.17
C LEU C 6 11.39 -12.16 -10.70
N TYR C 7 12.48 -12.07 -9.93
CA TYR C 7 12.52 -12.50 -8.52
C TYR C 7 12.86 -11.34 -7.59
N LEU C 8 12.27 -11.34 -6.38
CA LEU C 8 12.44 -10.33 -5.34
C LEU C 8 13.07 -10.95 -4.08
N PRO C 9 14.41 -10.96 -3.95
CA PRO C 9 15.13 -11.52 -2.81
C PRO C 9 15.01 -10.58 -1.58
N VAL C 10 14.24 -10.92 -0.56
CA VAL C 10 14.03 -10.12 0.66
C VAL C 10 14.01 -11.06 1.88
N ARG C 11 14.30 -10.53 3.08
CA ARG C 11 14.29 -11.33 4.31
C ARG C 11 13.58 -10.55 5.43
N GLY C 12 12.34 -10.90 5.72
CA GLY C 12 11.53 -10.28 6.77
C GLY C 12 10.31 -11.16 7.01
N ARG C 13 10.07 -11.66 8.22
CA ARG C 13 8.90 -12.51 8.48
C ARG C 13 7.61 -11.71 8.40
N GLU C 14 7.53 -10.59 9.12
CA GLU C 14 6.34 -9.74 9.14
C GLU C 14 6.21 -9.01 7.79
N THR C 15 7.35 -8.69 7.17
CA THR C 15 7.45 -8.02 5.89
C THR C 15 6.77 -8.91 4.83
N TYR C 16 7.14 -10.18 4.79
CA TYR C 16 6.63 -11.17 3.85
C TYR C 16 5.13 -11.39 4.06
N GLU C 17 4.67 -11.53 5.31
CA GLU C 17 3.27 -11.76 5.63
C GLU C 17 2.33 -10.70 5.05
N MET C 18 2.55 -9.43 5.38
CA MET C 18 1.68 -8.37 4.87
C MET C 18 1.81 -8.25 3.35
N LEU C 19 3.04 -8.39 2.82
CA LEU C 19 3.28 -8.27 1.39
C LEU C 19 2.49 -9.30 0.60
N LEU C 20 2.56 -10.58 0.98
CA LEU C 20 1.85 -11.64 0.26
C LEU C 20 0.35 -11.41 0.34
N GLU C 21 -0.17 -11.11 1.53
CA GLU C 21 -1.59 -10.89 1.75
C GLU C 21 -2.15 -9.80 0.82
N ILE C 22 -1.43 -8.69 0.69
CA ILE C 22 -1.84 -7.58 -0.15
C ILE C 22 -1.59 -7.88 -1.64
N LYS C 23 -0.40 -8.39 -1.98
CA LYS C 23 -0.03 -8.71 -3.37
C LYS C 23 -0.99 -9.74 -3.94
N GLU C 24 -1.45 -10.70 -3.14
CA GLU C 24 -2.38 -11.73 -3.55
C GLU C 24 -3.71 -11.04 -3.84
N SER C 25 -4.22 -10.24 -2.90
CA SER C 25 -5.49 -9.54 -3.05
C SER C 25 -5.55 -8.72 -4.33
N LEU C 26 -4.56 -7.88 -4.58
CA LEU C 26 -4.50 -7.01 -5.77
C LEU C 26 -4.49 -7.85 -7.04
N GLU C 27 -3.55 -8.79 -7.14
CA GLU C 27 -3.40 -9.64 -8.31
C GLU C 27 -4.66 -10.45 -8.61
N LEU C 28 -5.22 -11.15 -7.62
CA LEU C 28 -6.41 -11.96 -7.78
C LEU C 28 -7.62 -11.10 -8.13
N MET C 29 -7.75 -9.90 -7.56
CA MET C 29 -8.84 -8.99 -7.84
C MET C 29 -8.79 -8.61 -9.33
N GLN C 30 -7.62 -8.24 -9.86
CA GLN C 30 -7.53 -7.88 -11.27
C GLN C 30 -7.60 -9.14 -12.16
N TYR C 31 -7.32 -10.34 -11.64
CA TYR C 31 -7.39 -11.56 -12.46
C TYR C 31 -8.87 -11.94 -12.64
N LEU C 32 -9.72 -11.77 -11.61
CA LEU C 32 -11.16 -12.05 -11.68
C LEU C 32 -11.85 -10.71 -11.39
N PRO C 33 -11.88 -9.79 -12.36
CA PRO C 33 -12.47 -8.46 -12.19
C PRO C 33 -14.00 -8.45 -12.10
N GLN C 34 -14.68 -9.59 -12.15
CA GLN C 34 -16.13 -9.66 -12.04
C GLN C 34 -16.53 -10.17 -10.66
N HIS C 35 -16.11 -11.38 -10.26
CA HIS C 35 -16.49 -12.00 -9.00
C HIS C 35 -16.38 -11.12 -7.75
N THR C 36 -15.28 -10.40 -7.52
CA THR C 36 -15.17 -9.55 -6.33
C THR C 36 -16.18 -8.41 -6.38
N ILE C 37 -16.25 -7.71 -7.50
CA ILE C 37 -17.14 -6.56 -7.71
C ILE C 37 -18.61 -7.01 -7.66
N GLU C 38 -18.89 -8.20 -8.18
CA GLU C 38 -20.19 -8.83 -8.22
C GLU C 38 -20.66 -9.08 -6.79
N THR C 39 -19.83 -9.74 -5.99
CA THR C 39 -20.14 -10.04 -4.61
C THR C 39 -20.26 -8.72 -3.83
N TYR C 40 -19.38 -7.74 -4.10
CA TYR C 40 -19.38 -6.43 -3.45
C TYR C 40 -20.73 -5.76 -3.66
N ARG C 41 -21.20 -5.65 -4.91
CA ARG C 41 -22.48 -4.99 -5.17
C ARG C 41 -23.62 -5.77 -4.53
N GLN C 42 -23.59 -7.11 -4.56
CA GLN C 42 -24.64 -7.92 -3.96
C GLN C 42 -24.69 -7.63 -2.45
N GLN C 43 -23.55 -7.65 -1.77
CA GLN C 43 -23.42 -7.40 -0.34
C GLN C 43 -23.87 -5.97 0.02
N GLN C 44 -23.35 -4.97 -0.69
CA GLN C 44 -23.68 -3.57 -0.48
C GLN C 44 -25.20 -3.38 -0.62
N GLN C 45 -25.80 -4.00 -1.64
CA GLN C 45 -27.24 -3.95 -1.89
C GLN C 45 -27.98 -4.61 -0.73
N GLN C 46 -27.63 -5.87 -0.41
CA GLN C 46 -28.25 -6.65 0.65
C GLN C 46 -28.25 -5.94 1.99
N GLN C 47 -27.25 -5.10 2.30
CA GLN C 47 -27.21 -4.36 3.56
C GLN C 47 -28.50 -3.55 3.71
N HIS C 48 -28.89 -2.82 2.66
CA HIS C 48 -30.09 -2.00 2.66
C HIS C 48 -31.33 -2.88 2.55
N GLN C 49 -31.28 -4.00 1.80
CA GLN C 49 -32.44 -4.90 1.69
C GLN C 49 -32.82 -5.39 3.09
N HIS C 50 -31.82 -5.64 3.94
CA HIS C 50 -32.02 -6.11 5.30
C HIS C 50 -32.81 -5.07 6.11
N LEU C 51 -32.42 -3.80 6.04
CA LEU C 51 -33.10 -2.71 6.76
C LEU C 51 -34.57 -2.59 6.36
N LEU C 52 -34.95 -3.08 5.17
CA LEU C 52 -36.31 -3.06 4.64
C LEU C 52 -37.18 -4.16 5.27
N GLN C 53 -36.59 -5.15 5.96
CA GLN C 53 -37.24 -6.28 6.64
C GLN C 53 -38.43 -6.84 5.84
N LYS C 54 -38.20 -7.22 4.57
CA LYS C 54 -39.24 -7.76 3.69
C LYS C 54 -38.85 -9.03 2.93
N GLN C 55 -37.67 -9.62 3.11
CA GLN C 55 -37.29 -10.85 2.42
C GLN C 55 -36.54 -11.75 3.40
N THR C 56 -36.59 -13.06 3.17
CA THR C 56 -35.94 -14.07 4.00
C THR C 56 -34.45 -14.17 3.67
N SER C 57 -34.09 -14.20 2.39
CA SER C 57 -32.72 -14.31 1.92
C SER C 57 -32.65 -13.81 0.47
N ILE C 58 -31.55 -14.12 -0.21
CA ILE C 58 -31.25 -13.77 -1.60
C ILE C 58 -32.25 -14.46 -2.56
N GLN C 59 -32.92 -15.53 -2.09
CA GLN C 59 -33.93 -16.31 -2.79
C GLN C 59 -35.16 -16.31 -1.87
N SER C 60 -36.33 -16.53 -2.45
CA SER C 60 -37.63 -16.59 -1.83
C SER C 60 -38.55 -17.28 -2.84
N GLY D 1 -29.52 2.90 10.84
CA GLY D 1 -28.33 2.23 11.40
C GLY D 1 -27.24 3.24 11.71
N SER D 2 -26.27 2.82 12.51
CA SER D 2 -25.13 3.61 12.94
C SER D 2 -23.86 3.02 12.32
N ASP D 3 -22.91 3.86 11.91
CA ASP D 3 -21.64 3.47 11.29
C ASP D 3 -20.67 4.64 11.32
N GLU D 4 -20.31 5.07 12.53
CA GLU D 4 -19.38 6.18 12.73
C GLU D 4 -17.93 5.71 12.85
N ASP D 5 -17.71 4.45 13.24
CA ASP D 5 -16.38 3.84 13.38
C ASP D 5 -15.80 3.77 11.98
N THR D 6 -14.92 4.70 11.63
CA THR D 6 -14.31 4.76 10.31
C THR D 6 -13.01 5.58 10.40
N TYR D 7 -11.98 5.26 9.59
CA TYR D 7 -10.73 6.00 9.59
C TYR D 7 -10.71 6.93 8.37
N TYR D 8 -10.41 8.21 8.64
CA TYR D 8 -10.34 9.28 7.66
C TYR D 8 -8.88 9.53 7.28
N LEU D 9 -8.59 10.17 6.15
CA LEU D 9 -7.22 10.51 5.75
C LEU D 9 -7.28 11.75 4.87
N GLN D 10 -6.20 12.54 4.85
CA GLN D 10 -6.10 13.79 4.08
C GLN D 10 -4.63 14.04 3.72
N VAL D 11 -4.21 13.69 2.49
CA VAL D 11 -2.84 13.84 1.96
C VAL D 11 -2.93 14.08 0.44
N ARG D 12 -2.01 14.83 -0.18
CA ARG D 12 -2.04 15.08 -1.63
C ARG D 12 -0.81 14.54 -2.35
N GLY D 13 -0.95 13.40 -3.02
CA GLY D 13 0.09 12.79 -3.80
C GLY D 13 -0.57 12.16 -5.01
N ARG D 14 -0.17 12.46 -6.24
CA ARG D 14 -0.81 11.87 -7.40
C ARG D 14 -0.53 10.37 -7.47
N LYS D 15 0.74 9.98 -7.51
CA LYS D 15 1.14 8.57 -7.56
C LYS D 15 0.61 7.89 -6.30
N ASN D 16 0.85 8.53 -5.16
CA ASN D 16 0.45 8.07 -3.83
C ASN D 16 -1.03 7.74 -3.75
N PHE D 17 -1.92 8.64 -4.19
CA PHE D 17 -3.35 8.38 -4.11
C PHE D 17 -3.75 7.21 -4.98
N GLU D 18 -3.30 7.18 -6.24
CA GLU D 18 -3.61 6.11 -7.20
C GLU D 18 -3.27 4.75 -6.58
N ILE D 19 -2.03 4.63 -6.11
CA ILE D 19 -1.48 3.44 -5.49
C ILE D 19 -2.28 3.05 -4.25
N LEU D 20 -2.40 3.95 -3.26
CA LEU D 20 -3.13 3.63 -2.04
C LEU D 20 -4.60 3.30 -2.33
N MET D 21 -5.28 3.99 -3.24
CA MET D 21 -6.68 3.73 -3.55
C MET D 21 -6.82 2.32 -4.15
N LYS D 22 -5.99 1.97 -5.14
CA LYS D 22 -6.01 0.66 -5.78
C LYS D 22 -5.89 -0.42 -4.71
N LEU D 23 -4.88 -0.29 -3.86
CA LEU D 23 -4.59 -1.22 -2.76
C LEU D 23 -5.73 -1.27 -1.75
N LYS D 24 -6.29 -0.11 -1.40
CA LYS D 24 -7.38 0.02 -0.44
C LYS D 24 -8.60 -0.77 -0.89
N GLU D 25 -9.02 -0.50 -2.12
CA GLU D 25 -10.17 -1.11 -2.77
C GLU D 25 -9.96 -2.62 -2.84
N SER D 26 -8.80 -3.05 -3.37
CA SER D 26 -8.46 -4.46 -3.54
C SER D 26 -8.57 -5.23 -2.21
N LEU D 27 -8.06 -4.67 -1.11
CA LEU D 27 -8.12 -5.37 0.17
C LEU D 27 -9.55 -5.45 0.68
N GLU D 28 -10.38 -4.42 0.47
CA GLU D 28 -11.77 -4.48 0.94
C GLU D 28 -12.52 -5.56 0.17
N LEU D 29 -12.27 -5.65 -1.14
CA LEU D 29 -12.86 -6.62 -2.05
C LEU D 29 -12.43 -8.03 -1.67
N MET D 30 -11.13 -8.28 -1.54
CA MET D 30 -10.62 -9.61 -1.18
C MET D 30 -11.01 -10.00 0.25
N GLU D 31 -11.36 -9.06 1.13
CA GLU D 31 -11.76 -9.39 2.50
C GLU D 31 -13.21 -9.86 2.49
N LEU D 32 -14.08 -9.23 1.69
CA LEU D 32 -15.49 -9.62 1.62
C LEU D 32 -15.71 -10.91 0.84
N VAL D 33 -14.86 -11.22 -0.14
CA VAL D 33 -14.97 -12.42 -0.95
C VAL D 33 -14.11 -13.54 -0.34
N PRO D 34 -14.52 -14.81 -0.47
CA PRO D 34 -13.78 -15.95 0.03
C PRO D 34 -12.53 -16.22 -0.85
N GLN D 35 -11.78 -17.28 -0.55
CA GLN D 35 -10.56 -17.66 -1.26
C GLN D 35 -10.67 -18.87 -2.24
N PRO D 36 -11.72 -19.08 -3.08
CA PRO D 36 -11.78 -20.24 -3.98
C PRO D 36 -10.71 -20.20 -5.09
N LEU D 37 -10.66 -19.14 -5.91
CA LEU D 37 -9.67 -19.03 -6.98
C LEU D 37 -8.27 -18.95 -6.36
N VAL D 38 -8.17 -18.12 -5.31
CA VAL D 38 -6.95 -17.87 -4.57
C VAL D 38 -6.33 -19.19 -4.09
N ASP D 39 -7.08 -20.06 -3.40
CA ASP D 39 -6.57 -21.34 -2.92
C ASP D 39 -6.17 -22.26 -4.07
N SER D 40 -6.95 -22.26 -5.17
CA SER D 40 -6.63 -23.10 -6.32
C SER D 40 -5.29 -22.66 -6.90
N TYR D 41 -5.11 -21.35 -7.14
CA TYR D 41 -3.86 -20.83 -7.68
C TYR D 41 -2.73 -21.12 -6.70
N ARG D 42 -2.96 -20.93 -5.39
CA ARG D 42 -1.96 -21.18 -4.35
C ARG D 42 -1.44 -22.60 -4.46
N GLN D 43 -2.32 -23.61 -4.58
CA GLN D 43 -1.88 -24.99 -4.70
C GLN D 43 -1.20 -25.24 -6.05
N GLN D 44 -1.82 -24.79 -7.14
CA GLN D 44 -1.32 -24.94 -8.50
C GLN D 44 0.09 -24.37 -8.65
N GLN D 45 0.35 -23.21 -8.02
CA GLN D 45 1.63 -22.51 -8.02
C GLN D 45 2.60 -23.13 -7.01
N GLN D 46 2.11 -23.64 -5.87
CA GLN D 46 2.97 -24.27 -4.88
C GLN D 46 3.68 -25.46 -5.52
N LEU D 47 3.06 -26.13 -6.49
CA LEU D 47 3.67 -27.26 -7.20
C LEU D 47 4.97 -26.86 -7.92
N LEU D 48 5.17 -25.57 -8.20
CA LEU D 48 6.35 -25.04 -8.87
C LEU D 48 7.51 -24.77 -7.88
N GLN D 49 7.33 -25.03 -6.58
CA GLN D 49 8.31 -24.81 -5.52
C GLN D 49 8.37 -26.01 -4.56
N ARG D 50 9.27 -25.91 -3.57
CA ARG D 50 9.48 -26.90 -2.53
C ARG D 50 9.06 -26.27 -1.21
N SER A 1 17.98 -17.32 11.88
CA SER A 1 17.31 -16.94 10.65
C SER A 1 15.82 -16.97 10.89
N ASP A 2 15.26 -15.85 11.33
CA ASP A 2 13.83 -15.74 11.61
C ASP A 2 13.15 -15.15 10.38
N ASP A 3 13.86 -14.28 9.63
CA ASP A 3 13.36 -13.66 8.41
C ASP A 3 13.81 -14.54 7.24
N GLU A 4 15.13 -14.86 7.19
CA GLU A 4 15.81 -15.65 6.17
C GLU A 4 15.72 -14.94 4.79
N LEU A 5 16.59 -15.30 3.83
CA LEU A 5 16.55 -14.68 2.50
C LEU A 5 15.47 -15.39 1.71
N LEU A 6 14.30 -14.76 1.60
CA LEU A 6 13.14 -15.27 0.89
C LEU A 6 13.21 -14.79 -0.56
N TYR A 7 12.35 -15.37 -1.40
CA TYR A 7 12.27 -15.07 -2.83
C TYR A 7 10.79 -14.87 -3.20
N LEU A 8 10.48 -13.88 -4.03
CA LEU A 8 9.13 -13.53 -4.46
C LEU A 8 8.97 -13.59 -6.00
N PRO A 9 8.59 -14.75 -6.58
CA PRO A 9 8.40 -14.95 -8.02
C PRO A 9 7.04 -14.41 -8.50
N VAL A 10 6.99 -13.35 -9.29
CA VAL A 10 5.76 -12.75 -9.81
C VAL A 10 6.02 -12.22 -11.24
N ARG A 11 5.01 -12.14 -12.12
CA ARG A 11 5.21 -11.61 -13.47
C ARG A 11 4.07 -10.64 -13.79
N GLY A 12 4.35 -9.36 -13.67
CA GLY A 12 3.45 -8.25 -13.95
C GLY A 12 4.29 -6.98 -13.96
N ARG A 13 4.30 -6.16 -15.02
CA ARG A 13 5.09 -4.93 -15.03
C ARG A 13 4.54 -3.95 -14.00
N GLU A 14 3.23 -3.69 -14.02
CA GLU A 14 2.55 -2.75 -13.13
C GLU A 14 2.71 -3.18 -11.67
N THR A 15 2.59 -4.49 -11.45
CA THR A 15 2.70 -5.13 -10.15
C THR A 15 4.12 -4.95 -9.65
N TYR A 16 5.12 -5.27 -10.47
CA TYR A 16 6.52 -5.17 -10.12
C TYR A 16 6.87 -3.75 -9.70
N GLU A 17 6.51 -2.76 -10.52
CA GLU A 17 6.80 -1.36 -10.26
C GLU A 17 6.25 -0.91 -8.92
N MET A 18 4.95 -1.10 -8.68
CA MET A 18 4.31 -0.70 -7.43
C MET A 18 4.96 -1.39 -6.22
N LEU A 19 5.10 -2.72 -6.29
CA LEU A 19 5.67 -3.53 -5.21
C LEU A 19 7.10 -3.09 -4.91
N LEU A 20 7.92 -2.81 -5.93
CA LEU A 20 9.30 -2.38 -5.74
C LEU A 20 9.30 -0.99 -5.11
N GLU A 21 8.48 -0.06 -5.60
CA GLU A 21 8.41 1.30 -5.07
C GLU A 21 8.05 1.30 -3.57
N ILE A 22 7.12 0.44 -3.15
CA ILE A 22 6.72 0.34 -1.74
C ILE A 22 7.85 -0.33 -0.96
N LYS A 23 8.44 -1.41 -1.49
CA LYS A 23 9.54 -2.13 -0.85
C LYS A 23 10.71 -1.16 -0.61
N GLU A 24 11.08 -0.37 -1.62
CA GLU A 24 12.17 0.59 -1.60
C GLU A 24 11.96 1.57 -0.44
N SER A 25 10.79 2.23 -0.39
CA SER A 25 10.48 3.20 0.66
C SER A 25 10.39 2.60 2.06
N LEU A 26 9.74 1.44 2.23
CA LEU A 26 9.60 0.77 3.52
C LEU A 26 10.97 0.41 4.06
N GLU A 27 11.80 -0.19 3.21
CA GLU A 27 13.15 -0.58 3.59
C GLU A 27 13.92 0.68 3.96
N LEU A 28 13.82 1.75 3.18
CA LEU A 28 14.52 3.00 3.44
C LEU A 28 14.25 3.51 4.84
N MET A 29 12.97 3.58 5.22
CA MET A 29 12.57 4.04 6.55
C MET A 29 13.24 3.14 7.59
N GLN A 30 13.37 1.83 7.32
CA GLN A 30 14.00 0.92 8.25
C GLN A 30 15.53 1.11 8.27
N TYR A 31 16.17 1.43 7.15
CA TYR A 31 17.61 1.63 7.08
C TYR A 31 17.99 3.01 7.67
N LEU A 32 17.12 4.02 7.56
CA LEU A 32 17.32 5.39 8.04
C LEU A 32 16.15 5.74 8.98
N PRO A 33 16.07 5.12 10.17
CA PRO A 33 14.97 5.38 11.11
C PRO A 33 15.04 6.74 11.79
N GLN A 34 16.12 7.51 11.58
CA GLN A 34 16.28 8.80 12.22
C GLN A 34 16.66 9.90 11.24
N HIS A 35 17.64 9.68 10.37
CA HIS A 35 18.11 10.66 9.39
C HIS A 35 16.97 11.26 8.55
N THR A 36 16.13 10.42 7.94
CA THR A 36 15.01 10.88 7.11
C THR A 36 14.04 11.70 7.98
N ILE A 37 13.72 11.19 9.18
CA ILE A 37 12.81 11.85 10.11
C ILE A 37 13.38 13.19 10.58
N GLU A 38 14.69 13.29 10.85
CA GLU A 38 15.38 14.49 11.29
C GLU A 38 15.22 15.60 10.23
N THR A 39 15.25 15.19 8.96
CA THR A 39 15.10 16.11 7.83
C THR A 39 13.64 16.63 7.85
N TYR A 40 12.66 15.72 7.88
CA TYR A 40 11.23 16.05 7.91
C TYR A 40 10.87 16.89 9.15
N ARG A 41 11.51 16.62 10.29
CA ARG A 41 11.29 17.32 11.55
C ARG A 41 11.69 18.77 11.37
N GLN A 42 12.88 19.01 10.82
CA GLN A 42 13.38 20.35 10.59
C GLN A 42 12.55 21.08 9.55
N GLN A 43 12.42 20.51 8.35
CA GLN A 43 11.69 21.09 7.24
C GLN A 43 10.26 21.45 7.63
N GLN A 44 9.49 20.50 8.15
CA GLN A 44 8.12 20.75 8.53
C GLN A 44 8.01 21.80 9.62
N GLN A 45 8.92 21.79 10.61
CA GLN A 45 8.89 22.79 11.67
C GLN A 45 9.14 24.17 11.08
N GLN A 46 10.20 24.34 10.27
CA GLN A 46 10.52 25.62 9.65
C GLN A 46 9.36 26.10 8.77
N GLN A 47 8.79 25.21 7.97
CA GLN A 47 7.66 25.51 7.08
C GLN A 47 6.48 26.01 7.92
N HIS A 48 6.11 25.27 8.96
CA HIS A 48 5.00 25.61 9.84
C HIS A 48 5.28 26.93 10.58
N GLN A 49 6.50 27.11 11.09
CA GLN A 49 6.90 28.31 11.82
C GLN A 49 6.83 29.54 10.92
N HIS A 50 7.28 29.45 9.67
CA HIS A 50 7.26 30.60 8.75
C HIS A 50 5.84 31.04 8.41
N LEU A 51 4.85 30.16 8.58
CA LEU A 51 3.43 30.45 8.34
C LEU A 51 2.75 30.92 9.62
N LEU A 52 3.00 30.21 10.73
CA LEU A 52 2.43 30.52 12.04
C LEU A 52 2.96 31.85 12.54
N GLN A 53 4.28 31.99 12.61
CA GLN A 53 5.12 33.10 13.05
C GLN A 53 4.77 33.68 14.45
N LYS A 54 3.83 33.07 15.18
CA LYS A 54 3.37 33.46 16.51
C LYS A 54 3.81 32.35 17.46
N GLN A 55 3.99 32.67 18.74
CA GLN A 55 4.39 31.71 19.75
C GLN A 55 3.20 30.81 20.09
N THR A 56 2.06 31.44 20.40
CA THR A 56 0.80 30.78 20.75
C THR A 56 1.03 29.84 21.96
N SER A 57 1.10 30.42 23.15
CA SER A 57 1.29 29.73 24.42
C SER A 57 0.64 30.58 25.52
N ILE A 58 0.63 30.06 26.76
CA ILE A 58 0.03 30.73 27.91
C ILE A 58 0.88 31.95 28.36
N GLN A 59 2.15 32.03 27.96
CA GLN A 59 3.03 33.14 28.31
C GLN A 59 3.76 33.63 27.07
N SER A 60 4.11 34.91 27.09
CA SER A 60 4.84 35.59 26.03
C SER A 60 6.31 35.19 26.09
N GLY B 1 -1.68 18.38 -14.12
CA GLY B 1 -1.17 17.34 -13.24
C GLY B 1 -2.21 17.00 -12.20
N SER B 2 -2.39 17.86 -11.22
CA SER B 2 -3.34 17.72 -10.13
C SER B 2 -3.96 19.10 -9.91
N ASP B 3 -5.12 19.21 -9.28
CA ASP B 3 -5.77 20.49 -9.04
C ASP B 3 -6.24 20.57 -7.60
N GLU B 4 -6.88 19.52 -7.10
CA GLU B 4 -7.31 19.51 -5.70
C GLU B 4 -6.05 19.32 -4.84
N ASP B 5 -5.10 18.52 -5.32
CA ASP B 5 -3.81 18.11 -4.74
C ASP B 5 -4.09 17.29 -3.49
N THR B 6 -4.70 17.87 -2.47
CA THR B 6 -5.06 17.18 -1.25
C THR B 6 -6.22 16.25 -1.60
N TYR B 7 -6.05 14.97 -1.29
CA TYR B 7 -7.04 13.93 -1.52
C TYR B 7 -7.68 13.66 -0.15
N TYR B 8 -8.95 13.25 -0.15
CA TYR B 8 -9.74 12.98 1.05
C TYR B 8 -10.26 11.55 1.02
N LEU B 9 -10.18 10.86 2.16
CA LEU B 9 -10.63 9.48 2.29
C LEU B 9 -11.34 9.27 3.63
N GLN B 10 -12.29 8.32 3.62
CA GLN B 10 -13.12 7.90 4.76
C GLN B 10 -13.32 6.39 4.52
N VAL B 11 -12.71 5.50 5.30
CA VAL B 11 -12.81 4.05 5.12
C VAL B 11 -12.67 3.29 6.45
N ARG B 12 -13.29 2.10 6.59
CA ARG B 12 -13.19 1.29 7.82
C ARG B 12 -12.37 0.06 7.48
N GLY B 13 -11.11 0.05 7.88
CA GLY B 13 -10.18 -1.06 7.68
C GLY B 13 -9.26 -1.20 8.87
N ARG B 14 -9.29 -2.27 9.67
CA ARG B 14 -8.35 -2.34 10.81
C ARG B 14 -6.92 -2.50 10.24
N LYS B 15 -6.70 -3.55 9.45
CA LYS B 15 -5.41 -3.82 8.83
C LYS B 15 -5.17 -2.77 7.75
N ASN B 16 -6.17 -2.58 6.89
CA ASN B 16 -6.08 -1.65 5.79
C ASN B 16 -5.65 -0.26 6.26
N PHE B 17 -6.28 0.33 7.28
CA PHE B 17 -5.89 1.66 7.74
C PHE B 17 -4.50 1.64 8.38
N GLU B 18 -4.11 0.58 9.12
CA GLU B 18 -2.79 0.51 9.74
C GLU B 18 -1.68 0.55 8.67
N ILE B 19 -1.78 -0.36 7.71
CA ILE B 19 -0.85 -0.53 6.60
C ILE B 19 -0.86 0.70 5.70
N LEU B 20 -2.04 1.16 5.25
CA LEU B 20 -2.14 2.32 4.38
C LEU B 20 -1.57 3.58 5.05
N MET B 21 -1.67 3.75 6.37
CA MET B 21 -1.10 4.94 7.04
C MET B 21 0.41 4.84 6.98
N LYS B 22 0.96 3.66 7.29
CA LYS B 22 2.40 3.43 7.25
C LYS B 22 2.90 3.77 5.85
N LEU B 23 2.25 3.26 4.80
CA LEU B 23 2.66 3.54 3.43
C LEU B 23 2.59 5.04 3.14
N LYS B 24 1.59 5.77 3.68
CA LYS B 24 1.47 7.20 3.44
C LYS B 24 2.71 7.91 3.99
N GLU B 25 2.98 7.78 5.28
CA GLU B 25 4.13 8.43 5.91
C GLU B 25 5.45 7.93 5.30
N SER B 26 5.61 6.61 5.08
CA SER B 26 6.84 6.05 4.52
C SER B 26 7.15 6.65 3.15
N LEU B 27 6.16 6.77 2.26
CA LEU B 27 6.37 7.32 0.94
C LEU B 27 6.67 8.82 1.05
N GLU B 28 5.89 9.57 1.84
CA GLU B 28 6.07 11.02 2.00
C GLU B 28 7.49 11.31 2.51
N LEU B 29 7.94 10.61 3.56
CA LEU B 29 9.27 10.77 4.14
C LEU B 29 10.35 10.50 3.09
N MET B 30 10.26 9.37 2.39
CA MET B 30 11.23 9.00 1.37
C MET B 30 11.15 9.89 0.12
N GLU B 31 10.04 10.60 -0.08
CA GLU B 31 9.82 11.51 -1.22
C GLU B 31 10.44 12.87 -0.89
N LEU B 32 10.18 13.40 0.30
CA LEU B 32 10.72 14.70 0.70
C LEU B 32 12.23 14.65 0.91
N VAL B 33 12.79 13.53 1.36
CA VAL B 33 14.22 13.38 1.56
C VAL B 33 14.79 12.78 0.26
N PRO B 34 16.01 13.14 -0.18
CA PRO B 34 16.60 12.62 -1.40
C PRO B 34 16.94 11.12 -1.26
N GLN B 35 17.55 10.52 -2.29
CA GLN B 35 17.88 9.11 -2.32
C GLN B 35 19.38 8.71 -2.25
N PRO B 36 20.21 9.25 -1.34
CA PRO B 36 21.63 8.90 -1.27
C PRO B 36 21.89 7.47 -0.80
N LEU B 37 21.42 7.05 0.40
CA LEU B 37 21.69 5.69 0.83
C LEU B 37 21.05 4.67 -0.11
N VAL B 38 19.90 5.01 -0.71
CA VAL B 38 19.17 4.13 -1.60
C VAL B 38 20.05 3.57 -2.71
N ASP B 39 20.70 4.43 -3.49
CA ASP B 39 21.54 3.97 -4.58
C ASP B 39 22.85 3.38 -4.06
N SER B 40 23.37 3.89 -2.94
CA SER B 40 24.60 3.37 -2.35
C SER B 40 24.37 1.89 -1.99
N TYR B 41 23.24 1.62 -1.31
CA TYR B 41 22.81 0.29 -0.91
C TYR B 41 22.49 -0.53 -2.17
N ARG B 42 21.88 0.09 -3.18
CA ARG B 42 21.52 -0.56 -4.44
C ARG B 42 22.77 -1.14 -5.08
N GLN B 43 23.87 -0.37 -5.15
CA GLN B 43 25.13 -0.82 -5.72
C GLN B 43 25.61 -2.05 -4.91
N GLN B 44 25.55 -1.96 -3.58
CA GLN B 44 25.95 -3.04 -2.70
C GLN B 44 25.13 -4.32 -2.97
N GLN B 45 23.82 -4.19 -3.14
CA GLN B 45 22.92 -5.30 -3.42
C GLN B 45 23.15 -5.83 -4.84
N GLN B 46 23.47 -4.96 -5.81
CA GLN B 46 23.74 -5.35 -7.19
C GLN B 46 24.87 -6.38 -7.19
N LEU B 47 25.89 -6.19 -6.34
CA LEU B 47 27.02 -7.11 -6.23
C LEU B 47 26.62 -8.51 -5.74
N LEU B 48 25.44 -8.70 -5.13
CA LEU B 48 25.01 -10.01 -4.65
C LEU B 48 24.63 -10.90 -5.82
N GLN B 49 23.79 -10.36 -6.72
CA GLN B 49 23.26 -11.03 -7.91
C GLN B 49 23.22 -10.03 -9.07
N ARG B 50 24.13 -10.16 -10.02
CA ARG B 50 24.21 -9.32 -11.21
C ARG B 50 23.00 -9.60 -12.10
N SER C 1 6.64 -12.03 -23.64
CA SER C 1 7.67 -12.01 -22.58
C SER C 1 8.08 -10.55 -22.36
N ASP C 2 7.13 -9.69 -22.02
CA ASP C 2 7.33 -8.26 -21.82
C ASP C 2 7.38 -7.88 -20.35
N ASP C 3 7.08 -8.79 -19.44
CA ASP C 3 7.08 -8.55 -17.99
C ASP C 3 8.28 -9.28 -17.40
N GLU C 4 8.38 -10.56 -17.76
CA GLU C 4 9.36 -11.57 -17.38
C GLU C 4 9.08 -12.10 -15.98
N LEU C 5 9.61 -13.31 -15.67
CA LEU C 5 9.44 -13.91 -14.35
C LEU C 5 10.42 -13.13 -13.47
N LEU C 6 9.91 -12.12 -12.80
CA LEU C 6 10.66 -11.24 -11.93
C LEU C 6 10.65 -11.84 -10.53
N TYR C 7 11.85 -12.03 -10.02
CA TYR C 7 12.22 -12.58 -8.74
C TYR C 7 12.66 -11.43 -7.83
N LEU C 8 12.06 -11.31 -6.64
CA LEU C 8 12.36 -10.29 -5.65
C LEU C 8 12.98 -10.95 -4.41
N PRO C 9 14.32 -11.06 -4.31
CA PRO C 9 14.99 -11.64 -3.14
C PRO C 9 14.95 -10.58 -2.02
N VAL C 10 14.30 -10.85 -0.88
CA VAL C 10 14.19 -9.90 0.25
C VAL C 10 14.21 -10.68 1.58
N ARG C 11 14.62 -10.05 2.70
CA ARG C 11 14.62 -10.67 4.02
C ARG C 11 14.05 -9.69 5.04
N GLY C 12 12.80 -9.91 5.43
CA GLY C 12 12.07 -9.12 6.42
C GLY C 12 10.82 -9.89 6.79
N ARG C 13 10.61 -10.34 8.04
CA ARG C 13 9.41 -11.10 8.38
C ARG C 13 8.14 -10.28 8.18
N GLU C 14 8.06 -9.06 8.73
CA GLU C 14 6.88 -8.20 8.58
C GLU C 14 6.78 -7.72 7.14
N THR C 15 7.94 -7.36 6.56
CA THR C 15 8.03 -6.88 5.19
C THR C 15 7.40 -7.91 4.26
N TYR C 16 7.72 -9.19 4.43
CA TYR C 16 7.17 -10.28 3.62
C TYR C 16 5.67 -10.41 3.89
N GLU C 17 5.24 -10.43 5.15
CA GLU C 17 3.85 -10.56 5.56
C GLU C 17 2.97 -9.51 4.87
N MET C 18 3.39 -8.24 4.94
CA MET C 18 2.66 -7.12 4.32
C MET C 18 2.74 -7.19 2.80
N LEU C 19 3.92 -7.48 2.24
CA LEU C 19 4.10 -7.57 0.79
C LEU C 19 3.19 -8.66 0.23
N LEU C 20 3.13 -9.85 0.83
CA LEU C 20 2.31 -10.95 0.35
C LEU C 20 0.82 -10.61 0.44
N GLU C 21 0.34 -10.08 1.57
CA GLU C 21 -1.08 -9.75 1.72
C GLU C 21 -1.56 -8.85 0.59
N ILE C 22 -0.75 -7.84 0.27
CA ILE C 22 -1.00 -6.87 -0.78
C ILE C 22 -0.82 -7.51 -2.17
N LYS C 23 0.25 -8.28 -2.38
CA LYS C 23 0.54 -8.94 -3.64
C LYS C 23 -0.63 -9.82 -4.04
N GLU C 24 -1.10 -10.66 -3.11
CA GLU C 24 -2.20 -11.56 -3.34
C GLU C 24 -3.50 -10.80 -3.59
N SER C 25 -3.85 -9.78 -2.80
CA SER C 25 -5.09 -9.04 -3.02
C SER C 25 -5.10 -8.38 -4.40
N LEU C 26 -3.97 -7.80 -4.83
CA LEU C 26 -3.82 -7.13 -6.13
C LEU C 26 -3.92 -8.17 -7.24
N GLU C 27 -3.22 -9.30 -7.10
CA GLU C 27 -3.26 -10.34 -8.11
C GLU C 27 -4.69 -10.86 -8.21
N LEU C 28 -5.38 -11.10 -7.08
CA LEU C 28 -6.73 -11.60 -7.10
C LEU C 28 -7.64 -10.66 -7.86
N MET C 29 -7.51 -9.35 -7.62
CA MET C 29 -8.29 -8.34 -8.32
C MET C 29 -8.06 -8.49 -9.83
N GLN C 30 -6.84 -8.84 -10.24
CA GLN C 30 -6.49 -9.04 -11.63
C GLN C 30 -7.01 -10.38 -12.17
N TYR C 31 -7.02 -11.48 -11.39
CA TYR C 31 -7.48 -12.77 -11.89
C TYR C 31 -9.00 -12.94 -11.84
N LEU C 32 -9.71 -12.16 -11.03
CA LEU C 32 -11.16 -12.18 -10.87
C LEU C 32 -11.61 -10.74 -11.15
N PRO C 33 -11.46 -10.22 -12.39
CA PRO C 33 -11.82 -8.86 -12.73
C PRO C 33 -13.31 -8.55 -12.72
N GLN C 34 -14.19 -9.56 -12.80
CA GLN C 34 -15.63 -9.32 -12.78
C GLN C 34 -16.30 -10.08 -11.65
N HIS C 35 -15.91 -11.32 -11.36
CA HIS C 35 -16.52 -12.12 -10.31
C HIS C 35 -16.57 -11.41 -8.95
N THR C 36 -15.45 -10.89 -8.46
CA THR C 36 -15.42 -10.20 -7.16
C THR C 36 -16.36 -8.99 -7.19
N ILE C 37 -16.31 -8.22 -8.30
CA ILE C 37 -17.13 -7.03 -8.49
C ILE C 37 -18.61 -7.41 -8.53
N GLU C 38 -18.97 -8.59 -9.06
CA GLU C 38 -20.34 -9.07 -9.15
C GLU C 38 -20.82 -9.42 -7.73
N THR C 39 -20.00 -10.08 -6.92
CA THR C 39 -20.37 -10.43 -5.56
C THR C 39 -20.56 -9.11 -4.78
N TYR C 40 -19.61 -8.19 -4.93
CA TYR C 40 -19.61 -6.88 -4.30
C TYR C 40 -20.85 -6.08 -4.69
N ARG C 41 -21.14 -5.98 -5.98
CA ARG C 41 -22.29 -5.24 -6.47
C ARG C 41 -23.55 -5.78 -5.82
N GLN C 42 -23.76 -7.09 -5.81
CA GLN C 42 -24.94 -7.68 -5.18
C GLN C 42 -25.01 -7.24 -3.71
N GLN C 43 -23.94 -7.51 -2.94
CA GLN C 43 -23.84 -7.20 -1.53
C GLN C 43 -24.13 -5.72 -1.21
N GLN C 44 -23.41 -4.80 -1.87
CA GLN C 44 -23.53 -3.36 -1.70
C GLN C 44 -24.91 -2.85 -2.14
N GLN C 45 -25.38 -3.26 -3.32
CA GLN C 45 -26.68 -2.86 -3.87
C GLN C 45 -27.76 -3.22 -2.87
N GLN C 46 -27.72 -4.45 -2.34
CA GLN C 46 -28.66 -4.96 -1.35
C GLN C 46 -28.58 -4.12 -0.06
N GLN C 47 -27.38 -3.98 0.51
CA GLN C 47 -27.13 -3.24 1.74
C GLN C 47 -27.68 -1.80 1.68
N HIS C 48 -27.30 -1.05 0.64
CA HIS C 48 -27.73 0.32 0.48
C HIS C 48 -29.22 0.41 0.16
N GLN C 49 -29.77 -0.43 -0.72
CA GLN C 49 -31.19 -0.35 -1.04
C GLN C 49 -32.04 -0.61 0.19
N HIS C 50 -31.64 -1.55 1.05
CA HIS C 50 -32.36 -1.86 2.27
C HIS C 50 -32.25 -0.75 3.31
N LEU C 51 -31.24 0.13 3.20
CA LEU C 51 -31.01 1.25 4.12
C LEU C 51 -31.86 2.45 3.70
N LEU C 52 -31.87 2.75 2.40
CA LEU C 52 -32.63 3.87 1.85
C LEU C 52 -34.12 3.53 1.78
N GLN C 53 -34.46 2.38 1.18
CA GLN C 53 -35.80 1.83 0.98
C GLN C 53 -36.80 2.80 0.33
N LYS C 54 -36.34 3.90 -0.29
CA LYS C 54 -37.15 4.92 -0.93
C LYS C 54 -36.57 5.18 -2.31
N GLN C 55 -37.36 5.00 -3.36
CA GLN C 55 -36.95 5.18 -4.76
C GLN C 55 -36.17 6.49 -4.98
N THR C 56 -36.63 7.59 -4.37
CA THR C 56 -36.04 8.92 -4.43
C THR C 56 -35.68 9.32 -5.86
N SER C 57 -36.68 9.73 -6.64
CA SER C 57 -36.54 10.17 -8.02
C SER C 57 -37.65 11.18 -8.30
N ILE C 58 -37.61 11.82 -9.47
CA ILE C 58 -38.59 12.83 -9.89
C ILE C 58 -39.98 12.20 -10.16
N GLN C 59 -40.06 10.87 -10.23
CA GLN C 59 -41.27 10.11 -10.47
C GLN C 59 -41.30 8.89 -9.57
N SER C 60 -42.51 8.36 -9.35
CA SER C 60 -42.77 7.18 -8.56
C SER C 60 -42.66 5.96 -9.48
N GLY D 1 -12.77 -4.65 19.42
CA GLY D 1 -11.52 -4.55 18.66
C GLY D 1 -11.29 -3.11 18.29
N SER D 2 -11.79 -2.70 17.13
CA SER D 2 -11.69 -1.34 16.65
C SER D 2 -12.57 -0.45 17.54
N ASP D 3 -12.10 0.76 17.83
CA ASP D 3 -12.84 1.71 18.66
C ASP D 3 -13.75 2.53 17.75
N GLU D 4 -13.17 3.23 16.78
CA GLU D 4 -13.92 4.05 15.85
C GLU D 4 -14.39 3.28 14.62
N ASP D 5 -13.66 2.23 14.25
CA ASP D 5 -13.84 1.33 13.10
C ASP D 5 -13.55 2.09 11.80
N THR D 6 -14.24 3.20 11.56
CA THR D 6 -14.09 4.08 10.42
C THR D 6 -12.93 5.03 10.72
N TYR D 7 -12.11 5.34 9.72
CA TYR D 7 -10.97 6.23 9.83
C TYR D 7 -11.01 7.22 8.68
N TYR D 8 -10.34 8.35 8.85
CA TYR D 8 -10.26 9.45 7.91
C TYR D 8 -8.80 9.77 7.57
N LEU D 9 -8.57 10.44 6.45
CA LEU D 9 -7.25 10.85 5.98
C LEU D 9 -7.41 11.99 4.98
N GLN D 10 -6.55 13.00 5.05
CA GLN D 10 -6.54 14.17 4.16
C GLN D 10 -5.07 14.45 3.83
N VAL D 11 -4.56 13.99 2.68
CA VAL D 11 -3.13 14.14 2.33
C VAL D 11 -2.88 14.36 0.83
N ARG D 12 -1.80 15.05 0.46
CA ARG D 12 -1.44 15.27 -0.93
C ARG D 12 -0.22 14.41 -1.28
N GLY D 13 -0.47 13.32 -1.99
CA GLY D 13 0.53 12.39 -2.48
C GLY D 13 -0.02 11.97 -3.82
N ARG D 14 0.43 12.47 -4.97
CA ARG D 14 -0.17 12.05 -6.25
C ARG D 14 0.02 10.55 -6.51
N LYS D 15 1.27 10.08 -6.53
CA LYS D 15 1.49 8.66 -6.79
C LYS D 15 0.93 7.84 -5.63
N ASN D 16 1.11 8.35 -4.41
CA ASN D 16 0.66 7.68 -3.20
C ASN D 16 -0.86 7.45 -3.22
N PHE D 17 -1.69 8.47 -3.48
CA PHE D 17 -3.14 8.30 -3.50
C PHE D 17 -3.55 7.30 -4.56
N GLU D 18 -2.94 7.35 -5.75
CA GLU D 18 -3.28 6.41 -6.81
C GLU D 18 -3.12 4.96 -6.30
N ILE D 19 -1.93 4.66 -5.78
CA ILE D 19 -1.55 3.36 -5.25
C ILE D 19 -2.43 2.98 -4.05
N LEU D 20 -2.52 3.85 -3.05
CA LEU D 20 -3.30 3.66 -1.83
C LEU D 20 -4.76 3.40 -2.15
N MET D 21 -5.37 4.06 -3.13
CA MET D 21 -6.78 3.83 -3.47
C MET D 21 -6.91 2.48 -4.15
N LYS D 22 -6.03 2.13 -5.08
CA LYS D 22 -6.08 0.82 -5.74
C LYS D 22 -6.00 -0.24 -4.64
N LEU D 23 -5.10 -0.08 -3.67
CA LEU D 23 -4.94 -1.00 -2.53
C LEU D 23 -6.20 -1.03 -1.66
N LYS D 24 -6.90 0.09 -1.49
CA LYS D 24 -8.12 0.18 -0.69
C LYS D 24 -9.16 -0.76 -1.28
N GLU D 25 -9.53 -0.52 -2.55
CA GLU D 25 -10.54 -1.32 -3.22
C GLU D 25 -10.07 -2.77 -3.40
N SER D 26 -8.76 -3.01 -3.51
CA SER D 26 -8.22 -4.36 -3.65
C SER D 26 -8.51 -5.17 -2.38
N LEU D 27 -8.24 -4.60 -1.20
CA LEU D 27 -8.45 -5.28 0.06
C LEU D 27 -9.93 -5.37 0.40
N GLU D 28 -10.74 -4.33 0.26
CA GLU D 28 -12.16 -4.44 0.61
C GLU D 28 -12.83 -5.55 -0.20
N LEU D 29 -12.53 -5.63 -1.50
CA LEU D 29 -13.08 -6.65 -2.38
C LEU D 29 -12.56 -8.02 -1.93
N MET D 30 -11.25 -8.17 -1.75
CA MET D 30 -10.68 -9.45 -1.31
C MET D 30 -11.21 -9.85 0.07
N GLU D 31 -11.60 -8.90 0.93
CA GLU D 31 -12.11 -9.15 2.27
C GLU D 31 -13.58 -9.58 2.25
N LEU D 32 -14.41 -9.04 1.34
CA LEU D 32 -15.82 -9.43 1.28
C LEU D 32 -16.01 -10.75 0.55
N VAL D 33 -15.14 -11.11 -0.38
CA VAL D 33 -15.25 -12.35 -1.12
C VAL D 33 -14.46 -13.46 -0.42
N PRO D 34 -14.93 -14.72 -0.52
CA PRO D 34 -14.27 -15.87 0.06
C PRO D 34 -12.93 -16.12 -0.68
N GLN D 35 -12.20 -17.19 -0.37
CA GLN D 35 -10.92 -17.49 -1.00
C GLN D 35 -10.93 -18.74 -1.93
N PRO D 36 -11.88 -18.89 -2.90
CA PRO D 36 -11.95 -20.05 -3.78
C PRO D 36 -10.78 -20.14 -4.76
N LEU D 37 -10.66 -19.18 -5.69
CA LEU D 37 -9.57 -19.22 -6.66
C LEU D 37 -8.24 -19.06 -5.92
N VAL D 38 -8.22 -18.34 -4.80
CA VAL D 38 -7.04 -18.10 -3.99
C VAL D 38 -6.43 -19.42 -3.51
N ASP D 39 -7.21 -20.27 -2.82
CA ASP D 39 -6.71 -21.55 -2.33
C ASP D 39 -6.30 -22.45 -3.49
N SER D 40 -7.11 -22.45 -4.55
CA SER D 40 -6.84 -23.25 -5.74
C SER D 40 -5.50 -22.86 -6.36
N TYR D 41 -5.30 -21.55 -6.57
CA TYR D 41 -4.11 -21.00 -7.15
C TYR D 41 -2.90 -21.26 -6.26
N ARG D 42 -3.04 -21.11 -4.94
CA ARG D 42 -1.96 -21.35 -4.00
C ARG D 42 -1.43 -22.76 -4.23
N GLN D 43 -2.29 -23.76 -4.38
CA GLN D 43 -1.90 -25.15 -4.63
C GLN D 43 -1.28 -25.30 -6.02
N GLN D 44 -2.02 -24.83 -7.04
CA GLN D 44 -1.65 -24.87 -8.45
C GLN D 44 -0.24 -24.32 -8.67
N GLN D 45 0.05 -23.16 -8.09
CA GLN D 45 1.33 -22.49 -8.18
C GLN D 45 2.35 -23.23 -7.31
N GLN D 46 1.98 -23.72 -6.12
CA GLN D 46 2.88 -24.45 -5.20
C GLN D 46 3.57 -25.61 -5.92
N LEU D 47 2.91 -26.24 -6.90
CA LEU D 47 3.54 -27.33 -7.66
C LEU D 47 4.87 -26.88 -8.33
N LEU D 48 5.09 -25.59 -8.60
CA LEU D 48 6.31 -25.08 -9.24
C LEU D 48 7.50 -25.00 -8.28
N GLN D 49 7.28 -24.56 -7.03
CA GLN D 49 8.30 -24.44 -5.98
C GLN D 49 7.69 -24.95 -4.68
N ARG D 50 8.13 -26.13 -4.24
CA ARG D 50 7.67 -26.77 -3.02
C ARG D 50 7.91 -25.89 -1.83
N SER A 1 17.48 -19.61 12.68
CA SER A 1 16.90 -18.93 11.53
C SER A 1 15.76 -18.04 11.99
N ASP A 2 15.71 -16.80 11.49
CA ASP A 2 14.70 -15.81 11.82
C ASP A 2 13.71 -15.75 10.65
N ASP A 3 14.03 -14.98 9.60
CA ASP A 3 13.17 -14.82 8.43
C ASP A 3 13.55 -15.76 7.30
N GLU A 4 14.86 -16.01 7.17
CA GLU A 4 15.51 -16.86 6.15
C GLU A 4 15.55 -16.12 4.80
N LEU A 5 16.32 -16.65 3.84
CA LEU A 5 16.44 -16.06 2.51
C LEU A 5 15.20 -16.48 1.73
N LEU A 6 14.17 -15.64 1.70
CA LEU A 6 12.94 -15.96 0.98
C LEU A 6 13.03 -15.33 -0.39
N TYR A 7 12.54 -16.06 -1.39
CA TYR A 7 12.51 -15.68 -2.78
C TYR A 7 11.06 -15.47 -3.19
N LEU A 8 10.81 -14.49 -4.06
CA LEU A 8 9.49 -14.14 -4.55
C LEU A 8 9.51 -14.04 -6.09
N PRO A 9 9.17 -15.13 -6.81
CA PRO A 9 9.13 -15.15 -8.27
C PRO A 9 7.84 -14.45 -8.75
N VAL A 10 7.92 -13.39 -9.56
CA VAL A 10 6.75 -12.66 -10.07
C VAL A 10 7.06 -12.17 -11.50
N ARG A 11 6.04 -11.92 -12.33
CA ARG A 11 6.25 -11.42 -13.69
C ARG A 11 5.28 -10.27 -13.89
N GLY A 12 5.76 -9.04 -13.80
CA GLY A 12 4.95 -7.85 -13.99
C GLY A 12 5.91 -6.68 -14.14
N ARG A 13 6.09 -6.03 -15.29
CA ARG A 13 7.00 -4.88 -15.35
C ARG A 13 6.47 -3.76 -14.45
N GLU A 14 5.19 -3.40 -14.62
CA GLU A 14 4.57 -2.34 -13.83
C GLU A 14 4.45 -2.80 -12.38
N THR A 15 3.99 -4.03 -12.16
CA THR A 15 3.82 -4.57 -10.83
C THR A 15 5.16 -4.69 -10.09
N TYR A 16 6.26 -5.05 -10.76
CA TYR A 16 7.56 -5.17 -10.11
C TYR A 16 8.06 -3.77 -9.75
N GLU A 17 7.94 -2.79 -10.64
CA GLU A 17 8.38 -1.42 -10.36
C GLU A 17 7.61 -0.88 -9.15
N MET A 18 6.28 -1.00 -9.16
CA MET A 18 5.43 -0.54 -8.08
C MET A 18 5.85 -1.20 -6.76
N LEU A 19 6.05 -2.52 -6.80
CA LEU A 19 6.46 -3.30 -5.64
C LEU A 19 7.85 -2.86 -5.17
N LEU A 20 8.79 -2.56 -6.08
CA LEU A 20 10.14 -2.12 -5.73
C LEU A 20 10.07 -0.76 -5.06
N GLU A 21 9.33 0.19 -5.64
CA GLU A 21 9.19 1.53 -5.12
C GLU A 21 8.71 1.51 -3.67
N ILE A 22 7.64 0.73 -3.42
CA ILE A 22 7.03 0.60 -2.10
C ILE A 22 7.92 -0.23 -1.15
N LYS A 23 8.64 -1.24 -1.67
CA LYS A 23 9.52 -2.05 -0.83
C LYS A 23 10.66 -1.17 -0.35
N GLU A 24 11.38 -0.57 -1.29
CA GLU A 24 12.52 0.31 -1.08
C GLU A 24 12.14 1.49 -0.20
N SER A 25 10.93 2.01 -0.39
CA SER A 25 10.44 3.13 0.40
C SER A 25 10.36 2.77 1.88
N LEU A 26 9.71 1.67 2.25
CA LEU A 26 9.59 1.30 3.66
C LEU A 26 10.90 0.74 4.21
N GLU A 27 11.61 -0.06 3.43
CA GLU A 27 12.87 -0.68 3.82
C GLU A 27 13.90 0.37 4.20
N LEU A 28 14.17 1.33 3.32
CA LEU A 28 15.15 2.38 3.58
C LEU A 28 14.64 3.32 4.66
N MET A 29 13.36 3.70 4.66
CA MET A 29 12.78 4.57 5.69
C MET A 29 12.96 3.97 7.09
N GLN A 30 12.80 2.64 7.22
CA GLN A 30 12.98 1.97 8.51
C GLN A 30 14.47 1.77 8.80
N TYR A 31 15.34 1.80 7.80
CA TYR A 31 16.79 1.65 7.99
C TYR A 31 17.46 2.96 8.40
N LEU A 32 17.04 4.10 7.81
CA LEU A 32 17.56 5.44 8.07
C LEU A 32 16.42 6.37 8.52
N PRO A 33 15.98 6.25 9.79
CA PRO A 33 14.90 7.09 10.33
C PRO A 33 15.41 8.49 10.71
N GLN A 34 15.65 9.35 9.71
CA GLN A 34 16.10 10.74 9.92
C GLN A 34 15.03 11.51 10.68
N HIS A 35 15.35 12.73 11.13
CA HIS A 35 14.39 13.57 11.84
C HIS A 35 13.20 13.85 10.91
N THR A 36 13.40 13.77 9.60
CA THR A 36 12.43 13.96 8.54
C THR A 36 11.24 13.01 8.78
N ILE A 37 11.55 11.72 8.97
CA ILE A 37 10.59 10.65 9.21
C ILE A 37 9.93 10.84 10.57
N GLU A 38 10.73 11.13 11.61
CA GLU A 38 10.22 11.32 12.97
C GLU A 38 9.21 12.48 13.04
N THR A 39 9.61 13.66 12.61
CA THR A 39 8.78 14.85 12.63
C THR A 39 7.54 14.64 11.77
N TYR A 40 7.66 14.06 10.56
CA TYR A 40 6.49 13.83 9.71
C TYR A 40 5.48 12.97 10.47
N ARG A 41 5.93 11.85 11.05
CA ARG A 41 5.11 10.91 11.81
C ARG A 41 4.45 11.57 13.01
N GLN A 42 5.23 12.33 13.79
CA GLN A 42 4.77 13.02 14.98
C GLN A 42 3.68 14.02 14.62
N GLN A 43 4.00 14.93 13.70
CA GLN A 43 3.07 15.94 13.25
C GLN A 43 1.82 15.30 12.68
N GLN A 44 1.94 14.25 11.86
CA GLN A 44 0.81 13.55 11.24
C GLN A 44 -0.24 13.12 12.28
N GLN A 45 0.21 12.52 13.38
CA GLN A 45 -0.66 12.05 14.44
C GLN A 45 -1.38 13.22 15.13
N GLN A 46 -0.62 14.21 15.60
CA GLN A 46 -1.18 15.38 16.28
C GLN A 46 -2.10 16.17 15.33
N GLN A 47 -1.78 16.18 14.04
CA GLN A 47 -2.51 16.85 13.00
C GLN A 47 -3.89 16.21 12.82
N HIS A 48 -3.97 14.87 12.76
CA HIS A 48 -5.22 14.15 12.58
C HIS A 48 -6.26 14.56 13.63
N GLN A 49 -5.86 14.55 14.91
CA GLN A 49 -6.73 14.91 16.01
C GLN A 49 -7.31 16.34 15.89
N HIS A 50 -6.57 17.26 15.26
CA HIS A 50 -6.99 18.65 15.06
C HIS A 50 -7.89 18.78 13.83
N LEU A 51 -7.48 18.16 12.72
CA LEU A 51 -8.20 18.19 11.45
C LEU A 51 -9.60 17.63 11.60
N LEU A 52 -9.72 16.41 12.12
CA LEU A 52 -10.97 15.69 12.32
C LEU A 52 -12.01 16.48 13.12
N GLN A 53 -11.86 16.58 14.45
CA GLN A 53 -12.81 17.30 15.28
C GLN A 53 -12.20 17.75 16.60
N LYS A 54 -12.72 18.85 17.14
CA LYS A 54 -12.29 19.43 18.42
C LYS A 54 -12.87 18.63 19.59
N GLN A 55 -14.01 17.96 19.37
CA GLN A 55 -14.76 17.09 20.27
C GLN A 55 -15.80 16.41 19.37
N THR A 56 -16.71 17.22 18.83
CA THR A 56 -17.78 16.84 17.93
C THR A 56 -18.31 18.14 17.31
N SER A 57 -19.10 18.03 16.23
CA SER A 57 -19.76 19.07 15.46
C SER A 57 -19.01 20.42 15.34
N ILE A 58 -19.75 21.51 15.15
CA ILE A 58 -19.22 22.88 15.04
C ILE A 58 -18.88 23.42 16.43
N GLN A 59 -19.61 22.96 17.45
CA GLN A 59 -19.52 23.28 18.86
C GLN A 59 -19.90 22.00 19.61
N SER A 60 -19.49 21.90 20.86
CA SER A 60 -19.74 20.79 21.75
C SER A 60 -19.90 21.43 23.12
N GLY B 1 0.94 20.50 -15.77
CA GLY B 1 -0.30 20.42 -15.01
C GLY B 1 -0.26 19.26 -14.02
N SER B 2 -1.23 19.25 -13.10
CA SER B 2 -1.43 18.25 -12.06
C SER B 2 -2.73 18.59 -11.36
N ASP B 3 -3.05 17.82 -10.33
CA ASP B 3 -4.22 18.05 -9.49
C ASP B 3 -3.83 19.23 -8.60
N GLU B 4 -4.80 19.91 -8.04
CA GLU B 4 -4.61 21.06 -7.15
C GLU B 4 -5.46 20.91 -5.89
N ASP B 5 -5.87 19.68 -5.59
CA ASP B 5 -6.70 19.36 -4.42
C ASP B 5 -6.11 18.15 -3.70
N THR B 6 -6.36 18.07 -2.40
CA THR B 6 -5.90 16.97 -1.57
C THR B 6 -6.85 15.78 -1.79
N TYR B 7 -6.38 14.57 -1.51
CA TYR B 7 -7.18 13.36 -1.65
C TYR B 7 -7.55 12.91 -0.25
N TYR B 8 -8.70 12.24 -0.17
CA TYR B 8 -9.26 11.75 1.07
C TYR B 8 -9.63 10.29 0.94
N LEU B 9 -9.38 9.51 2.01
CA LEU B 9 -9.68 8.08 2.05
C LEU B 9 -10.37 7.84 3.38
N GLN B 10 -11.66 7.55 3.30
CA GLN B 10 -12.60 7.28 4.38
C GLN B 10 -12.94 5.79 4.29
N VAL B 11 -12.29 4.96 5.12
CA VAL B 11 -12.45 3.50 5.14
C VAL B 11 -12.09 2.99 6.54
N ARG B 12 -12.67 1.87 6.99
CA ARG B 12 -12.36 1.34 8.31
C ARG B 12 -11.87 -0.10 8.20
N GLY B 13 -10.56 -0.29 8.28
CA GLY B 13 -9.87 -1.58 8.26
C GLY B 13 -8.72 -1.43 9.23
N ARG B 14 -8.73 -2.01 10.43
CA ARG B 14 -7.60 -1.85 11.37
C ARG B 14 -6.26 -2.24 10.74
N LYS B 15 -6.14 -3.46 10.20
CA LYS B 15 -4.87 -3.88 9.59
C LYS B 15 -4.51 -2.94 8.47
N ASN B 16 -5.50 -2.55 7.66
CA ASN B 16 -5.29 -1.66 6.54
C ASN B 16 -4.72 -0.34 7.01
N PHE B 17 -5.33 0.32 8.00
CA PHE B 17 -4.88 1.61 8.51
C PHE B 17 -3.40 1.57 8.90
N GLU B 18 -3.00 0.53 9.63
CA GLU B 18 -1.62 0.36 10.08
C GLU B 18 -0.67 0.23 8.88
N ILE B 19 -0.98 -0.71 7.97
CA ILE B 19 -0.22 -1.00 6.76
C ILE B 19 -0.11 0.25 5.87
N LEU B 20 -1.24 0.87 5.58
CA LEU B 20 -1.35 2.05 4.74
C LEU B 20 -0.67 3.26 5.37
N MET B 21 -0.66 3.39 6.70
CA MET B 21 -0.01 4.54 7.34
C MET B 21 1.49 4.45 7.13
N LYS B 22 2.12 3.33 7.52
CA LYS B 22 3.57 3.21 7.37
C LYS B 22 3.97 3.32 5.91
N LEU B 23 3.15 2.79 5.00
CA LEU B 23 3.44 2.86 3.59
C LEU B 23 3.30 4.29 3.07
N LYS B 24 2.17 4.98 3.25
CA LYS B 24 2.04 6.37 2.75
C LYS B 24 3.12 7.24 3.35
N GLU B 25 3.41 7.07 4.65
CA GLU B 25 4.41 7.78 5.42
C GLU B 25 5.73 7.58 4.68
N SER B 26 6.16 6.32 4.49
CA SER B 26 7.39 5.98 3.81
C SER B 26 7.46 6.55 2.39
N LEU B 27 6.34 6.58 1.65
CA LEU B 27 6.32 7.09 0.29
C LEU B 27 6.47 8.61 0.25
N GLU B 28 5.81 9.38 1.13
CA GLU B 28 5.98 10.85 1.11
C GLU B 28 7.43 11.14 1.48
N LEU B 29 7.97 10.39 2.45
CA LEU B 29 9.33 10.56 2.92
C LEU B 29 10.33 10.23 1.83
N MET B 30 10.17 9.12 1.09
CA MET B 30 11.07 8.74 -0.01
C MET B 30 10.89 9.68 -1.22
N GLU B 31 9.75 10.41 -1.31
CA GLU B 31 9.49 11.34 -2.39
C GLU B 31 10.00 12.76 -2.11
N LEU B 32 9.81 13.27 -0.89
CA LEU B 32 10.26 14.61 -0.54
C LEU B 32 11.77 14.65 -0.32
N VAL B 33 12.36 13.57 0.20
CA VAL B 33 13.79 13.45 0.43
C VAL B 33 14.36 12.73 -0.80
N PRO B 34 15.60 13.01 -1.21
CA PRO B 34 16.18 12.36 -2.38
C PRO B 34 16.50 10.89 -2.06
N GLN B 35 17.01 10.13 -3.05
CA GLN B 35 17.35 8.71 -2.89
C GLN B 35 18.89 8.47 -2.98
N PRO B 36 19.77 9.18 -2.25
CA PRO B 36 21.22 8.98 -2.33
C PRO B 36 21.68 7.65 -1.72
N LEU B 37 21.42 7.38 -0.43
CA LEU B 37 21.87 6.12 0.16
C LEU B 37 21.13 4.97 -0.51
N VAL B 38 19.88 5.20 -0.90
CA VAL B 38 19.00 4.26 -1.57
C VAL B 38 19.69 3.71 -2.82
N ASP B 39 20.12 4.60 -3.74
CA ASP B 39 20.80 4.20 -4.98
C ASP B 39 22.12 3.48 -4.68
N SER B 40 22.92 4.05 -3.77
CA SER B 40 24.21 3.51 -3.39
C SER B 40 24.06 2.06 -2.92
N TYR B 41 23.13 1.83 -2.01
CA TYR B 41 22.83 0.54 -1.44
C TYR B 41 22.21 -0.39 -2.47
N ARG B 42 21.25 0.09 -3.28
CA ARG B 42 20.60 -0.73 -4.30
C ARG B 42 21.64 -1.34 -5.20
N GLN B 43 22.62 -0.57 -5.66
CA GLN B 43 23.68 -1.06 -6.53
C GLN B 43 24.55 -2.08 -5.79
N GLN B 44 25.03 -1.73 -4.60
CA GLN B 44 25.89 -2.58 -3.80
C GLN B 44 25.23 -3.95 -3.51
N GLN B 45 23.96 -3.94 -3.14
CA GLN B 45 23.19 -5.14 -2.85
C GLN B 45 22.83 -5.85 -4.17
N GLN B 46 22.68 -5.13 -5.28
CA GLN B 46 22.37 -5.74 -6.59
C GLN B 46 23.53 -6.66 -6.96
N LEU B 47 24.77 -6.31 -6.56
CA LEU B 47 25.97 -7.08 -6.81
C LEU B 47 25.96 -8.47 -6.14
N LEU B 48 24.95 -8.80 -5.32
CA LEU B 48 24.79 -10.10 -4.66
C LEU B 48 24.28 -11.10 -5.72
N GLN B 49 23.25 -10.69 -6.44
CA GLN B 49 22.56 -11.43 -7.49
C GLN B 49 23.18 -11.13 -8.87
N ARG B 50 22.66 -11.79 -9.91
CA ARG B 50 23.12 -11.64 -11.28
C ARG B 50 22.00 -11.06 -12.11
N SER C 1 10.11 -10.61 -24.40
CA SER C 1 10.76 -10.09 -23.18
C SER C 1 9.98 -8.89 -22.65
N ASP C 2 8.72 -9.10 -22.26
CA ASP C 2 7.84 -8.05 -21.75
C ASP C 2 8.14 -7.93 -20.27
N ASP C 3 7.68 -8.88 -19.44
CA ASP C 3 7.91 -8.84 -17.99
C ASP C 3 9.06 -9.77 -17.62
N GLU C 4 9.00 -11.04 -18.08
CA GLU C 4 9.98 -12.11 -17.85
C GLU C 4 9.83 -12.68 -16.42
N LEU C 5 10.39 -13.87 -16.15
CA LEU C 5 10.33 -14.47 -14.82
C LEU C 5 11.36 -13.77 -13.94
N LEU C 6 10.92 -12.76 -13.21
CA LEU C 6 11.76 -11.97 -12.33
C LEU C 6 11.74 -12.62 -10.96
N TYR C 7 12.82 -12.40 -10.20
CA TYR C 7 13.02 -12.94 -8.87
C TYR C 7 13.26 -11.79 -7.91
N LEU C 8 12.74 -11.88 -6.69
CA LEU C 8 12.86 -10.86 -5.66
C LEU C 8 13.24 -11.48 -4.29
N PRO C 9 14.53 -11.54 -3.91
CA PRO C 9 14.96 -12.08 -2.63
C PRO C 9 14.77 -11.03 -1.52
N VAL C 10 14.14 -11.39 -0.40
CA VAL C 10 13.89 -10.50 0.74
C VAL C 10 13.97 -11.33 2.02
N ARG C 11 14.34 -10.74 3.18
CA ARG C 11 14.37 -11.47 4.45
C ARG C 11 13.72 -10.55 5.47
N GLY C 12 12.47 -10.83 5.81
CA GLY C 12 11.65 -10.11 6.78
C GLY C 12 10.44 -10.99 7.02
N ARG C 13 10.18 -11.52 8.21
CA ARG C 13 9.01 -12.38 8.45
C ARG C 13 7.71 -11.61 8.24
N GLU C 14 7.55 -10.45 8.91
CA GLU C 14 6.34 -9.65 8.76
C GLU C 14 6.30 -9.06 7.36
N THR C 15 7.45 -8.59 6.85
CA THR C 15 7.55 -8.01 5.53
C THR C 15 7.07 -9.01 4.48
N TYR C 16 7.53 -10.26 4.51
CA TYR C 16 7.14 -11.27 3.54
C TYR C 16 5.63 -11.46 3.56
N GLU C 17 5.05 -11.67 4.74
CA GLU C 17 3.61 -11.88 4.90
C GLU C 17 2.79 -10.67 4.44
N MET C 18 3.16 -9.47 4.88
CA MET C 18 2.49 -8.21 4.54
C MET C 18 2.53 -8.02 3.02
N LEU C 19 3.72 -8.19 2.43
CA LEU C 19 3.95 -8.05 1.01
C LEU C 19 3.06 -9.03 0.26
N LEU C 20 3.06 -10.31 0.66
CA LEU C 20 2.26 -11.36 0.03
C LEU C 20 0.79 -11.00 0.02
N GLU C 21 0.20 -10.72 1.19
CA GLU C 21 -1.22 -10.40 1.31
C GLU C 21 -1.60 -9.22 0.42
N ILE C 22 -0.85 -8.12 0.44
CA ILE C 22 -1.14 -6.92 -0.36
C ILE C 22 -0.97 -7.22 -1.87
N LYS C 23 0.12 -7.91 -2.23
CA LYS C 23 0.44 -8.23 -3.61
C LYS C 23 -0.60 -9.14 -4.23
N GLU C 24 -0.89 -10.24 -3.54
CA GLU C 24 -1.84 -11.24 -3.99
C GLU C 24 -3.24 -10.67 -3.98
N SER C 25 -3.57 -9.78 -3.02
CA SER C 25 -4.87 -9.14 -2.94
C SER C 25 -5.15 -8.44 -4.26
N LEU C 26 -4.21 -7.60 -4.73
CA LEU C 26 -4.36 -6.86 -5.97
C LEU C 26 -4.49 -7.82 -7.15
N GLU C 27 -3.58 -8.79 -7.21
CA GLU C 27 -3.52 -9.77 -8.28
C GLU C 27 -4.83 -10.54 -8.41
N LEU C 28 -5.33 -11.17 -7.34
CA LEU C 28 -6.55 -11.97 -7.37
C LEU C 28 -7.79 -11.11 -7.60
N MET C 29 -7.89 -9.94 -6.99
CA MET C 29 -9.02 -9.04 -7.17
C MET C 29 -9.12 -8.66 -8.65
N GLN C 30 -7.99 -8.33 -9.29
CA GLN C 30 -7.96 -7.96 -10.69
C GLN C 30 -8.04 -9.20 -11.60
N TYR C 31 -7.66 -10.39 -11.15
CA TYR C 31 -7.72 -11.61 -11.98
C TYR C 31 -9.15 -12.16 -12.05
N LEU C 32 -9.91 -12.01 -10.96
CA LEU C 32 -11.30 -12.46 -10.86
C LEU C 32 -12.13 -11.27 -10.35
N PRO C 33 -12.40 -10.27 -11.21
CA PRO C 33 -13.18 -9.10 -10.84
C PRO C 33 -14.68 -9.44 -10.81
N GLN C 34 -15.13 -10.10 -9.74
CA GLN C 34 -16.52 -10.50 -9.52
C GLN C 34 -17.41 -9.24 -9.39
N HIS C 35 -18.73 -9.43 -9.29
CA HIS C 35 -19.67 -8.31 -9.15
C HIS C 35 -19.33 -7.39 -7.97
N THR C 36 -18.78 -7.91 -6.86
CA THR C 36 -18.43 -7.08 -5.71
C THR C 36 -17.37 -6.04 -6.14
N ILE C 37 -16.30 -6.47 -6.81
CA ILE C 37 -15.20 -5.65 -7.30
C ILE C 37 -15.74 -4.58 -8.28
N GLU C 38 -16.66 -5.00 -9.15
CA GLU C 38 -17.29 -4.16 -10.15
C GLU C 38 -18.09 -3.03 -9.50
N THR C 39 -19.07 -3.41 -8.68
CA THR C 39 -19.97 -2.51 -7.98
C THR C 39 -19.22 -1.56 -7.05
N TYR C 40 -18.38 -2.11 -6.16
CA TYR C 40 -17.63 -1.33 -5.19
C TYR C 40 -16.79 -0.24 -5.85
N ARG C 41 -16.00 -0.57 -6.87
CA ARG C 41 -15.16 0.44 -7.52
C ARG C 41 -15.99 1.56 -8.13
N GLN C 42 -17.09 1.22 -8.83
CA GLN C 42 -17.96 2.23 -9.45
C GLN C 42 -18.57 3.12 -8.36
N GLN C 43 -19.12 2.50 -7.31
CA GLN C 43 -19.73 3.21 -6.22
C GLN C 43 -18.70 4.04 -5.47
N GLN C 44 -17.46 3.59 -5.29
CA GLN C 44 -16.44 4.38 -4.59
C GLN C 44 -16.24 5.69 -5.36
N GLN C 45 -16.19 5.65 -6.70
CA GLN C 45 -16.01 6.87 -7.50
C GLN C 45 -17.15 7.87 -7.23
N GLN C 46 -18.40 7.39 -7.25
CA GLN C 46 -19.57 8.23 -7.02
C GLN C 46 -19.62 8.69 -5.54
N GLN C 47 -19.57 7.75 -4.60
CA GLN C 47 -19.63 7.96 -3.17
C GLN C 47 -18.54 8.93 -2.71
N HIS C 48 -17.30 8.82 -3.20
CA HIS C 48 -16.21 9.72 -2.84
C HIS C 48 -16.65 11.16 -3.05
N GLN C 49 -17.20 11.43 -4.24
CA GLN C 49 -17.68 12.75 -4.62
C GLN C 49 -18.73 13.27 -3.63
N HIS C 50 -19.67 12.42 -3.21
CA HIS C 50 -20.71 12.81 -2.28
C HIS C 50 -20.19 13.02 -0.86
N LEU C 51 -19.34 12.10 -0.40
CA LEU C 51 -18.74 12.09 0.92
C LEU C 51 -17.87 13.33 1.15
N LEU C 52 -17.40 13.95 0.07
CA LEU C 52 -16.59 15.15 0.08
C LEU C 52 -17.54 16.30 0.41
N GLN C 53 -18.31 16.78 -0.58
CA GLN C 53 -19.25 17.88 -0.45
C GLN C 53 -20.16 17.92 -1.69
N LYS C 54 -21.10 18.88 -1.74
CA LYS C 54 -22.00 19.04 -2.89
C LYS C 54 -21.40 20.11 -3.78
N GLN C 55 -21.02 21.23 -3.17
CA GLN C 55 -20.41 22.40 -3.77
C GLN C 55 -19.33 22.80 -2.78
N THR C 56 -19.73 23.47 -1.70
CA THR C 56 -18.83 23.88 -0.64
C THR C 56 -19.66 24.08 0.64
N SER C 57 -18.95 24.33 1.75
CA SER C 57 -19.37 24.58 3.11
C SER C 57 -20.75 24.00 3.44
N ILE C 58 -21.78 24.84 3.59
CA ILE C 58 -23.15 24.44 3.90
C ILE C 58 -24.13 24.94 2.82
N GLN C 59 -23.76 26.01 2.10
CA GLN C 59 -24.48 26.67 1.03
C GLN C 59 -23.41 27.15 0.06
N SER C 60 -23.81 27.41 -1.19
CA SER C 60 -22.96 27.89 -2.26
C SER C 60 -23.89 28.64 -3.20
N GLY D 1 -11.94 -6.58 22.38
CA GLY D 1 -12.76 -6.06 21.28
C GLY D 1 -11.84 -5.60 20.16
N SER D 2 -12.24 -4.57 19.43
CA SER D 2 -11.51 -3.94 18.34
C SER D 2 -11.94 -2.48 18.34
N ASP D 3 -11.27 -1.62 17.57
CA ASP D 3 -11.66 -0.21 17.53
C ASP D 3 -13.08 -0.16 16.97
N GLU D 4 -13.84 0.82 17.43
CA GLU D 4 -15.24 1.07 17.08
C GLU D 4 -15.39 2.30 16.20
N ASP D 5 -14.31 2.71 15.53
CA ASP D 5 -14.36 3.89 14.68
C ASP D 5 -13.62 3.71 13.35
N THR D 6 -13.90 4.62 12.43
CA THR D 6 -13.35 4.67 11.08
C THR D 6 -12.01 5.42 11.06
N TYR D 7 -11.27 5.29 9.94
CA TYR D 7 -10.00 5.94 9.75
C TYR D 7 -10.10 6.85 8.54
N TYR D 8 -9.42 7.99 8.64
CA TYR D 8 -9.39 9.03 7.63
C TYR D 8 -7.95 9.38 7.26
N LEU D 9 -7.71 9.67 5.99
CA LEU D 9 -6.39 10.05 5.47
C LEU D 9 -6.58 11.31 4.64
N GLN D 10 -5.63 12.24 4.74
CA GLN D 10 -5.65 13.51 4.01
C GLN D 10 -4.24 13.78 3.47
N VAL D 11 -3.98 13.47 2.19
CA VAL D 11 -2.67 13.63 1.53
C VAL D 11 -2.81 13.85 0.02
N ARG D 12 -1.87 14.55 -0.65
CA ARG D 12 -1.92 14.79 -2.10
C ARG D 12 -0.75 14.12 -2.82
N GLY D 13 -0.99 13.00 -3.47
CA GLY D 13 0.00 12.25 -4.24
C GLY D 13 -0.70 11.65 -5.46
N ARG D 14 -0.37 12.00 -6.71
CA ARG D 14 -1.11 11.40 -7.83
C ARG D 14 -0.89 9.89 -7.91
N LYS D 15 0.37 9.44 -8.00
CA LYS D 15 0.62 7.99 -8.07
C LYS D 15 0.10 7.34 -6.80
N ASN D 16 0.38 7.97 -5.66
CA ASN D 16 -0.01 7.49 -4.35
C ASN D 16 -1.50 7.22 -4.26
N PHE D 17 -2.36 8.14 -4.70
CA PHE D 17 -3.79 7.92 -4.63
C PHE D 17 -4.19 6.75 -5.52
N GLU D 18 -3.70 6.66 -6.76
CA GLU D 18 -4.04 5.55 -7.66
C GLU D 18 -3.65 4.19 -7.05
N ILE D 19 -2.39 4.08 -6.62
CA ILE D 19 -1.77 2.90 -6.03
C ILE D 19 -2.42 2.52 -4.70
N LEU D 20 -2.60 3.48 -3.80
CA LEU D 20 -3.21 3.20 -2.51
C LEU D 20 -4.68 2.83 -2.71
N MET D 21 -5.40 3.44 -3.66
CA MET D 21 -6.81 3.11 -3.89
C MET D 21 -6.91 1.67 -4.39
N LYS D 22 -6.19 1.29 -5.46
CA LYS D 22 -6.29 -0.07 -5.98
C LYS D 22 -5.97 -1.10 -4.90
N LEU D 23 -4.96 -0.84 -4.07
CA LEU D 23 -4.57 -1.76 -3.01
C LEU D 23 -5.54 -1.74 -1.83
N LYS D 24 -6.05 -0.60 -1.39
CA LYS D 24 -7.00 -0.55 -0.28
C LYS D 24 -8.27 -1.25 -0.72
N GLU D 25 -8.72 -0.99 -1.93
CA GLU D 25 -9.89 -1.56 -2.55
C GLU D 25 -9.71 -3.07 -2.60
N SER D 26 -8.59 -3.56 -3.15
CA SER D 26 -8.34 -4.99 -3.22
C SER D 26 -8.30 -5.60 -1.82
N LEU D 27 -7.78 -4.89 -0.81
CA LEU D 27 -7.73 -5.41 0.56
C LEU D 27 -9.13 -5.52 1.13
N GLU D 28 -10.03 -4.57 0.81
CA GLU D 28 -11.42 -4.58 1.29
C GLU D 28 -12.09 -5.80 0.69
N LEU D 29 -11.98 -5.91 -0.63
CA LEU D 29 -12.53 -6.95 -1.46
C LEU D 29 -12.04 -8.34 -1.04
N MET D 30 -10.74 -8.55 -0.81
CA MET D 30 -10.23 -9.87 -0.41
C MET D 30 -10.50 -10.18 1.07
N GLU D 31 -10.68 -9.17 1.93
CA GLU D 31 -10.94 -9.39 3.35
C GLU D 31 -12.42 -9.74 3.57
N LEU D 32 -13.35 -9.04 2.90
CA LEU D 32 -14.78 -9.27 3.05
C LEU D 32 -15.33 -10.46 2.26
N VAL D 33 -14.76 -10.77 1.09
CA VAL D 33 -15.18 -11.89 0.24
C VAL D 33 -14.28 -13.09 0.56
N PRO D 34 -14.78 -14.34 0.45
CA PRO D 34 -13.97 -15.49 0.74
C PRO D 34 -12.80 -15.63 -0.24
N GLN D 35 -11.87 -16.50 0.08
CA GLN D 35 -10.65 -16.76 -0.69
C GLN D 35 -10.55 -18.21 -1.21
N PRO D 36 -11.54 -18.72 -1.98
CA PRO D 36 -11.53 -20.08 -2.49
C PRO D 36 -10.47 -20.30 -3.58
N LEU D 37 -10.62 -19.60 -4.73
CA LEU D 37 -9.71 -19.72 -5.86
C LEU D 37 -8.29 -19.36 -5.45
N VAL D 38 -8.14 -18.41 -4.53
CA VAL D 38 -6.85 -17.94 -4.03
C VAL D 38 -6.01 -19.14 -3.57
N ASP D 39 -6.53 -20.00 -2.68
CA ASP D 39 -5.75 -21.15 -2.20
C ASP D 39 -5.58 -22.19 -3.29
N SER D 40 -6.64 -22.45 -4.08
CA SER D 40 -6.59 -23.44 -5.15
C SER D 40 -5.44 -23.10 -6.10
N TYR D 41 -5.37 -21.84 -6.52
CA TYR D 41 -4.36 -21.30 -7.41
C TYR D 41 -3.02 -21.30 -6.71
N ARG D 42 -2.94 -20.77 -5.49
CA ARG D 42 -1.70 -20.70 -4.73
C ARG D 42 -1.03 -22.06 -4.64
N GLN D 43 -1.74 -23.14 -4.32
CA GLN D 43 -1.14 -24.47 -4.22
C GLN D 43 -0.65 -24.93 -5.60
N GLN D 44 -1.52 -24.82 -6.61
CA GLN D 44 -1.24 -25.19 -8.01
C GLN D 44 0.06 -24.52 -8.46
N GLN D 45 0.15 -23.21 -8.22
CA GLN D 45 1.27 -22.34 -8.55
C GLN D 45 2.49 -22.65 -7.68
N GLN D 46 2.31 -22.94 -6.39
CA GLN D 46 3.41 -23.24 -5.46
C GLN D 46 4.16 -24.47 -5.95
N LEU D 47 3.51 -25.39 -6.68
CA LEU D 47 4.14 -26.59 -7.24
C LEU D 47 5.30 -26.20 -8.20
N LEU D 48 5.34 -24.97 -8.71
CA LEU D 48 6.37 -24.47 -9.61
C LEU D 48 7.71 -24.37 -8.88
N GLN D 49 7.76 -23.66 -7.74
CA GLN D 49 8.99 -23.48 -6.97
C GLN D 49 9.16 -24.55 -5.89
N ARG D 50 10.41 -24.82 -5.48
CA ARG D 50 10.69 -25.79 -4.43
C ARG D 50 10.81 -25.04 -3.14
N SER A 1 18.64 -13.74 13.09
CA SER A 1 19.03 -14.13 11.74
C SER A 1 17.93 -13.77 10.72
N ASP A 2 17.12 -12.73 10.99
CA ASP A 2 16.01 -12.26 10.16
C ASP A 2 16.40 -11.83 8.75
N ASP A 3 17.69 -11.71 8.44
CA ASP A 3 18.22 -11.34 7.13
C ASP A 3 18.20 -12.56 6.19
N GLU A 4 17.24 -13.47 6.34
CA GLU A 4 17.09 -14.67 5.52
C GLU A 4 16.54 -14.29 4.16
N LEU A 5 17.42 -14.28 3.15
CA LEU A 5 17.13 -13.95 1.77
C LEU A 5 16.21 -15.01 1.18
N LEU A 6 14.91 -14.72 1.19
CA LEU A 6 13.86 -15.57 0.66
C LEU A 6 13.70 -15.22 -0.81
N TYR A 7 13.42 -16.22 -1.63
CA TYR A 7 13.25 -16.03 -3.07
C TYR A 7 11.76 -16.10 -3.38
N LEU A 8 11.16 -14.92 -3.56
CA LEU A 8 9.77 -14.64 -3.89
C LEU A 8 9.65 -14.53 -5.42
N PRO A 9 9.06 -15.51 -6.13
CA PRO A 9 8.91 -15.46 -7.60
C PRO A 9 7.63 -14.68 -7.98
N VAL A 10 7.70 -13.69 -8.89
CA VAL A 10 6.54 -12.90 -9.32
C VAL A 10 6.65 -12.51 -10.81
N ARG A 11 5.53 -12.35 -11.52
CA ARG A 11 5.55 -11.93 -12.93
C ARG A 11 4.46 -10.86 -13.10
N GLY A 12 4.84 -9.60 -13.16
CA GLY A 12 3.94 -8.47 -13.35
C GLY A 12 4.79 -7.24 -13.62
N ARG A 13 4.58 -6.44 -14.67
CA ARG A 13 5.45 -5.25 -14.84
C ARG A 13 5.11 -4.22 -13.77
N GLU A 14 3.83 -3.83 -13.64
CA GLU A 14 3.46 -2.84 -12.61
C GLU A 14 3.70 -3.47 -11.24
N THR A 15 3.49 -4.78 -11.09
CA THR A 15 3.69 -5.46 -9.83
C THR A 15 5.15 -5.34 -9.38
N TYR A 16 6.12 -5.64 -10.26
CA TYR A 16 7.52 -5.57 -9.87
C TYR A 16 7.90 -4.14 -9.52
N GLU A 17 7.50 -3.16 -10.33
CA GLU A 17 7.82 -1.75 -10.10
C GLU A 17 7.24 -1.28 -8.75
N MET A 18 5.94 -1.52 -8.53
CA MET A 18 5.24 -1.14 -7.30
C MET A 18 5.91 -1.83 -6.12
N LEU A 19 6.10 -3.16 -6.16
CA LEU A 19 6.73 -3.89 -5.07
C LEU A 19 8.15 -3.40 -4.82
N LEU A 20 8.86 -2.92 -5.85
CA LEU A 20 10.22 -2.43 -5.66
C LEU A 20 10.17 -1.12 -4.90
N GLU A 21 9.43 -0.14 -5.39
CA GLU A 21 9.36 1.16 -4.74
C GLU A 21 8.72 1.13 -3.36
N ILE A 22 7.66 0.34 -3.15
CA ILE A 22 7.01 0.24 -1.84
C ILE A 22 8.05 -0.32 -0.86
N LYS A 23 8.75 -1.39 -1.24
CA LYS A 23 9.77 -2.01 -0.40
C LYS A 23 10.88 -0.98 -0.15
N GLU A 24 11.50 -0.47 -1.21
CA GLU A 24 12.60 0.48 -1.18
C GLU A 24 12.32 1.71 -0.32
N SER A 25 11.09 2.25 -0.35
CA SER A 25 10.76 3.41 0.45
C SER A 25 10.75 3.04 1.93
N LEU A 26 10.02 1.98 2.30
CA LEU A 26 9.89 1.51 3.67
C LEU A 26 11.24 1.05 4.25
N GLU A 27 11.96 0.21 3.52
CA GLU A 27 13.25 -0.33 3.92
C GLU A 27 14.23 0.78 4.26
N LEU A 28 14.44 1.74 3.35
CA LEU A 28 15.37 2.83 3.61
C LEU A 28 14.84 3.78 4.68
N MET A 29 13.53 4.03 4.74
CA MET A 29 12.93 4.92 5.76
C MET A 29 13.14 4.33 7.17
N GLN A 30 13.26 3.00 7.28
CA GLN A 30 13.47 2.35 8.57
C GLN A 30 14.98 2.17 8.80
N TYR A 31 15.80 2.03 7.74
CA TYR A 31 17.24 1.87 7.89
C TYR A 31 17.90 3.20 8.27
N LEU A 32 17.33 4.32 7.83
CA LEU A 32 17.82 5.68 8.07
C LEU A 32 16.76 6.40 8.93
N PRO A 33 16.68 6.10 10.25
CA PRO A 33 15.72 6.71 11.17
C PRO A 33 16.15 8.15 11.52
N GLN A 34 16.01 9.08 10.58
CA GLN A 34 16.37 10.48 10.82
C GLN A 34 15.27 11.16 11.62
N HIS A 35 15.61 12.29 12.26
CA HIS A 35 14.67 13.06 13.05
C HIS A 35 13.43 13.44 12.23
N THR A 36 13.56 13.71 10.93
CA THR A 36 12.44 14.04 10.06
C THR A 36 11.39 12.90 10.08
N ILE A 37 11.84 11.64 9.96
CA ILE A 37 11.01 10.45 9.95
C ILE A 37 10.24 10.39 11.28
N GLU A 38 10.95 10.55 12.40
CA GLU A 38 10.34 10.51 13.71
C GLU A 38 9.34 11.64 13.93
N THR A 39 9.68 12.86 13.49
CA THR A 39 8.82 14.04 13.62
C THR A 39 7.52 13.76 12.87
N TYR A 40 7.60 13.31 11.61
CA TYR A 40 6.44 13.00 10.78
C TYR A 40 5.55 11.96 11.50
N ARG A 41 6.17 10.93 12.08
CA ARG A 41 5.45 9.88 12.79
C ARG A 41 4.64 10.47 13.94
N GLN A 42 5.27 11.30 14.76
CA GLN A 42 4.65 11.93 15.91
C GLN A 42 3.56 12.91 15.47
N GLN A 43 3.88 13.80 14.53
CA GLN A 43 2.98 14.82 14.00
C GLN A 43 1.70 14.18 13.47
N GLN A 44 1.77 13.21 12.55
CA GLN A 44 0.56 12.60 12.03
C GLN A 44 -0.24 11.84 13.11
N GLN A 45 0.43 11.21 14.09
CA GLN A 45 -0.25 10.48 15.14
C GLN A 45 -1.06 11.47 16.00
N GLN A 46 -0.44 12.58 16.39
CA GLN A 46 -1.04 13.61 17.20
C GLN A 46 -2.15 14.31 16.39
N GLN A 47 -1.88 14.70 15.14
CA GLN A 47 -2.82 15.38 14.24
C GLN A 47 -4.14 14.64 14.10
N HIS A 48 -4.13 13.30 14.16
CA HIS A 48 -5.34 12.50 14.05
C HIS A 48 -6.35 12.89 15.15
N GLN A 49 -5.89 13.46 16.27
CA GLN A 49 -6.71 13.92 17.39
C GLN A 49 -7.50 15.17 17.03
N HIS A 50 -6.88 16.08 16.27
CA HIS A 50 -7.49 17.32 15.84
C HIS A 50 -8.17 17.22 14.47
N LEU A 51 -8.08 16.07 13.80
CA LEU A 51 -8.60 15.73 12.46
C LEU A 51 -10.02 16.24 12.19
N LEU A 52 -10.88 16.24 13.22
CA LEU A 52 -12.27 16.70 13.17
C LEU A 52 -12.41 18.07 12.49
N GLN A 53 -11.41 18.95 12.61
CA GLN A 53 -11.27 20.32 12.07
C GLN A 53 -12.58 20.94 11.62
N LYS A 54 -13.11 21.83 12.46
CA LYS A 54 -14.36 22.54 12.20
C LYS A 54 -14.28 23.32 10.89
N GLN A 55 -15.45 23.73 10.38
CA GLN A 55 -15.67 24.49 9.16
C GLN A 55 -15.06 25.91 9.27
N THR A 56 -13.74 25.97 9.31
CA THR A 56 -12.89 27.14 9.42
C THR A 56 -11.63 26.78 8.62
N SER A 57 -11.62 27.10 7.33
CA SER A 57 -10.54 26.81 6.40
C SER A 57 -9.26 27.58 6.78
N ILE A 58 -8.21 26.87 7.21
CA ILE A 58 -6.93 27.46 7.60
C ILE A 58 -5.75 26.49 7.40
N GLN A 59 -5.99 25.20 7.11
CA GLN A 59 -4.95 24.21 6.91
C GLN A 59 -4.06 24.59 5.72
N SER A 60 -2.83 25.00 6.04
CA SER A 60 -1.75 25.42 5.16
C SER A 60 -0.49 25.17 5.98
N GLY B 1 4.24 28.53 -4.02
CA GLY B 1 3.50 27.27 -4.00
C GLY B 1 2.13 27.42 -3.34
N SER B 2 1.30 26.40 -3.54
CA SER B 2 -0.07 26.33 -3.02
C SER B 2 -0.33 24.95 -2.46
N ASP B 3 -0.13 23.92 -3.30
CA ASP B 3 -0.33 22.51 -3.03
C ASP B 3 -1.73 22.33 -2.42
N GLU B 4 -2.75 22.58 -3.24
CA GLU B 4 -4.17 22.52 -2.91
C GLU B 4 -4.90 21.30 -3.51
N ASP B 5 -4.24 20.47 -4.31
CA ASP B 5 -4.85 19.29 -4.94
C ASP B 5 -4.90 18.11 -3.94
N THR B 6 -5.14 18.37 -2.65
CA THR B 6 -5.17 17.42 -1.53
C THR B 6 -6.10 16.23 -1.74
N TYR B 7 -5.70 15.05 -1.25
CA TYR B 7 -6.51 13.83 -1.37
C TYR B 7 -7.03 13.48 0.00
N TYR B 8 -8.29 13.04 0.02
CA TYR B 8 -9.07 12.65 1.16
C TYR B 8 -9.60 11.23 0.90
N LEU B 9 -9.73 10.41 1.95
CA LEU B 9 -10.22 9.03 1.85
C LEU B 9 -10.96 8.68 3.13
N GLN B 10 -11.95 7.78 3.01
CA GLN B 10 -12.77 7.34 4.14
C GLN B 10 -13.13 5.86 3.99
N VAL B 11 -12.54 4.96 4.79
CA VAL B 11 -12.84 3.52 4.73
C VAL B 11 -12.53 2.88 6.09
N ARG B 12 -13.30 1.88 6.52
CA ARG B 12 -13.07 1.17 7.75
C ARG B 12 -12.39 -0.12 7.32
N GLY B 13 -11.08 -0.23 7.51
CA GLY B 13 -10.30 -1.40 7.17
C GLY B 13 -9.27 -1.59 8.26
N ARG B 14 -9.32 -2.63 9.09
CA ARG B 14 -8.34 -2.81 10.17
C ARG B 14 -6.92 -3.05 9.63
N LYS B 15 -6.72 -4.10 8.83
CA LYS B 15 -5.38 -4.36 8.27
C LYS B 15 -5.11 -3.31 7.22
N ASN B 16 -6.11 -3.01 6.40
CA ASN B 16 -6.06 -2.07 5.29
C ASN B 16 -5.52 -0.72 5.77
N PHE B 17 -6.06 -0.13 6.85
CA PHE B 17 -5.56 1.14 7.36
C PHE B 17 -4.14 0.99 7.90
N GLU B 18 -3.83 -0.10 8.63
CA GLU B 18 -2.48 -0.31 9.16
C GLU B 18 -1.47 -0.24 8.00
N ILE B 19 -1.72 -1.03 6.95
CA ILE B 19 -0.93 -1.15 5.73
C ILE B 19 -0.80 0.22 5.06
N LEU B 20 -1.93 0.84 4.74
CA LEU B 20 -1.99 2.13 4.06
C LEU B 20 -1.21 3.19 4.84
N MET B 21 -1.48 3.38 6.14
CA MET B 21 -0.78 4.38 6.94
C MET B 21 0.73 4.11 6.98
N LYS B 22 1.14 2.85 7.19
CA LYS B 22 2.55 2.44 7.25
C LYS B 22 3.25 2.85 5.94
N LEU B 23 2.68 2.45 4.81
CA LEU B 23 3.25 2.74 3.50
C LEU B 23 3.15 4.23 3.13
N LYS B 24 2.12 4.93 3.61
CA LYS B 24 1.90 6.36 3.36
C LYS B 24 3.12 7.11 3.85
N GLU B 25 3.41 6.99 5.15
CA GLU B 25 4.53 7.64 5.80
C GLU B 25 5.84 7.27 5.11
N SER B 26 6.05 5.99 4.80
CA SER B 26 7.27 5.56 4.15
C SER B 26 7.50 6.21 2.79
N LEU B 27 6.48 6.31 1.92
CA LEU B 27 6.66 6.93 0.60
C LEU B 27 6.76 8.45 0.77
N GLU B 28 5.98 9.05 1.67
CA GLU B 28 6.00 10.50 1.93
C GLU B 28 7.42 10.94 2.28
N LEU B 29 8.00 10.25 3.26
CA LEU B 29 9.33 10.53 3.71
C LEU B 29 10.32 10.22 2.59
N MET B 30 10.16 9.11 1.86
CA MET B 30 11.04 8.75 0.74
C MET B 30 11.03 9.82 -0.36
N GLU B 31 9.92 10.53 -0.55
CA GLU B 31 9.81 11.57 -1.55
C GLU B 31 10.51 12.85 -1.06
N LEU B 32 10.37 13.18 0.23
CA LEU B 32 10.97 14.38 0.84
C LEU B 32 12.47 14.24 1.12
N VAL B 33 13.02 13.02 1.25
CA VAL B 33 14.44 12.82 1.49
C VAL B 33 15.16 12.59 0.15
N PRO B 34 16.43 13.02 0.01
CA PRO B 34 17.18 12.80 -1.22
C PRO B 34 17.56 11.30 -1.31
N GLN B 35 18.21 10.88 -2.39
CA GLN B 35 18.61 9.48 -2.61
C GLN B 35 20.15 9.28 -2.55
N PRO B 36 20.87 9.64 -1.48
CA PRO B 36 22.31 9.46 -1.41
C PRO B 36 22.67 7.98 -1.24
N LEU B 37 22.44 7.43 -0.04
CA LEU B 37 22.72 6.03 0.22
C LEU B 37 21.84 5.19 -0.68
N VAL B 38 20.61 5.61 -0.92
CA VAL B 38 19.63 4.92 -1.75
C VAL B 38 20.18 4.64 -3.16
N ASP B 39 20.65 5.66 -3.91
CA ASP B 39 21.17 5.44 -5.27
C ASP B 39 22.43 4.58 -5.25
N SER B 40 23.34 4.88 -4.32
CA SER B 40 24.58 4.15 -4.18
C SER B 40 24.29 2.67 -3.93
N TYR B 41 23.36 2.38 -3.01
CA TYR B 41 22.94 1.06 -2.63
C TYR B 41 22.18 0.41 -3.78
N ARG B 42 21.39 1.16 -4.58
CA ARG B 42 20.65 0.60 -5.70
C ARG B 42 21.62 -0.12 -6.63
N GLN B 43 22.72 0.53 -6.99
CA GLN B 43 23.75 -0.02 -7.87
C GLN B 43 24.53 -1.15 -7.19
N GLN B 44 25.05 -0.88 -5.98
CA GLN B 44 25.82 -1.84 -5.20
C GLN B 44 25.06 -3.17 -5.10
N GLN B 45 23.78 -3.10 -4.72
CA GLN B 45 22.90 -4.26 -4.57
C GLN B 45 22.56 -4.85 -5.95
N GLN B 46 22.36 -4.02 -6.97
CA GLN B 46 22.03 -4.47 -8.33
C GLN B 46 23.12 -5.42 -8.86
N LEU B 47 24.37 -5.30 -8.40
CA LEU B 47 25.45 -6.21 -8.82
C LEU B 47 25.21 -7.65 -8.37
N LEU B 48 24.26 -7.91 -7.46
CA LEU B 48 23.94 -9.25 -6.98
C LEU B 48 22.97 -9.97 -7.95
N GLN B 49 22.61 -9.35 -9.07
CA GLN B 49 21.71 -9.88 -10.09
C GLN B 49 22.36 -9.63 -11.45
N ARG B 50 21.71 -10.09 -12.52
CA ARG B 50 22.16 -9.97 -13.90
C ARG B 50 21.10 -9.25 -14.70
N SER C 1 3.32 -13.01 -23.89
CA SER C 1 4.70 -13.36 -23.56
C SER C 1 5.27 -12.37 -22.51
N ASP C 2 4.40 -11.73 -21.73
CA ASP C 2 4.62 -10.74 -20.68
C ASP C 2 4.46 -11.41 -19.32
N ASP C 3 4.84 -12.68 -19.21
CA ASP C 3 4.75 -13.47 -17.99
C ASP C 3 6.15 -13.90 -17.57
N GLU C 4 7.12 -13.00 -17.72
CA GLU C 4 8.50 -13.27 -17.32
C GLU C 4 8.53 -13.39 -15.80
N LEU C 5 8.83 -14.62 -15.35
CA LEU C 5 8.90 -14.99 -13.95
C LEU C 5 10.23 -14.51 -13.39
N LEU C 6 10.17 -13.37 -12.72
CA LEU C 6 11.29 -12.69 -12.09
C LEU C 6 11.41 -13.27 -10.67
N TYR C 7 12.63 -13.24 -10.13
CA TYR C 7 12.92 -13.76 -8.81
C TYR C 7 13.34 -12.60 -7.91
N LEU C 8 12.43 -12.10 -7.09
CA LEU C 8 12.64 -11.01 -6.14
C LEU C 8 13.30 -11.57 -4.86
N PRO C 9 14.59 -11.31 -4.58
CA PRO C 9 15.31 -11.79 -3.40
C PRO C 9 15.25 -10.75 -2.25
N VAL C 10 14.42 -10.94 -1.22
CA VAL C 10 14.28 -9.98 -0.11
C VAL C 10 14.23 -10.71 1.24
N ARG C 11 14.54 -10.01 2.34
CA ARG C 11 14.53 -10.60 3.68
C ARG C 11 13.85 -9.72 4.72
N GLY C 12 12.62 -10.05 5.08
CA GLY C 12 11.80 -9.36 6.07
C GLY C 12 10.60 -10.21 6.40
N ARG C 13 10.26 -10.45 7.68
CA ARG C 13 9.06 -11.27 7.97
C ARG C 13 7.83 -10.45 7.59
N GLU C 14 7.72 -9.23 8.11
CA GLU C 14 6.59 -8.36 7.85
C GLU C 14 6.59 -7.93 6.38
N THR C 15 7.77 -7.75 5.77
CA THR C 15 7.88 -7.36 4.38
C THR C 15 7.35 -8.50 3.49
N TYR C 16 7.78 -9.74 3.74
CA TYR C 16 7.35 -10.89 2.95
C TYR C 16 5.85 -11.10 3.13
N GLU C 17 5.36 -11.13 4.37
CA GLU C 17 3.96 -11.32 4.70
C GLU C 17 3.08 -10.29 3.99
N MET C 18 3.41 -9.01 4.15
CA MET C 18 2.67 -7.91 3.53
C MET C 18 2.66 -8.08 2.02
N LEU C 19 3.84 -8.23 1.41
CA LEU C 19 3.92 -8.36 -0.04
C LEU C 19 3.19 -9.61 -0.52
N LEU C 20 3.10 -10.69 0.27
CA LEU C 20 2.41 -11.90 -0.17
C LEU C 20 0.92 -11.61 -0.22
N GLU C 21 0.36 -11.18 0.90
CA GLU C 21 -1.06 -10.88 1.04
C GLU C 21 -1.52 -9.78 0.09
N ILE C 22 -0.80 -8.66 0.01
CA ILE C 22 -1.16 -7.54 -0.86
C ILE C 22 -1.01 -7.93 -2.33
N LYS C 23 0.08 -8.61 -2.72
CA LYS C 23 0.23 -8.98 -4.12
C LYS C 23 -0.82 -9.99 -4.52
N GLU C 24 -1.07 -11.00 -3.68
CA GLU C 24 -2.05 -12.05 -3.94
C GLU C 24 -3.46 -11.45 -4.03
N SER C 25 -3.89 -10.65 -3.06
CA SER C 25 -5.22 -10.04 -3.07
C SER C 25 -5.44 -9.22 -4.35
N LEU C 26 -4.47 -8.39 -4.72
CA LEU C 26 -4.51 -7.53 -5.90
C LEU C 26 -4.60 -8.39 -7.17
N GLU C 27 -3.73 -9.39 -7.29
CA GLU C 27 -3.68 -10.30 -8.44
C GLU C 27 -5.01 -11.04 -8.60
N LEU C 28 -5.46 -11.72 -7.55
CA LEU C 28 -6.68 -12.52 -7.55
C LEU C 28 -7.91 -11.66 -7.84
N MET C 29 -8.00 -10.45 -7.26
CA MET C 29 -9.13 -9.55 -7.49
C MET C 29 -9.16 -9.18 -8.98
N GLN C 30 -7.99 -8.86 -9.55
CA GLN C 30 -7.94 -8.52 -10.97
C GLN C 30 -8.33 -9.73 -11.80
N TYR C 31 -7.92 -10.94 -11.37
CA TYR C 31 -8.18 -12.19 -12.06
C TYR C 31 -9.67 -12.56 -12.08
N LEU C 32 -10.45 -12.21 -11.05
CA LEU C 32 -11.88 -12.51 -10.97
C LEU C 32 -12.69 -11.20 -11.05
N PRO C 33 -12.96 -10.67 -12.26
CA PRO C 33 -13.71 -9.43 -12.49
C PRO C 33 -15.22 -9.58 -12.25
N GLN C 34 -15.62 -9.91 -11.02
CA GLN C 34 -17.02 -10.07 -10.62
C GLN C 34 -17.73 -8.72 -10.72
N HIS C 35 -19.07 -8.74 -10.83
CA HIS C 35 -19.86 -7.52 -10.91
C HIS C 35 -19.68 -6.70 -9.64
N THR C 36 -19.46 -7.31 -8.48
CA THR C 36 -19.24 -6.56 -7.23
C THR C 36 -18.03 -5.65 -7.44
N ILE C 37 -16.91 -6.15 -7.96
CA ILE C 37 -15.70 -5.37 -8.21
C ILE C 37 -16.03 -4.22 -9.17
N GLU C 38 -16.83 -4.48 -10.21
CA GLU C 38 -17.22 -3.47 -11.19
C GLU C 38 -18.01 -2.33 -10.53
N THR C 39 -19.12 -2.68 -9.89
CA THR C 39 -19.99 -1.74 -9.21
C THR C 39 -19.21 -0.98 -8.15
N TYR C 40 -18.36 -1.64 -7.35
CA TYR C 40 -17.57 -0.98 -6.33
C TYR C 40 -16.69 0.10 -6.95
N ARG C 41 -16.00 -0.20 -8.06
CA ARG C 41 -15.12 0.77 -8.72
C ARG C 41 -15.91 2.03 -9.10
N GLN C 42 -17.07 1.86 -9.75
CA GLN C 42 -17.87 3.00 -10.17
C GLN C 42 -18.47 3.72 -8.95
N GLN C 43 -19.06 2.99 -8.01
CA GLN C 43 -19.69 3.54 -6.81
C GLN C 43 -18.74 4.53 -6.13
N GLN C 44 -17.50 4.12 -5.90
CA GLN C 44 -16.53 4.99 -5.25
C GLN C 44 -16.05 6.12 -6.19
N GLN C 45 -15.97 5.90 -7.52
CA GLN C 45 -15.56 6.96 -8.44
C GLN C 45 -16.63 8.06 -8.44
N GLN C 46 -17.91 7.68 -8.40
CA GLN C 46 -19.03 8.62 -8.37
C GLN C 46 -19.05 9.30 -7.00
N GLN C 47 -18.81 8.54 -5.92
CA GLN C 47 -18.78 9.06 -4.56
C GLN C 47 -17.73 10.16 -4.43
N HIS C 48 -16.57 10.04 -5.09
CA HIS C 48 -15.52 11.05 -5.00
C HIS C 48 -16.03 12.45 -5.36
N GLN C 49 -17.07 12.58 -6.20
CA GLN C 49 -17.65 13.85 -6.57
C GLN C 49 -18.40 14.45 -5.37
N HIS C 50 -19.18 13.59 -4.73
CA HIS C 50 -20.04 13.82 -3.59
C HIS C 50 -19.32 13.88 -2.23
N LEU C 51 -18.03 13.54 -2.20
CA LEU C 51 -17.12 13.49 -1.05
C LEU C 51 -17.21 14.70 -0.13
N LEU C 52 -17.53 15.88 -0.66
CA LEU C 52 -17.66 17.13 0.09
C LEU C 52 -18.58 16.99 1.31
N GLN C 53 -19.60 16.13 1.25
CA GLN C 53 -20.62 15.79 2.26
C GLN C 53 -20.78 16.80 3.40
N LYS C 54 -21.76 17.69 3.25
CA LYS C 54 -22.12 18.74 4.21
C LYS C 54 -22.34 18.13 5.59
N GLN C 55 -21.87 18.83 6.62
CA GLN C 55 -21.91 18.51 8.05
C GLN C 55 -23.34 18.20 8.53
N THR C 56 -23.78 16.96 8.30
CA THR C 56 -25.10 16.45 8.64
C THR C 56 -25.00 14.92 8.54
N SER C 57 -24.90 14.25 9.69
CA SER C 57 -24.81 12.79 9.78
C SER C 57 -26.04 12.15 9.10
N ILE C 58 -25.82 11.08 8.34
CA ILE C 58 -26.86 10.33 7.64
C ILE C 58 -26.36 8.92 7.29
N GLN C 59 -25.08 8.78 6.93
CA GLN C 59 -24.47 7.51 6.57
C GLN C 59 -24.54 6.50 7.73
N SER C 60 -24.64 5.23 7.35
CA SER C 60 -24.71 4.00 8.13
C SER C 60 -23.76 3.14 7.34
N GLY D 1 -23.43 -6.01 14.93
CA GLY D 1 -22.30 -5.17 14.54
C GLY D 1 -22.65 -3.71 14.73
N SER D 2 -22.01 -2.85 13.92
CA SER D 2 -22.20 -1.40 13.92
C SER D 2 -21.39 -0.81 12.77
N ASP D 3 -20.09 -1.14 12.73
CA ASP D 3 -19.10 -0.71 11.75
C ASP D 3 -18.99 0.81 11.75
N GLU D 4 -18.47 1.32 12.87
CA GLU D 4 -18.27 2.74 13.20
C GLU D 4 -16.80 3.12 13.40
N ASP D 5 -15.84 2.18 13.37
CA ASP D 5 -14.41 2.48 13.57
C ASP D 5 -13.76 2.97 12.27
N THR D 6 -14.52 3.63 11.40
CA THR D 6 -14.10 4.16 10.12
C THR D 6 -12.88 5.07 10.27
N TYR D 7 -11.93 4.94 9.35
CA TYR D 7 -10.72 5.74 9.34
C TYR D 7 -10.85 6.76 8.22
N TYR D 8 -10.29 7.93 8.47
CA TYR D 8 -10.29 9.06 7.58
C TYR D 8 -8.85 9.56 7.48
N LEU D 9 -8.43 10.02 6.30
CA LEU D 9 -7.06 10.53 6.08
C LEU D 9 -7.08 11.68 5.10
N GLN D 10 -6.08 12.54 5.21
CA GLN D 10 -5.86 13.73 4.37
C GLN D 10 -4.34 13.91 4.19
N VAL D 11 -3.80 13.63 2.99
CA VAL D 11 -2.39 13.73 2.57
C VAL D 11 -2.40 13.92 1.03
N ARG D 12 -1.40 14.56 0.41
CA ARG D 12 -1.38 14.72 -1.05
C ARG D 12 -0.07 14.19 -1.68
N GLY D 13 -0.16 13.02 -2.29
CA GLY D 13 0.93 12.37 -2.99
C GLY D 13 0.32 11.75 -4.23
N ARG D 14 0.75 12.11 -5.43
CA ARG D 14 0.19 11.56 -6.66
C ARG D 14 0.32 10.03 -6.71
N LYS D 15 1.55 9.53 -6.58
CA LYS D 15 1.82 8.09 -6.61
C LYS D 15 1.22 7.45 -5.37
N ASN D 16 1.50 8.03 -4.20
CA ASN D 16 1.04 7.52 -2.91
C ASN D 16 -0.47 7.27 -2.93
N PHE D 17 -1.26 8.26 -3.34
CA PHE D 17 -2.70 8.13 -3.42
C PHE D 17 -3.12 7.03 -4.39
N GLU D 18 -2.61 7.02 -5.64
CA GLU D 18 -3.01 6.01 -6.62
C GLU D 18 -2.71 4.59 -6.12
N ILE D 19 -1.51 4.39 -5.59
CA ILE D 19 -1.05 3.12 -5.04
C ILE D 19 -1.94 2.72 -3.88
N LEU D 20 -2.05 3.57 -2.84
CA LEU D 20 -2.86 3.29 -1.66
C LEU D 20 -4.29 2.99 -2.08
N MET D 21 -4.87 3.81 -2.94
CA MET D 21 -6.23 3.66 -3.44
C MET D 21 -6.41 2.29 -4.11
N LYS D 22 -5.46 1.84 -4.95
CA LYS D 22 -5.60 0.53 -5.58
C LYS D 22 -5.61 -0.53 -4.50
N LEU D 23 -4.59 -0.52 -3.64
CA LEU D 23 -4.46 -1.50 -2.56
C LEU D 23 -5.64 -1.48 -1.60
N LYS D 24 -6.30 -0.33 -1.42
CA LYS D 24 -7.44 -0.16 -0.55
C LYS D 24 -8.59 -1.00 -1.09
N GLU D 25 -9.04 -0.73 -2.32
CA GLU D 25 -10.14 -1.48 -2.92
C GLU D 25 -9.76 -2.95 -3.10
N SER D 26 -8.54 -3.27 -3.52
CA SER D 26 -8.12 -4.65 -3.72
C SER D 26 -8.23 -5.47 -2.42
N LEU D 27 -7.72 -4.96 -1.31
CA LEU D 27 -7.78 -5.68 -0.03
C LEU D 27 -9.22 -5.68 0.46
N GLU D 28 -9.96 -4.57 0.36
CA GLU D 28 -11.36 -4.51 0.81
C GLU D 28 -12.20 -5.56 0.08
N LEU D 29 -12.04 -5.67 -1.24
CA LEU D 29 -12.77 -6.63 -2.04
C LEU D 29 -12.31 -8.04 -1.66
N MET D 30 -11.01 -8.26 -1.40
CA MET D 30 -10.47 -9.56 -0.99
C MET D 30 -10.97 -9.94 0.42
N GLU D 31 -11.24 -8.96 1.27
CA GLU D 31 -11.73 -9.10 2.63
C GLU D 31 -13.22 -9.46 2.60
N LEU D 32 -13.96 -9.02 1.57
CA LEU D 32 -15.40 -9.28 1.41
C LEU D 32 -15.67 -10.62 0.72
N VAL D 33 -14.81 -11.06 -0.20
CA VAL D 33 -15.00 -12.32 -0.91
C VAL D 33 -14.26 -13.45 -0.20
N PRO D 34 -14.78 -14.68 -0.25
CA PRO D 34 -14.11 -15.80 0.38
C PRO D 34 -12.84 -16.11 -0.44
N GLN D 35 -12.07 -17.13 -0.03
CA GLN D 35 -10.84 -17.53 -0.70
C GLN D 35 -10.98 -18.93 -1.36
N PRO D 36 -11.89 -19.13 -2.34
CA PRO D 36 -12.09 -20.41 -3.01
C PRO D 36 -10.90 -20.71 -3.94
N LEU D 37 -10.82 -20.04 -5.10
CA LEU D 37 -9.71 -20.28 -6.00
C LEU D 37 -8.42 -19.81 -5.33
N VAL D 38 -8.48 -18.80 -4.47
CA VAL D 38 -7.32 -18.27 -3.76
C VAL D 38 -6.62 -19.38 -2.98
N ASP D 39 -7.30 -20.16 -2.14
CA ASP D 39 -6.68 -21.25 -1.36
C ASP D 39 -6.22 -22.37 -2.30
N SER D 40 -7.08 -22.75 -3.24
CA SER D 40 -6.82 -23.81 -4.19
C SER D 40 -5.51 -23.53 -4.93
N TYR D 41 -5.40 -22.30 -5.45
CA TYR D 41 -4.26 -21.81 -6.19
C TYR D 41 -3.06 -21.68 -5.26
N ARG D 42 -3.22 -21.18 -4.03
CA ARG D 42 -2.07 -21.04 -3.13
C ARG D 42 -1.39 -22.38 -2.92
N GLN D 43 -2.12 -23.45 -2.63
CA GLN D 43 -1.49 -24.75 -2.42
C GLN D 43 -0.88 -25.26 -3.73
N GLN D 44 -1.55 -25.04 -4.86
CA GLN D 44 -1.13 -25.42 -6.20
C GLN D 44 0.16 -24.70 -6.62
N GLN D 45 0.33 -23.45 -6.18
CA GLN D 45 1.49 -22.61 -6.45
C GLN D 45 2.60 -23.00 -5.47
N GLN D 46 2.28 -23.20 -4.19
CA GLN D 46 3.23 -23.57 -3.15
C GLN D 46 3.93 -24.88 -3.52
N LEU D 47 3.26 -25.80 -4.24
CA LEU D 47 3.84 -27.06 -4.69
C LEU D 47 5.09 -26.85 -5.55
N LEU D 48 5.24 -25.66 -6.15
CA LEU D 48 6.39 -25.31 -6.98
C LEU D 48 7.61 -24.95 -6.15
N GLN D 49 7.51 -24.86 -4.82
CA GLN D 49 8.60 -24.50 -3.91
C GLN D 49 8.83 -25.63 -2.90
N ARG D 50 10.02 -25.60 -2.31
CA ARG D 50 10.44 -26.54 -1.29
C ARG D 50 10.03 -25.96 0.06
N SER A 1 17.71 -16.66 13.57
CA SER A 1 17.08 -17.14 12.33
C SER A 1 15.87 -16.28 11.93
N ASP A 2 15.80 -15.03 12.41
CA ASP A 2 14.72 -14.07 12.11
C ASP A 2 15.22 -13.05 11.07
N ASP A 3 16.25 -13.44 10.34
CA ASP A 3 16.94 -12.70 9.30
C ASP A 3 17.03 -13.60 8.07
N GLU A 4 16.09 -14.54 7.93
CA GLU A 4 16.04 -15.47 6.82
C GLU A 4 15.72 -14.68 5.56
N LEU A 5 16.32 -15.06 4.43
CA LEU A 5 16.12 -14.40 3.15
C LEU A 5 14.94 -15.07 2.44
N LEU A 6 13.91 -14.30 2.12
CA LEU A 6 12.71 -14.76 1.44
C LEU A 6 12.76 -14.24 0.00
N TYR A 7 11.94 -14.82 -0.88
CA TYR A 7 11.82 -14.47 -2.29
C TYR A 7 10.33 -14.34 -2.59
N LEU A 8 9.94 -13.42 -3.46
CA LEU A 8 8.54 -13.20 -3.82
C LEU A 8 8.40 -13.11 -5.35
N PRO A 9 8.04 -14.20 -6.05
CA PRO A 9 7.90 -14.20 -7.52
C PRO A 9 6.60 -13.53 -7.99
N VAL A 10 6.65 -12.55 -8.90
CA VAL A 10 5.47 -11.85 -9.44
C VAL A 10 5.70 -11.47 -10.90
N ARG A 11 4.66 -11.44 -11.73
CA ARG A 11 4.73 -11.03 -13.14
C ARG A 11 3.55 -10.10 -13.44
N GLY A 12 3.80 -8.80 -13.48
CA GLY A 12 2.85 -7.72 -13.76
C GLY A 12 3.71 -6.49 -13.99
N ARG A 13 3.73 -5.84 -15.16
CA ARG A 13 4.60 -4.67 -15.35
C ARG A 13 4.19 -3.51 -14.45
N GLU A 14 2.91 -3.11 -14.44
CA GLU A 14 2.44 -2.00 -13.60
C GLU A 14 2.64 -2.34 -12.10
N THR A 15 2.44 -3.61 -11.77
CA THR A 15 2.62 -4.11 -10.41
C THR A 15 4.10 -3.94 -10.04
N TYR A 16 5.05 -4.38 -10.87
CA TYR A 16 6.47 -4.24 -10.56
C TYR A 16 6.87 -2.77 -10.36
N GLU A 17 6.28 -1.83 -11.10
CA GLU A 17 6.59 -0.41 -10.93
C GLU A 17 6.27 -0.02 -9.48
N MET A 18 5.01 -0.23 -9.05
CA MET A 18 4.65 0.14 -7.68
C MET A 18 5.42 -0.67 -6.63
N LEU A 19 5.66 -1.96 -6.88
CA LEU A 19 6.35 -2.86 -5.97
C LEU A 19 7.78 -2.42 -5.74
N LEU A 20 8.59 -2.23 -6.78
CA LEU A 20 9.99 -1.83 -6.59
C LEU A 20 10.08 -0.49 -5.87
N GLU A 21 9.36 0.53 -6.40
CA GLU A 21 9.38 1.87 -5.84
C GLU A 21 8.97 1.89 -4.36
N ILE A 22 7.89 1.23 -3.99
CA ILE A 22 7.43 1.20 -2.60
C ILE A 22 8.40 0.38 -1.75
N LYS A 23 8.79 -0.81 -2.21
CA LYS A 23 9.71 -1.71 -1.49
C LYS A 23 10.96 -0.95 -1.12
N GLU A 24 11.61 -0.34 -2.11
CA GLU A 24 12.83 0.41 -1.94
C GLU A 24 12.69 1.59 -0.99
N SER A 25 11.52 2.26 -0.98
CA SER A 25 11.30 3.39 -0.09
C SER A 25 11.25 2.92 1.37
N LEU A 26 10.55 1.79 1.64
CA LEU A 26 10.41 1.22 2.96
C LEU A 26 11.75 0.72 3.45
N GLU A 27 12.53 0.08 2.58
CA GLU A 27 13.86 -0.42 2.93
C GLU A 27 14.66 0.75 3.48
N LEU A 28 14.76 1.85 2.74
CA LEU A 28 15.49 3.05 3.12
C LEU A 28 14.98 3.66 4.42
N MET A 29 13.69 3.99 4.45
CA MET A 29 13.01 4.62 5.58
C MET A 29 13.19 3.83 6.88
N GLN A 30 13.30 2.49 6.83
CA GLN A 30 13.49 1.67 8.01
C GLN A 30 14.99 1.48 8.32
N TYR A 31 15.83 1.25 7.31
CA TYR A 31 17.27 1.05 7.49
C TYR A 31 18.01 2.31 7.90
N LEU A 32 17.46 3.50 7.64
CA LEU A 32 18.06 4.77 7.97
C LEU A 32 17.05 5.70 8.67
N PRO A 33 16.75 5.46 9.97
CA PRO A 33 15.82 6.28 10.73
C PRO A 33 16.41 7.68 11.02
N GLN A 34 16.31 8.57 10.03
CA GLN A 34 16.76 9.95 10.13
C GLN A 34 15.79 10.66 11.06
N HIS A 35 16.22 11.73 11.74
CA HIS A 35 15.34 12.46 12.66
C HIS A 35 14.16 13.05 11.89
N THR A 36 14.27 13.25 10.58
CA THR A 36 13.20 13.76 9.73
C THR A 36 12.05 12.75 9.81
N ILE A 37 12.33 11.45 9.57
CA ILE A 37 11.35 10.37 9.62
C ILE A 37 10.68 10.37 11.00
N GLU A 38 11.48 10.43 12.07
CA GLU A 38 10.98 10.41 13.44
C GLU A 38 10.05 11.59 13.75
N THR A 39 10.54 12.81 13.60
CA THR A 39 9.79 14.03 13.89
C THR A 39 8.53 14.13 13.03
N TYR A 40 8.65 13.96 11.71
CA TYR A 40 7.52 14.04 10.81
C TYR A 40 6.46 12.99 11.15
N ARG A 41 6.85 11.80 11.59
CA ARG A 41 5.89 10.77 11.96
C ARG A 41 5.13 11.23 13.19
N GLN A 42 5.85 11.70 14.21
CA GLN A 42 5.25 12.17 15.45
C GLN A 42 4.29 13.32 15.17
N GLN A 43 4.68 14.30 14.35
CA GLN A 43 3.83 15.43 14.02
C GLN A 43 2.58 14.96 13.27
N GLN A 44 2.72 14.15 12.23
CA GLN A 44 1.59 13.63 11.46
C GLN A 44 0.62 12.87 12.39
N GLN A 45 1.13 12.08 13.33
CA GLN A 45 0.31 11.34 14.26
C GLN A 45 -0.43 12.31 15.20
N GLN A 46 0.29 13.26 15.82
CA GLN A 46 -0.32 14.23 16.72
C GLN A 46 -1.35 15.09 15.97
N GLN A 47 -1.07 15.45 14.72
CA GLN A 47 -1.96 16.23 13.88
C GLN A 47 -3.28 15.48 13.74
N HIS A 48 -3.25 14.14 13.61
CA HIS A 48 -4.46 13.35 13.49
C HIS A 48 -5.34 13.49 14.74
N GLN A 49 -4.78 13.83 15.91
CA GLN A 49 -5.58 14.01 17.12
C GLN A 49 -6.40 15.29 16.94
N HIS A 50 -5.77 16.36 16.43
CA HIS A 50 -6.38 17.66 16.17
C HIS A 50 -7.15 17.73 14.85
N LEU A 51 -7.28 16.63 14.09
CA LEU A 51 -7.98 16.62 12.81
C LEU A 51 -9.44 17.10 12.95
N LEU A 52 -10.04 16.90 14.12
CA LEU A 52 -11.41 17.31 14.41
C LEU A 52 -11.54 18.84 14.48
N GLN A 53 -10.44 19.60 14.48
CA GLN A 53 -10.46 21.06 14.56
C GLN A 53 -10.36 21.70 13.17
N LYS A 54 -10.28 23.03 13.12
CA LYS A 54 -10.17 23.77 11.86
C LYS A 54 -8.88 23.35 11.17
N GLN A 55 -8.90 23.22 9.84
CA GLN A 55 -7.75 22.80 9.05
C GLN A 55 -7.85 23.31 7.60
N THR A 56 -7.25 24.46 7.29
CA THR A 56 -7.28 25.02 5.93
C THR A 56 -5.92 25.61 5.58
N SER A 57 -5.47 25.42 4.34
CA SER A 57 -4.20 25.90 3.82
C SER A 57 -4.24 27.42 3.61
N ILE A 58 -3.59 28.19 4.48
CA ILE A 58 -3.53 29.65 4.39
C ILE A 58 -2.12 30.07 4.85
N GLN A 59 -1.73 31.30 4.57
CA GLN A 59 -0.45 31.89 4.95
C GLN A 59 -0.70 33.38 5.22
N SER A 60 0.10 34.00 6.08
CA SER A 60 0.00 35.41 6.43
C SER A 60 1.34 35.81 7.02
N GLY B 1 -6.08 24.75 -11.70
CA GLY B 1 -6.53 23.36 -11.63
C GLY B 1 -5.36 22.42 -11.79
N SER B 2 -5.03 21.69 -10.73
CA SER B 2 -3.91 20.75 -10.72
C SER B 2 -4.42 19.32 -10.54
N ASP B 3 -5.61 19.12 -9.94
CA ASP B 3 -6.21 17.81 -9.69
C ASP B 3 -5.32 16.93 -8.80
N GLU B 4 -4.53 17.63 -7.98
CA GLU B 4 -3.56 17.16 -7.02
C GLU B 4 -3.67 18.00 -5.74
N ASP B 5 -4.79 18.69 -5.51
CA ASP B 5 -5.06 19.55 -4.35
C ASP B 5 -4.76 18.78 -3.06
N THR B 6 -5.66 17.85 -2.72
CA THR B 6 -5.65 16.92 -1.59
C THR B 6 -6.61 15.79 -1.98
N TYR B 7 -6.35 14.56 -1.54
CA TYR B 7 -7.19 13.40 -1.78
C TYR B 7 -7.59 12.93 -0.38
N TYR B 8 -8.89 12.72 -0.18
CA TYR B 8 -9.50 12.32 1.06
C TYR B 8 -9.98 10.86 0.97
N LEU B 9 -10.02 10.12 2.09
CA LEU B 9 -10.48 8.74 2.13
C LEU B 9 -11.12 8.46 3.48
N GLN B 10 -12.08 7.52 3.50
CA GLN B 10 -12.85 7.11 4.68
C GLN B 10 -13.17 5.61 4.61
N VAL B 11 -12.51 4.75 5.39
CA VAL B 11 -12.71 3.28 5.40
C VAL B 11 -12.30 2.73 6.78
N ARG B 12 -12.87 1.61 7.26
CA ARG B 12 -12.47 1.02 8.54
C ARG B 12 -11.81 -0.35 8.34
N GLY B 13 -10.47 -0.39 8.42
CA GLY B 13 -9.70 -1.62 8.31
C GLY B 13 -8.53 -1.54 9.28
N ARG B 14 -8.45 -2.32 10.36
CA ARG B 14 -7.31 -2.21 11.29
C ARG B 14 -5.96 -2.49 10.62
N LYS B 15 -5.79 -3.67 10.02
CA LYS B 15 -4.53 -4.03 9.37
C LYS B 15 -4.30 -3.17 8.14
N ASN B 16 -5.37 -2.96 7.36
CA ASN B 16 -5.31 -2.18 6.14
C ASN B 16 -4.82 -0.76 6.44
N PHE B 17 -5.38 -0.08 7.45
CA PHE B 17 -4.98 1.27 7.80
C PHE B 17 -3.51 1.29 8.26
N GLU B 18 -3.09 0.34 9.10
CA GLU B 18 -1.72 0.28 9.59
C GLU B 18 -0.72 0.20 8.44
N ILE B 19 -0.91 -0.79 7.56
CA ILE B 19 -0.05 -1.04 6.42
C ILE B 19 -0.03 0.19 5.50
N LEU B 20 -1.22 0.65 5.08
CA LEU B 20 -1.35 1.79 4.18
C LEU B 20 -0.72 3.04 4.75
N MET B 21 -1.04 3.45 6.00
CA MET B 21 -0.49 4.66 6.60
C MET B 21 1.03 4.53 6.78
N LYS B 22 1.53 3.39 7.28
CA LYS B 22 2.97 3.22 7.47
C LYS B 22 3.69 3.51 6.15
N LEU B 23 3.25 2.87 5.07
CA LEU B 23 3.83 3.02 3.75
C LEU B 23 3.47 4.38 3.12
N LYS B 24 2.38 5.04 3.52
CA LYS B 24 1.95 6.34 2.99
C LYS B 24 3.03 7.35 3.34
N GLU B 25 3.23 7.49 4.64
CA GLU B 25 4.21 8.39 5.22
C GLU B 25 5.60 8.02 4.67
N SER B 26 5.89 6.72 4.52
CA SER B 26 7.17 6.25 4.00
C SER B 26 7.46 6.84 2.62
N LEU B 27 6.49 6.85 1.71
CA LEU B 27 6.68 7.38 0.38
C LEU B 27 6.83 8.89 0.42
N GLU B 28 6.02 9.63 1.21
CA GLU B 28 6.19 11.09 1.22
C GLU B 28 7.56 11.45 1.80
N LEU B 29 8.03 10.70 2.80
CA LEU B 29 9.34 10.93 3.40
C LEU B 29 10.40 10.61 2.36
N MET B 30 10.31 9.47 1.67
CA MET B 30 11.25 9.08 0.63
C MET B 30 11.25 10.06 -0.53
N GLU B 31 10.12 10.70 -0.84
CA GLU B 31 10.04 11.69 -1.91
C GLU B 31 10.72 12.99 -1.48
N LEU B 32 10.67 13.35 -0.19
CA LEU B 32 11.28 14.57 0.32
C LEU B 32 12.79 14.42 0.62
N VAL B 33 13.24 13.25 1.07
CA VAL B 33 14.65 13.00 1.38
C VAL B 33 15.31 12.38 0.14
N PRO B 34 16.60 12.61 -0.11
CA PRO B 34 17.23 12.04 -1.28
C PRO B 34 17.43 10.52 -1.09
N GLN B 35 17.86 9.86 -2.16
CA GLN B 35 18.09 8.43 -2.23
C GLN B 35 19.58 7.99 -2.39
N PRO B 36 20.59 8.59 -1.71
CA PRO B 36 21.97 8.17 -1.88
C PRO B 36 22.20 6.73 -1.38
N LEU B 37 21.75 6.39 -0.18
CA LEU B 37 21.92 5.03 0.34
C LEU B 37 21.17 4.05 -0.56
N VAL B 38 20.02 4.43 -1.10
CA VAL B 38 19.21 3.60 -1.99
C VAL B 38 20.03 3.19 -3.21
N ASP B 39 20.72 4.15 -3.84
CA ASP B 39 21.52 3.90 -5.03
C ASP B 39 22.64 2.90 -4.71
N SER B 40 23.40 3.16 -3.64
CA SER B 40 24.51 2.29 -3.24
C SER B 40 24.00 0.89 -2.87
N TYR B 41 22.93 0.79 -2.08
CA TYR B 41 22.33 -0.45 -1.64
C TYR B 41 21.85 -1.22 -2.86
N ARG B 42 21.10 -0.58 -3.76
CA ARG B 42 20.60 -1.21 -4.98
C ARG B 42 21.76 -1.78 -5.76
N GLN B 43 22.83 -1.01 -5.97
CA GLN B 43 24.00 -1.47 -6.71
C GLN B 43 24.62 -2.73 -6.05
N GLN B 44 24.95 -2.67 -4.75
CA GLN B 44 25.55 -3.83 -4.10
C GLN B 44 24.62 -5.04 -4.10
N GLN B 45 23.32 -4.82 -3.99
CA GLN B 45 22.32 -5.89 -3.99
C GLN B 45 22.15 -6.45 -5.41
N GLN B 46 22.26 -5.64 -6.47
CA GLN B 46 22.14 -6.12 -7.85
C GLN B 46 23.26 -7.13 -8.09
N LEU B 47 24.46 -6.88 -7.54
CA LEU B 47 25.60 -7.79 -7.68
C LEU B 47 25.37 -9.13 -6.95
N LEU B 48 24.35 -9.24 -6.09
CA LEU B 48 24.03 -10.47 -5.38
C LEU B 48 23.48 -11.47 -6.40
N GLN B 49 22.65 -11.01 -7.33
CA GLN B 49 22.03 -11.79 -8.38
C GLN B 49 23.05 -12.27 -9.41
N ARG B 50 22.59 -13.08 -10.36
CA ARG B 50 23.36 -13.67 -11.45
C ARG B 50 22.53 -13.51 -12.70
N SER C 1 7.09 -9.91 -25.06
CA SER C 1 7.58 -10.59 -23.85
C SER C 1 7.30 -9.68 -22.67
N ASP C 2 6.04 -9.59 -22.23
CA ASP C 2 5.64 -8.70 -21.13
C ASP C 2 5.38 -9.47 -19.83
N ASP C 3 5.01 -10.75 -19.94
CA ASP C 3 4.73 -11.64 -18.81
C ASP C 3 6.05 -12.23 -18.28
N GLU C 4 7.11 -11.42 -18.24
CA GLU C 4 8.42 -11.82 -17.75
C GLU C 4 8.29 -12.13 -16.27
N LEU C 5 8.96 -13.20 -15.82
CA LEU C 5 8.93 -13.61 -14.41
C LEU C 5 10.02 -12.84 -13.66
N LEU C 6 9.64 -12.13 -12.60
CA LEU C 6 10.57 -11.39 -11.75
C LEU C 6 10.46 -11.99 -10.35
N TYR C 7 11.38 -11.60 -9.46
CA TYR C 7 11.44 -12.04 -8.07
C TYR C 7 11.77 -10.83 -7.21
N LEU C 8 11.33 -10.85 -5.96
CA LEU C 8 11.58 -9.78 -5.01
C LEU C 8 12.36 -10.37 -3.82
N PRO C 9 13.69 -10.17 -3.78
CA PRO C 9 14.54 -10.67 -2.71
C PRO C 9 14.45 -9.73 -1.49
N VAL C 10 13.78 -10.14 -0.41
CA VAL C 10 13.62 -9.29 0.78
C VAL C 10 13.74 -10.15 2.06
N ARG C 11 14.27 -9.57 3.14
CA ARG C 11 14.40 -10.23 4.44
C ARG C 11 13.73 -9.30 5.44
N GLY C 12 12.51 -9.63 5.84
CA GLY C 12 11.68 -8.92 6.80
C GLY C 12 10.49 -9.79 7.16
N ARG C 13 10.25 -10.18 8.41
CA ARG C 13 9.10 -11.03 8.72
C ARG C 13 7.80 -10.27 8.48
N GLU C 14 7.68 -9.07 9.05
CA GLU C 14 6.48 -8.26 8.88
C GLU C 14 6.42 -7.80 7.42
N THR C 15 7.57 -7.46 6.83
CA THR C 15 7.67 -7.00 5.46
C THR C 15 7.17 -8.07 4.49
N TYR C 16 7.53 -9.35 4.67
CA TYR C 16 7.06 -10.39 3.75
C TYR C 16 5.57 -10.57 3.95
N GLU C 17 5.09 -10.52 5.20
CA GLU C 17 3.68 -10.70 5.49
C GLU C 17 2.82 -9.64 4.80
N MET C 18 3.12 -8.35 5.01
CA MET C 18 2.34 -7.29 4.37
C MET C 18 2.44 -7.38 2.85
N LEU C 19 3.58 -7.81 2.31
CA LEU C 19 3.76 -7.95 0.88
C LEU C 19 2.88 -9.09 0.39
N LEU C 20 2.88 -10.26 1.07
CA LEU C 20 2.07 -11.40 0.69
C LEU C 20 0.58 -11.05 0.80
N GLU C 21 0.16 -10.35 1.86
CA GLU C 21 -1.24 -9.98 2.09
C GLU C 21 -1.78 -9.17 0.90
N ILE C 22 -1.02 -8.15 0.47
CA ILE C 22 -1.40 -7.28 -0.63
C ILE C 22 -1.13 -7.93 -1.99
N LYS C 23 -0.10 -8.78 -2.10
CA LYS C 23 0.22 -9.45 -3.35
C LYS C 23 -0.92 -10.39 -3.67
N GLU C 24 -1.23 -11.30 -2.75
CA GLU C 24 -2.26 -12.31 -2.88
C GLU C 24 -3.64 -11.73 -3.15
N SER C 25 -4.06 -10.73 -2.37
CA SER C 25 -5.36 -10.12 -2.57
C SER C 25 -5.48 -9.47 -3.95
N LEU C 26 -4.50 -8.63 -4.34
CA LEU C 26 -4.51 -7.95 -5.62
C LEU C 26 -4.37 -8.96 -6.76
N GLU C 27 -3.53 -9.98 -6.60
CA GLU C 27 -3.32 -11.02 -7.60
C GLU C 27 -4.65 -11.64 -7.96
N LEU C 28 -5.39 -12.13 -6.97
CA LEU C 28 -6.68 -12.75 -7.22
C LEU C 28 -7.69 -11.75 -7.78
N MET C 29 -7.79 -10.56 -7.17
CA MET C 29 -8.70 -9.49 -7.58
C MET C 29 -8.48 -9.12 -9.05
N GLN C 30 -7.24 -9.21 -9.54
CA GLN C 30 -6.86 -8.89 -10.91
C GLN C 30 -6.89 -10.14 -11.81
N TYR C 31 -6.78 -11.36 -11.27
CA TYR C 31 -6.82 -12.61 -12.06
C TYR C 31 -8.28 -12.98 -12.34
N LEU C 32 -9.18 -12.70 -11.39
CA LEU C 32 -10.60 -12.96 -11.46
C LEU C 32 -11.33 -11.66 -11.09
N PRO C 33 -11.43 -10.70 -12.02
CA PRO C 33 -12.10 -9.42 -11.83
C PRO C 33 -13.62 -9.63 -11.85
N GLN C 34 -14.15 -10.36 -10.86
CA GLN C 34 -15.56 -10.69 -10.71
C GLN C 34 -16.41 -9.41 -10.67
N HIS C 35 -17.67 -9.53 -11.11
CA HIS C 35 -18.66 -8.46 -11.15
C HIS C 35 -18.78 -7.72 -9.82
N THR C 36 -18.60 -8.41 -8.70
CA THR C 36 -18.67 -7.84 -7.36
C THR C 36 -17.58 -6.75 -7.22
N ILE C 37 -16.32 -7.10 -7.55
CA ILE C 37 -15.16 -6.22 -7.48
C ILE C 37 -15.38 -5.03 -8.43
N GLU C 38 -15.95 -5.30 -9.60
CA GLU C 38 -16.23 -4.32 -10.65
C GLU C 38 -17.28 -3.28 -10.22
N THR C 39 -18.48 -3.73 -9.85
CA THR C 39 -19.58 -2.85 -9.42
C THR C 39 -19.16 -2.01 -8.21
N TYR C 40 -18.49 -2.63 -7.23
CA TYR C 40 -18.03 -1.95 -6.03
C TYR C 40 -17.08 -0.83 -6.42
N ARG C 41 -16.19 -1.02 -7.41
CA ARG C 41 -15.27 0.03 -7.83
C ARG C 41 -16.05 1.22 -8.37
N GLN C 42 -16.99 0.94 -9.27
CA GLN C 42 -17.81 1.96 -9.90
C GLN C 42 -18.57 2.77 -8.86
N GLN C 43 -19.37 2.11 -8.00
CA GLN C 43 -20.14 2.80 -6.97
C GLN C 43 -19.24 3.56 -6.01
N GLN C 44 -18.14 2.97 -5.53
CA GLN C 44 -17.23 3.61 -4.59
C GLN C 44 -16.54 4.86 -5.17
N GLN C 45 -16.23 4.88 -6.47
CA GLN C 45 -15.61 6.07 -7.07
C GLN C 45 -16.65 7.18 -7.08
N GLN C 46 -17.85 6.86 -7.60
CA GLN C 46 -18.96 7.79 -7.68
C GLN C 46 -19.35 8.30 -6.27
N GLN C 47 -19.24 7.46 -5.25
CA GLN C 47 -19.56 7.79 -3.86
C GLN C 47 -18.72 8.98 -3.39
N HIS C 48 -17.51 9.17 -3.94
CA HIS C 48 -16.65 10.28 -3.57
C HIS C 48 -17.29 11.62 -3.97
N GLN C 49 -18.10 11.68 -5.02
CA GLN C 49 -18.75 12.92 -5.45
C GLN C 49 -19.77 13.37 -4.39
N HIS C 50 -20.54 12.42 -3.86
CA HIS C 50 -21.54 12.68 -2.83
C HIS C 50 -20.91 12.87 -1.44
N LEU C 51 -19.58 12.71 -1.31
CA LEU C 51 -18.85 12.86 -0.05
C LEU C 51 -18.86 14.33 0.42
N LEU C 52 -19.11 15.28 -0.48
CA LEU C 52 -19.16 16.70 -0.08
C LEU C 52 -20.37 16.92 0.84
N GLN C 53 -21.40 16.07 0.74
CA GLN C 53 -22.61 16.13 1.53
C GLN C 53 -22.48 15.28 2.80
N LYS C 54 -23.48 15.40 3.68
CA LYS C 54 -23.56 14.69 4.94
C LYS C 54 -23.38 13.18 4.74
N GLN C 55 -22.68 12.54 5.68
CA GLN C 55 -22.38 11.12 5.70
C GLN C 55 -22.54 10.69 7.16
N THR C 56 -23.64 10.02 7.50
CA THR C 56 -23.90 9.59 8.87
C THR C 56 -24.60 8.23 8.85
N SER C 57 -23.93 7.20 9.37
CA SER C 57 -24.43 5.84 9.44
C SER C 57 -25.60 5.79 10.44
N ILE C 58 -26.81 5.67 9.93
CA ILE C 58 -28.06 5.56 10.66
C ILE C 58 -29.06 5.02 9.66
N GLN C 59 -29.93 4.12 10.10
CA GLN C 59 -30.96 3.49 9.30
C GLN C 59 -32.17 3.23 10.19
N SER C 60 -33.36 3.09 9.58
CA SER C 60 -34.60 2.81 10.29
C SER C 60 -35.35 1.71 9.56
N GLY D 1 -17.35 -1.26 19.24
CA GLY D 1 -16.86 -0.05 19.87
C GLY D 1 -15.54 -0.32 20.56
N SER D 2 -14.46 -0.26 19.79
CA SER D 2 -13.10 -0.51 20.24
C SER D 2 -12.25 0.63 19.70
N ASP D 3 -11.83 0.53 18.43
CA ASP D 3 -11.03 1.50 17.69
C ASP D 3 -11.04 1.07 16.22
N GLU D 4 -12.18 0.59 15.73
CA GLU D 4 -12.38 0.11 14.37
C GLU D 4 -13.57 0.84 13.74
N ASP D 5 -13.88 2.06 14.21
CA ASP D 5 -14.98 2.90 13.73
C ASP D 5 -14.85 3.21 12.24
N THR D 6 -14.04 4.20 11.87
CA THR D 6 -13.72 4.64 10.51
C THR D 6 -12.40 5.42 10.61
N TYR D 7 -11.48 5.25 9.65
CA TYR D 7 -10.23 5.98 9.63
C TYR D 7 -10.31 6.89 8.40
N TYR D 8 -10.00 8.15 8.62
CA TYR D 8 -10.01 9.28 7.71
C TYR D 8 -8.58 9.67 7.33
N LEU D 9 -8.32 10.00 6.05
CA LEU D 9 -6.99 10.36 5.57
C LEU D 9 -7.04 11.56 4.65
N GLN D 10 -6.01 12.42 4.68
CA GLN D 10 -5.88 13.66 3.90
C GLN D 10 -4.42 13.86 3.46
N VAL D 11 -4.06 13.55 2.20
CA VAL D 11 -2.69 13.69 1.67
C VAL D 11 -2.74 13.95 0.15
N ARG D 12 -1.77 14.64 -0.46
CA ARG D 12 -1.79 14.86 -1.91
C ARG D 12 -0.64 14.19 -2.65
N GLY D 13 -0.89 13.05 -3.29
CA GLY D 13 0.08 12.30 -4.07
C GLY D 13 -0.65 11.71 -5.28
N ARG D 14 -0.31 12.05 -6.52
CA ARG D 14 -1.02 11.50 -7.69
C ARG D 14 -0.76 9.99 -7.82
N LYS D 15 0.50 9.56 -7.92
CA LYS D 15 0.88 8.15 -8.03
C LYS D 15 0.45 7.41 -6.78
N ASN D 16 0.74 8.03 -5.64
CA ASN D 16 0.45 7.48 -4.34
C ASN D 16 -1.04 7.21 -4.18
N PHE D 17 -1.94 8.16 -4.45
CA PHE D 17 -3.38 7.93 -4.29
C PHE D 17 -3.86 6.79 -5.19
N GLU D 18 -3.43 6.79 -6.45
CA GLU D 18 -3.79 5.78 -7.44
C GLU D 18 -3.56 4.38 -6.87
N ILE D 19 -2.33 4.14 -6.40
CA ILE D 19 -1.90 2.87 -5.84
C ILE D 19 -2.64 2.58 -4.54
N LEU D 20 -2.64 3.53 -3.59
CA LEU D 20 -3.28 3.40 -2.28
C LEU D 20 -4.72 2.96 -2.41
N MET D 21 -5.53 3.65 -3.21
CA MET D 21 -6.94 3.30 -3.37
C MET D 21 -7.10 1.93 -4.02
N LYS D 22 -6.33 1.62 -5.07
CA LYS D 22 -6.39 0.34 -5.76
C LYS D 22 -6.19 -0.79 -4.75
N LEU D 23 -5.12 -0.70 -3.97
CA LEU D 23 -4.79 -1.71 -2.96
C LEU D 23 -5.81 -1.73 -1.83
N LYS D 24 -6.21 -0.57 -1.30
CA LYS D 24 -7.17 -0.49 -0.20
C LYS D 24 -8.45 -1.23 -0.52
N GLU D 25 -9.16 -0.83 -1.59
CA GLU D 25 -10.39 -1.52 -1.93
C GLU D 25 -10.12 -2.97 -2.31
N SER D 26 -8.97 -3.31 -2.90
CA SER D 26 -8.68 -4.70 -3.26
C SER D 26 -8.69 -5.57 -2.00
N LEU D 27 -8.16 -5.07 -0.88
CA LEU D 27 -8.11 -5.81 0.37
C LEU D 27 -9.50 -5.86 1.00
N GLU D 28 -10.28 -4.78 0.92
CA GLU D 28 -11.63 -4.70 1.47
C GLU D 28 -12.52 -5.71 0.73
N LEU D 29 -12.38 -5.77 -0.60
CA LEU D 29 -13.12 -6.68 -1.45
C LEU D 29 -12.68 -8.10 -1.13
N MET D 30 -11.38 -8.36 -1.07
CA MET D 30 -10.82 -9.68 -0.73
C MET D 30 -11.29 -10.13 0.67
N GLU D 31 -11.68 -9.20 1.53
CA GLU D 31 -12.16 -9.53 2.87
C GLU D 31 -13.58 -10.10 2.73
N LEU D 32 -14.43 -9.43 1.95
CA LEU D 32 -15.81 -9.82 1.72
C LEU D 32 -15.95 -11.07 0.84
N VAL D 33 -15.06 -11.30 -0.14
CA VAL D 33 -15.16 -12.47 -1.01
C VAL D 33 -14.34 -13.63 -0.44
N PRO D 34 -14.75 -14.89 -0.63
CA PRO D 34 -14.00 -16.03 -0.13
C PRO D 34 -12.72 -16.16 -0.96
N GLN D 35 -11.82 -17.08 -0.60
CA GLN D 35 -10.54 -17.29 -1.28
C GLN D 35 -10.28 -18.72 -1.84
N PRO D 36 -11.24 -19.39 -2.50
CA PRO D 36 -11.05 -20.74 -3.05
C PRO D 36 -9.95 -20.80 -4.12
N LEU D 37 -9.99 -19.89 -5.10
CA LEU D 37 -8.99 -19.87 -6.17
C LEU D 37 -7.62 -19.53 -5.58
N VAL D 38 -7.55 -18.81 -4.45
CA VAL D 38 -6.28 -18.46 -3.81
C VAL D 38 -5.66 -19.75 -3.30
N ASP D 39 -6.42 -20.61 -2.60
CA ASP D 39 -5.91 -21.88 -2.07
C ASP D 39 -5.32 -22.71 -3.22
N SER D 40 -6.04 -22.75 -4.35
CA SER D 40 -5.59 -23.48 -5.53
C SER D 40 -4.30 -22.85 -6.09
N TYR D 41 -4.28 -21.53 -6.25
CA TYR D 41 -3.14 -20.79 -6.77
C TYR D 41 -1.91 -21.00 -5.86
N ARG D 42 -2.09 -20.98 -4.53
CA ARG D 42 -1.00 -21.18 -3.57
C ARG D 42 -0.38 -22.52 -3.85
N GLN D 43 -1.17 -23.58 -4.00
CA GLN D 43 -0.66 -24.92 -4.24
C GLN D 43 0.05 -25.01 -5.59
N GLN D 44 -0.55 -24.56 -6.70
CA GLN D 44 0.14 -24.65 -8.00
C GLN D 44 1.45 -23.87 -7.99
N GLN D 45 1.48 -22.67 -7.42
CA GLN D 45 2.68 -21.85 -7.39
C GLN D 45 3.72 -22.45 -6.43
N GLN D 46 3.31 -23.00 -5.30
CA GLN D 46 4.23 -23.61 -4.33
C GLN D 46 4.89 -24.84 -4.96
N LEU D 47 4.15 -25.65 -5.71
CA LEU D 47 4.71 -26.82 -6.38
C LEU D 47 5.71 -26.39 -7.46
N LEU D 48 5.55 -25.19 -8.02
CA LEU D 48 6.43 -24.63 -9.04
C LEU D 48 7.72 -24.14 -8.36
N GLN D 49 7.58 -23.52 -7.18
CA GLN D 49 8.64 -22.96 -6.35
C GLN D 49 9.65 -24.06 -5.99
N ARG D 50 10.94 -23.75 -6.04
CA ARG D 50 12.03 -24.67 -5.71
C ARG D 50 12.90 -24.02 -4.66
N SER A 1 18.44 -14.16 12.29
CA SER A 1 17.45 -15.23 12.16
C SER A 1 16.79 -15.11 10.80
N ASP A 2 15.89 -14.13 10.64
CA ASP A 2 15.11 -13.80 9.45
C ASP A 2 15.99 -13.27 8.31
N ASP A 3 17.31 -13.45 8.40
CA ASP A 3 18.34 -13.05 7.45
C ASP A 3 18.54 -14.13 6.37
N GLU A 4 17.62 -15.09 6.28
CA GLU A 4 17.69 -16.14 5.27
C GLU A 4 17.15 -15.54 3.99
N LEU A 5 18.04 -15.32 3.01
CA LEU A 5 17.68 -14.78 1.71
C LEU A 5 16.79 -15.80 1.02
N LEU A 6 15.50 -15.50 0.99
CA LEU A 6 14.46 -16.30 0.38
C LEU A 6 14.30 -15.79 -1.04
N TYR A 7 13.56 -16.53 -1.86
CA TYR A 7 13.29 -16.19 -3.24
C TYR A 7 11.78 -16.15 -3.40
N LEU A 8 11.27 -15.04 -3.95
CA LEU A 8 9.86 -14.78 -4.20
C LEU A 8 9.69 -14.67 -5.72
N PRO A 9 9.34 -15.76 -6.43
CA PRO A 9 9.15 -15.73 -7.87
C PRO A 9 7.81 -15.12 -8.29
N VAL A 10 7.83 -14.04 -9.08
CA VAL A 10 6.62 -13.34 -9.59
C VAL A 10 6.93 -12.80 -10.99
N ARG A 11 5.90 -12.58 -11.83
CA ARG A 11 6.06 -12.04 -13.18
C ARG A 11 4.99 -10.97 -13.47
N GLY A 12 5.37 -9.69 -13.39
CA GLY A 12 4.54 -8.52 -13.66
C GLY A 12 5.47 -7.31 -13.74
N ARG A 13 5.61 -6.61 -14.86
CA ARG A 13 6.51 -5.45 -14.93
C ARG A 13 6.18 -4.39 -13.88
N GLU A 14 4.91 -3.97 -13.83
CA GLU A 14 4.44 -2.98 -12.89
C GLU A 14 4.34 -3.56 -11.48
N THR A 15 4.03 -4.85 -11.36
CA THR A 15 3.92 -5.57 -10.10
C THR A 15 5.27 -5.52 -9.39
N TYR A 16 6.36 -5.72 -10.12
CA TYR A 16 7.70 -5.69 -9.56
C TYR A 16 8.02 -4.26 -9.14
N GLU A 17 7.89 -3.28 -10.04
CA GLU A 17 8.18 -1.88 -9.75
C GLU A 17 7.43 -1.35 -8.53
N MET A 18 6.09 -1.47 -8.55
CA MET A 18 5.23 -1.00 -7.48
C MET A 18 5.68 -1.58 -6.14
N LEU A 19 5.82 -2.90 -6.03
CA LEU A 19 6.22 -3.50 -4.77
C LEU A 19 7.67 -3.16 -4.40
N LEU A 20 8.56 -2.92 -5.36
CA LEU A 20 9.95 -2.58 -5.07
C LEU A 20 9.98 -1.21 -4.43
N GLU A 21 9.41 -0.19 -5.08
CA GLU A 21 9.37 1.18 -4.58
C GLU A 21 8.72 1.22 -3.19
N ILE A 22 7.66 0.44 -2.99
CA ILE A 22 6.95 0.37 -1.72
C ILE A 22 7.84 -0.28 -0.65
N LYS A 23 8.44 -1.46 -0.89
CA LYS A 23 9.29 -2.07 0.14
C LYS A 23 10.52 -1.23 0.40
N GLU A 24 11.05 -0.56 -0.62
CA GLU A 24 12.23 0.28 -0.53
C GLU A 24 11.97 1.48 0.35
N SER A 25 10.93 2.27 0.05
CA SER A 25 10.57 3.45 0.83
C SER A 25 10.39 3.07 2.31
N LEU A 26 9.77 1.91 2.57
CA LEU A 26 9.52 1.38 3.90
C LEU A 26 10.83 0.95 4.56
N GLU A 27 11.60 0.08 3.91
CA GLU A 27 12.87 -0.46 4.39
C GLU A 27 13.84 0.63 4.78
N LEU A 28 14.08 1.58 3.88
CA LEU A 28 14.99 2.68 4.10
C LEU A 28 14.50 3.53 5.27
N MET A 29 13.21 3.87 5.33
CA MET A 29 12.65 4.64 6.44
C MET A 29 12.84 3.86 7.75
N GLN A 30 12.61 2.55 7.75
CA GLN A 30 12.77 1.68 8.92
C GLN A 30 14.26 1.47 9.26
N TYR A 31 15.20 1.82 8.37
CA TYR A 31 16.64 1.67 8.60
C TYR A 31 17.34 2.98 8.97
N LEU A 32 16.85 4.14 8.51
CA LEU A 32 17.43 5.46 8.75
C LEU A 32 16.52 6.27 9.68
N PRO A 33 16.94 6.62 10.90
CA PRO A 33 16.10 7.39 11.81
C PRO A 33 15.72 8.76 11.25
N GLN A 34 16.65 9.40 10.54
CA GLN A 34 16.59 10.70 9.87
C GLN A 34 16.01 11.84 10.72
N HIS A 35 16.84 12.84 11.03
CA HIS A 35 16.45 14.00 11.83
C HIS A 35 15.21 14.70 11.30
N THR A 36 14.98 14.66 9.98
CA THR A 36 13.82 15.25 9.33
C THR A 36 12.57 14.46 9.75
N ILE A 37 12.61 13.12 9.72
CA ILE A 37 11.48 12.26 10.11
C ILE A 37 11.23 12.45 11.62
N GLU A 38 12.28 12.68 12.39
CA GLU A 38 12.23 12.92 13.84
C GLU A 38 11.26 14.08 14.04
N THR A 39 11.52 15.25 13.43
CA THR A 39 10.66 16.41 13.55
C THR A 39 9.31 16.23 12.86
N TYR A 40 9.29 15.79 11.59
CA TYR A 40 8.08 15.63 10.81
C TYR A 40 7.04 14.80 11.56
N ARG A 41 7.41 13.63 12.04
CA ARG A 41 6.50 12.76 12.76
C ARG A 41 6.10 13.34 14.11
N GLN A 42 7.06 13.84 14.90
CA GLN A 42 6.80 14.39 16.21
C GLN A 42 5.82 15.57 16.12
N GLN A 43 6.11 16.54 15.26
CA GLN A 43 5.26 17.70 15.05
C GLN A 43 3.91 17.24 14.50
N GLN A 44 3.87 16.28 13.58
CA GLN A 44 2.62 15.78 13.01
C GLN A 44 1.76 15.20 14.14
N GLN A 45 2.32 14.49 15.13
CA GLN A 45 1.56 13.93 16.25
C GLN A 45 0.95 15.09 17.05
N GLN A 46 1.81 16.05 17.44
CA GLN A 46 1.44 17.22 18.21
C GLN A 46 0.35 18.05 17.50
N GLN A 47 0.41 18.20 16.17
CA GLN A 47 -0.57 18.94 15.39
C GLN A 47 -1.83 18.10 15.18
N HIS A 48 -1.72 16.78 15.03
CA HIS A 48 -2.87 15.89 14.86
C HIS A 48 -3.83 16.01 16.04
N GLN A 49 -3.34 16.50 17.18
CA GLN A 49 -4.09 16.74 18.40
C GLN A 49 -5.28 17.65 18.06
N HIS A 50 -5.04 18.73 17.30
CA HIS A 50 -6.06 19.68 16.88
C HIS A 50 -6.65 19.31 15.52
N LEU A 51 -5.84 18.81 14.57
CA LEU A 51 -6.27 18.45 13.22
C LEU A 51 -7.38 17.41 13.19
N LEU A 52 -7.41 16.48 14.16
CA LEU A 52 -8.44 15.45 14.26
C LEU A 52 -9.59 15.90 15.16
N GLN A 53 -9.50 17.11 15.74
CA GLN A 53 -10.46 17.75 16.63
C GLN A 53 -10.96 16.69 17.64
N LYS A 54 -12.27 16.60 17.90
CA LYS A 54 -12.87 15.62 18.82
C LYS A 54 -13.99 15.00 17.99
N GLN A 55 -13.61 14.30 16.93
CA GLN A 55 -14.52 13.67 15.99
C GLN A 55 -14.12 12.26 15.55
N THR A 56 -12.99 11.69 15.99
CA THR A 56 -12.59 10.35 15.54
C THR A 56 -12.02 9.54 16.71
N SER A 57 -12.23 8.22 16.67
CA SER A 57 -11.80 7.25 17.65
C SER A 57 -10.36 6.82 17.39
N ILE A 58 -9.39 7.64 17.80
CA ILE A 58 -7.98 7.31 17.61
C ILE A 58 -7.58 6.06 18.39
N GLN A 59 -6.49 5.44 17.96
CA GLN A 59 -5.90 4.24 18.54
C GLN A 59 -5.38 4.54 19.95
N SER A 60 -5.24 3.50 20.77
CA SER A 60 -4.73 3.59 22.14
C SER A 60 -3.54 2.66 22.26
N GLY B 1 -2.76 26.77 -0.17
CA GLY B 1 -3.92 25.90 0.01
C GLY B 1 -3.63 24.51 -0.53
N SER B 2 -4.15 23.49 0.15
CA SER B 2 -4.01 22.09 -0.21
C SER B 2 -5.18 21.40 0.50
N ASP B 3 -6.40 21.65 0.00
CA ASP B 3 -7.63 21.10 0.56
C ASP B 3 -8.33 20.23 -0.48
N GLU B 4 -8.97 20.82 -1.50
CA GLU B 4 -9.68 20.02 -2.52
C GLU B 4 -8.71 19.19 -3.36
N ASP B 5 -7.53 19.77 -3.62
CA ASP B 5 -6.49 19.13 -4.41
C ASP B 5 -5.80 18.01 -3.62
N THR B 6 -5.95 17.98 -2.29
CA THR B 6 -5.37 16.95 -1.46
C THR B 6 -6.22 15.70 -1.65
N TYR B 7 -5.62 14.51 -1.52
CA TYR B 7 -6.38 13.30 -1.72
C TYR B 7 -6.75 12.71 -0.38
N TYR B 8 -8.04 12.43 -0.24
CA TYR B 8 -8.68 11.90 0.94
C TYR B 8 -9.03 10.42 0.68
N LEU B 9 -9.28 9.67 1.76
CA LEU B 9 -9.66 8.25 1.78
C LEU B 9 -10.50 8.06 3.04
N GLN B 10 -11.54 7.21 2.98
CA GLN B 10 -12.45 6.92 4.08
C GLN B 10 -12.86 5.44 3.99
N VAL B 11 -12.22 4.57 4.78
CA VAL B 11 -12.47 3.12 4.74
C VAL B 11 -12.14 2.47 6.09
N ARG B 12 -12.81 1.37 6.48
CA ARG B 12 -12.53 0.72 7.77
C ARG B 12 -12.00 -0.71 7.66
N GLY B 13 -10.70 -0.90 7.83
CA GLY B 13 -10.04 -2.19 7.80
C GLY B 13 -8.96 -2.16 8.86
N ARG B 14 -8.87 -3.13 9.77
CA ARG B 14 -7.85 -3.10 10.82
C ARG B 14 -6.45 -3.26 10.22
N LYS B 15 -6.20 -4.35 9.48
CA LYS B 15 -4.90 -4.59 8.85
C LYS B 15 -4.72 -3.60 7.71
N ASN B 16 -5.80 -3.33 6.98
CA ASN B 16 -5.80 -2.40 5.87
C ASN B 16 -5.23 -1.06 6.32
N PHE B 17 -5.61 -0.57 7.50
CA PHE B 17 -5.10 0.70 8.01
C PHE B 17 -3.67 0.57 8.51
N GLU B 18 -3.28 -0.50 9.23
CA GLU B 18 -1.89 -0.64 9.70
C GLU B 18 -0.91 -0.54 8.53
N ILE B 19 -1.14 -1.39 7.53
CA ILE B 19 -0.35 -1.51 6.33
C ILE B 19 -0.37 -0.20 5.55
N LEU B 20 -1.55 0.32 5.20
CA LEU B 20 -1.62 1.54 4.41
C LEU B 20 -1.07 2.76 5.15
N MET B 21 -1.17 2.86 6.48
CA MET B 21 -0.61 4.02 7.20
C MET B 21 0.90 3.92 7.12
N LYS B 22 1.44 2.76 7.52
CA LYS B 22 2.87 2.49 7.52
C LYS B 22 3.47 2.80 6.15
N LEU B 23 2.83 2.31 5.09
CA LEU B 23 3.28 2.53 3.74
C LEU B 23 3.13 4.00 3.31
N LYS B 24 1.95 4.61 3.40
CA LYS B 24 1.73 6.02 3.00
C LYS B 24 2.72 6.96 3.71
N GLU B 25 3.02 6.67 4.98
CA GLU B 25 3.94 7.42 5.79
C GLU B 25 5.34 7.28 5.20
N SER B 26 5.84 6.05 5.06
CA SER B 26 7.16 5.82 4.49
C SER B 26 7.29 6.45 3.09
N LEU B 27 6.21 6.49 2.29
CA LEU B 27 6.19 7.07 0.95
C LEU B 27 6.26 8.60 1.02
N GLU B 28 5.55 9.25 1.97
CA GLU B 28 5.58 10.71 2.09
C GLU B 28 7.00 11.15 2.44
N LEU B 29 7.60 10.45 3.41
CA LEU B 29 8.95 10.71 3.85
C LEU B 29 9.92 10.52 2.68
N MET B 30 9.79 9.41 1.94
CA MET B 30 10.60 9.10 0.76
C MET B 30 10.45 10.15 -0.35
N GLU B 31 9.31 10.84 -0.41
CA GLU B 31 9.03 11.87 -1.41
C GLU B 31 9.69 13.20 -1.07
N LEU B 32 9.44 13.73 0.13
CA LEU B 32 9.98 15.02 0.55
C LEU B 32 11.49 15.01 0.80
N VAL B 33 12.04 13.89 1.27
CA VAL B 33 13.46 13.73 1.57
C VAL B 33 14.15 13.10 0.36
N PRO B 34 15.43 13.41 0.09
CA PRO B 34 16.12 12.81 -1.04
C PRO B 34 16.38 11.34 -0.77
N GLN B 35 16.81 10.60 -1.80
CA GLN B 35 17.08 9.17 -1.74
C GLN B 35 18.57 8.81 -1.98
N PRO B 36 19.53 9.31 -1.15
CA PRO B 36 20.95 9.04 -1.33
C PRO B 36 21.42 7.61 -1.02
N LEU B 37 21.28 7.15 0.24
CA LEU B 37 21.72 5.80 0.58
C LEU B 37 20.87 4.80 -0.17
N VAL B 38 19.59 5.13 -0.40
CA VAL B 38 18.63 4.31 -1.11
C VAL B 38 19.26 3.87 -2.43
N ASP B 39 19.75 4.83 -3.22
CA ASP B 39 20.36 4.55 -4.51
C ASP B 39 21.67 3.76 -4.39
N SER B 40 22.62 4.21 -3.56
CA SER B 40 23.89 3.50 -3.43
C SER B 40 23.70 2.05 -2.96
N TYR B 41 22.80 1.83 -2.01
CA TYR B 41 22.48 0.52 -1.45
C TYR B 41 21.79 -0.35 -2.49
N ARG B 42 20.71 0.14 -3.13
CA ARG B 42 20.01 -0.68 -4.12
C ARG B 42 20.97 -1.04 -5.25
N GLN B 43 21.84 -0.15 -5.71
CA GLN B 43 22.78 -0.44 -6.78
C GLN B 43 23.77 -1.53 -6.33
N GLN B 44 24.48 -1.33 -5.21
CA GLN B 44 25.44 -2.32 -4.73
C GLN B 44 24.76 -3.69 -4.51
N GLN B 45 23.56 -3.71 -3.95
CA GLN B 45 22.79 -4.92 -3.69
C GLN B 45 22.34 -5.57 -5.01
N GLN B 46 21.91 -4.77 -5.99
CA GLN B 46 21.45 -5.21 -7.29
C GLN B 46 22.58 -5.93 -8.04
N LEU B 47 23.85 -5.51 -7.87
CA LEU B 47 24.98 -6.15 -8.54
C LEU B 47 25.12 -7.65 -8.24
N LEU B 48 24.41 -8.18 -7.22
CA LEU B 48 24.47 -9.61 -6.91
C LEU B 48 23.70 -10.41 -7.99
N GLN B 49 22.80 -9.78 -8.74
CA GLN B 49 22.01 -10.39 -9.81
C GLN B 49 21.88 -9.40 -10.98
N ARG B 50 22.71 -9.59 -12.01
CA ARG B 50 22.72 -8.75 -13.21
C ARG B 50 21.37 -8.85 -13.89
N SER C 1 4.10 -11.90 -22.89
CA SER C 1 5.40 -11.27 -22.99
C SER C 1 5.98 -10.98 -21.61
N ASP C 2 5.31 -10.21 -20.73
CA ASP C 2 5.83 -9.91 -19.38
C ASP C 2 5.63 -11.08 -18.40
N ASP C 3 5.69 -12.29 -18.94
CA ASP C 3 5.57 -13.58 -18.29
C ASP C 3 6.94 -14.10 -17.83
N GLU C 4 7.97 -13.25 -17.83
CA GLU C 4 9.31 -13.63 -17.39
C GLU C 4 9.22 -13.96 -15.90
N LEU C 5 9.26 -15.24 -15.52
CA LEU C 5 9.21 -15.65 -14.12
C LEU C 5 10.52 -15.18 -13.52
N LEU C 6 10.47 -14.01 -12.90
CA LEU C 6 11.58 -13.36 -12.25
C LEU C 6 11.60 -13.81 -10.80
N TYR C 7 12.69 -13.49 -10.11
CA TYR C 7 12.91 -13.80 -8.72
C TYR C 7 13.25 -12.50 -8.01
N LEU C 8 12.64 -12.29 -6.85
CA LEU C 8 12.83 -11.15 -5.98
C LEU C 8 13.54 -11.74 -4.74
N PRO C 9 14.88 -11.74 -4.68
CA PRO C 9 15.64 -12.28 -3.56
C PRO C 9 15.54 -11.32 -2.37
N VAL C 10 14.78 -11.64 -1.32
CA VAL C 10 14.62 -10.75 -0.16
C VAL C 10 14.50 -11.56 1.13
N ARG C 11 14.89 -10.96 2.27
CA ARG C 11 14.81 -11.56 3.60
C ARG C 11 14.09 -10.55 4.51
N GLY C 12 12.82 -10.80 4.79
CA GLY C 12 11.99 -9.94 5.64
C GLY C 12 10.70 -10.68 5.97
N ARG C 13 10.42 -11.14 7.19
CA ARG C 13 9.17 -11.86 7.46
C ARG C 13 7.95 -10.99 7.20
N GLU C 14 7.89 -9.81 7.81
CA GLU C 14 6.77 -8.88 7.64
C GLU C 14 6.76 -8.36 6.20
N THR C 15 7.92 -8.23 5.57
CA THR C 15 8.04 -7.76 4.20
C THR C 15 7.44 -8.79 3.25
N TYR C 16 7.74 -10.07 3.42
CA TYR C 16 7.22 -11.16 2.58
C TYR C 16 5.71 -11.22 2.75
N GLU C 17 5.24 -11.29 3.99
CA GLU C 17 3.82 -11.36 4.32
C GLU C 17 3.06 -10.19 3.68
N MET C 18 3.54 -8.96 3.90
CA MET C 18 2.93 -7.75 3.36
C MET C 18 2.90 -7.76 1.84
N LEU C 19 4.05 -7.96 1.18
CA LEU C 19 4.15 -7.96 -0.28
C LEU C 19 3.38 -9.10 -0.93
N LEU C 20 3.35 -10.29 -0.35
CA LEU C 20 2.63 -11.42 -0.94
C LEU C 20 1.14 -11.08 -0.93
N GLU C 21 0.59 -10.77 0.25
CA GLU C 21 -0.82 -10.44 0.41
C GLU C 21 -1.24 -9.25 -0.47
N ILE C 22 -0.38 -8.22 -0.59
CA ILE C 22 -0.65 -7.04 -1.41
C ILE C 22 -0.73 -7.45 -2.88
N LYS C 23 0.28 -8.15 -3.44
CA LYS C 23 0.18 -8.51 -4.84
C LYS C 23 -0.92 -9.52 -5.07
N GLU C 24 -1.15 -10.44 -4.14
CA GLU C 24 -2.16 -11.48 -4.27
C GLU C 24 -3.54 -10.84 -4.38
N SER C 25 -3.92 -10.00 -3.43
CA SER C 25 -5.22 -9.35 -3.46
C SER C 25 -5.42 -8.57 -4.76
N LEU C 26 -4.43 -7.76 -5.17
CA LEU C 26 -4.47 -6.97 -6.39
C LEU C 26 -4.57 -7.86 -7.62
N GLU C 27 -3.65 -8.81 -7.78
CA GLU C 27 -3.58 -9.73 -8.91
C GLU C 27 -4.90 -10.44 -9.09
N LEU C 28 -5.44 -11.03 -8.02
CA LEU C 28 -6.70 -11.77 -8.03
C LEU C 28 -7.84 -10.82 -8.39
N MET C 29 -7.93 -9.67 -7.72
CA MET C 29 -8.97 -8.66 -7.97
C MET C 29 -8.93 -8.17 -9.44
N GLN C 30 -7.80 -8.31 -10.13
CA GLN C 30 -7.59 -7.91 -11.53
C GLN C 30 -7.67 -9.13 -12.49
N TYR C 31 -7.64 -10.37 -11.98
CA TYR C 31 -7.72 -11.59 -12.78
C TYR C 31 -9.14 -12.19 -12.71
N LEU C 32 -9.98 -11.72 -11.77
CA LEU C 32 -11.35 -12.16 -11.54
C LEU C 32 -12.25 -10.92 -11.45
N PRO C 33 -13.04 -10.57 -12.49
CA PRO C 33 -13.94 -9.42 -12.50
C PRO C 33 -15.23 -9.70 -11.68
N GLN C 34 -15.07 -10.37 -10.54
CA GLN C 34 -16.05 -10.81 -9.54
C GLN C 34 -17.33 -9.96 -9.54
N HIS C 35 -18.49 -10.61 -9.72
CA HIS C 35 -19.80 -9.97 -9.76
C HIS C 35 -20.03 -9.02 -8.59
N THR C 36 -19.70 -9.44 -7.37
CA THR C 36 -19.88 -8.63 -6.17
C THR C 36 -19.08 -7.33 -6.29
N ILE C 37 -17.80 -7.44 -6.64
CA ILE C 37 -16.86 -6.34 -6.81
C ILE C 37 -17.39 -5.35 -7.85
N GLU C 38 -17.87 -5.86 -8.97
CA GLU C 38 -18.38 -5.04 -10.05
C GLU C 38 -19.57 -4.21 -9.59
N THR C 39 -20.57 -4.85 -8.99
CA THR C 39 -21.76 -4.14 -8.51
C THR C 39 -21.37 -3.15 -7.41
N TYR C 40 -20.44 -3.52 -6.52
CA TYR C 40 -19.97 -2.65 -5.46
C TYR C 40 -19.42 -1.38 -6.12
N ARG C 41 -18.51 -1.52 -7.09
CA ARG C 41 -17.92 -0.37 -7.79
C ARG C 41 -18.97 0.41 -8.58
N GLN C 42 -20.01 -0.26 -9.11
CA GLN C 42 -21.08 0.39 -9.89
C GLN C 42 -21.75 1.43 -8.98
N GLN C 43 -22.25 0.94 -7.84
CA GLN C 43 -22.94 1.72 -6.84
C GLN C 43 -22.01 2.70 -6.14
N GLN C 44 -20.76 2.31 -5.87
CA GLN C 44 -19.80 3.16 -5.21
C GLN C 44 -19.57 4.42 -6.03
N GLN C 45 -19.34 4.33 -7.34
CA GLN C 45 -19.14 5.55 -8.15
C GLN C 45 -20.42 6.39 -8.16
N GLN C 46 -21.59 5.74 -8.27
CA GLN C 46 -22.87 6.44 -8.27
C GLN C 46 -23.04 7.25 -6.97
N GLN C 47 -22.92 6.60 -5.82
CA GLN C 47 -23.06 7.24 -4.51
C GLN C 47 -21.91 8.23 -4.23
N HIS C 48 -20.70 8.00 -4.76
CA HIS C 48 -19.56 8.89 -4.56
C HIS C 48 -19.88 10.31 -5.05
N GLN C 49 -20.81 10.45 -5.99
CA GLN C 49 -21.22 11.73 -6.53
C GLN C 49 -21.69 12.63 -5.38
N HIS C 50 -22.47 12.09 -4.43
CA HIS C 50 -22.95 12.85 -3.28
C HIS C 50 -22.01 12.70 -2.09
N LEU C 51 -21.36 11.54 -1.90
CA LEU C 51 -20.44 11.31 -0.78
C LEU C 51 -19.29 12.32 -0.79
N LEU C 52 -18.67 12.50 -1.97
CA LEU C 52 -17.57 13.44 -2.13
C LEU C 52 -18.11 14.85 -2.23
N GLN C 53 -19.26 15.02 -2.90
CA GLN C 53 -19.96 16.27 -3.16
C GLN C 53 -19.04 17.32 -3.80
N LYS C 54 -19.55 18.54 -3.99
CA LYS C 54 -18.77 19.63 -4.57
C LYS C 54 -18.07 20.27 -3.38
N GLN C 55 -16.79 19.93 -3.18
CA GLN C 55 -15.89 20.37 -2.11
C GLN C 55 -14.51 19.70 -2.20
N THR C 56 -14.27 18.80 -3.16
CA THR C 56 -13.00 18.09 -3.32
C THR C 56 -12.76 17.95 -4.83
N SER C 57 -11.50 18.01 -5.27
CA SER C 57 -11.14 17.89 -6.68
C SER C 57 -11.18 16.42 -7.10
N ILE C 58 -11.91 16.13 -8.17
CA ILE C 58 -12.05 14.79 -8.74
C ILE C 58 -11.23 14.73 -10.03
N GLN C 59 -10.76 13.55 -10.43
CA GLN C 59 -9.97 13.40 -11.66
C GLN C 59 -10.90 13.65 -12.86
N SER C 60 -10.37 14.00 -14.04
CA SER C 60 -11.15 14.24 -15.24
C SER C 60 -10.91 13.17 -16.28
N GLY D 1 -24.65 3.92 12.01
CA GLY D 1 -23.74 4.86 12.68
C GLY D 1 -22.35 4.27 12.77
N SER D 2 -21.46 4.59 11.82
CA SER D 2 -20.07 4.13 11.79
C SER D 2 -19.23 5.20 11.10
N ASP D 3 -18.58 6.08 11.85
CA ASP D 3 -17.75 7.14 11.27
C ASP D 3 -16.51 7.40 12.09
N GLU D 4 -16.68 7.61 13.39
CA GLU D 4 -15.56 7.89 14.29
C GLU D 4 -14.52 6.76 14.27
N ASP D 5 -14.98 5.51 14.18
CA ASP D 5 -14.09 4.35 14.15
C ASP D 5 -13.64 4.04 12.72
N THR D 6 -14.17 4.72 11.70
CA THR D 6 -13.75 4.49 10.32
C THR D 6 -12.37 5.15 10.22
N TYR D 7 -11.50 4.68 9.32
CA TYR D 7 -10.17 5.26 9.20
C TYR D 7 -10.11 6.19 8.01
N TYR D 8 -9.59 7.38 8.27
CA TYR D 8 -9.44 8.44 7.30
C TYR D 8 -7.96 8.77 7.10
N LEU D 9 -7.62 9.21 5.89
CA LEU D 9 -6.27 9.63 5.48
C LEU D 9 -6.49 10.83 4.57
N GLN D 10 -5.61 11.83 4.66
CA GLN D 10 -5.68 13.06 3.86
C GLN D 10 -4.25 13.52 3.58
N VAL D 11 -3.73 13.21 2.39
CA VAL D 11 -2.37 13.54 1.95
C VAL D 11 -2.34 13.81 0.45
N ARG D 12 -1.49 14.72 -0.04
CA ARG D 12 -1.43 15.02 -1.48
C ARG D 12 -0.18 14.48 -2.17
N GLY D 13 -0.32 13.35 -2.86
CA GLY D 13 0.71 12.69 -3.63
C GLY D 13 0.04 12.11 -4.86
N ARG D 14 0.23 12.64 -6.07
CA ARG D 14 -0.45 12.11 -7.27
C ARG D 14 -0.31 10.58 -7.45
N LYS D 15 0.92 10.06 -7.50
CA LYS D 15 1.16 8.61 -7.66
C LYS D 15 0.73 7.87 -6.41
N ASN D 16 1.09 8.42 -5.26
CA ASN D 16 0.80 7.87 -3.94
C ASN D 16 -0.69 7.71 -3.73
N PHE D 17 -1.53 8.54 -4.36
CA PHE D 17 -2.97 8.42 -4.25
C PHE D 17 -3.35 7.24 -5.14
N GLU D 18 -2.99 7.22 -6.42
CA GLU D 18 -3.33 6.14 -7.35
C GLU D 18 -2.94 4.75 -6.84
N ILE D 19 -1.67 4.57 -6.46
CA ILE D 19 -1.11 3.33 -5.96
C ILE D 19 -1.86 2.92 -4.69
N LEU D 20 -1.94 3.81 -3.69
CA LEU D 20 -2.61 3.46 -2.44
C LEU D 20 -4.09 3.19 -2.67
N MET D 21 -4.76 3.91 -3.58
CA MET D 21 -6.18 3.71 -3.91
C MET D 21 -6.35 2.32 -4.47
N LYS D 22 -5.56 1.97 -5.49
CA LYS D 22 -5.60 0.68 -6.15
C LYS D 22 -5.44 -0.43 -5.11
N LEU D 23 -4.46 -0.31 -4.22
CA LEU D 23 -4.23 -1.32 -3.19
C LEU D 23 -5.40 -1.34 -2.19
N LYS D 24 -5.78 -0.20 -1.63
CA LYS D 24 -6.86 -0.07 -0.65
C LYS D 24 -8.16 -0.66 -1.18
N GLU D 25 -8.50 -0.35 -2.44
CA GLU D 25 -9.67 -0.82 -3.15
C GLU D 25 -9.56 -2.34 -3.24
N SER D 26 -8.48 -2.85 -3.82
CA SER D 26 -8.25 -4.29 -3.98
C SER D 26 -8.37 -5.04 -2.65
N LEU D 27 -7.80 -4.51 -1.56
CA LEU D 27 -7.83 -5.14 -0.26
C LEU D 27 -9.22 -5.05 0.40
N GLU D 28 -10.01 -4.00 0.15
CA GLU D 28 -11.36 -3.89 0.74
C GLU D 28 -12.21 -5.03 0.17
N LEU D 29 -12.07 -5.20 -1.15
CA LEU D 29 -12.75 -6.21 -1.93
C LEU D 29 -12.22 -7.58 -1.47
N MET D 30 -10.92 -7.73 -1.27
CA MET D 30 -10.33 -8.98 -0.80
C MET D 30 -10.87 -9.36 0.58
N GLU D 31 -11.11 -8.38 1.46
CA GLU D 31 -11.61 -8.59 2.80
C GLU D 31 -13.10 -8.98 2.81
N LEU D 32 -13.95 -8.29 2.05
CA LEU D 32 -15.39 -8.58 2.02
C LEU D 32 -15.78 -9.80 1.18
N VAL D 33 -15.08 -10.09 0.09
CA VAL D 33 -15.38 -11.23 -0.78
C VAL D 33 -14.50 -12.40 -0.33
N PRO D 34 -14.97 -13.66 -0.42
CA PRO D 34 -14.22 -14.83 0.00
C PRO D 34 -12.97 -15.08 -0.87
N GLN D 35 -12.15 -16.06 -0.48
CA GLN D 35 -10.92 -16.44 -1.16
C GLN D 35 -10.95 -17.88 -1.77
N PRO D 36 -11.96 -18.29 -2.56
CA PRO D 36 -12.00 -19.64 -3.12
C PRO D 36 -10.88 -19.88 -4.14
N LEU D 37 -10.91 -19.25 -5.33
CA LEU D 37 -9.85 -19.46 -6.31
C LEU D 37 -8.51 -19.01 -5.73
N VAL D 38 -8.51 -17.98 -4.89
CA VAL D 38 -7.30 -17.44 -4.25
C VAL D 38 -6.54 -18.55 -3.53
N ASP D 39 -7.22 -19.34 -2.68
CA ASP D 39 -6.57 -20.42 -1.95
C ASP D 39 -6.11 -21.53 -2.90
N SER D 40 -7.01 -22.03 -3.75
CA SER D 40 -6.63 -23.10 -4.67
C SER D 40 -5.42 -22.70 -5.51
N TYR D 41 -5.39 -21.45 -5.98
CA TYR D 41 -4.31 -20.92 -6.79
C TYR D 41 -3.03 -20.83 -5.96
N ARG D 42 -3.04 -20.18 -4.77
CA ARG D 42 -1.82 -20.06 -3.96
C ARG D 42 -1.27 -21.42 -3.59
N GLN D 43 -2.11 -22.36 -3.18
CA GLN D 43 -1.68 -23.69 -2.80
C GLN D 43 -1.04 -24.40 -4.00
N GLN D 44 -1.76 -24.49 -5.12
CA GLN D 44 -1.27 -25.14 -6.33
C GLN D 44 -0.01 -24.48 -6.90
N GLN D 45 0.19 -23.17 -6.68
CA GLN D 45 1.34 -22.43 -7.16
C GLN D 45 2.51 -22.70 -6.20
N GLN D 46 2.29 -22.56 -4.89
CA GLN D 46 3.27 -22.78 -3.83
C GLN D 46 3.85 -24.20 -3.94
N LEU D 47 3.05 -25.17 -4.40
CA LEU D 47 3.47 -26.56 -4.57
C LEU D 47 4.69 -26.72 -5.51
N LEU D 48 5.06 -25.68 -6.28
CA LEU D 48 6.21 -25.71 -7.18
C LEU D 48 7.52 -25.59 -6.38
N GLN D 49 7.47 -25.03 -5.17
CA GLN D 49 8.60 -24.79 -4.29
C GLN D 49 8.20 -25.08 -2.84
N ARG D 50 8.56 -26.25 -2.32
CA ARG D 50 8.25 -26.63 -0.94
C ARG D 50 9.12 -25.78 -0.03
N SER A 1 18.18 -13.55 14.51
CA SER A 1 18.63 -13.77 13.14
C SER A 1 17.43 -13.77 12.22
N ASP A 2 17.08 -12.62 11.62
CA ASP A 2 15.94 -12.48 10.71
C ASP A 2 16.35 -12.38 9.24
N ASP A 3 17.65 -12.52 8.91
CA ASP A 3 18.19 -12.43 7.55
C ASP A 3 17.82 -13.63 6.65
N GLU A 4 16.83 -14.46 7.02
CA GLU A 4 16.40 -15.64 6.26
C GLU A 4 16.06 -15.17 4.84
N LEU A 5 16.93 -15.51 3.89
CA LEU A 5 16.82 -15.13 2.50
C LEU A 5 15.57 -15.66 1.82
N LEU A 6 14.51 -14.86 1.78
CA LEU A 6 13.28 -15.27 1.10
C LEU A 6 13.41 -14.77 -0.33
N TYR A 7 12.68 -15.41 -1.23
CA TYR A 7 12.65 -15.13 -2.64
C TYR A 7 11.18 -15.01 -3.04
N LEU A 8 10.81 -14.11 -3.96
CA LEU A 8 9.41 -13.91 -4.38
C LEU A 8 9.29 -13.86 -5.92
N PRO A 9 8.68 -14.88 -6.56
CA PRO A 9 8.47 -14.95 -8.01
C PRO A 9 7.14 -14.27 -8.41
N VAL A 10 7.14 -13.15 -9.13
CA VAL A 10 5.92 -12.44 -9.55
C VAL A 10 6.15 -11.93 -10.98
N ARG A 11 5.09 -11.84 -11.79
CA ARG A 11 5.22 -11.36 -13.15
C ARG A 11 4.07 -10.39 -13.46
N GLY A 12 4.39 -9.10 -13.45
CA GLY A 12 3.52 -7.96 -13.73
C GLY A 12 4.47 -6.80 -13.94
N ARG A 13 4.51 -6.18 -15.12
CA ARG A 13 5.42 -5.06 -15.37
C ARG A 13 5.08 -3.89 -14.46
N GLU A 14 3.80 -3.49 -14.46
CA GLU A 14 3.29 -2.38 -13.65
C GLU A 14 3.40 -2.75 -12.16
N THR A 15 2.99 -3.98 -11.85
CA THR A 15 2.98 -4.55 -10.51
C THR A 15 4.38 -4.48 -9.89
N TYR A 16 5.41 -4.96 -10.59
CA TYR A 16 6.77 -4.92 -10.07
C TYR A 16 7.21 -3.48 -9.83
N GLU A 17 6.94 -2.54 -10.74
CA GLU A 17 7.35 -1.15 -10.52
C GLU A 17 6.73 -0.57 -9.24
N MET A 18 5.44 -0.83 -9.03
CA MET A 18 4.71 -0.34 -7.86
C MET A 18 5.18 -1.03 -6.59
N LEU A 19 5.16 -2.37 -6.58
CA LEU A 19 5.54 -3.21 -5.47
C LEU A 19 6.97 -2.94 -5.03
N LEU A 20 7.92 -2.86 -5.97
CA LEU A 20 9.32 -2.58 -5.68
C LEU A 20 9.42 -1.23 -5.00
N GLU A 21 8.79 -0.19 -5.55
CA GLU A 21 8.83 1.16 -4.97
C GLU A 21 8.30 1.19 -3.53
N ILE A 22 7.15 0.56 -3.29
CA ILE A 22 6.54 0.49 -1.97
C ILE A 22 7.48 -0.26 -1.00
N LYS A 23 8.10 -1.36 -1.47
CA LYS A 23 9.02 -2.16 -0.69
C LYS A 23 10.23 -1.31 -0.34
N GLU A 24 10.85 -0.69 -1.34
CA GLU A 24 12.02 0.15 -1.26
C GLU A 24 11.81 1.28 -0.28
N SER A 25 10.75 2.08 -0.43
CA SER A 25 10.48 3.20 0.46
C SER A 25 10.44 2.70 1.90
N LEU A 26 9.67 1.66 2.19
CA LEU A 26 9.55 1.12 3.54
C LEU A 26 10.87 0.60 4.09
N GLU A 27 11.58 -0.21 3.31
CA GLU A 27 12.85 -0.82 3.67
C GLU A 27 13.90 0.23 3.97
N LEU A 28 14.10 1.19 3.06
CA LEU A 28 15.07 2.25 3.22
C LEU A 28 14.70 3.13 4.40
N MET A 29 13.41 3.47 4.53
CA MET A 29 12.90 4.30 5.61
C MET A 29 13.28 3.70 6.97
N GLN A 30 13.28 2.36 7.14
CA GLN A 30 13.67 1.75 8.41
C GLN A 30 15.18 1.45 8.50
N TYR A 31 15.91 1.43 7.38
CA TYR A 31 17.33 1.13 7.36
C TYR A 31 18.21 2.36 7.58
N LEU A 32 18.08 3.38 6.73
CA LEU A 32 18.89 4.59 6.82
C LEU A 32 18.55 5.38 8.09
N PRO A 33 19.46 6.21 8.62
CA PRO A 33 19.23 7.00 9.82
C PRO A 33 18.05 7.96 9.64
N GLN A 34 16.97 7.71 10.38
CA GLN A 34 15.72 8.46 10.37
C GLN A 34 15.83 9.87 10.98
N HIS A 35 17.00 10.52 11.07
CA HIS A 35 17.16 11.84 11.69
C HIS A 35 16.12 12.89 11.23
N THR A 36 15.87 13.02 9.94
CA THR A 36 14.91 13.98 9.41
C THR A 36 13.49 13.59 9.83
N ILE A 37 13.10 12.33 9.60
CA ILE A 37 11.79 11.77 9.93
C ILE A 37 11.50 11.90 11.43
N GLU A 38 12.50 11.59 12.24
CA GLU A 38 12.47 11.60 13.68
C GLU A 38 12.05 12.97 14.17
N THR A 39 12.83 14.00 13.81
CA THR A 39 12.55 15.38 14.19
C THR A 39 11.21 15.83 13.62
N TYR A 40 10.89 15.50 12.37
CA TYR A 40 9.62 15.88 11.74
C TYR A 40 8.42 15.41 12.57
N ARG A 41 8.36 14.11 12.89
CA ARG A 41 7.24 13.57 13.66
C ARG A 41 7.33 13.94 15.14
N GLN A 42 8.53 14.10 15.69
CA GLN A 42 8.70 14.44 17.10
C GLN A 42 8.22 15.89 17.32
N GLN A 43 8.69 16.83 16.49
CA GLN A 43 8.34 18.24 16.56
C GLN A 43 6.85 18.38 16.30
N GLN A 44 6.28 17.70 15.31
CA GLN A 44 4.84 17.77 15.02
C GLN A 44 4.02 17.41 16.26
N GLN A 45 4.31 16.26 16.89
CA GLN A 45 3.58 15.83 18.08
C GLN A 45 3.76 16.83 19.23
N GLN A 46 4.94 17.45 19.35
CA GLN A 46 5.25 18.42 20.38
C GLN A 46 4.46 19.72 20.15
N GLN A 47 4.40 20.18 18.90
CA GLN A 47 3.73 21.38 18.44
C GLN A 47 2.25 21.35 18.81
N HIS A 48 1.60 20.18 18.72
CA HIS A 48 0.18 20.06 19.08
C HIS A 48 -0.07 20.37 20.55
N GLN A 49 0.93 20.28 21.43
CA GLN A 49 0.74 20.60 22.84
C GLN A 49 0.53 22.10 23.04
N HIS A 50 1.17 22.93 22.21
CA HIS A 50 1.04 24.38 22.33
C HIS A 50 -0.41 24.80 22.12
N LEU A 51 -1.17 24.08 21.27
CA LEU A 51 -2.58 24.37 21.01
C LEU A 51 -3.43 24.12 22.27
N LEU A 52 -2.93 23.31 23.21
CA LEU A 52 -3.57 22.95 24.47
C LEU A 52 -2.99 23.77 25.63
N GLN A 53 -1.87 24.46 25.42
CA GLN A 53 -1.12 25.32 26.34
C GLN A 53 -1.14 24.75 27.78
N LYS A 54 -0.53 23.57 27.94
CA LYS A 54 -0.44 22.85 29.21
C LYS A 54 0.87 23.15 29.94
N GLN A 55 1.90 23.63 29.24
CA GLN A 55 3.20 23.98 29.80
C GLN A 55 3.69 25.27 29.15
N THR A 56 4.55 26.00 29.84
CA THR A 56 5.12 27.27 29.41
C THR A 56 6.63 27.10 29.24
N SER A 57 7.19 27.70 28.20
CA SER A 57 8.62 27.64 27.93
C SER A 57 9.34 28.50 28.99
N ILE A 58 10.57 28.09 29.32
CA ILE A 58 11.47 28.71 30.28
C ILE A 58 12.90 28.46 29.78
N GLN A 59 13.90 28.95 30.50
CA GLN A 59 15.30 28.76 30.14
C GLN A 59 15.69 27.30 30.41
N SER A 60 16.75 26.86 29.75
CA SER A 60 17.35 25.53 29.81
C SER A 60 18.83 25.80 29.65
N GLY B 1 3.38 21.87 0.53
CA GLY B 1 1.98 21.46 0.71
C GLY B 1 1.06 22.37 -0.06
N SER B 2 -0.25 22.16 0.10
CA SER B 2 -1.34 22.90 -0.51
C SER B 2 -2.60 22.50 0.25
N ASP B 3 -3.75 23.03 -0.13
CA ASP B 3 -5.04 22.72 0.48
C ASP B 3 -6.18 22.82 -0.52
N GLU B 4 -5.98 23.51 -1.65
CA GLU B 4 -6.99 23.65 -2.68
C GLU B 4 -7.27 22.29 -3.31
N ASP B 5 -6.23 21.47 -3.51
CA ASP B 5 -6.32 20.16 -4.12
C ASP B 5 -5.58 19.13 -3.29
N THR B 6 -6.31 18.49 -2.37
CA THR B 6 -5.83 17.44 -1.49
C THR B 6 -6.68 16.19 -1.77
N TYR B 7 -6.25 15.01 -1.33
CA TYR B 7 -6.98 13.78 -1.52
C TYR B 7 -7.33 13.22 -0.15
N TYR B 8 -8.59 12.86 0.06
CA TYR B 8 -9.13 12.32 1.30
C TYR B 8 -9.54 10.86 1.11
N LEU B 9 -9.63 10.11 2.22
CA LEU B 9 -10.03 8.70 2.27
C LEU B 9 -10.82 8.55 3.55
N GLN B 10 -11.94 7.84 3.48
CA GLN B 10 -12.85 7.57 4.59
C GLN B 10 -13.23 6.09 4.53
N VAL B 11 -12.59 5.21 5.32
CA VAL B 11 -12.89 3.77 5.30
C VAL B 11 -12.64 3.18 6.69
N ARG B 12 -13.47 2.24 7.16
CA ARG B 12 -13.27 1.60 8.46
C ARG B 12 -12.46 0.32 8.20
N GLY B 13 -11.16 0.32 8.53
CA GLY B 13 -10.29 -0.84 8.34
C GLY B 13 -9.25 -0.96 9.44
N ARG B 14 -9.28 -1.92 10.39
CA ARG B 14 -8.22 -1.96 11.42
C ARG B 14 -6.86 -2.34 10.83
N LYS B 15 -6.74 -3.51 10.19
CA LYS B 15 -5.45 -3.93 9.62
C LYS B 15 -5.06 -3.01 8.48
N ASN B 16 -6.04 -2.69 7.63
CA ASN B 16 -5.84 -1.83 6.48
C ASN B 16 -5.30 -0.47 6.91
N PHE B 17 -5.86 0.18 7.93
CA PHE B 17 -5.35 1.49 8.38
C PHE B 17 -3.92 1.39 8.90
N GLU B 18 -3.56 0.36 9.67
CA GLU B 18 -2.20 0.22 10.19
C GLU B 18 -1.18 0.20 9.04
N ILE B 19 -1.41 -0.67 8.06
CA ILE B 19 -0.56 -0.85 6.89
C ILE B 19 -0.55 0.42 6.03
N LEU B 20 -1.72 0.93 5.66
CA LEU B 20 -1.85 2.11 4.83
C LEU B 20 -1.24 3.34 5.51
N MET B 21 -1.22 3.45 6.84
CA MET B 21 -0.64 4.61 7.52
C MET B 21 0.87 4.54 7.31
N LYS B 22 1.45 3.39 7.64
CA LYS B 22 2.89 3.15 7.51
C LYS B 22 3.30 3.50 6.09
N LEU B 23 2.61 2.96 5.09
CA LEU B 23 2.94 3.23 3.69
C LEU B 23 2.64 4.66 3.23
N LYS B 24 1.58 5.31 3.70
CA LYS B 24 1.28 6.68 3.30
C LYS B 24 2.45 7.56 3.74
N GLU B 25 2.81 7.46 5.02
CA GLU B 25 3.90 8.22 5.58
C GLU B 25 5.22 7.80 4.93
N SER B 26 5.42 6.51 4.65
CA SER B 26 6.63 5.98 4.03
C SER B 26 6.96 6.74 2.75
N LEU B 27 5.99 6.79 1.83
CA LEU B 27 6.17 7.44 0.56
C LEU B 27 6.25 8.96 0.68
N GLU B 28 5.54 9.59 1.62
CA GLU B 28 5.61 11.05 1.79
C GLU B 28 7.04 11.42 2.20
N LEU B 29 7.60 10.65 3.14
CA LEU B 29 8.95 10.86 3.63
C LEU B 29 9.94 10.55 2.51
N MET B 30 9.80 9.42 1.81
CA MET B 30 10.67 9.03 0.70
C MET B 30 10.64 10.10 -0.41
N GLU B 31 9.55 10.86 -0.54
CA GLU B 31 9.39 11.90 -1.54
C GLU B 31 10.11 13.19 -1.10
N LEU B 32 9.99 13.64 0.16
CA LEU B 32 10.64 14.87 0.64
C LEU B 32 12.12 14.72 0.96
N VAL B 33 12.56 13.52 1.31
CA VAL B 33 13.93 13.17 1.67
C VAL B 33 14.65 12.64 0.41
N PRO B 34 15.98 12.83 0.24
CA PRO B 34 16.70 12.33 -0.92
C PRO B 34 16.88 10.80 -0.85
N GLN B 35 17.53 10.20 -1.85
CA GLN B 35 17.77 8.75 -1.91
C GLN B 35 19.27 8.33 -1.99
N PRO B 36 20.21 8.90 -1.20
CA PRO B 36 21.62 8.54 -1.25
C PRO B 36 21.96 7.10 -0.88
N LEU B 37 21.45 6.58 0.25
CA LEU B 37 21.75 5.20 0.63
C LEU B 37 21.20 4.26 -0.44
N VAL B 38 19.99 4.54 -0.92
CA VAL B 38 19.28 3.77 -1.93
C VAL B 38 20.19 3.55 -3.14
N ASP B 39 20.81 4.63 -3.64
CA ASP B 39 21.71 4.60 -4.80
C ASP B 39 22.94 3.70 -4.55
N SER B 40 23.62 3.92 -3.43
CA SER B 40 24.80 3.13 -3.08
C SER B 40 24.45 1.65 -2.90
N TYR B 41 23.41 1.37 -2.10
CA TYR B 41 22.92 0.05 -1.79
C TYR B 41 22.43 -0.64 -3.06
N ARG B 42 21.82 0.10 -4.00
CA ARG B 42 21.31 -0.45 -5.25
C ARG B 42 22.49 -1.07 -6.00
N GLN B 43 23.60 -0.35 -6.15
CA GLN B 43 24.77 -0.88 -6.85
C GLN B 43 25.45 -2.01 -6.08
N GLN B 44 25.70 -1.78 -4.79
CA GLN B 44 26.36 -2.71 -3.89
C GLN B 44 25.64 -4.06 -3.88
N GLN B 45 24.31 -4.06 -3.78
CA GLN B 45 23.49 -5.26 -3.77
C GLN B 45 23.27 -5.79 -5.21
N GLN B 46 23.30 -4.94 -6.24
CA GLN B 46 23.13 -5.36 -7.65
C GLN B 46 24.19 -6.41 -7.98
N LEU B 47 25.41 -6.19 -7.49
CA LEU B 47 26.55 -7.10 -7.70
C LEU B 47 26.27 -8.52 -7.18
N LEU B 48 25.26 -8.72 -6.32
CA LEU B 48 24.93 -10.03 -5.78
C LEU B 48 24.24 -10.93 -6.83
N GLN B 49 23.73 -10.37 -7.93
CA GLN B 49 23.06 -11.11 -8.99
C GLN B 49 24.04 -11.34 -10.15
N ARG B 50 23.63 -12.18 -11.11
CA ARG B 50 24.39 -12.52 -12.30
C ARG B 50 24.06 -11.45 -13.32
N SER C 1 3.51 -11.68 -24.34
CA SER C 1 4.00 -12.64 -23.35
C SER C 1 4.48 -11.90 -22.12
N ASP C 2 3.53 -11.37 -21.35
CA ASP C 2 3.80 -10.60 -20.13
C ASP C 2 4.29 -11.47 -18.98
N ASP C 3 4.31 -12.79 -19.15
CA ASP C 3 4.72 -13.79 -18.17
C ASP C 3 6.23 -13.84 -17.86
N GLU C 4 6.95 -12.72 -17.94
CA GLU C 4 8.37 -12.68 -17.64
C GLU C 4 8.50 -12.87 -16.13
N LEU C 5 8.97 -14.06 -15.72
CA LEU C 5 9.14 -14.46 -14.33
C LEU C 5 10.20 -13.59 -13.66
N LEU C 6 9.77 -12.53 -12.98
CA LEU C 6 10.66 -11.62 -12.28
C LEU C 6 10.75 -12.09 -10.82
N TYR C 7 11.97 -12.10 -10.29
CA TYR C 7 12.26 -12.53 -8.93
C TYR C 7 12.55 -11.29 -8.06
N LEU C 8 12.30 -11.37 -6.75
CA LEU C 8 12.53 -10.29 -5.79
C LEU C 8 12.93 -10.89 -4.43
N PRO C 9 14.22 -10.86 -4.04
CA PRO C 9 14.69 -11.40 -2.77
C PRO C 9 14.53 -10.35 -1.65
N VAL C 10 13.92 -10.70 -0.51
CA VAL C 10 13.74 -9.81 0.65
C VAL C 10 13.87 -10.66 1.92
N ARG C 11 14.31 -10.13 3.06
CA ARG C 11 14.37 -10.95 4.27
C ARG C 11 13.85 -10.14 5.46
N GLY C 12 12.59 -10.36 5.83
CA GLY C 12 11.92 -9.73 6.94
C GLY C 12 10.59 -10.44 7.15
N ARG C 13 10.15 -10.77 8.37
CA ARG C 13 8.84 -11.44 8.50
C ARG C 13 7.68 -10.50 8.19
N GLU C 14 7.61 -9.33 8.80
CA GLU C 14 6.51 -8.38 8.58
C GLU C 14 6.54 -7.84 7.16
N THR C 15 7.74 -7.54 6.67
CA THR C 15 8.01 -7.01 5.33
C THR C 15 7.42 -7.98 4.30
N TYR C 16 7.76 -9.26 4.41
CA TYR C 16 7.28 -10.28 3.49
C TYR C 16 5.78 -10.49 3.67
N GLU C 17 5.29 -10.68 4.91
CA GLU C 17 3.87 -10.91 5.22
C GLU C 17 2.96 -9.83 4.65
N MET C 18 3.21 -8.56 5.01
CA MET C 18 2.43 -7.42 4.56
C MET C 18 2.45 -7.31 3.03
N LEU C 19 3.65 -7.40 2.43
CA LEU C 19 3.79 -7.30 0.99
C LEU C 19 3.05 -8.43 0.28
N LEU C 20 3.07 -9.66 0.83
CA LEU C 20 2.40 -10.81 0.26
C LEU C 20 0.89 -10.57 0.28
N GLU C 21 0.33 -10.12 1.41
CA GLU C 21 -1.10 -9.88 1.54
C GLU C 21 -1.59 -8.92 0.46
N ILE C 22 -0.90 -7.78 0.28
CA ILE C 22 -1.25 -6.76 -0.70
C ILE C 22 -1.09 -7.32 -2.12
N LYS C 23 0.08 -7.91 -2.42
CA LYS C 23 0.40 -8.50 -3.72
C LYS C 23 -0.67 -9.49 -4.13
N GLU C 24 -0.92 -10.49 -3.28
CA GLU C 24 -1.88 -11.54 -3.53
C GLU C 24 -3.28 -10.97 -3.72
N SER C 25 -3.70 -10.00 -2.90
CA SER C 25 -5.01 -9.39 -3.01
C SER C 25 -5.17 -8.78 -4.40
N LEU C 26 -4.21 -7.97 -4.84
CA LEU C 26 -4.29 -7.31 -6.14
C LEU C 26 -4.25 -8.31 -7.29
N GLU C 27 -3.27 -9.23 -7.25
CA GLU C 27 -3.07 -10.24 -8.28
C GLU C 27 -4.32 -11.07 -8.48
N LEU C 28 -4.88 -11.65 -7.41
CA LEU C 28 -6.07 -12.48 -7.53
C LEU C 28 -7.27 -11.67 -7.99
N MET C 29 -7.44 -10.46 -7.44
CA MET C 29 -8.54 -9.57 -7.80
C MET C 29 -8.52 -9.27 -9.29
N GLN C 30 -7.36 -8.92 -9.86
CA GLN C 30 -7.28 -8.62 -11.30
C GLN C 30 -7.25 -9.88 -12.16
N TYR C 31 -6.90 -11.06 -11.61
CA TYR C 31 -6.80 -12.28 -12.38
C TYR C 31 -8.14 -12.98 -12.56
N LEU C 32 -8.85 -13.25 -11.46
CA LEU C 32 -10.12 -13.96 -11.49
C LEU C 32 -11.30 -13.06 -11.89
N PRO C 33 -12.41 -13.64 -12.40
CA PRO C 33 -13.60 -12.92 -12.82
C PRO C 33 -14.35 -12.38 -11.60
N GLN C 34 -14.02 -11.16 -11.20
CA GLN C 34 -14.63 -10.52 -10.06
C GLN C 34 -15.98 -9.93 -10.43
N HIS C 35 -16.95 -10.82 -10.65
CA HIS C 35 -18.32 -10.49 -10.98
C HIS C 35 -18.92 -9.62 -9.86
N THR C 36 -18.45 -9.82 -8.63
CA THR C 36 -18.88 -9.08 -7.45
C THR C 36 -18.42 -7.63 -7.56
N ILE C 37 -17.14 -7.38 -7.84
CA ILE C 37 -16.57 -6.04 -7.96
C ILE C 37 -17.28 -5.28 -9.08
N GLU C 38 -17.52 -5.95 -10.20
CA GLU C 38 -18.17 -5.36 -11.34
C GLU C 38 -19.53 -4.78 -10.91
N THR C 39 -20.41 -5.62 -10.36
CA THR C 39 -21.74 -5.24 -9.92
C THR C 39 -21.70 -4.27 -8.74
N TYR C 40 -20.76 -4.43 -7.79
CA TYR C 40 -20.62 -3.58 -6.62
C TYR C 40 -20.33 -2.14 -7.07
N ARG C 41 -19.30 -1.96 -7.90
CA ARG C 41 -18.96 -0.63 -8.38
C ARG C 41 -19.95 -0.14 -9.42
N GLN C 42 -20.56 -1.02 -10.24
CA GLN C 42 -21.53 -0.61 -11.25
C GLN C 42 -22.73 0.01 -10.57
N GLN C 43 -23.38 -0.74 -9.67
CA GLN C 43 -24.56 -0.25 -8.98
C GLN C 43 -24.22 0.93 -8.07
N GLN C 44 -23.04 0.98 -7.44
CA GLN C 44 -22.65 2.10 -6.58
C GLN C 44 -22.63 3.39 -7.43
N GLN C 45 -21.87 3.38 -8.53
CA GLN C 45 -21.76 4.53 -9.41
C GLN C 45 -23.11 4.88 -10.06
N GLN C 46 -23.95 3.88 -10.34
CA GLN C 46 -25.26 4.05 -10.94
C GLN C 46 -26.19 4.75 -9.95
N GLN C 47 -26.30 4.21 -8.74
CA GLN C 47 -27.13 4.69 -7.66
C GLN C 47 -26.88 6.17 -7.39
N HIS C 48 -25.63 6.65 -7.54
CA HIS C 48 -25.30 8.05 -7.34
C HIS C 48 -26.12 8.95 -8.27
N GLN C 49 -26.49 8.48 -9.47
CA GLN C 49 -27.29 9.25 -10.43
C GLN C 49 -28.73 9.43 -9.94
N HIS C 50 -29.27 8.53 -9.13
CA HIS C 50 -30.64 8.65 -8.64
C HIS C 50 -30.83 9.95 -7.85
N LEU C 51 -29.82 10.37 -7.08
CA LEU C 51 -29.88 11.60 -6.30
C LEU C 51 -29.92 12.83 -7.22
N LEU C 52 -29.34 12.73 -8.41
CA LEU C 52 -29.28 13.79 -9.42
C LEU C 52 -30.44 13.74 -10.41
N GLN C 53 -31.30 12.71 -10.33
CA GLN C 53 -32.50 12.41 -11.12
C GLN C 53 -32.49 12.85 -12.61
N LYS C 54 -31.35 12.70 -13.32
CA LYS C 54 -31.22 13.07 -14.73
C LYS C 54 -32.14 12.23 -15.63
N GLN C 55 -32.55 11.06 -15.16
CA GLN C 55 -33.43 10.12 -15.84
C GLN C 55 -34.35 9.49 -14.79
N THR C 56 -35.25 8.63 -15.26
CA THR C 56 -36.24 7.87 -14.51
C THR C 56 -36.05 6.39 -14.87
N SER C 57 -36.82 5.49 -14.26
CA SER C 57 -36.80 4.07 -14.53
C SER C 57 -38.17 3.72 -15.10
N ILE C 58 -38.21 2.88 -16.13
CA ILE C 58 -39.40 2.41 -16.83
C ILE C 58 -39.22 0.92 -17.14
N GLN C 59 -40.19 0.31 -17.82
CA GLN C 59 -40.12 -1.10 -18.20
C GLN C 59 -39.09 -1.27 -19.33
N SER C 60 -38.60 -2.49 -19.48
CA SER C 60 -37.65 -2.95 -20.46
C SER C 60 -38.04 -4.38 -20.74
N GLY D 1 -20.84 -1.84 6.36
CA GLY D 1 -19.98 -0.98 7.19
C GLY D 1 -20.78 -0.29 8.27
N SER D 2 -20.11 0.45 9.14
CA SER D 2 -20.69 1.18 10.26
C SER D 2 -20.47 2.68 10.11
N ASP D 3 -20.91 3.48 11.09
CA ASP D 3 -20.78 4.94 11.06
C ASP D 3 -20.31 5.58 12.36
N GLU D 4 -19.89 4.82 13.39
CA GLU D 4 -19.40 5.41 14.64
C GLU D 4 -17.86 5.39 14.59
N ASP D 5 -17.27 4.24 14.24
CA ASP D 5 -15.82 4.05 14.16
C ASP D 5 -15.40 4.01 12.70
N THR D 6 -14.58 4.98 12.27
CA THR D 6 -14.06 5.08 10.90
C THR D 6 -12.66 5.69 10.98
N TYR D 7 -11.81 5.39 9.99
CA TYR D 7 -10.47 5.91 9.89
C TYR D 7 -10.46 6.89 8.71
N TYR D 8 -9.72 7.99 8.86
CA TYR D 8 -9.62 9.04 7.85
C TYR D 8 -8.16 9.36 7.54
N LEU D 9 -7.88 9.85 6.32
CA LEU D 9 -6.54 10.24 5.86
C LEU D 9 -6.71 11.43 4.92
N GLN D 10 -5.84 12.43 5.03
CA GLN D 10 -5.83 13.64 4.21
C GLN D 10 -4.38 14.00 3.82
N VAL D 11 -3.95 13.77 2.58
CA VAL D 11 -2.59 14.06 2.08
C VAL D 11 -2.65 14.34 0.57
N ARG D 12 -1.75 15.16 0.00
CA ARG D 12 -1.75 15.44 -1.45
C ARG D 12 -0.54 14.76 -2.10
N GLY D 13 -0.75 13.64 -2.77
CA GLY D 13 0.28 12.88 -3.48
C GLY D 13 -0.38 12.29 -4.71
N ARG D 14 -0.17 12.77 -5.95
CA ARG D 14 -0.84 12.21 -7.13
C ARG D 14 -0.58 10.73 -7.38
N LYS D 15 0.68 10.33 -7.52
CA LYS D 15 1.06 8.95 -7.79
C LYS D 15 0.69 8.06 -6.61
N ASN D 16 1.03 8.53 -5.41
CA ASN D 16 0.76 7.80 -4.19
C ASN D 16 -0.74 7.59 -3.96
N PHE D 17 -1.59 8.59 -4.20
CA PHE D 17 -3.02 8.44 -3.99
C PHE D 17 -3.62 7.43 -4.96
N GLU D 18 -3.22 7.45 -6.23
CA GLU D 18 -3.71 6.51 -7.26
C GLU D 18 -3.46 5.08 -6.76
N ILE D 19 -2.21 4.80 -6.39
CA ILE D 19 -1.78 3.50 -5.88
C ILE D 19 -2.60 3.14 -4.64
N LEU D 20 -2.63 4.04 -3.65
CA LEU D 20 -3.36 3.82 -2.42
C LEU D 20 -4.84 3.52 -2.68
N MET D 21 -5.49 4.11 -3.70
CA MET D 21 -6.90 3.80 -3.99
C MET D 21 -6.99 2.39 -4.55
N LYS D 22 -6.07 2.02 -5.47
CA LYS D 22 -6.05 0.69 -6.06
C LYS D 22 -5.98 -0.34 -4.95
N LEU D 23 -5.02 -0.18 -4.03
CA LEU D 23 -4.79 -1.06 -2.90
C LEU D 23 -5.90 -0.98 -1.83
N LYS D 24 -6.53 0.18 -1.60
CA LYS D 24 -7.59 0.33 -0.59
C LYS D 24 -8.74 -0.59 -0.95
N GLU D 25 -9.33 -0.41 -2.12
CA GLU D 25 -10.44 -1.25 -2.58
C GLU D 25 -9.94 -2.68 -2.74
N SER D 26 -8.71 -2.94 -3.21
CA SER D 26 -8.23 -4.31 -3.39
C SER D 26 -8.38 -5.14 -2.10
N LEU D 27 -7.92 -4.62 -0.97
CA LEU D 27 -8.02 -5.35 0.29
C LEU D 27 -9.46 -5.44 0.77
N GLU D 28 -10.23 -4.35 0.67
CA GLU D 28 -11.64 -4.31 1.09
C GLU D 28 -12.45 -5.37 0.33
N LEU D 29 -12.18 -5.48 -0.97
CA LEU D 29 -12.82 -6.39 -1.90
C LEU D 29 -12.34 -7.82 -1.64
N MET D 30 -11.03 -8.06 -1.51
CA MET D 30 -10.46 -9.39 -1.24
C MET D 30 -11.00 -9.93 0.11
N GLU D 31 -11.30 -9.04 1.05
CA GLU D 31 -11.82 -9.38 2.36
C GLU D 31 -13.30 -9.76 2.27
N LEU D 32 -14.12 -9.05 1.47
CA LEU D 32 -15.55 -9.37 1.36
C LEU D 32 -15.79 -10.59 0.45
N VAL D 33 -14.98 -10.79 -0.58
CA VAL D 33 -15.08 -11.90 -1.51
C VAL D 33 -14.43 -13.14 -0.89
N PRO D 34 -14.92 -14.37 -1.18
CA PRO D 34 -14.31 -15.58 -0.63
C PRO D 34 -12.95 -15.75 -1.33
N GLN D 35 -12.14 -16.71 -0.87
CA GLN D 35 -10.81 -16.97 -1.45
C GLN D 35 -10.70 -18.42 -1.98
N PRO D 36 -11.55 -18.83 -2.93
CA PRO D 36 -11.54 -20.19 -3.49
C PRO D 36 -10.37 -20.45 -4.45
N LEU D 37 -10.26 -19.67 -5.53
CA LEU D 37 -9.19 -19.81 -6.51
C LEU D 37 -7.85 -19.65 -5.82
N VAL D 38 -7.75 -18.70 -4.90
CA VAL D 38 -6.56 -18.38 -4.13
C VAL D 38 -6.01 -19.65 -3.48
N ASP D 39 -6.86 -20.46 -2.84
CA ASP D 39 -6.44 -21.69 -2.19
C ASP D 39 -5.93 -22.71 -3.22
N SER D 40 -6.70 -22.89 -4.30
CA SER D 40 -6.34 -23.83 -5.35
C SER D 40 -4.99 -23.47 -5.95
N TYR D 41 -4.82 -22.19 -6.30
CA TYR D 41 -3.61 -21.63 -6.87
C TYR D 41 -2.46 -21.82 -5.90
N ARG D 42 -2.64 -21.57 -4.60
CA ARG D 42 -1.56 -21.74 -3.63
C ARG D 42 -0.99 -23.15 -3.71
N GLN D 43 -1.82 -24.20 -3.70
CA GLN D 43 -1.31 -25.57 -3.77
C GLN D 43 -0.69 -25.89 -5.14
N GLN D 44 -1.41 -25.54 -6.21
CA GLN D 44 -1.00 -25.79 -7.58
C GLN D 44 0.36 -25.13 -7.85
N GLN D 45 0.58 -23.93 -7.29
CA GLN D 45 1.79 -23.15 -7.41
C GLN D 45 2.85 -23.65 -6.41
N GLN D 46 2.47 -24.22 -5.25
CA GLN D 46 3.45 -24.74 -4.28
C GLN D 46 4.25 -25.82 -4.99
N LEU D 47 3.61 -26.62 -5.86
CA LEU D 47 4.30 -27.67 -6.62
C LEU D 47 5.39 -27.11 -7.56
N LEU D 48 5.49 -25.79 -7.76
CA LEU D 48 6.49 -25.12 -8.59
C LEU D 48 7.76 -24.84 -7.76
N GLN D 49 7.75 -25.08 -6.45
CA GLN D 49 8.85 -24.84 -5.53
C GLN D 49 9.40 -26.16 -4.99
N ARG D 50 10.46 -26.08 -4.19
CA ARG D 50 11.14 -27.18 -3.52
C ARG D 50 10.72 -27.08 -2.07
N SER A 1 17.80 -11.47 14.29
CA SER A 1 17.26 -11.10 12.97
C SER A 1 16.74 -12.36 12.27
N ASP A 2 15.60 -12.87 12.74
CA ASP A 2 14.88 -14.07 12.29
C ASP A 2 14.12 -13.76 10.98
N ASP A 3 14.68 -12.90 10.15
CA ASP A 3 14.14 -12.41 8.87
C ASP A 3 14.47 -13.29 7.68
N GLU A 4 15.37 -14.25 7.89
CA GLU A 4 15.88 -15.25 6.97
C GLU A 4 16.18 -14.64 5.59
N LEU A 5 16.02 -15.40 4.50
CA LEU A 5 16.24 -14.94 3.14
C LEU A 5 15.06 -15.43 2.31
N LEU A 6 14.14 -14.56 1.86
CA LEU A 6 12.98 -14.96 1.08
C LEU A 6 13.06 -14.36 -0.33
N TYR A 7 12.20 -14.82 -1.25
CA TYR A 7 12.11 -14.37 -2.62
C TYR A 7 10.64 -14.42 -3.03
N LEU A 8 10.15 -13.41 -3.74
CA LEU A 8 8.76 -13.33 -4.19
C LEU A 8 8.67 -13.47 -5.70
N PRO A 9 8.37 -14.65 -6.27
CA PRO A 9 8.24 -14.82 -7.70
C PRO A 9 6.93 -14.14 -8.13
N VAL A 10 6.98 -13.12 -9.01
CA VAL A 10 5.80 -12.39 -9.49
C VAL A 10 6.01 -12.04 -10.96
N ARG A 11 4.94 -11.96 -11.76
CA ARG A 11 5.06 -11.58 -13.16
C ARG A 11 3.96 -10.57 -13.50
N GLY A 12 4.32 -9.29 -13.53
CA GLY A 12 3.45 -8.18 -13.84
C GLY A 12 4.31 -6.95 -14.08
N ARG A 13 4.44 -6.40 -15.28
CA ARG A 13 5.31 -5.22 -15.47
C ARG A 13 4.85 -4.02 -14.62
N GLU A 14 3.56 -3.71 -14.68
CA GLU A 14 3.02 -2.57 -13.91
C GLU A 14 2.99 -2.91 -12.42
N THR A 15 2.80 -4.19 -12.12
CA THR A 15 2.74 -4.73 -10.77
C THR A 15 4.12 -4.58 -10.11
N TYR A 16 5.19 -4.92 -10.84
CA TYR A 16 6.58 -4.84 -10.41
C TYR A 16 6.93 -3.40 -10.08
N GLU A 17 6.60 -2.46 -10.98
CA GLU A 17 6.87 -1.04 -10.78
C GLU A 17 6.29 -0.56 -9.44
N MET A 18 5.03 -0.90 -9.18
CA MET A 18 4.34 -0.53 -7.95
C MET A 18 4.96 -1.24 -6.73
N LEU A 19 5.22 -2.55 -6.84
CA LEU A 19 5.77 -3.34 -5.74
C LEU A 19 7.16 -2.88 -5.32
N LEU A 20 8.07 -2.65 -6.27
CA LEU A 20 9.44 -2.22 -5.98
C LEU A 20 9.42 -0.84 -5.33
N GLU A 21 8.68 0.11 -5.90
CA GLU A 21 8.61 1.46 -5.36
C GLU A 21 8.13 1.47 -3.89
N ILE A 22 7.07 0.71 -3.60
CA ILE A 22 6.54 0.59 -2.24
C ILE A 22 7.61 -0.01 -1.32
N LYS A 23 8.18 -1.16 -1.71
CA LYS A 23 9.20 -1.86 -0.94
C LYS A 23 10.39 -0.98 -0.67
N GLU A 24 10.90 -0.27 -1.68
CA GLU A 24 12.05 0.60 -1.52
C GLU A 24 11.78 1.66 -0.45
N SER A 25 10.66 2.38 -0.57
CA SER A 25 10.33 3.43 0.40
C SER A 25 10.16 2.89 1.83
N LEU A 26 9.52 1.73 1.99
CA LEU A 26 9.28 1.10 3.30
C LEU A 26 10.62 0.67 3.89
N GLU A 27 11.38 -0.15 3.15
CA GLU A 27 12.66 -0.63 3.63
C GLU A 27 13.57 0.54 3.97
N LEU A 28 13.60 1.61 3.18
CA LEU A 28 14.43 2.78 3.49
C LEU A 28 14.03 3.41 4.81
N MET A 29 12.73 3.63 5.05
CA MET A 29 12.25 4.21 6.30
C MET A 29 12.70 3.34 7.49
N GLN A 30 12.89 2.03 7.27
CA GLN A 30 13.35 1.11 8.30
C GLN A 30 14.90 1.04 8.33
N TYR A 31 15.60 1.29 7.22
CA TYR A 31 17.06 1.25 7.14
C TYR A 31 17.66 2.52 7.74
N LEU A 32 16.99 3.66 7.55
CA LEU A 32 17.36 4.98 8.04
C LEU A 32 16.28 5.37 9.05
N PRO A 33 16.21 4.73 10.24
CA PRO A 33 15.18 5.05 11.22
C PRO A 33 15.34 6.45 11.80
N GLN A 34 16.56 7.02 11.78
CA GLN A 34 16.84 8.34 12.32
C GLN A 34 17.29 9.32 11.23
N HIS A 35 18.05 8.89 10.21
CA HIS A 35 18.54 9.80 9.17
C HIS A 35 17.44 10.52 8.37
N THR A 36 16.40 9.84 7.89
CA THR A 36 15.34 10.50 7.13
C THR A 36 14.58 11.49 8.02
N ILE A 37 14.21 11.05 9.22
CA ILE A 37 13.49 11.84 10.21
C ILE A 37 14.30 13.08 10.62
N GLU A 38 15.63 12.95 10.69
CA GLU A 38 16.55 14.02 11.05
C GLU A 38 16.43 15.12 10.00
N THR A 39 16.54 14.79 8.71
CA THR A 39 16.45 15.78 7.65
C THR A 39 15.08 16.49 7.64
N TYR A 40 13.99 15.75 7.92
CA TYR A 40 12.64 16.32 7.94
C TYR A 40 12.60 17.45 8.97
N ARG A 41 13.01 17.17 10.21
CA ARG A 41 13.00 18.19 11.26
C ARG A 41 14.04 19.27 10.96
N GLN A 42 15.19 18.92 10.39
CA GLN A 42 16.23 19.87 10.04
C GLN A 42 15.62 20.90 9.10
N GLN A 43 15.05 20.50 7.96
CA GLN A 43 14.43 21.42 7.01
C GLN A 43 13.38 22.28 7.72
N GLN A 44 12.59 21.68 8.62
CA GLN A 44 11.55 22.37 9.36
C GLN A 44 12.13 23.52 10.17
N GLN A 45 13.13 23.28 11.02
CA GLN A 45 13.75 24.32 11.84
C GLN A 45 14.61 25.27 11.00
N GLN A 46 15.28 24.76 9.97
CA GLN A 46 16.15 25.51 9.07
C GLN A 46 15.38 26.62 8.36
N GLN A 47 14.07 26.45 8.12
CA GLN A 47 13.27 27.48 7.47
C GLN A 47 13.34 28.78 8.28
N HIS A 48 13.32 28.67 9.61
CA HIS A 48 13.40 29.82 10.50
C HIS A 48 14.79 30.45 10.35
N GLN A 49 15.85 29.63 10.38
CA GLN A 49 17.22 30.10 10.22
C GLN A 49 17.45 30.75 8.87
N HIS A 50 16.73 30.33 7.83
CA HIS A 50 16.86 30.90 6.51
C HIS A 50 16.43 32.37 6.55
N LEU A 51 15.35 32.66 7.28
CA LEU A 51 14.81 34.01 7.45
C LEU A 51 15.76 34.84 8.32
N LEU A 52 16.16 34.30 9.48
CA LEU A 52 17.08 35.00 10.40
C LEU A 52 18.40 35.32 9.71
N GLN A 53 18.82 34.45 8.77
CA GLN A 53 20.02 34.55 7.98
C GLN A 53 21.25 34.83 8.86
N LYS A 54 22.14 35.78 8.50
CA LYS A 54 23.34 36.11 9.29
C LYS A 54 23.63 37.61 9.42
N GLN A 55 22.94 38.48 8.70
CA GLN A 55 23.14 39.93 8.77
C GLN A 55 21.78 40.58 8.93
N THR A 56 21.24 40.44 10.13
CA THR A 56 19.95 40.94 10.58
C THR A 56 20.15 41.64 11.93
N SER A 57 19.08 41.90 12.67
CA SER A 57 19.12 42.54 13.98
C SER A 57 18.12 41.80 14.91
N ILE A 58 17.79 42.39 16.06
CA ILE A 58 16.87 41.81 17.03
C ILE A 58 15.58 41.36 16.33
N GLN A 59 15.28 40.07 16.39
CA GLN A 59 14.11 39.48 15.77
C GLN A 59 12.89 39.69 16.68
N SER A 60 11.71 39.59 16.09
CA SER A 60 10.40 39.71 16.69
C SER A 60 9.46 38.89 15.81
N GLY B 1 5.04 24.78 0.06
CA GLY B 1 3.99 24.78 -0.97
C GLY B 1 3.13 23.54 -0.86
N SER B 2 1.83 23.75 -1.00
CA SER B 2 0.79 22.74 -0.96
C SER B 2 -0.19 23.03 -2.08
N ASP B 3 -1.07 22.07 -2.36
CA ASP B 3 -2.09 22.15 -3.38
C ASP B 3 -3.42 21.99 -2.68
N GLU B 4 -4.43 22.75 -3.08
CA GLU B 4 -5.76 22.72 -2.50
C GLU B 4 -6.49 21.41 -2.84
N ASP B 5 -6.01 20.67 -3.84
CA ASP B 5 -6.60 19.40 -4.26
C ASP B 5 -6.12 18.24 -3.39
N THR B 6 -6.13 18.44 -2.08
CA THR B 6 -5.75 17.42 -1.11
C THR B 6 -6.81 16.31 -1.24
N TYR B 7 -6.43 15.04 -1.11
CA TYR B 7 -7.39 13.94 -1.27
C TYR B 7 -7.79 13.46 0.12
N TYR B 8 -9.10 13.33 0.35
CA TYR B 8 -9.70 12.90 1.59
C TYR B 8 -10.21 11.48 1.37
N LEU B 9 -9.89 10.54 2.27
CA LEU B 9 -10.32 9.14 2.17
C LEU B 9 -11.00 8.80 3.49
N GLN B 10 -11.98 7.88 3.47
CA GLN B 10 -12.77 7.46 4.63
C GLN B 10 -13.18 5.97 4.59
N VAL B 11 -12.57 5.08 5.40
CA VAL B 11 -12.88 3.63 5.46
C VAL B 11 -12.60 3.09 6.88
N ARG B 12 -13.30 2.07 7.40
CA ARG B 12 -12.99 1.55 8.75
C ARG B 12 -12.55 0.09 8.64
N GLY B 13 -11.23 -0.11 8.68
CA GLY B 13 -10.58 -1.41 8.62
C GLY B 13 -9.35 -1.35 9.51
N ARG B 14 -9.11 -2.35 10.37
CA ARG B 14 -7.95 -2.36 11.27
C ARG B 14 -6.64 -2.53 10.52
N LYS B 15 -6.47 -3.61 9.76
CA LYS B 15 -5.24 -3.85 8.99
C LYS B 15 -5.15 -2.79 7.90
N ASN B 16 -6.28 -2.52 7.25
CA ASN B 16 -6.44 -1.57 6.17
C ASN B 16 -5.88 -0.20 6.56
N PHE B 17 -6.27 0.32 7.72
CA PHE B 17 -5.77 1.63 8.12
C PHE B 17 -4.29 1.59 8.48
N GLU B 18 -3.87 0.66 9.35
CA GLU B 18 -2.48 0.52 9.79
C GLU B 18 -1.50 0.46 8.63
N ILE B 19 -1.72 -0.46 7.70
CA ILE B 19 -0.87 -0.68 6.55
C ILE B 19 -0.85 0.57 5.66
N LEU B 20 -2.01 1.05 5.21
CA LEU B 20 -2.03 2.23 4.34
C LEU B 20 -1.51 3.50 5.03
N MET B 21 -1.64 3.64 6.35
CA MET B 21 -1.15 4.82 7.08
C MET B 21 0.37 4.76 7.11
N LYS B 22 0.95 3.63 7.54
CA LYS B 22 2.40 3.45 7.61
C LYS B 22 2.99 3.79 6.24
N LEU B 23 2.44 3.21 5.17
CA LEU B 23 2.94 3.50 3.83
C LEU B 23 2.77 4.96 3.45
N LYS B 24 1.69 5.64 3.85
CA LYS B 24 1.50 7.06 3.52
C LYS B 24 2.67 7.87 4.05
N GLU B 25 2.94 7.79 5.36
CA GLU B 25 4.02 8.52 6.00
C GLU B 25 5.38 8.04 5.46
N SER B 26 5.54 6.76 5.12
CA SER B 26 6.78 6.22 4.58
C SER B 26 7.09 6.89 3.24
N LEU B 27 6.08 6.96 2.36
CA LEU B 27 6.22 7.55 1.04
C LEU B 27 6.49 9.04 1.17
N GLU B 28 5.71 9.78 1.98
CA GLU B 28 5.93 11.21 2.15
C GLU B 28 7.38 11.48 2.61
N LEU B 29 7.92 10.64 3.50
CA LEU B 29 9.29 10.79 3.99
C LEU B 29 10.29 10.52 2.87
N MET B 30 10.11 9.43 2.11
CA MET B 30 11.00 9.10 1.01
C MET B 30 10.86 10.09 -0.16
N GLU B 31 9.77 10.85 -0.23
CA GLU B 31 9.53 11.84 -1.28
C GLU B 31 10.29 13.12 -0.90
N LEU B 32 10.23 13.55 0.37
CA LEU B 32 10.90 14.77 0.82
C LEU B 32 12.41 14.65 1.01
N VAL B 33 12.93 13.48 1.40
CA VAL B 33 14.36 13.25 1.59
C VAL B 33 14.96 12.65 0.32
N PRO B 34 16.23 12.93 -0.02
CA PRO B 34 16.87 12.38 -1.19
C PRO B 34 17.18 10.88 -0.99
N GLN B 35 17.81 10.23 -1.98
CA GLN B 35 18.13 8.81 -1.97
C GLN B 35 19.64 8.45 -1.90
N PRO B 36 20.48 9.02 -1.01
CA PRO B 36 21.92 8.69 -0.96
C PRO B 36 22.17 7.26 -0.51
N LEU B 37 21.59 6.82 0.62
CA LEU B 37 21.79 5.45 1.08
C LEU B 37 21.29 4.47 0.04
N VAL B 38 20.22 4.81 -0.69
CA VAL B 38 19.65 3.96 -1.71
C VAL B 38 20.66 3.74 -2.84
N ASP B 39 21.37 4.78 -3.27
CA ASP B 39 22.36 4.70 -4.34
C ASP B 39 23.50 3.75 -3.95
N SER B 40 24.09 3.93 -2.76
CA SER B 40 25.17 3.07 -2.29
C SER B 40 24.64 1.64 -2.04
N TYR B 41 23.50 1.51 -1.34
CA TYR B 41 22.89 0.23 -1.03
C TYR B 41 22.60 -0.54 -2.32
N ARG B 42 22.05 0.13 -3.34
CA ARG B 42 21.71 -0.48 -4.62
C ARG B 42 22.97 -1.09 -5.24
N GLN B 43 24.08 -0.35 -5.28
CA GLN B 43 25.30 -0.88 -5.87
C GLN B 43 25.74 -2.13 -5.10
N GLN B 44 25.92 -1.99 -3.78
CA GLN B 44 26.35 -3.06 -2.89
C GLN B 44 25.46 -4.30 -3.03
N GLN B 45 24.13 -4.13 -2.97
CA GLN B 45 23.16 -5.22 -3.09
C GLN B 45 23.21 -5.85 -4.48
N GLN B 46 23.37 -5.05 -5.55
CA GLN B 46 23.43 -5.56 -6.91
C GLN B 46 24.57 -6.59 -7.03
N LEU B 47 25.72 -6.35 -6.39
CA LEU B 47 26.86 -7.25 -6.42
C LEU B 47 26.54 -8.63 -5.84
N LEU B 48 25.53 -8.74 -4.97
CA LEU B 48 25.11 -9.99 -4.34
C LEU B 48 24.53 -10.99 -5.32
N GLN B 49 24.10 -10.55 -6.52
CA GLN B 49 23.49 -11.41 -7.52
C GLN B 49 24.10 -11.11 -8.90
N ARG B 50 23.72 -11.88 -9.92
CA ARG B 50 24.19 -11.75 -11.30
C ARG B 50 24.00 -10.33 -11.82
N SER C 1 2.19 -10.10 -22.92
CA SER C 1 2.53 -10.82 -21.68
C SER C 1 4.02 -10.67 -21.33
N ASP C 2 4.70 -9.66 -21.89
CA ASP C 2 6.10 -9.29 -21.77
C ASP C 2 6.43 -8.73 -20.38
N ASP C 3 5.76 -9.24 -19.37
CA ASP C 3 5.89 -8.90 -17.97
C ASP C 3 7.21 -9.49 -17.48
N GLU C 4 7.43 -10.75 -17.88
CA GLU C 4 8.55 -11.66 -17.62
C GLU C 4 8.41 -12.26 -16.21
N LEU C 5 9.11 -13.37 -15.92
CA LEU C 5 9.05 -14.03 -14.62
C LEU C 5 10.15 -13.39 -13.78
N LEU C 6 9.77 -12.48 -12.88
CA LEU C 6 10.71 -11.80 -11.99
C LEU C 6 10.58 -12.40 -10.60
N TYR C 7 11.55 -12.07 -9.75
CA TYR C 7 11.63 -12.51 -8.38
C TYR C 7 12.06 -11.31 -7.56
N LEU C 8 11.44 -11.12 -6.40
CA LEU C 8 11.73 -10.00 -5.50
C LEU C 8 12.40 -10.53 -4.23
N PRO C 9 13.75 -10.55 -4.16
CA PRO C 9 14.46 -11.02 -2.98
C PRO C 9 14.24 -10.01 -1.84
N VAL C 10 13.69 -10.44 -0.70
CA VAL C 10 13.42 -9.60 0.47
C VAL C 10 13.66 -10.44 1.74
N ARG C 11 14.11 -9.81 2.84
CA ARG C 11 14.34 -10.49 4.12
C ARG C 11 13.74 -9.62 5.22
N GLY C 12 12.56 -9.99 5.72
CA GLY C 12 11.87 -9.29 6.79
C GLY C 12 10.69 -10.13 7.28
N ARG C 13 10.49 -10.44 8.57
CA ARG C 13 9.29 -11.22 8.94
C ARG C 13 8.02 -10.42 8.76
N GLU C 14 7.95 -9.21 9.31
CA GLU C 14 6.76 -8.39 9.15
C GLU C 14 6.64 -7.94 7.70
N THR C 15 7.80 -7.66 7.09
CA THR C 15 7.94 -7.21 5.74
C THR C 15 7.32 -8.22 4.77
N TYR C 16 7.70 -9.50 4.88
CA TYR C 16 7.21 -10.57 4.03
C TYR C 16 5.70 -10.76 4.24
N GLU C 17 5.24 -10.82 5.49
CA GLU C 17 3.83 -11.01 5.81
C GLU C 17 2.92 -10.00 5.10
N MET C 18 3.15 -8.71 5.33
CA MET C 18 2.37 -7.63 4.74
C MET C 18 2.55 -7.58 3.22
N LEU C 19 3.77 -7.78 2.72
CA LEU C 19 4.06 -7.76 1.29
C LEU C 19 3.24 -8.82 0.57
N LEU C 20 3.17 -10.03 1.13
CA LEU C 20 2.44 -11.15 0.55
C LEU C 20 0.94 -10.85 0.55
N GLU C 21 0.40 -10.38 1.68
CA GLU C 21 -1.01 -10.04 1.81
C GLU C 21 -1.44 -9.05 0.73
N ILE C 22 -0.67 -7.96 0.56
CA ILE C 22 -0.95 -6.94 -0.44
C ILE C 22 -0.81 -7.55 -1.84
N LYS C 23 0.30 -8.24 -2.11
CA LYS C 23 0.59 -8.89 -3.39
C LYS C 23 -0.59 -9.74 -3.83
N GLU C 24 -1.12 -10.55 -2.91
CA GLU C 24 -2.24 -11.43 -3.17
C GLU C 24 -3.51 -10.65 -3.47
N SER C 25 -3.88 -9.66 -2.64
CA SER C 25 -5.10 -8.88 -2.87
C SER C 25 -5.14 -8.21 -4.25
N LEU C 26 -3.99 -7.72 -4.72
CA LEU C 26 -3.88 -7.07 -6.02
C LEU C 26 -3.97 -8.12 -7.12
N GLU C 27 -3.23 -9.24 -6.97
CA GLU C 27 -3.25 -10.32 -7.95
C GLU C 27 -4.69 -10.81 -8.10
N LEU C 28 -5.44 -10.89 -7.00
CA LEU C 28 -6.82 -11.34 -7.03
C LEU C 28 -7.68 -10.40 -7.84
N MET C 29 -7.56 -9.08 -7.66
CA MET C 29 -8.36 -8.16 -8.47
C MET C 29 -8.04 -8.41 -9.96
N GLN C 30 -6.75 -8.58 -10.27
CA GLN C 30 -6.28 -8.83 -11.63
C GLN C 30 -6.76 -10.19 -12.17
N TYR C 31 -6.87 -11.23 -11.33
CA TYR C 31 -7.32 -12.55 -11.76
C TYR C 31 -8.84 -12.62 -11.86
N LEU C 32 -9.57 -11.98 -10.97
CA LEU C 32 -11.02 -11.96 -10.90
C LEU C 32 -11.58 -10.53 -11.10
N PRO C 33 -11.40 -9.92 -12.30
CA PRO C 33 -11.88 -8.57 -12.59
C PRO C 33 -13.40 -8.49 -12.79
N GLN C 34 -14.11 -9.63 -12.78
CA GLN C 34 -15.55 -9.70 -12.96
C GLN C 34 -16.19 -10.72 -12.00
N HIS C 35 -15.42 -11.70 -11.52
CA HIS C 35 -15.89 -12.74 -10.60
C HIS C 35 -16.17 -12.10 -9.23
N THR C 36 -15.16 -11.45 -8.62
CA THR C 36 -15.28 -10.78 -7.32
C THR C 36 -16.29 -9.64 -7.39
N ILE C 37 -16.26 -8.89 -8.49
CA ILE C 37 -17.15 -7.77 -8.75
C ILE C 37 -18.59 -8.26 -8.72
N GLU C 38 -18.85 -9.41 -9.36
CA GLU C 38 -20.18 -9.99 -9.38
C GLU C 38 -20.59 -10.33 -7.96
N THR C 39 -19.75 -10.99 -7.14
CA THR C 39 -20.11 -11.33 -5.77
C THR C 39 -20.56 -10.11 -4.96
N TYR C 40 -19.95 -8.93 -5.19
CA TYR C 40 -20.32 -7.71 -4.49
C TYR C 40 -21.75 -7.32 -4.90
N ARG C 41 -22.02 -7.20 -6.21
CA ARG C 41 -23.35 -6.81 -6.69
C ARG C 41 -24.39 -7.89 -6.35
N GLN C 42 -24.03 -9.16 -6.41
CA GLN C 42 -24.88 -10.30 -6.10
C GLN C 42 -25.37 -10.16 -4.66
N GLN C 43 -24.49 -9.89 -3.68
CA GLN C 43 -24.88 -9.73 -2.29
C GLN C 43 -25.82 -8.53 -2.17
N GLN C 44 -25.47 -7.41 -2.82
CA GLN C 44 -26.25 -6.18 -2.80
C GLN C 44 -27.69 -6.45 -3.25
N GLN C 45 -27.87 -7.26 -4.30
CA GLN C 45 -29.16 -7.63 -4.83
C GLN C 45 -29.85 -8.65 -3.91
N GLN C 46 -29.10 -9.64 -3.43
CA GLN C 46 -29.60 -10.69 -2.54
C GLN C 46 -30.13 -10.09 -1.25
N GLN C 47 -29.51 -9.01 -0.74
CA GLN C 47 -29.95 -8.38 0.49
C GLN C 47 -31.41 -7.90 0.34
N HIS C 48 -31.82 -7.51 -0.87
CA HIS C 48 -33.17 -7.06 -1.16
C HIS C 48 -34.07 -8.31 -1.22
N GLN C 49 -33.72 -9.30 -2.05
CA GLN C 49 -34.50 -10.52 -2.19
C GLN C 49 -34.66 -11.31 -0.90
N HIS C 50 -33.70 -11.23 0.01
CA HIS C 50 -33.74 -11.91 1.29
C HIS C 50 -34.97 -11.44 2.07
N LEU C 51 -35.34 -10.15 1.96
CA LEU C 51 -36.49 -9.57 2.63
C LEU C 51 -37.77 -10.01 1.91
N LEU C 52 -37.82 -9.87 0.58
CA LEU C 52 -38.98 -10.25 -0.22
C LEU C 52 -39.27 -11.75 -0.07
N GLN C 53 -38.24 -12.55 0.22
CA GLN C 53 -38.25 -13.98 0.42
C GLN C 53 -39.05 -14.70 -0.69
N LYS C 54 -40.05 -15.54 -0.35
CA LYS C 54 -40.87 -16.26 -1.31
C LYS C 54 -42.34 -16.35 -0.87
N GLN C 55 -42.62 -16.70 0.39
CA GLN C 55 -43.99 -16.81 0.89
C GLN C 55 -44.42 -15.45 1.45
N THR C 56 -44.61 -14.50 0.56
CA THR C 56 -44.99 -13.11 0.82
C THR C 56 -46.13 -12.72 -0.15
N SER C 57 -46.34 -11.43 -0.40
CA SER C 57 -47.38 -10.95 -1.31
C SER C 57 -46.83 -9.71 -2.04
N ILE C 58 -47.60 -8.63 -2.18
CA ILE C 58 -47.16 -7.41 -2.85
C ILE C 58 -46.06 -6.72 -2.04
N GLN C 59 -45.29 -5.84 -2.67
CA GLN C 59 -44.20 -5.07 -2.11
C GLN C 59 -44.21 -3.71 -2.83
N SER C 60 -43.60 -2.70 -2.23
CA SER C 60 -43.49 -1.35 -2.76
C SER C 60 -42.16 -0.79 -2.28
N GLY D 1 -24.19 -3.09 8.12
CA GLY D 1 -23.79 -2.43 9.37
C GLY D 1 -22.70 -1.41 9.10
N SER D 2 -22.28 -0.70 10.14
CA SER D 2 -21.25 0.32 10.11
C SER D 2 -20.72 0.53 11.53
N ASP D 3 -19.74 1.41 11.66
CA ASP D 3 -19.09 1.77 12.91
C ASP D 3 -18.73 3.25 12.79
N GLU D 4 -18.69 3.98 13.90
CA GLU D 4 -18.35 5.41 13.91
C GLU D 4 -16.84 5.60 14.17
N ASP D 5 -16.07 4.49 14.14
CA ASP D 5 -14.62 4.44 14.32
C ASP D 5 -13.96 4.58 12.94
N THR D 6 -14.64 5.21 11.98
CA THR D 6 -14.14 5.40 10.63
C THR D 6 -12.85 6.22 10.68
N TYR D 7 -11.86 5.79 9.89
CA TYR D 7 -10.58 6.47 9.85
C TYR D 7 -10.56 7.30 8.58
N TYR D 8 -10.23 8.56 8.76
CA TYR D 8 -10.14 9.56 7.71
C TYR D 8 -8.65 9.82 7.50
N LEU D 9 -8.27 10.28 6.30
CA LEU D 9 -6.86 10.57 6.01
C LEU D 9 -6.85 11.67 4.95
N GLN D 10 -6.11 12.75 5.18
CA GLN D 10 -5.98 13.94 4.33
C GLN D 10 -4.53 14.18 3.88
N VAL D 11 -4.21 13.90 2.60
CA VAL D 11 -2.87 14.09 1.99
C VAL D 11 -2.98 14.27 0.48
N ARG D 12 -2.08 15.03 -0.15
CA ARG D 12 -2.05 15.22 -1.61
C ARG D 12 -0.79 14.52 -2.11
N GLY D 13 -0.92 13.34 -2.70
CA GLY D 13 0.19 12.57 -3.25
C GLY D 13 -0.35 11.98 -4.54
N ARG D 14 0.20 12.32 -5.70
CA ARG D 14 -0.36 11.80 -6.95
C ARG D 14 -0.23 10.29 -7.11
N LYS D 15 0.99 9.73 -7.06
CA LYS D 15 1.14 8.28 -7.21
C LYS D 15 0.62 7.61 -5.95
N ASN D 16 0.90 8.22 -4.78
CA ASN D 16 0.49 7.71 -3.49
C ASN D 16 -1.01 7.50 -3.48
N PHE D 17 -1.82 8.48 -3.87
CA PHE D 17 -3.27 8.30 -3.87
C PHE D 17 -3.66 7.21 -4.87
N GLU D 18 -3.08 7.19 -6.07
CA GLU D 18 -3.39 6.20 -7.10
C GLU D 18 -3.25 4.77 -6.55
N ILE D 19 -2.08 4.48 -5.98
CA ILE D 19 -1.68 3.21 -5.40
C ILE D 19 -2.52 2.88 -4.16
N LEU D 20 -2.51 3.77 -3.16
CA LEU D 20 -3.23 3.57 -1.91
C LEU D 20 -4.75 3.39 -2.14
N MET D 21 -5.35 4.10 -3.11
CA MET D 21 -6.78 3.98 -3.41
C MET D 21 -7.04 2.62 -4.05
N LYS D 22 -6.28 2.27 -5.10
CA LYS D 22 -6.42 1.00 -5.79
C LYS D 22 -6.36 -0.14 -4.78
N LEU D 23 -5.32 -0.15 -3.94
CA LEU D 23 -5.15 -1.19 -2.95
C LEU D 23 -6.25 -1.15 -1.88
N LYS D 24 -6.81 0.01 -1.52
CA LYS D 24 -7.88 0.09 -0.51
C LYS D 24 -9.11 -0.66 -1.04
N GLU D 25 -9.51 -0.40 -2.29
CA GLU D 25 -10.65 -1.06 -2.91
C GLU D 25 -10.31 -2.55 -3.09
N SER D 26 -9.09 -2.88 -3.51
CA SER D 26 -8.64 -4.27 -3.71
C SER D 26 -8.83 -5.07 -2.42
N LEU D 27 -8.50 -4.46 -1.28
CA LEU D 27 -8.60 -5.10 0.02
C LEU D 27 -10.06 -5.36 0.38
N GLU D 28 -10.94 -4.37 0.32
CA GLU D 28 -12.36 -4.57 0.66
C GLU D 28 -12.97 -5.66 -0.23
N LEU D 29 -12.67 -5.64 -1.52
CA LEU D 29 -13.17 -6.63 -2.48
C LEU D 29 -12.69 -8.03 -2.08
N MET D 30 -11.40 -8.18 -1.81
CA MET D 30 -10.82 -9.46 -1.43
C MET D 30 -11.32 -9.93 -0.05
N GLU D 31 -11.68 -8.99 0.83
CA GLU D 31 -12.17 -9.22 2.19
C GLU D 31 -13.65 -9.59 2.24
N LEU D 32 -14.44 -9.23 1.22
CA LEU D 32 -15.86 -9.55 1.16
C LEU D 32 -16.10 -10.83 0.36
N VAL D 33 -15.21 -11.18 -0.58
CA VAL D 33 -15.28 -12.39 -1.40
C VAL D 33 -14.42 -13.49 -0.75
N PRO D 34 -14.79 -14.78 -0.87
CA PRO D 34 -14.02 -15.88 -0.30
C PRO D 34 -12.70 -16.09 -1.08
N GLN D 35 -11.93 -17.15 -0.80
CA GLN D 35 -10.66 -17.42 -1.46
C GLN D 35 -10.59 -18.64 -2.43
N PRO D 36 -11.63 -19.03 -3.21
CA PRO D 36 -11.55 -20.21 -4.09
C PRO D 36 -10.45 -20.12 -5.15
N LEU D 37 -10.40 -19.03 -5.94
CA LEU D 37 -9.36 -18.91 -6.96
C LEU D 37 -8.00 -18.93 -6.28
N VAL D 38 -7.87 -18.26 -5.13
CA VAL D 38 -6.63 -18.19 -4.38
C VAL D 38 -6.17 -19.60 -4.03
N ASP D 39 -7.06 -20.45 -3.51
CA ASP D 39 -6.76 -21.83 -3.14
C ASP D 39 -6.28 -22.62 -4.35
N SER D 40 -7.05 -22.59 -5.44
CA SER D 40 -6.71 -23.30 -6.67
C SER D 40 -5.37 -22.82 -7.26
N TYR D 41 -5.14 -21.50 -7.27
CA TYR D 41 -3.93 -20.89 -7.78
C TYR D 41 -2.75 -21.26 -6.90
N ARG D 42 -2.86 -21.04 -5.59
CA ARG D 42 -1.83 -21.32 -4.61
C ARG D 42 -1.33 -22.74 -4.71
N GLN D 43 -2.22 -23.74 -4.82
CA GLN D 43 -1.78 -25.12 -4.93
C GLN D 43 -1.05 -25.36 -6.25
N GLN D 44 -1.60 -24.92 -7.40
CA GLN D 44 -0.94 -25.10 -8.69
C GLN D 44 0.44 -24.42 -8.66
N GLN D 45 0.52 -23.22 -8.09
CA GLN D 45 1.73 -22.42 -7.96
C GLN D 45 2.71 -23.15 -7.02
N GLN D 46 2.20 -23.89 -6.03
CA GLN D 46 3.02 -24.64 -5.09
C GLN D 46 3.85 -25.65 -5.90
N LEU D 47 3.22 -26.34 -6.85
CA LEU D 47 3.85 -27.33 -7.72
C LEU D 47 4.93 -26.74 -8.64
N LEU D 48 5.05 -25.42 -8.76
CA LEU D 48 6.08 -24.79 -9.60
C LEU D 48 7.43 -24.79 -8.87
N GLN D 49 7.42 -24.94 -7.55
CA GLN D 49 8.59 -24.95 -6.68
C GLN D 49 8.56 -26.22 -5.82
N ARG D 50 9.59 -26.40 -5.00
CA ARG D 50 9.68 -27.55 -4.11
C ARG D 50 8.50 -27.49 -3.16
N SER A 1 17.00 -15.47 10.21
CA SER A 1 15.87 -14.60 10.59
C SER A 1 16.00 -13.20 9.97
N ASP A 2 16.74 -12.28 10.58
CA ASP A 2 16.93 -10.91 10.09
C ASP A 2 17.64 -10.90 8.74
N ASP A 3 18.43 -11.93 8.45
CA ASP A 3 19.21 -12.12 7.24
C ASP A 3 18.63 -13.16 6.29
N GLU A 4 17.42 -13.68 6.57
CA GLU A 4 16.75 -14.71 5.79
C GLU A 4 16.55 -14.25 4.34
N LEU A 5 17.36 -14.79 3.43
CA LEU A 5 17.27 -14.44 2.04
C LEU A 5 16.01 -15.08 1.46
N LEU A 6 14.97 -14.28 1.20
CA LEU A 6 13.71 -14.75 0.61
C LEU A 6 13.64 -14.23 -0.82
N TYR A 7 12.78 -14.87 -1.60
CA TYR A 7 12.49 -14.59 -3.00
C TYR A 7 10.97 -14.67 -3.13
N LEU A 8 10.31 -13.58 -3.48
CA LEU A 8 8.85 -13.55 -3.65
C LEU A 8 8.62 -13.79 -5.16
N PRO A 9 8.17 -14.97 -5.62
CA PRO A 9 7.95 -15.25 -7.04
C PRO A 9 6.67 -14.56 -7.52
N VAL A 10 6.76 -13.62 -8.46
CA VAL A 10 5.62 -12.89 -9.00
C VAL A 10 5.84 -12.60 -10.48
N ARG A 11 4.79 -12.50 -11.30
CA ARG A 11 4.94 -12.19 -12.73
C ARG A 11 3.91 -11.13 -13.14
N GLY A 12 4.35 -9.89 -13.27
CA GLY A 12 3.58 -8.73 -13.70
C GLY A 12 4.57 -7.61 -13.98
N ARG A 13 4.45 -6.85 -15.08
CA ARG A 13 5.37 -5.75 -15.37
C ARG A 13 5.13 -4.59 -14.40
N GLU A 14 3.87 -4.16 -14.31
CA GLU A 14 3.42 -3.06 -13.46
C GLU A 14 3.45 -3.52 -12.00
N THR A 15 3.21 -4.82 -11.78
CA THR A 15 3.22 -5.45 -10.47
C THR A 15 4.62 -5.27 -9.87
N TYR A 16 5.67 -5.61 -10.64
CA TYR A 16 7.05 -5.48 -10.21
C TYR A 16 7.39 -4.01 -9.94
N GLU A 17 6.91 -3.07 -10.77
CA GLU A 17 7.20 -1.64 -10.55
C GLU A 17 6.62 -1.16 -9.23
N MET A 18 5.30 -1.30 -9.01
CA MET A 18 4.67 -0.84 -7.76
C MET A 18 5.33 -1.53 -6.56
N LEU A 19 5.54 -2.84 -6.66
CA LEU A 19 6.14 -3.58 -5.57
C LEU A 19 7.53 -3.02 -5.25
N LEU A 20 8.40 -2.81 -6.23
CA LEU A 20 9.73 -2.28 -5.97
C LEU A 20 9.65 -0.84 -5.46
N GLU A 21 8.79 0.02 -6.01
CA GLU A 21 8.66 1.41 -5.57
C GLU A 21 8.32 1.45 -4.07
N ILE A 22 7.31 0.68 -3.67
CA ILE A 22 6.86 0.61 -2.28
C ILE A 22 7.94 -0.03 -1.43
N LYS A 23 8.43 -1.21 -1.83
CA LYS A 23 9.42 -1.97 -1.10
C LYS A 23 10.70 -1.16 -0.87
N GLU A 24 11.25 -0.51 -1.89
CA GLU A 24 12.47 0.27 -1.78
C GLU A 24 12.25 1.34 -0.72
N SER A 25 11.22 2.16 -0.89
CA SER A 25 10.91 3.24 0.03
C SER A 25 10.70 2.77 1.49
N LEU A 26 10.09 1.59 1.71
CA LEU A 26 9.86 1.06 3.05
C LEU A 26 11.13 0.47 3.67
N GLU A 27 11.96 -0.20 2.86
CA GLU A 27 13.19 -0.81 3.31
C GLU A 27 14.14 0.29 3.81
N LEU A 28 14.32 1.31 2.98
CA LEU A 28 15.19 2.45 3.25
C LEU A 28 14.73 3.21 4.50
N MET A 29 13.45 3.61 4.60
CA MET A 29 12.96 4.34 5.78
C MET A 29 13.22 3.57 7.08
N GLN A 30 12.91 2.26 7.13
CA GLN A 30 13.10 1.47 8.35
C GLN A 30 14.59 1.16 8.63
N TYR A 31 15.42 1.04 7.59
CA TYR A 31 16.84 0.74 7.75
C TYR A 31 17.57 1.95 8.33
N LEU A 32 17.33 3.15 7.78
CA LEU A 32 17.95 4.40 8.22
C LEU A 32 16.84 5.38 8.67
N PRO A 33 16.27 5.18 9.86
CA PRO A 33 15.20 6.01 10.39
C PRO A 33 15.71 7.32 11.02
N GLN A 34 16.26 8.21 10.19
CA GLN A 34 16.79 9.50 10.64
C GLN A 34 15.70 10.34 11.33
N HIS A 35 16.09 11.44 11.99
CA HIS A 35 15.18 12.33 12.70
C HIS A 35 13.97 12.71 11.85
N THR A 36 14.15 13.10 10.59
CA THR A 36 13.06 13.47 9.70
C THR A 36 12.05 12.31 9.55
N ILE A 37 12.54 11.11 9.22
CA ILE A 37 11.77 9.89 9.03
C ILE A 37 10.99 9.56 10.31
N GLU A 38 11.65 9.70 11.47
CA GLU A 38 11.04 9.43 12.76
C GLU A 38 10.01 10.49 13.13
N THR A 39 10.30 11.77 12.90
CA THR A 39 9.44 12.91 13.20
C THR A 39 8.14 12.78 12.42
N TYR A 40 8.21 12.47 11.13
CA TYR A 40 7.01 12.31 10.32
C TYR A 40 6.17 11.19 10.93
N ARG A 41 6.80 10.01 11.17
CA ARG A 41 6.09 8.88 11.77
C ARG A 41 5.45 9.29 13.08
N GLN A 42 6.17 9.96 13.98
CA GLN A 42 5.66 10.41 15.26
C GLN A 42 4.43 11.32 15.07
N GLN A 43 4.48 12.23 14.10
CA GLN A 43 3.41 13.17 13.79
C GLN A 43 2.08 12.45 13.55
N GLN A 44 2.03 11.49 12.62
CA GLN A 44 0.79 10.77 12.34
C GLN A 44 0.50 9.71 13.39
N GLN A 45 1.53 8.98 13.84
CA GLN A 45 1.42 7.91 14.82
C GLN A 45 0.77 8.40 16.10
N GLN A 46 1.11 9.60 16.57
CA GLN A 46 0.53 10.16 17.78
C GLN A 46 -1.00 10.15 17.67
N GLN A 47 -1.54 10.58 16.52
CA GLN A 47 -2.98 10.61 16.29
C GLN A 47 -3.52 9.18 16.17
N HIS A 48 -2.94 8.37 15.29
CA HIS A 48 -3.31 6.98 15.02
C HIS A 48 -3.38 6.11 16.27
N GLN A 49 -2.46 6.29 17.21
CA GLN A 49 -2.39 5.52 18.45
C GLN A 49 -3.69 5.56 19.26
N HIS A 50 -4.50 6.61 19.14
CA HIS A 50 -5.76 6.66 19.88
C HIS A 50 -6.71 5.57 19.38
N LEU A 51 -6.58 5.16 18.11
CA LEU A 51 -7.36 4.12 17.43
C LEU A 51 -6.64 2.75 17.46
N LEU A 52 -5.56 2.60 18.24
CA LEU A 52 -4.77 1.36 18.31
C LEU A 52 -5.51 0.16 18.90
N GLN A 53 -6.73 0.29 19.42
CA GLN A 53 -7.47 -0.83 19.98
C GLN A 53 -8.03 -1.67 18.83
N LYS A 54 -7.18 -2.52 18.24
CA LYS A 54 -7.53 -3.40 17.13
C LYS A 54 -8.63 -4.38 17.51
N GLN A 55 -8.60 -4.83 18.77
CA GLN A 55 -9.50 -5.75 19.45
C GLN A 55 -10.20 -6.75 18.52
N THR A 56 -9.62 -7.95 18.44
CA THR A 56 -10.14 -9.06 17.64
C THR A 56 -9.97 -8.79 16.12
N SER A 57 -8.75 -8.51 15.66
CA SER A 57 -8.50 -8.26 14.24
C SER A 57 -7.02 -8.49 13.92
N ILE A 58 -6.73 -9.58 13.20
CA ILE A 58 -5.40 -9.99 12.75
C ILE A 58 -5.55 -10.89 11.51
N GLN A 59 -4.66 -10.76 10.54
CA GLN A 59 -4.59 -11.52 9.30
C GLN A 59 -3.11 -11.68 8.91
N SER A 60 -2.78 -12.66 8.08
CA SER A 60 -1.42 -12.93 7.62
C SER A 60 -1.48 -13.93 6.47
N GLY B 1 2.60 22.63 -14.13
CA GLY B 1 2.65 22.14 -12.75
C GLY B 1 1.25 21.85 -12.28
N SER B 2 0.70 22.73 -11.44
CA SER B 2 -0.65 22.65 -10.89
C SER B 2 -0.88 21.43 -10.00
N ASP B 3 -0.55 21.58 -8.71
CA ASP B 3 -0.74 20.56 -7.69
C ASP B 3 -1.10 21.28 -6.39
N GLU B 4 -2.39 21.36 -6.11
CA GLU B 4 -2.93 21.99 -4.90
C GLU B 4 -4.10 21.23 -4.29
N ASP B 5 -4.73 20.31 -5.05
CA ASP B 5 -5.87 19.52 -4.61
C ASP B 5 -5.43 18.54 -3.52
N THR B 6 -6.37 17.95 -2.80
CA THR B 6 -6.06 17.02 -1.71
C THR B 6 -6.95 15.77 -1.83
N TYR B 7 -6.41 14.59 -1.50
CA TYR B 7 -7.17 13.34 -1.56
C TYR B 7 -7.56 12.98 -0.15
N TYR B 8 -8.83 12.68 0.07
CA TYR B 8 -9.39 12.35 1.36
C TYR B 8 -9.97 10.94 1.28
N LEU B 9 -9.42 10.01 2.07
CA LEU B 9 -9.87 8.63 2.10
C LEU B 9 -10.70 8.49 3.37
N GLN B 10 -11.80 7.73 3.30
CA GLN B 10 -12.74 7.49 4.38
C GLN B 10 -13.11 6.02 4.25
N VAL B 11 -12.58 5.16 5.12
CA VAL B 11 -12.79 3.71 5.09
C VAL B 11 -12.58 3.06 6.46
N ARG B 12 -13.25 1.95 6.80
CA ARG B 12 -13.04 1.28 8.09
C ARG B 12 -12.34 -0.06 7.82
N GLY B 13 -11.02 -0.13 8.05
CA GLY B 13 -10.24 -1.35 7.88
C GLY B 13 -9.16 -1.39 8.94
N ARG B 14 -9.14 -2.34 9.87
CA ARG B 14 -8.09 -2.34 10.90
C ARG B 14 -6.69 -2.61 10.33
N LYS B 15 -6.52 -3.75 9.65
CA LYS B 15 -5.24 -4.14 9.07
C LYS B 15 -4.91 -3.16 7.97
N ASN B 16 -5.93 -2.87 7.17
CA ASN B 16 -5.90 -1.97 6.04
C ASN B 16 -5.33 -0.62 6.45
N PHE B 17 -5.83 0.00 7.53
CA PHE B 17 -5.34 1.30 7.96
C PHE B 17 -3.89 1.21 8.38
N GLU B 18 -3.52 0.21 9.20
CA GLU B 18 -2.14 0.03 9.67
C GLU B 18 -1.17 0.04 8.49
N ILE B 19 -1.45 -0.82 7.51
CA ILE B 19 -0.67 -1.00 6.31
C ILE B 19 -0.60 0.31 5.51
N LEU B 20 -1.76 0.85 5.12
CA LEU B 20 -1.82 2.07 4.32
C LEU B 20 -1.08 3.24 4.95
N MET B 21 -1.23 3.49 6.27
CA MET B 21 -0.55 4.63 6.88
C MET B 21 0.97 4.44 6.77
N LYS B 22 1.49 3.26 7.12
CA LYS B 22 2.92 2.99 7.04
C LYS B 22 3.43 3.24 5.62
N LEU B 23 2.77 2.66 4.62
CA LEU B 23 3.16 2.82 3.23
C LEU B 23 3.01 4.27 2.75
N LYS B 24 2.04 5.03 3.28
CA LYS B 24 1.81 6.42 2.91
C LYS B 24 3.02 7.24 3.31
N GLU B 25 3.33 7.26 4.61
CA GLU B 25 4.44 8.00 5.18
C GLU B 25 5.75 7.61 4.52
N SER B 26 5.96 6.30 4.33
CA SER B 26 7.15 5.75 3.71
C SER B 26 7.41 6.42 2.36
N LEU B 27 6.37 6.55 1.54
CA LEU B 27 6.47 7.17 0.22
C LEU B 27 6.65 8.69 0.34
N GLU B 28 5.85 9.35 1.18
CA GLU B 28 5.92 10.80 1.38
C GLU B 28 7.33 11.22 1.80
N LEU B 29 7.96 10.42 2.66
CA LEU B 29 9.32 10.65 3.14
C LEU B 29 10.28 10.47 1.98
N MET B 30 10.24 9.33 1.28
CA MET B 30 11.12 9.05 0.14
C MET B 30 11.06 10.14 -0.94
N GLU B 31 9.87 10.68 -1.22
CA GLU B 31 9.65 11.73 -2.20
C GLU B 31 10.18 13.09 -1.67
N LEU B 32 10.18 13.32 -0.35
CA LEU B 32 10.67 14.58 0.23
C LEU B 32 12.19 14.59 0.49
N VAL B 33 12.82 13.46 0.83
CA VAL B 33 14.25 13.40 1.10
C VAL B 33 15.02 12.97 -0.17
N PRO B 34 16.27 13.43 -0.38
CA PRO B 34 17.06 13.02 -1.54
C PRO B 34 17.48 11.55 -1.37
N GLN B 35 18.30 11.01 -2.28
CA GLN B 35 18.74 9.62 -2.21
C GLN B 35 20.26 9.51 -1.95
N PRO B 36 20.72 9.60 -0.69
CA PRO B 36 22.13 9.49 -0.32
C PRO B 36 22.59 8.01 -0.22
N LEU B 37 22.72 7.44 0.99
CA LEU B 37 23.15 6.05 1.22
C LEU B 37 22.24 5.11 0.47
N VAL B 38 20.96 5.43 0.38
CA VAL B 38 19.96 4.63 -0.29
C VAL B 38 20.30 4.34 -1.76
N ASP B 39 20.90 5.30 -2.45
CA ASP B 39 21.31 5.16 -3.85
C ASP B 39 22.59 4.33 -3.88
N SER B 40 23.55 4.69 -3.01
CA SER B 40 24.83 3.99 -2.91
C SER B 40 24.59 2.50 -2.65
N TYR B 41 23.65 2.19 -1.76
CA TYR B 41 23.24 0.86 -1.37
C TYR B 41 22.56 0.20 -2.56
N ARG B 42 21.58 0.86 -3.20
CA ARG B 42 20.87 0.26 -4.34
C ARG B 42 21.85 -0.23 -5.39
N GLN B 43 22.82 0.58 -5.79
CA GLN B 43 23.77 0.18 -6.82
C GLN B 43 24.67 -0.98 -6.36
N GLN B 44 25.17 -0.96 -5.12
CA GLN B 44 26.04 -2.03 -4.63
C GLN B 44 25.24 -3.33 -4.47
N GLN B 45 24.00 -3.22 -4.02
CA GLN B 45 23.07 -4.31 -3.82
C GLN B 45 22.76 -4.89 -5.20
N GLN B 46 22.47 -4.03 -6.18
CA GLN B 46 22.17 -4.39 -7.57
C GLN B 46 23.31 -5.23 -8.17
N LEU B 47 24.59 -4.99 -7.83
CA LEU B 47 25.69 -5.80 -8.37
C LEU B 47 25.48 -7.29 -8.11
N LEU B 48 24.71 -7.67 -7.08
CA LEU B 48 24.44 -9.06 -6.74
C LEU B 48 23.61 -9.71 -7.86
N GLN B 49 22.68 -8.98 -8.47
CA GLN B 49 21.80 -9.44 -9.54
C GLN B 49 21.63 -8.38 -10.63
N ARG B 50 22.32 -8.57 -11.75
CA ARG B 50 22.30 -7.68 -12.92
C ARG B 50 22.78 -6.31 -12.49
N SER C 1 6.03 -11.97 -22.19
CA SER C 1 5.43 -10.74 -21.66
C SER C 1 4.75 -11.02 -20.32
N ASP C 2 3.48 -11.43 -20.30
CA ASP C 2 2.72 -11.72 -19.09
C ASP C 2 3.33 -12.90 -18.33
N ASP C 3 3.96 -13.82 -19.06
CA ASP C 3 4.62 -15.02 -18.56
C ASP C 3 6.03 -14.76 -17.99
N GLU C 4 6.51 -13.52 -17.93
CA GLU C 4 7.84 -13.18 -17.41
C GLU C 4 7.94 -13.57 -15.91
N LEU C 5 8.55 -14.72 -15.61
CA LEU C 5 8.71 -15.22 -14.26
C LEU C 5 9.71 -14.33 -13.51
N LEU C 6 9.21 -13.35 -12.75
CA LEU C 6 10.00 -12.41 -11.97
C LEU C 6 10.13 -12.91 -10.53
N TYR C 7 10.99 -12.24 -9.76
CA TYR C 7 11.25 -12.54 -8.36
C TYR C 7 11.54 -11.23 -7.64
N LEU C 8 11.29 -11.21 -6.33
CA LEU C 8 11.54 -10.06 -5.49
C LEU C 8 12.43 -10.51 -4.33
N PRO C 9 13.76 -10.39 -4.47
CA PRO C 9 14.68 -10.76 -3.42
C PRO C 9 14.54 -9.70 -2.31
N VAL C 10 14.03 -10.09 -1.15
CA VAL C 10 13.81 -9.22 0.01
C VAL C 10 14.07 -10.05 1.27
N ARG C 11 14.42 -9.40 2.39
CA ARG C 11 14.64 -10.07 3.67
C ARG C 11 13.94 -9.22 4.73
N GLY C 12 12.79 -9.67 5.18
CA GLY C 12 12.01 -9.01 6.21
C GLY C 12 10.97 -10.01 6.64
N ARG C 13 10.98 -10.56 7.86
CA ARG C 13 9.96 -11.54 8.25
C ARG C 13 8.57 -10.88 8.13
N GLU C 14 8.44 -9.71 8.76
CA GLU C 14 7.22 -8.92 8.78
C GLU C 14 6.94 -8.29 7.40
N THR C 15 7.98 -7.81 6.73
CA THR C 15 7.87 -7.18 5.41
C THR C 15 7.37 -8.18 4.38
N TYR C 16 7.87 -9.43 4.42
CA TYR C 16 7.49 -10.50 3.53
C TYR C 16 6.01 -10.79 3.71
N GLU C 17 5.54 -10.87 4.96
CA GLU C 17 4.13 -11.15 5.25
C GLU C 17 3.23 -10.10 4.59
N MET C 18 3.55 -8.81 4.78
CA MET C 18 2.77 -7.72 4.23
C MET C 18 2.84 -7.71 2.70
N LEU C 19 4.04 -7.87 2.12
CA LEU C 19 4.24 -7.87 0.68
C LEU C 19 3.44 -8.98 0.04
N LEU C 20 3.50 -10.20 0.58
CA LEU C 20 2.78 -11.35 0.04
C LEU C 20 1.27 -11.15 0.17
N GLU C 21 0.79 -10.75 1.35
CA GLU C 21 -0.65 -10.55 1.59
C GLU C 21 -1.26 -9.57 0.58
N ILE C 22 -0.63 -8.42 0.39
CA ILE C 22 -1.13 -7.40 -0.54
C ILE C 22 -0.96 -7.88 -1.98
N LYS C 23 0.16 -8.54 -2.31
CA LYS C 23 0.44 -9.04 -3.65
C LYS C 23 -0.61 -10.04 -4.09
N GLU C 24 -0.96 -10.98 -3.21
CA GLU C 24 -1.93 -12.03 -3.48
C GLU C 24 -3.27 -11.37 -3.80
N SER C 25 -3.74 -10.47 -2.93
CA SER C 25 -5.00 -9.79 -3.09
C SER C 25 -5.07 -9.00 -4.40
N LEU C 26 -4.03 -8.23 -4.75
CA LEU C 26 -4.05 -7.46 -5.99
C LEU C 26 -4.03 -8.38 -7.21
N GLU C 27 -3.30 -9.50 -7.14
CA GLU C 27 -3.19 -10.44 -8.24
C GLU C 27 -4.51 -11.14 -8.49
N LEU C 28 -5.17 -11.67 -7.46
CA LEU C 28 -6.42 -12.37 -7.64
C LEU C 28 -7.58 -11.46 -8.01
N MET C 29 -7.69 -10.27 -7.40
CA MET C 29 -8.78 -9.37 -7.73
C MET C 29 -8.68 -8.94 -9.20
N GLN C 30 -7.47 -8.67 -9.72
CA GLN C 30 -7.31 -8.27 -11.11
C GLN C 30 -7.45 -9.47 -12.06
N TYR C 31 -6.98 -10.66 -11.67
CA TYR C 31 -7.05 -11.86 -12.51
C TYR C 31 -8.47 -12.38 -12.71
N LEU C 32 -9.32 -12.34 -11.67
CA LEU C 32 -10.70 -12.80 -11.75
C LEU C 32 -11.61 -11.68 -11.24
N PRO C 33 -11.82 -10.63 -12.05
CA PRO C 33 -12.64 -9.49 -11.70
C PRO C 33 -14.14 -9.80 -11.81
N GLN C 34 -14.67 -10.46 -10.79
CA GLN C 34 -16.08 -10.83 -10.67
C GLN C 34 -16.92 -9.55 -10.61
N HIS C 35 -18.24 -9.63 -10.84
CA HIS C 35 -19.09 -8.43 -10.78
C HIS C 35 -18.95 -7.73 -9.43
N THR C 36 -18.77 -8.46 -8.32
CA THR C 36 -18.62 -7.88 -6.99
C THR C 36 -17.43 -6.89 -6.98
N ILE C 37 -16.27 -7.37 -7.45
CA ILE C 37 -14.99 -6.69 -7.55
C ILE C 37 -15.05 -5.52 -8.53
N GLU C 38 -15.63 -5.72 -9.71
CA GLU C 38 -15.71 -4.67 -10.71
C GLU C 38 -16.68 -3.56 -10.30
N THR C 39 -17.89 -3.91 -9.83
CA THR C 39 -18.90 -2.94 -9.39
C THR C 39 -18.28 -2.04 -8.31
N TYR C 40 -17.47 -2.62 -7.42
CA TYR C 40 -16.80 -1.89 -6.37
C TYR C 40 -15.82 -0.87 -6.95
N ARG C 41 -14.91 -1.32 -7.83
CA ARG C 41 -13.91 -0.45 -8.44
C ARG C 41 -14.60 0.68 -9.17
N GLN C 42 -15.66 0.38 -9.93
CA GLN C 42 -16.39 1.37 -10.68
C GLN C 42 -16.87 2.49 -9.76
N GLN C 43 -17.38 2.15 -8.58
CA GLN C 43 -17.88 3.14 -7.64
C GLN C 43 -16.78 4.09 -7.16
N GLN C 44 -15.66 3.58 -6.62
CA GLN C 44 -14.59 4.45 -6.13
C GLN C 44 -13.86 5.18 -7.26
N GLN C 45 -13.54 4.48 -8.35
CA GLN C 45 -12.82 5.00 -9.52
C GLN C 45 -13.52 6.20 -10.13
N GLN C 46 -14.87 6.23 -10.14
CA GLN C 46 -15.60 7.34 -10.72
C GLN C 46 -15.21 8.67 -10.05
N GLN C 47 -14.95 8.67 -8.73
CA GLN C 47 -14.54 9.88 -8.02
C GLN C 47 -13.13 10.27 -8.44
N HIS C 48 -12.17 9.33 -8.35
CA HIS C 48 -10.77 9.52 -8.70
C HIS C 48 -10.58 10.05 -10.12
N GLN C 49 -11.45 9.68 -11.06
CA GLN C 49 -11.33 10.13 -12.44
C GLN C 49 -11.34 11.67 -12.56
N HIS C 50 -12.07 12.39 -11.71
CA HIS C 50 -12.09 13.84 -11.76
C HIS C 50 -10.70 14.40 -11.41
N LEU C 51 -9.97 13.71 -10.53
CA LEU C 51 -8.62 14.06 -10.08
C LEU C 51 -7.54 13.37 -10.93
N LEU C 52 -7.89 12.69 -12.02
CA LEU C 52 -6.92 11.99 -12.88
C LEU C 52 -5.87 12.91 -13.53
N GLN C 53 -6.02 14.23 -13.40
CA GLN C 53 -5.14 15.28 -13.91
C GLN C 53 -3.81 15.24 -13.13
N LYS C 54 -2.97 14.23 -13.39
CA LYS C 54 -1.67 14.07 -12.71
C LYS C 54 -0.71 15.19 -13.06
N GLN C 55 -0.83 15.71 -14.29
CA GLN C 55 -0.10 16.80 -14.90
C GLN C 55 1.30 17.00 -14.31
N THR C 56 2.31 16.37 -14.90
CA THR C 56 3.71 16.46 -14.47
C THR C 56 3.89 15.78 -13.11
N SER C 57 3.78 14.45 -13.10
CA SER C 57 3.92 13.61 -11.93
C SER C 57 4.00 12.17 -12.42
N ILE C 58 5.15 11.51 -12.25
CA ILE C 58 5.38 10.13 -12.67
C ILE C 58 6.60 9.56 -11.93
N GLN C 59 6.63 8.24 -11.71
CA GLN C 59 7.71 7.47 -11.07
C GLN C 59 7.70 6.10 -11.76
N SER C 60 8.80 5.34 -11.70
CA SER C 60 8.90 4.04 -12.34
C SER C 60 8.60 2.94 -11.32
N GLY D 1 -15.07 -6.51 20.28
CA GLY D 1 -14.36 -6.04 19.08
C GLY D 1 -14.52 -4.55 18.91
N SER D 2 -15.66 -4.14 18.35
CA SER D 2 -16.05 -2.76 18.07
C SER D 2 -15.25 -2.24 16.88
N ASP D 3 -15.81 -2.46 15.69
CA ASP D 3 -15.28 -2.08 14.38
C ASP D 3 -16.43 -1.38 13.66
N GLU D 4 -16.57 -0.08 13.91
CA GLU D 4 -17.60 0.78 13.32
C GLU D 4 -16.97 2.11 12.95
N ASP D 5 -16.21 2.68 13.88
CA ASP D 5 -15.52 3.95 13.75
C ASP D 5 -14.64 3.93 12.51
N THR D 6 -14.96 4.80 11.55
CA THR D 6 -14.27 4.95 10.28
C THR D 6 -12.94 5.68 10.49
N TYR D 7 -11.96 5.36 9.66
CA TYR D 7 -10.64 5.99 9.66
C TYR D 7 -10.65 6.98 8.49
N TYR D 8 -9.78 7.98 8.56
CA TYR D 8 -9.68 9.00 7.53
C TYR D 8 -8.21 9.29 7.24
N LEU D 9 -7.89 9.85 6.06
CA LEU D 9 -6.53 10.19 5.68
C LEU D 9 -6.58 11.35 4.68
N GLN D 10 -6.17 12.53 5.13
CA GLN D 10 -6.11 13.80 4.40
C GLN D 10 -4.64 14.00 4.02
N VAL D 11 -4.26 13.66 2.79
CA VAL D 11 -2.89 13.73 2.29
C VAL D 11 -2.89 13.97 0.77
N ARG D 12 -1.87 14.62 0.21
CA ARG D 12 -1.80 14.87 -1.24
C ARG D 12 -0.54 14.29 -1.86
N GLY D 13 -0.67 13.14 -2.53
CA GLY D 13 0.42 12.48 -3.21
C GLY D 13 -0.18 11.92 -4.47
N ARG D 14 0.20 12.39 -5.65
CA ARG D 14 -0.38 11.89 -6.90
C ARG D 14 -0.11 10.40 -7.05
N LYS D 15 1.17 10.03 -7.00
CA LYS D 15 1.62 8.65 -7.13
C LYS D 15 1.07 7.84 -5.95
N ASN D 16 1.24 8.38 -4.75
CA ASN D 16 0.80 7.80 -3.50
C ASN D 16 -0.67 7.41 -3.55
N PHE D 17 -1.56 8.31 -3.98
CA PHE D 17 -2.99 8.00 -4.04
C PHE D 17 -3.29 6.91 -5.04
N GLU D 18 -2.64 6.90 -6.21
CA GLU D 18 -2.87 5.86 -7.22
C GLU D 18 -2.66 4.49 -6.57
N ILE D 19 -1.49 4.34 -5.96
CA ILE D 19 -1.08 3.12 -5.29
C ILE D 19 -2.03 2.82 -4.14
N LEU D 20 -2.17 3.74 -3.17
CA LEU D 20 -3.01 3.53 -2.01
C LEU D 20 -4.46 3.21 -2.35
N MET D 21 -5.11 3.91 -3.28
CA MET D 21 -6.50 3.62 -3.62
C MET D 21 -6.62 2.19 -4.17
N LYS D 22 -5.77 1.82 -5.13
CA LYS D 22 -5.79 0.49 -5.72
C LYS D 22 -5.62 -0.55 -4.62
N LEU D 23 -4.58 -0.41 -3.80
CA LEU D 23 -4.32 -1.35 -2.72
C LEU D 23 -5.41 -1.31 -1.65
N LYS D 24 -6.11 -0.18 -1.48
CA LYS D 24 -7.16 -0.04 -0.47
C LYS D 24 -8.28 -1.01 -0.78
N GLU D 25 -8.88 -0.86 -1.94
CA GLU D 25 -9.98 -1.70 -2.36
C GLU D 25 -9.54 -3.15 -2.53
N SER D 26 -8.29 -3.41 -2.93
CA SER D 26 -7.78 -4.76 -3.11
C SER D 26 -7.98 -5.54 -1.79
N LEU D 27 -7.51 -4.97 -0.67
CA LEU D 27 -7.62 -5.60 0.64
C LEU D 27 -9.08 -5.66 1.08
N GLU D 28 -9.84 -4.58 0.90
CA GLU D 28 -11.25 -4.53 1.31
C GLU D 28 -12.05 -5.65 0.61
N LEU D 29 -11.85 -5.80 -0.70
CA LEU D 29 -12.52 -6.81 -1.51
C LEU D 29 -12.07 -8.20 -1.06
N MET D 30 -10.78 -8.48 -1.01
CA MET D 30 -10.26 -9.78 -0.58
C MET D 30 -10.74 -10.13 0.84
N GLU D 31 -10.90 -9.15 1.74
CA GLU D 31 -11.37 -9.37 3.12
C GLU D 31 -12.91 -9.54 3.13
N LEU D 32 -13.64 -9.05 2.12
CA LEU D 32 -15.10 -9.16 2.06
C LEU D 32 -15.58 -10.42 1.33
N VAL D 33 -14.87 -10.90 0.30
CA VAL D 33 -15.28 -12.09 -0.43
C VAL D 33 -14.57 -13.34 0.11
N PRO D 34 -15.20 -14.52 0.08
CA PRO D 34 -14.58 -15.75 0.55
C PRO D 34 -13.48 -16.16 -0.45
N GLN D 35 -12.74 -17.24 -0.20
CA GLN D 35 -11.62 -17.70 -1.02
C GLN D 35 -11.81 -18.99 -1.86
N PRO D 36 -12.34 -18.92 -3.10
CA PRO D 36 -12.52 -20.09 -3.96
C PRO D 36 -11.20 -20.36 -4.73
N LEU D 37 -11.13 -19.92 -5.99
CA LEU D 37 -9.97 -20.06 -6.89
C LEU D 37 -8.72 -19.46 -6.28
N VAL D 38 -8.83 -18.39 -5.49
CA VAL D 38 -7.69 -17.74 -4.87
C VAL D 38 -6.89 -18.74 -4.02
N ASP D 39 -7.59 -19.60 -3.28
CA ASP D 39 -6.99 -20.62 -2.43
C ASP D 39 -6.46 -21.76 -3.29
N SER D 40 -7.25 -22.21 -4.27
CA SER D 40 -6.84 -23.30 -5.17
C SER D 40 -5.58 -22.92 -5.98
N TYR D 41 -5.48 -21.68 -6.41
CA TYR D 41 -4.35 -21.14 -7.17
C TYR D 41 -3.15 -21.14 -6.25
N ARG D 42 -3.29 -20.53 -5.07
CA ARG D 42 -2.22 -20.43 -4.10
C ARG D 42 -1.64 -21.81 -3.80
N GLN D 43 -2.48 -22.81 -3.52
CA GLN D 43 -2.03 -24.16 -3.23
C GLN D 43 -1.26 -24.77 -4.42
N GLN D 44 -1.87 -24.78 -5.61
CA GLN D 44 -1.24 -25.36 -6.79
C GLN D 44 0.10 -24.69 -7.10
N GLN D 45 0.19 -23.37 -6.96
CA GLN D 45 1.40 -22.60 -7.18
C GLN D 45 2.43 -22.89 -6.07
N GLN D 46 1.98 -23.13 -4.83
CA GLN D 46 2.82 -23.44 -3.69
C GLN D 46 3.58 -24.73 -3.95
N LEU D 47 2.99 -25.70 -4.69
CA LEU D 47 3.64 -26.97 -5.01
C LEU D 47 5.01 -26.77 -5.70
N LEU D 48 5.21 -25.63 -6.36
CA LEU D 48 6.43 -25.28 -7.07
C LEU D 48 7.55 -24.89 -6.09
N GLN D 49 7.23 -24.33 -4.91
CA GLN D 49 8.21 -23.95 -3.91
C GLN D 49 7.71 -24.22 -2.48
N ARG D 50 8.10 -25.37 -1.92
CA ARG D 50 7.75 -25.83 -0.58
C ARG D 50 6.24 -25.90 -0.43
N SER A 1 13.09 -15.93 13.11
CA SER A 1 14.01 -16.20 12.00
C SER A 1 13.80 -15.18 10.87
N ASP A 2 14.53 -14.07 10.88
CA ASP A 2 14.41 -13.02 9.85
C ASP A 2 15.55 -13.08 8.83
N ASP A 3 16.58 -13.91 9.10
CA ASP A 3 17.76 -14.07 8.25
C ASP A 3 17.53 -14.98 7.04
N GLU A 4 16.41 -15.71 7.02
CA GLU A 4 16.02 -16.64 5.97
C GLU A 4 15.79 -15.91 4.63
N LEU A 5 16.72 -16.04 3.70
CA LEU A 5 16.64 -15.42 2.38
C LEU A 5 15.57 -16.15 1.57
N LEU A 6 14.53 -15.42 1.18
CA LEU A 6 13.40 -15.87 0.39
C LEU A 6 13.46 -15.15 -0.96
N TYR A 7 12.75 -15.66 -1.96
CA TYR A 7 12.70 -15.11 -3.31
C TYR A 7 11.23 -15.11 -3.74
N LEU A 8 10.67 -13.97 -4.12
CA LEU A 8 9.27 -13.81 -4.55
C LEU A 8 9.20 -13.97 -6.09
N PRO A 9 8.88 -15.16 -6.66
CA PRO A 9 8.79 -15.35 -8.11
C PRO A 9 7.54 -14.67 -8.71
N VAL A 10 7.68 -13.52 -9.38
CA VAL A 10 6.56 -12.81 -10.00
C VAL A 10 7.00 -12.28 -11.37
N ARG A 11 6.06 -12.03 -12.30
CA ARG A 11 6.36 -11.48 -13.62
C ARG A 11 5.29 -10.40 -13.83
N GLY A 12 5.67 -9.14 -13.67
CA GLY A 12 4.79 -8.00 -13.85
C GLY A 12 5.66 -6.77 -13.92
N ARG A 13 5.73 -6.06 -15.04
CA ARG A 13 6.59 -4.86 -15.09
C ARG A 13 6.08 -3.80 -14.12
N GLU A 14 4.79 -3.45 -14.18
CA GLU A 14 4.24 -2.43 -13.29
C GLU A 14 4.19 -2.93 -11.84
N THR A 15 3.98 -4.24 -11.65
CA THR A 15 3.91 -4.88 -10.35
C THR A 15 5.26 -4.83 -9.65
N TYR A 16 6.32 -5.26 -10.34
CA TYR A 16 7.68 -5.26 -9.82
C TYR A 16 8.04 -3.85 -9.39
N GLU A 17 7.89 -2.87 -10.27
CA GLU A 17 8.21 -1.48 -9.97
C GLU A 17 7.48 -1.02 -8.70
N MET A 18 6.16 -1.24 -8.62
CA MET A 18 5.38 -0.82 -7.44
C MET A 18 5.88 -1.51 -6.17
N LEU A 19 6.08 -2.83 -6.21
CA LEU A 19 6.54 -3.60 -5.06
C LEU A 19 7.97 -3.19 -4.66
N LEU A 20 8.82 -2.80 -5.61
CA LEU A 20 10.19 -2.38 -5.35
C LEU A 20 10.18 -1.04 -4.64
N GLU A 21 9.51 -0.04 -5.24
CA GLU A 21 9.42 1.32 -4.71
C GLU A 21 8.84 1.32 -3.30
N ILE A 22 7.71 0.64 -3.07
CA ILE A 22 7.09 0.61 -1.75
C ILE A 22 7.90 -0.22 -0.74
N LYS A 23 8.52 -1.34 -1.15
CA LYS A 23 9.30 -2.16 -0.23
C LYS A 23 10.51 -1.37 0.23
N GLU A 24 11.28 -0.84 -0.74
CA GLU A 24 12.47 -0.08 -0.45
C GLU A 24 12.14 1.21 0.28
N SER A 25 11.03 1.87 -0.04
CA SER A 25 10.63 3.10 0.63
C SER A 25 10.53 2.84 2.14
N LEU A 26 9.78 1.82 2.55
CA LEU A 26 9.59 1.48 3.96
C LEU A 26 10.90 1.02 4.61
N GLU A 27 11.64 0.10 3.98
CA GLU A 27 12.88 -0.40 4.55
C GLU A 27 13.87 0.74 4.78
N LEU A 28 14.11 1.56 3.76
CA LEU A 28 15.06 2.67 3.88
C LEU A 28 14.56 3.67 4.91
N MET A 29 13.25 3.94 4.98
CA MET A 29 12.65 4.85 5.94
C MET A 29 12.92 4.37 7.38
N GLN A 30 13.08 3.06 7.58
CA GLN A 30 13.38 2.48 8.88
C GLN A 30 14.89 2.37 9.10
N TYR A 31 15.69 2.17 8.04
CA TYR A 31 17.13 2.05 8.14
C TYR A 31 17.85 3.38 8.31
N LEU A 32 17.27 4.49 7.85
CA LEU A 32 17.84 5.84 7.96
C LEU A 32 17.67 6.39 9.38
N PRO A 33 18.39 7.45 9.78
CA PRO A 33 18.25 8.01 11.12
C PRO A 33 17.09 9.03 11.10
N GLN A 34 16.44 9.22 12.25
CA GLN A 34 15.30 10.11 12.47
C GLN A 34 15.54 11.60 12.14
N HIS A 35 16.75 12.00 11.71
CA HIS A 35 17.12 13.38 11.38
C HIS A 35 16.10 14.08 10.47
N THR A 36 15.86 13.51 9.28
CA THR A 36 14.93 14.12 8.32
C THR A 36 13.49 14.08 8.85
N ILE A 37 13.10 13.06 9.61
CA ILE A 37 11.76 12.94 10.15
C ILE A 37 11.49 14.14 11.07
N GLU A 38 12.44 14.43 11.96
CA GLU A 38 12.33 15.52 12.91
C GLU A 38 12.18 16.86 12.18
N THR A 39 13.12 17.13 11.29
CA THR A 39 13.21 18.33 10.47
C THR A 39 11.93 18.51 9.63
N TYR A 40 11.50 17.47 8.92
CA TYR A 40 10.30 17.51 8.08
C TYR A 40 9.09 17.86 8.93
N ARG A 41 8.89 17.17 10.07
CA ARG A 41 7.75 17.46 10.94
C ARG A 41 7.80 18.91 11.41
N GLN A 42 8.97 19.41 11.79
CA GLN A 42 9.14 20.78 12.24
C GLN A 42 8.76 21.75 11.12
N GLN A 43 9.37 21.62 9.93
CA GLN A 43 9.09 22.47 8.78
C GLN A 43 7.59 22.50 8.49
N GLN A 44 6.98 21.33 8.31
CA GLN A 44 5.57 21.14 8.02
C GLN A 44 4.70 21.87 9.04
N GLN A 45 4.98 21.69 10.33
CA GLN A 45 4.24 22.30 11.42
C GLN A 45 4.43 23.82 11.45
N GLN A 46 5.67 24.31 11.32
CA GLN A 46 5.94 25.74 11.32
C GLN A 46 5.18 26.37 10.15
N GLN A 47 5.18 25.73 8.99
CA GLN A 47 4.49 26.21 7.81
C GLN A 47 2.98 26.37 8.06
N HIS A 48 2.36 25.57 8.94
CA HIS A 48 0.94 25.74 9.24
C HIS A 48 0.80 27.11 9.90
N GLN A 49 1.56 27.34 10.97
CA GLN A 49 1.57 28.59 11.72
C GLN A 49 1.82 29.75 10.75
N HIS A 50 2.85 29.65 9.90
CA HIS A 50 3.21 30.67 8.92
C HIS A 50 2.09 31.00 7.94
N LEU A 51 1.20 30.06 7.61
CA LEU A 51 0.10 30.33 6.68
C LEU A 51 -1.05 30.99 7.43
N LEU A 52 -1.27 30.64 8.70
CA LEU A 52 -2.33 31.26 9.51
C LEU A 52 -1.91 32.71 9.76
N GLN A 53 -0.64 32.90 10.12
CA GLN A 53 -0.03 34.19 10.39
C GLN A 53 0.10 34.96 9.07
N LYS A 54 0.40 36.25 9.17
CA LYS A 54 0.56 37.13 8.01
C LYS A 54 1.86 37.93 8.15
N GLN A 55 2.97 37.21 8.36
CA GLN A 55 4.31 37.75 8.50
C GLN A 55 5.29 36.70 7.97
N THR A 56 6.51 37.12 7.65
CA THR A 56 7.56 36.25 7.13
C THR A 56 8.22 35.46 8.27
N SER A 57 8.95 34.38 7.93
CA SER A 57 9.63 33.57 8.92
C SER A 57 10.78 34.42 9.50
N ILE A 58 11.01 34.36 10.81
CA ILE A 58 12.08 35.10 11.48
C ILE A 58 12.31 34.42 12.83
N GLN A 59 13.57 34.23 13.21
CA GLN A 59 14.01 33.62 14.45
C GLN A 59 15.31 34.34 14.85
N SER A 60 15.64 34.26 16.13
CA SER A 60 16.82 34.80 16.79
C SER A 60 17.01 33.97 18.05
N GLY B 1 -1.74 27.65 -2.56
CA GLY B 1 -2.18 26.42 -3.22
C GLY B 1 -2.63 26.71 -4.65
N SER B 2 -2.64 25.67 -5.49
CA SER B 2 -3.05 25.70 -6.89
C SER B 2 -3.94 24.48 -7.20
N ASP B 3 -4.38 24.36 -8.45
CA ASP B 3 -5.24 23.31 -9.00
C ASP B 3 -4.62 21.89 -8.96
N GLU B 4 -4.49 21.34 -7.77
CA GLU B 4 -3.99 20.01 -7.40
C GLU B 4 -4.87 19.45 -6.29
N ASP B 5 -5.34 20.35 -5.42
CA ASP B 5 -6.20 20.09 -4.27
C ASP B 5 -5.55 19.05 -3.34
N THR B 6 -6.27 18.08 -2.78
CA THR B 6 -5.74 17.05 -1.89
C THR B 6 -6.66 15.82 -2.01
N TYR B 7 -6.15 14.63 -1.65
CA TYR B 7 -6.95 13.41 -1.73
C TYR B 7 -7.23 12.92 -0.31
N TYR B 8 -8.46 12.45 -0.12
CA TYR B 8 -9.01 11.97 1.14
C TYR B 8 -9.54 10.54 0.99
N LEU B 9 -9.39 9.72 2.04
CA LEU B 9 -9.83 8.32 2.08
C LEU B 9 -10.60 8.09 3.38
N GLN B 10 -11.62 7.23 3.33
CA GLN B 10 -12.50 6.88 4.45
C GLN B 10 -12.89 5.40 4.31
N VAL B 11 -12.33 4.53 5.16
CA VAL B 11 -12.57 3.08 5.24
C VAL B 11 -12.26 2.61 6.66
N ARG B 12 -12.91 1.54 7.13
CA ARG B 12 -12.65 0.96 8.45
C ARG B 12 -11.92 -0.37 8.18
N GLY B 13 -10.60 -0.39 8.36
CA GLY B 13 -9.73 -1.55 8.19
C GLY B 13 -8.65 -1.50 9.26
N ARG B 14 -8.58 -2.44 10.21
CA ARG B 14 -7.55 -2.37 11.27
C ARG B 14 -6.11 -2.61 10.75
N LYS B 15 -5.84 -3.76 10.13
CA LYS B 15 -4.51 -4.07 9.59
C LYS B 15 -4.21 -3.05 8.52
N ASN B 16 -5.19 -2.83 7.65
CA ASN B 16 -5.11 -1.90 6.55
C ASN B 16 -4.74 -0.51 7.01
N PHE B 17 -5.32 0.02 8.09
CA PHE B 17 -4.98 1.37 8.53
C PHE B 17 -3.53 1.43 8.99
N GLU B 18 -3.06 0.50 9.84
CA GLU B 18 -1.66 0.56 10.28
C GLU B 18 -0.70 0.47 9.07
N ILE B 19 -0.94 -0.51 8.19
CA ILE B 19 -0.15 -0.77 7.00
C ILE B 19 -0.20 0.41 6.03
N LEU B 20 -1.37 0.89 5.64
CA LEU B 20 -1.45 2.01 4.71
C LEU B 20 -0.83 3.27 5.33
N MET B 21 -0.96 3.52 6.64
CA MET B 21 -0.36 4.71 7.26
C MET B 21 1.15 4.68 7.13
N LYS B 22 1.80 3.54 7.43
CA LYS B 22 3.25 3.45 7.34
C LYS B 22 3.69 3.64 5.89
N LEU B 23 3.11 2.87 4.96
CA LEU B 23 3.48 2.96 3.54
C LEU B 23 3.21 4.34 2.96
N LYS B 24 2.16 5.03 3.40
CA LYS B 24 1.83 6.37 2.91
C LYS B 24 2.97 7.31 3.31
N GLU B 25 3.30 7.32 4.60
CA GLU B 25 4.35 8.17 5.14
C GLU B 25 5.71 7.85 4.54
N SER B 26 6.09 6.58 4.45
CA SER B 26 7.37 6.20 3.88
C SER B 26 7.51 6.74 2.45
N LEU B 27 6.43 6.72 1.66
CA LEU B 27 6.47 7.23 0.29
C LEU B 27 6.66 8.75 0.30
N GLU B 28 5.91 9.48 1.14
CA GLU B 28 6.00 10.94 1.25
C GLU B 28 7.45 11.31 1.63
N LEU B 29 8.05 10.60 2.59
CA LEU B 29 9.42 10.85 3.02
C LEU B 29 10.40 10.39 1.94
N MET B 30 10.09 9.35 1.16
CA MET B 30 10.99 8.89 0.10
C MET B 30 11.01 9.99 -0.97
N GLU B 31 9.87 10.60 -1.30
CA GLU B 31 9.79 11.66 -2.29
C GLU B 31 10.54 12.91 -1.81
N LEU B 32 10.59 13.15 -0.49
CA LEU B 32 11.31 14.29 0.06
C LEU B 32 12.82 14.11 -0.05
N VAL B 33 13.35 12.90 0.07
CA VAL B 33 14.79 12.65 0.00
C VAL B 33 15.25 12.26 -1.41
N PRO B 34 16.49 12.60 -1.81
CA PRO B 34 17.00 12.22 -3.13
C PRO B 34 17.28 10.70 -3.08
N GLN B 35 18.49 10.24 -2.74
CA GLN B 35 18.81 8.82 -2.65
C GLN B 35 20.08 8.58 -1.80
N PRO B 36 20.15 9.01 -0.52
CA PRO B 36 21.34 8.84 0.32
C PRO B 36 21.66 7.35 0.58
N LEU B 37 21.08 6.76 1.63
CA LEU B 37 21.32 5.35 1.94
C LEU B 37 20.73 4.49 0.83
N VAL B 38 19.72 4.98 0.11
CA VAL B 38 19.07 4.28 -0.99
C VAL B 38 20.12 3.90 -2.03
N ASP B 39 20.90 4.84 -2.55
CA ASP B 39 21.94 4.52 -3.55
C ASP B 39 23.05 3.68 -2.92
N SER B 40 23.48 4.03 -1.69
CA SER B 40 24.53 3.32 -0.99
C SER B 40 24.23 1.81 -0.88
N TYR B 41 23.01 1.50 -0.43
CA TYR B 41 22.50 0.16 -0.26
C TYR B 41 22.26 -0.49 -1.61
N ARG B 42 21.58 0.18 -2.55
CA ARG B 42 21.30 -0.38 -3.86
C ARG B 42 22.59 -0.79 -4.56
N GLN B 43 23.66 0.00 -4.47
CA GLN B 43 24.93 -0.34 -5.10
C GLN B 43 25.48 -1.62 -4.45
N GLN B 44 25.55 -1.62 -3.11
CA GLN B 44 26.03 -2.78 -2.35
C GLN B 44 25.21 -4.02 -2.71
N GLN B 45 23.90 -3.89 -2.86
CA GLN B 45 23.01 -4.98 -3.21
C GLN B 45 23.21 -5.38 -4.68
N GLN B 46 23.63 -4.48 -5.58
CA GLN B 46 23.87 -4.82 -6.97
C GLN B 46 25.02 -5.85 -6.97
N LEU B 47 26.00 -5.70 -6.07
CA LEU B 47 27.13 -6.64 -5.92
C LEU B 47 26.67 -8.02 -5.42
N LEU B 48 25.37 -8.21 -5.13
CA LEU B 48 24.74 -9.44 -4.66
C LEU B 48 24.06 -10.17 -5.83
N GLN B 49 23.94 -9.54 -7.01
CA GLN B 49 23.31 -10.12 -8.18
C GLN B 49 24.36 -10.29 -9.25
N ARG B 50 24.61 -11.54 -9.62
CA ARG B 50 25.58 -11.94 -10.63
C ARG B 50 26.92 -11.40 -10.15
N SER C 1 6.65 -6.97 -22.60
CA SER C 1 7.25 -8.14 -21.94
C SER C 1 6.75 -8.31 -20.51
N ASP C 2 5.55 -8.89 -20.36
CA ASP C 2 4.91 -9.16 -19.06
C ASP C 2 5.03 -10.64 -18.69
N ASP C 3 5.98 -11.34 -19.31
CA ASP C 3 6.31 -12.76 -19.12
C ASP C 3 7.82 -12.91 -18.92
N GLU C 4 8.42 -12.01 -18.14
CA GLU C 4 9.83 -12.08 -17.82
C GLU C 4 9.84 -12.63 -16.40
N LEU C 5 10.20 -13.91 -16.26
CA LEU C 5 10.26 -14.58 -14.96
C LEU C 5 11.28 -13.85 -14.10
N LEU C 6 10.82 -13.08 -13.11
CA LEU C 6 11.64 -12.31 -12.20
C LEU C 6 11.49 -12.87 -10.79
N TYR C 7 12.39 -12.46 -9.90
CA TYR C 7 12.44 -12.85 -8.51
C TYR C 7 12.69 -11.60 -7.70
N LEU C 8 12.17 -11.57 -6.47
CA LEU C 8 12.34 -10.46 -5.54
C LEU C 8 13.04 -11.07 -4.30
N PRO C 9 14.38 -11.09 -4.24
CA PRO C 9 15.13 -11.67 -3.12
C PRO C 9 15.05 -10.78 -1.87
N VAL C 10 14.36 -11.21 -0.81
CA VAL C 10 14.22 -10.46 0.43
C VAL C 10 14.18 -11.43 1.62
N ARG C 11 14.41 -10.94 2.82
CA ARG C 11 14.37 -11.70 4.05
C ARG C 11 13.59 -10.80 5.00
N GLY C 12 12.32 -11.11 5.28
CA GLY C 12 11.47 -10.33 6.15
C GLY C 12 10.24 -11.15 6.50
N ARG C 13 10.06 -11.65 7.73
CA ARG C 13 8.88 -12.46 8.06
C ARG C 13 7.56 -11.68 7.87
N GLU C 14 7.44 -10.50 8.48
CA GLU C 14 6.23 -9.68 8.41
C GLU C 14 6.13 -8.94 7.08
N THR C 15 7.27 -8.59 6.49
CA THR C 15 7.31 -7.88 5.22
C THR C 15 6.85 -8.83 4.10
N TYR C 16 7.26 -10.10 4.16
CA TYR C 16 6.85 -11.10 3.18
C TYR C 16 5.34 -11.23 3.30
N GLU C 17 4.84 -11.44 4.53
CA GLU C 17 3.41 -11.59 4.82
C GLU C 17 2.61 -10.45 4.18
N MET C 18 2.93 -9.21 4.51
CA MET C 18 2.22 -8.06 4.00
C MET C 18 2.29 -7.95 2.47
N LEU C 19 3.47 -8.07 1.86
CA LEU C 19 3.56 -7.97 0.42
C LEU C 19 2.82 -9.11 -0.27
N LEU C 20 2.80 -10.32 0.30
CA LEU C 20 2.10 -11.43 -0.32
C LEU C 20 0.60 -11.18 -0.25
N GLU C 21 0.06 -10.79 0.90
CA GLU C 21 -1.36 -10.53 1.08
C GLU C 21 -1.83 -9.42 0.13
N ILE C 22 -1.10 -8.30 0.07
CA ILE C 22 -1.46 -7.18 -0.80
C ILE C 22 -1.31 -7.54 -2.28
N LYS C 23 -0.21 -8.20 -2.68
CA LYS C 23 -0.01 -8.58 -4.08
C LYS C 23 -1.12 -9.55 -4.49
N GLU C 24 -1.40 -10.55 -3.66
CA GLU C 24 -2.42 -11.55 -3.91
C GLU C 24 -3.76 -10.85 -4.02
N SER C 25 -4.09 -9.97 -3.09
CA SER C 25 -5.34 -9.24 -3.07
C SER C 25 -5.57 -8.51 -4.40
N LEU C 26 -4.59 -7.73 -4.84
CA LEU C 26 -4.63 -6.93 -6.07
C LEU C 26 -4.71 -7.79 -7.32
N GLU C 27 -3.72 -8.66 -7.53
CA GLU C 27 -3.68 -9.50 -8.72
C GLU C 27 -4.92 -10.39 -8.85
N LEU C 28 -5.32 -11.06 -7.77
CA LEU C 28 -6.50 -11.94 -7.82
C LEU C 28 -7.74 -11.11 -8.08
N MET C 29 -7.87 -9.92 -7.48
CA MET C 29 -9.01 -9.03 -7.68
C MET C 29 -9.12 -8.67 -9.17
N GLN C 30 -7.99 -8.59 -9.90
CA GLN C 30 -7.98 -8.28 -11.33
C GLN C 30 -8.31 -9.53 -12.15
N TYR C 31 -7.95 -10.74 -11.70
CA TYR C 31 -8.20 -12.00 -12.40
C TYR C 31 -9.66 -12.45 -12.31
N LEU C 32 -10.24 -12.40 -11.12
CA LEU C 32 -11.61 -12.86 -10.91
C LEU C 32 -12.63 -12.03 -11.69
N PRO C 33 -13.76 -12.64 -12.10
CA PRO C 33 -14.78 -11.95 -12.85
C PRO C 33 -15.48 -10.95 -11.93
N GLN C 34 -15.96 -9.86 -12.51
CA GLN C 34 -16.64 -8.73 -11.87
C GLN C 34 -17.93 -9.04 -11.07
N HIS C 35 -18.40 -10.30 -11.06
CA HIS C 35 -19.62 -10.75 -10.38
C HIS C 35 -19.74 -10.27 -8.93
N THR C 36 -18.79 -10.57 -8.05
CA THR C 36 -18.87 -10.14 -6.65
C THR C 36 -18.80 -8.63 -6.53
N ILE C 37 -18.01 -7.92 -7.37
CA ILE C 37 -17.92 -6.46 -7.31
C ILE C 37 -19.33 -5.88 -7.54
N GLU C 38 -20.05 -6.41 -8.52
CA GLU C 38 -21.39 -5.98 -8.89
C GLU C 38 -22.34 -6.15 -7.70
N THR C 39 -22.47 -7.37 -7.17
CA THR C 39 -23.34 -7.67 -6.04
C THR C 39 -22.93 -6.89 -4.77
N TYR C 40 -21.64 -6.60 -4.58
CA TYR C 40 -21.17 -5.84 -3.42
C TYR C 40 -21.68 -4.41 -3.58
N ARG C 41 -21.40 -3.76 -4.71
CA ARG C 41 -21.83 -2.38 -4.96
C ARG C 41 -23.35 -2.28 -4.87
N GLN C 42 -24.07 -3.27 -5.39
CA GLN C 42 -25.53 -3.31 -5.38
C GLN C 42 -26.05 -3.20 -3.94
N GLN C 43 -25.64 -4.11 -3.06
CA GLN C 43 -26.11 -4.06 -1.67
C GLN C 43 -25.55 -2.84 -0.95
N GLN C 44 -24.31 -2.43 -1.23
CA GLN C 44 -23.70 -1.26 -0.59
C GLN C 44 -24.57 -0.02 -0.85
N GLN C 45 -24.98 0.22 -2.10
CA GLN C 45 -25.82 1.36 -2.43
C GLN C 45 -27.22 1.20 -1.82
N GLN C 46 -27.74 -0.03 -1.64
CA GLN C 46 -29.05 -0.23 -1.02
C GLN C 46 -28.98 0.09 0.48
N GLN C 47 -27.99 -0.51 1.17
CA GLN C 47 -27.73 -0.40 2.61
C GLN C 47 -27.64 1.03 3.11
N HIS C 48 -26.94 1.93 2.40
CA HIS C 48 -26.84 3.31 2.86
C HIS C 48 -28.24 3.92 2.98
N GLN C 49 -29.09 3.69 1.97
CA GLN C 49 -30.46 4.20 1.97
C GLN C 49 -31.27 3.46 3.02
N HIS C 50 -31.10 2.16 3.21
CA HIS C 50 -31.84 1.39 4.21
C HIS C 50 -31.58 1.95 5.60
N LEU C 51 -30.34 2.35 5.89
CA LEU C 51 -29.95 2.92 7.18
C LEU C 51 -30.48 4.36 7.31
N LEU C 52 -30.61 5.10 6.21
CA LEU C 52 -31.16 6.46 6.25
C LEU C 52 -32.65 6.37 6.56
N GLN C 53 -33.34 5.44 5.89
CA GLN C 53 -34.76 5.14 6.01
C GLN C 53 -35.02 4.43 7.35
N LYS C 54 -36.29 4.13 7.64
CA LYS C 54 -36.77 3.46 8.84
C LYS C 54 -37.76 2.36 8.44
N GLN C 55 -37.42 1.59 7.41
CA GLN C 55 -38.23 0.50 6.91
C GLN C 55 -37.30 -0.64 6.49
N THR C 56 -37.83 -1.86 6.51
CA THR C 56 -37.10 -3.05 6.13
C THR C 56 -36.97 -3.13 4.60
N SER C 57 -36.10 -4.02 4.14
CA SER C 57 -35.86 -4.28 2.74
C SER C 57 -37.06 -5.09 2.24
N ILE C 58 -37.37 -5.00 0.95
CA ILE C 58 -38.47 -5.70 0.32
C ILE C 58 -38.09 -5.84 -1.16
N GLN C 59 -38.69 -6.82 -1.84
CA GLN C 59 -38.48 -7.08 -3.25
C GLN C 59 -39.80 -7.59 -3.81
N SER C 60 -39.96 -7.48 -5.13
CA SER C 60 -41.06 -7.89 -5.97
C SER C 60 -40.48 -7.95 -7.39
N GLY D 1 -22.82 -0.57 13.33
CA GLY D 1 -21.83 0.28 13.99
C GLY D 1 -21.79 -0.04 15.47
N SER D 2 -20.59 -0.03 16.02
CA SER D 2 -20.28 -0.28 17.41
C SER D 2 -18.91 0.37 17.68
N ASP D 3 -18.19 -0.09 18.69
CA ASP D 3 -16.87 0.46 19.01
C ASP D 3 -15.82 -0.04 18.01
N GLU D 4 -15.88 0.47 16.79
CA GLU D 4 -15.01 0.20 15.65
C GLU D 4 -14.69 1.49 14.88
N ASP D 5 -15.55 2.50 15.03
CA ASP D 5 -15.50 3.83 14.44
C ASP D 5 -15.12 3.82 12.94
N THR D 6 -14.16 4.61 12.48
CA THR D 6 -13.71 4.71 11.09
C THR D 6 -12.29 5.28 11.06
N TYR D 7 -11.53 5.06 9.97
CA TYR D 7 -10.19 5.59 9.84
C TYR D 7 -10.14 6.43 8.56
N TYR D 8 -9.38 7.51 8.58
CA TYR D 8 -9.25 8.46 7.49
C TYR D 8 -7.79 8.77 7.16
N LEU D 9 -7.54 9.29 5.95
CA LEU D 9 -6.22 9.68 5.50
C LEU D 9 -6.42 10.91 4.61
N GLN D 10 -5.62 11.95 4.82
CA GLN D 10 -5.62 13.22 4.10
C GLN D 10 -4.19 13.39 3.62
N VAL D 11 -3.93 13.20 2.33
CA VAL D 11 -2.58 13.36 1.78
C VAL D 11 -2.68 13.76 0.30
N ARG D 12 -1.78 14.64 -0.16
CA ARG D 12 -1.76 15.05 -1.55
C ARG D 12 -0.52 14.45 -2.21
N GLY D 13 -0.74 13.34 -2.93
CA GLY D 13 0.26 12.61 -3.69
C GLY D 13 -0.45 12.11 -4.94
N ARG D 14 -0.10 12.53 -6.16
CA ARG D 14 -0.81 12.05 -7.35
C ARG D 14 -0.67 10.54 -7.53
N LYS D 15 0.57 10.04 -7.61
CA LYS D 15 0.86 8.62 -7.78
C LYS D 15 0.36 7.87 -6.55
N ASN D 16 0.71 8.38 -5.38
CA ASN D 16 0.34 7.80 -4.10
C ASN D 16 -1.15 7.56 -3.99
N PHE D 17 -2.00 8.50 -4.42
CA PHE D 17 -3.43 8.31 -4.34
C PHE D 17 -3.89 7.22 -5.29
N GLU D 18 -3.48 7.25 -6.56
CA GLU D 18 -3.89 6.22 -7.53
C GLU D 18 -3.50 4.82 -7.04
N ILE D 19 -2.25 4.65 -6.62
CA ILE D 19 -1.69 3.40 -6.12
C ILE D 19 -2.49 2.94 -4.89
N LEU D 20 -2.63 3.81 -3.89
CA LEU D 20 -3.34 3.46 -2.67
C LEU D 20 -4.83 3.22 -2.93
N MET D 21 -5.46 3.84 -3.94
CA MET D 21 -6.87 3.64 -4.26
C MET D 21 -7.10 2.21 -4.69
N LYS D 22 -6.32 1.72 -5.66
CA LYS D 22 -6.49 0.35 -6.14
C LYS D 22 -6.28 -0.64 -5.00
N LEU D 23 -5.20 -0.48 -4.23
CA LEU D 23 -4.91 -1.37 -3.12
C LEU D 23 -6.02 -1.31 -2.06
N LYS D 24 -6.55 -0.13 -1.75
CA LYS D 24 -7.62 0.05 -0.77
C LYS D 24 -8.81 -0.85 -1.16
N GLU D 25 -9.28 -0.68 -2.40
CA GLU D 25 -10.40 -1.41 -2.96
C GLU D 25 -10.12 -2.92 -2.93
N SER D 26 -9.00 -3.35 -3.50
CA SER D 26 -8.63 -4.76 -3.54
C SER D 26 -8.58 -5.40 -2.15
N LEU D 27 -8.01 -4.74 -1.13
CA LEU D 27 -7.94 -5.32 0.21
C LEU D 27 -9.34 -5.47 0.80
N GLU D 28 -10.26 -4.56 0.51
CA GLU D 28 -11.63 -4.65 1.00
C GLU D 28 -12.32 -5.84 0.33
N LEU D 29 -12.08 -6.04 -0.97
CA LEU D 29 -12.66 -7.15 -1.72
C LEU D 29 -12.05 -8.47 -1.28
N MET D 30 -10.76 -8.50 -0.93
CA MET D 30 -10.08 -9.70 -0.47
C MET D 30 -10.76 -10.18 0.82
N GLU D 31 -10.97 -9.31 1.81
CA GLU D 31 -11.62 -9.74 3.05
C GLU D 31 -13.08 -10.11 2.82
N LEU D 32 -13.74 -9.52 1.82
CA LEU D 32 -15.14 -9.84 1.53
C LEU D 32 -15.24 -11.27 0.97
N VAL D 33 -14.26 -11.77 0.22
CA VAL D 33 -14.30 -13.12 -0.35
C VAL D 33 -13.66 -14.15 0.59
N PRO D 34 -14.16 -15.40 0.61
CA PRO D 34 -13.64 -16.45 1.47
C PRO D 34 -12.27 -16.95 0.96
N GLN D 35 -12.26 -17.81 -0.06
CA GLN D 35 -11.07 -18.36 -0.69
C GLN D 35 -11.44 -19.01 -2.04
N PRO D 36 -11.92 -18.23 -3.04
CA PRO D 36 -12.30 -18.75 -4.35
C PRO D 36 -11.11 -18.99 -5.31
N LEU D 37 -10.93 -18.12 -6.32
CA LEU D 37 -9.85 -18.20 -7.30
C LEU D 37 -8.49 -18.15 -6.61
N VAL D 38 -8.41 -17.44 -5.49
CA VAL D 38 -7.21 -17.29 -4.69
C VAL D 38 -6.66 -18.67 -4.31
N ASP D 39 -7.50 -19.52 -3.72
CA ASP D 39 -7.17 -20.88 -3.30
C ASP D 39 -6.84 -21.77 -4.50
N SER D 40 -7.59 -21.62 -5.60
CA SER D 40 -7.36 -22.38 -6.82
C SER D 40 -5.95 -22.07 -7.37
N TYR D 41 -5.61 -20.78 -7.51
CA TYR D 41 -4.32 -20.35 -8.01
C TYR D 41 -3.23 -20.70 -7.00
N ARG D 42 -3.51 -20.67 -5.69
CA ARG D 42 -2.55 -21.01 -4.64
C ARG D 42 -2.08 -22.43 -4.87
N GLN D 43 -3.00 -23.38 -5.11
CA GLN D 43 -2.62 -24.76 -5.35
C GLN D 43 -1.74 -24.81 -6.61
N GLN D 44 -2.20 -24.21 -7.72
CA GLN D 44 -1.49 -24.18 -8.99
C GLN D 44 -0.07 -23.62 -8.86
N GLN D 45 0.13 -22.53 -8.12
CA GLN D 45 1.43 -21.91 -7.93
C GLN D 45 2.29 -22.71 -6.93
N GLN D 46 1.67 -23.41 -5.97
CA GLN D 46 2.37 -24.22 -4.97
C GLN D 46 3.10 -25.36 -5.69
N LEU D 47 2.52 -25.92 -6.76
CA LEU D 47 3.11 -27.01 -7.53
C LEU D 47 4.51 -26.64 -8.02
N LEU D 48 4.77 -25.36 -8.31
CA LEU D 48 6.06 -24.89 -8.79
C LEU D 48 7.16 -24.98 -7.72
N GLN D 49 6.81 -25.12 -6.43
CA GLN D 49 7.77 -25.21 -5.34
C GLN D 49 7.90 -26.66 -4.86
N ARG D 50 8.73 -27.43 -5.56
CA ARG D 50 9.04 -28.85 -5.32
C ARG D 50 7.76 -29.66 -5.23
N SER A 1 15.23 -13.99 13.94
CA SER A 1 14.72 -15.30 13.46
C SER A 1 14.38 -15.23 11.98
N ASP A 2 13.61 -14.21 11.64
CA ASP A 2 13.07 -13.77 10.37
C ASP A 2 14.11 -13.44 9.30
N ASP A 3 15.39 -13.79 9.50
CA ASP A 3 16.46 -13.56 8.52
C ASP A 3 16.33 -14.51 7.32
N GLU A 4 15.25 -15.31 7.29
CA GLU A 4 14.88 -16.27 6.27
C GLU A 4 14.69 -15.49 4.98
N LEU A 5 15.62 -15.66 4.03
CA LEU A 5 15.61 -14.99 2.74
C LEU A 5 14.58 -15.65 1.85
N LEU A 6 13.43 -15.02 1.73
CA LEU A 6 12.34 -15.49 0.90
C LEU A 6 12.46 -14.80 -0.46
N TYR A 7 11.87 -15.38 -1.49
CA TYR A 7 11.92 -14.86 -2.85
C TYR A 7 10.52 -14.79 -3.38
N LEU A 8 10.11 -13.59 -3.80
CA LEU A 8 8.79 -13.33 -4.35
C LEU A 8 8.89 -13.32 -5.89
N PRO A 9 8.53 -14.41 -6.60
CA PRO A 9 8.56 -14.42 -8.06
C PRO A 9 7.34 -13.61 -8.55
N VAL A 10 7.54 -12.61 -9.41
CA VAL A 10 6.43 -11.79 -9.94
C VAL A 10 6.72 -11.38 -11.37
N ARG A 11 5.70 -11.26 -12.24
CA ARG A 11 5.89 -10.78 -13.61
C ARG A 11 4.76 -9.79 -13.89
N GLY A 12 5.09 -8.51 -13.81
CA GLY A 12 4.21 -7.39 -14.07
C GLY A 12 5.11 -6.18 -14.17
N ARG A 13 5.01 -5.33 -15.19
CA ARG A 13 5.91 -4.19 -15.25
C ARG A 13 5.59 -3.18 -14.16
N GLU A 14 4.34 -2.75 -14.06
CA GLU A 14 3.93 -1.79 -13.03
C GLU A 14 3.97 -2.48 -11.68
N THR A 15 3.64 -3.77 -11.66
CA THR A 15 3.65 -4.59 -10.45
C THR A 15 5.05 -4.55 -9.85
N TYR A 16 6.10 -4.65 -10.66
CA TYR A 16 7.48 -4.61 -10.19
C TYR A 16 7.79 -3.21 -9.66
N GLU A 17 7.53 -2.17 -10.45
CA GLU A 17 7.78 -0.78 -10.08
C GLU A 17 7.14 -0.42 -8.74
N MET A 18 5.82 -0.60 -8.63
CA MET A 18 5.07 -0.28 -7.42
C MET A 18 5.60 -1.04 -6.21
N LEU A 19 5.70 -2.36 -6.33
CA LEU A 19 6.16 -3.24 -5.27
C LEU A 19 7.57 -2.87 -4.78
N LEU A 20 8.50 -2.64 -5.72
CA LEU A 20 9.89 -2.29 -5.48
C LEU A 20 10.00 -0.90 -4.86
N GLU A 21 9.44 0.14 -5.51
CA GLU A 21 9.52 1.51 -5.02
C GLU A 21 8.98 1.63 -3.60
N ILE A 22 7.80 1.07 -3.29
CA ILE A 22 7.25 1.17 -1.94
C ILE A 22 8.22 0.48 -0.96
N LYS A 23 8.69 -0.73 -1.30
CA LYS A 23 9.62 -1.48 -0.47
C LYS A 23 10.85 -0.64 -0.16
N GLU A 24 11.37 0.12 -1.13
CA GLU A 24 12.56 0.95 -0.91
C GLU A 24 12.27 2.06 0.11
N SER A 25 11.09 2.68 0.08
CA SER A 25 10.73 3.74 1.03
C SER A 25 10.75 3.22 2.46
N LEU A 26 10.06 2.10 2.69
CA LEU A 26 9.94 1.50 4.00
C LEU A 26 11.28 0.88 4.41
N GLU A 27 12.00 0.29 3.47
CA GLU A 27 13.29 -0.33 3.75
C GLU A 27 14.25 0.74 4.25
N LEU A 28 14.45 1.84 3.51
CA LEU A 28 15.37 2.87 3.97
C LEU A 28 14.87 3.51 5.26
N MET A 29 13.56 3.74 5.37
CA MET A 29 12.98 4.33 6.58
C MET A 29 13.31 3.44 7.80
N GLN A 30 13.40 2.12 7.64
CA GLN A 30 13.73 1.18 8.70
C GLN A 30 15.23 0.98 8.85
N TYR A 31 15.98 0.92 7.75
CA TYR A 31 17.43 0.71 7.74
C TYR A 31 18.17 1.94 8.27
N LEU A 32 17.62 3.14 8.08
CA LEU A 32 18.18 4.41 8.52
C LEU A 32 16.99 5.21 9.08
N PRO A 33 16.53 4.86 10.30
CA PRO A 33 15.39 5.50 10.94
C PRO A 33 15.77 6.82 11.63
N GLN A 34 16.50 7.70 10.93
CA GLN A 34 16.95 8.97 11.47
C GLN A 34 16.96 10.05 10.41
N HIS A 35 17.72 9.88 9.31
CA HIS A 35 17.85 10.85 8.21
C HIS A 35 16.49 11.38 7.72
N THR A 36 15.59 10.53 7.29
CA THR A 36 14.27 10.97 6.81
C THR A 36 13.51 11.81 7.84
N ILE A 37 13.53 11.38 9.09
CA ILE A 37 12.85 12.01 10.21
C ILE A 37 13.46 13.38 10.51
N GLU A 38 14.80 13.44 10.50
CA GLU A 38 15.62 14.63 10.73
C GLU A 38 15.24 15.69 9.70
N THR A 39 15.25 15.33 8.42
CA THR A 39 14.91 16.26 7.35
C THR A 39 13.44 16.66 7.45
N TYR A 40 12.52 15.73 7.80
CA TYR A 40 11.11 16.07 7.93
C TYR A 40 10.95 17.16 9.00
N ARG A 41 11.61 16.98 10.15
CA ARG A 41 11.57 17.92 11.27
C ARG A 41 11.94 19.31 10.78
N GLN A 42 13.04 19.39 10.02
CA GLN A 42 13.57 20.61 9.45
C GLN A 42 12.61 21.22 8.43
N GLN A 43 12.18 20.48 7.40
CA GLN A 43 11.27 21.01 6.38
C GLN A 43 9.95 21.51 6.98
N GLN A 44 9.41 20.82 7.98
CA GLN A 44 8.18 21.21 8.64
C GLN A 44 8.41 22.57 9.31
N GLN A 45 9.49 22.67 10.11
CA GLN A 45 9.84 23.88 10.81
C GLN A 45 10.14 25.03 9.85
N GLN A 46 10.84 24.77 8.74
CA GLN A 46 11.20 25.78 7.74
C GLN A 46 10.00 26.60 7.27
N GLN A 47 8.83 25.97 7.08
CA GLN A 47 7.63 26.69 6.65
C GLN A 47 7.29 27.81 7.63
N HIS A 48 7.38 27.52 8.94
CA HIS A 48 7.13 28.49 10.01
C HIS A 48 8.31 29.46 10.10
N GLN A 49 9.53 28.92 10.06
CA GLN A 49 10.80 29.64 10.13
C GLN A 49 10.85 30.78 9.13
N HIS A 50 10.36 30.56 7.90
CA HIS A 50 10.33 31.56 6.83
C HIS A 50 9.53 32.81 7.26
N LEU A 51 8.52 32.66 8.10
CA LEU A 51 7.68 33.75 8.60
C LEU A 51 8.19 34.30 9.93
N LEU A 52 8.76 33.42 10.78
CA LEU A 52 9.29 33.78 12.08
C LEU A 52 10.58 34.58 11.95
N GLN A 53 11.57 34.03 11.23
CA GLN A 53 12.88 34.58 10.98
C GLN A 53 12.85 35.73 9.95
N LYS A 54 11.82 36.58 9.97
CA LYS A 54 11.66 37.71 9.07
C LYS A 54 12.85 38.64 9.28
N GLN A 55 13.78 38.68 8.33
CA GLN A 55 14.99 39.49 8.36
C GLN A 55 14.69 40.93 8.79
N THR A 56 15.58 41.51 9.57
CA THR A 56 15.54 42.86 10.11
C THR A 56 16.98 43.40 10.06
N SER A 57 17.16 44.72 10.09
CA SER A 57 18.49 45.33 10.06
C SER A 57 19.08 45.36 11.47
N ILE A 58 20.36 45.75 11.56
CA ILE A 58 21.16 45.87 12.77
C ILE A 58 22.27 46.90 12.45
N GLN A 59 22.98 47.38 13.47
CA GLN A 59 24.08 48.34 13.35
C GLN A 59 25.12 47.99 14.41
N SER A 60 26.35 48.46 14.20
CA SER A 60 27.53 48.32 15.02
C SER A 60 28.48 49.43 14.57
N GLY B 1 1.49 27.98 3.27
CA GLY B 1 1.75 26.86 2.38
C GLY B 1 0.78 26.84 1.22
N SER B 2 0.24 25.66 0.94
CA SER B 2 -0.71 25.41 -0.14
C SER B 2 -1.74 24.36 0.31
N ASP B 3 -3.01 24.75 0.39
CA ASP B 3 -4.16 23.93 0.80
C ASP B 3 -5.21 23.85 -0.32
N GLU B 4 -4.86 24.26 -1.54
CA GLU B 4 -5.73 24.27 -2.71
C GLU B 4 -6.42 22.93 -3.00
N ASP B 5 -5.71 21.81 -2.96
CA ASP B 5 -6.25 20.48 -3.25
C ASP B 5 -5.45 19.43 -2.49
N THR B 6 -6.10 18.35 -2.05
CA THR B 6 -5.53 17.23 -1.32
C THR B 6 -6.46 16.03 -1.56
N TYR B 7 -5.98 14.80 -1.35
CA TYR B 7 -6.80 13.61 -1.54
C TYR B 7 -7.24 13.14 -0.16
N TYR B 8 -8.46 12.61 -0.07
CA TYR B 8 -9.04 12.11 1.16
C TYR B 8 -9.51 10.68 0.97
N LEU B 9 -9.65 9.95 2.07
CA LEU B 9 -10.16 8.57 2.06
C LEU B 9 -11.09 8.44 3.26
N GLN B 10 -12.08 7.54 3.18
CA GLN B 10 -13.07 7.25 4.20
C GLN B 10 -13.35 5.75 4.18
N VAL B 11 -12.74 4.97 5.08
CA VAL B 11 -12.90 3.52 5.14
C VAL B 11 -12.60 2.99 6.54
N ARG B 12 -13.24 1.88 6.96
CA ARG B 12 -12.98 1.29 8.27
C ARG B 12 -12.39 -0.11 8.06
N GLY B 13 -11.08 -0.23 8.24
CA GLY B 13 -10.35 -1.48 8.13
C GLY B 13 -9.27 -1.48 9.19
N ARG B 14 -9.19 -2.46 10.08
CA ARG B 14 -8.16 -2.46 11.12
C ARG B 14 -6.79 -2.65 10.51
N LYS B 15 -6.57 -3.75 9.78
CA LYS B 15 -5.27 -4.00 9.15
C LYS B 15 -5.03 -2.97 8.08
N ASN B 16 -6.08 -2.65 7.31
CA ASN B 16 -5.98 -1.68 6.23
C ASN B 16 -5.44 -0.36 6.74
N PHE B 17 -6.01 0.18 7.83
CA PHE B 17 -5.54 1.45 8.34
C PHE B 17 -4.08 1.38 8.75
N GLU B 18 -3.67 0.35 9.51
CA GLU B 18 -2.30 0.18 9.97
C GLU B 18 -1.31 0.21 8.81
N ILE B 19 -1.56 -0.66 7.82
CA ILE B 19 -0.76 -0.83 6.62
C ILE B 19 -0.69 0.44 5.79
N LEU B 20 -1.84 0.99 5.42
CA LEU B 20 -1.94 2.20 4.60
C LEU B 20 -1.31 3.40 5.30
N MET B 21 -1.48 3.55 6.62
CA MET B 21 -0.93 4.66 7.38
C MET B 21 0.60 4.52 7.40
N LYS B 22 1.12 3.35 7.79
CA LYS B 22 2.55 3.10 7.86
C LYS B 22 3.22 3.46 6.53
N LEU B 23 2.69 2.91 5.43
CA LEU B 23 3.23 3.15 4.11
C LEU B 23 3.04 4.59 3.64
N LYS B 24 1.90 5.23 3.91
CA LYS B 24 1.73 6.61 3.45
C LYS B 24 2.71 7.54 4.17
N GLU B 25 2.89 7.34 5.48
CA GLU B 25 3.79 8.11 6.31
C GLU B 25 5.22 7.91 5.78
N SER B 26 5.56 6.67 5.45
CA SER B 26 6.85 6.26 4.90
C SER B 26 7.07 6.96 3.57
N LEU B 27 6.07 6.99 2.69
CA LEU B 27 6.21 7.66 1.40
C LEU B 27 6.34 9.15 1.59
N GLU B 28 5.72 9.79 2.60
CA GLU B 28 5.89 11.23 2.78
C GLU B 28 7.38 11.50 3.02
N LEU B 29 8.00 10.66 3.86
CA LEU B 29 9.41 10.76 4.20
C LEU B 29 10.28 10.52 2.96
N MET B 30 10.08 9.41 2.27
CA MET B 30 10.83 9.06 1.07
C MET B 30 10.63 10.07 -0.07
N GLU B 31 9.47 10.72 -0.17
CA GLU B 31 9.17 11.70 -1.22
C GLU B 31 9.85 13.05 -0.89
N LEU B 32 10.06 13.37 0.40
CA LEU B 32 10.69 14.63 0.80
C LEU B 32 12.22 14.56 0.80
N VAL B 33 12.80 13.41 1.13
CA VAL B 33 14.23 13.14 1.20
C VAL B 33 14.78 12.51 -0.08
N PRO B 34 16.04 12.76 -0.48
CA PRO B 34 16.62 12.17 -1.68
C PRO B 34 16.85 10.65 -1.50
N GLN B 35 17.39 9.99 -2.53
CA GLN B 35 17.64 8.54 -2.54
C GLN B 35 19.14 8.11 -2.58
N PRO B 36 20.06 8.65 -1.76
CA PRO B 36 21.48 8.27 -1.79
C PRO B 36 21.71 6.81 -1.39
N LEU B 37 21.45 6.45 -0.13
CA LEU B 37 21.65 5.10 0.36
C LEU B 37 20.69 4.14 -0.35
N VAL B 38 19.53 4.60 -0.83
CA VAL B 38 18.57 3.74 -1.53
C VAL B 38 19.24 3.15 -2.79
N ASP B 39 19.75 4.01 -3.68
CA ASP B 39 20.38 3.51 -4.89
C ASP B 39 21.66 2.72 -4.58
N SER B 40 22.38 3.10 -3.53
CA SER B 40 23.60 2.41 -3.14
C SER B 40 23.30 1.00 -2.62
N TYR B 41 22.38 0.82 -1.67
CA TYR B 41 22.09 -0.51 -1.15
C TYR B 41 21.44 -1.37 -2.24
N ARG B 42 20.63 -0.75 -3.12
CA ARG B 42 19.97 -1.45 -4.22
C ARG B 42 21.03 -2.07 -5.13
N GLN B 43 22.04 -1.30 -5.53
CA GLN B 43 23.11 -1.78 -6.40
C GLN B 43 24.03 -2.74 -5.65
N GLN B 44 24.38 -2.44 -4.39
CA GLN B 44 25.26 -3.26 -3.57
C GLN B 44 24.65 -4.66 -3.42
N GLN B 45 23.35 -4.74 -3.13
CA GLN B 45 22.63 -6.01 -2.99
C GLN B 45 22.38 -6.63 -4.37
N GLN B 46 22.24 -5.82 -5.44
CA GLN B 46 22.01 -6.35 -6.78
C GLN B 46 23.21 -7.22 -7.18
N LEU B 47 24.42 -6.90 -6.71
CA LEU B 47 25.66 -7.64 -6.99
C LEU B 47 25.60 -9.12 -6.54
N LEU B 48 24.54 -9.54 -5.85
CA LEU B 48 24.33 -10.91 -5.40
C LEU B 48 23.59 -11.72 -6.49
N GLN B 49 23.25 -11.10 -7.63
CA GLN B 49 22.56 -11.73 -8.74
C GLN B 49 23.44 -12.75 -9.47
N ARG B 50 22.84 -13.48 -10.39
CA ARG B 50 23.48 -14.49 -11.23
C ARG B 50 23.14 -14.06 -12.64
N SER C 1 5.91 -7.97 -23.09
CA SER C 1 6.44 -6.87 -22.29
C SER C 1 6.52 -7.28 -20.81
N ASP C 2 5.47 -6.99 -20.02
CA ASP C 2 5.29 -7.27 -18.59
C ASP C 2 5.44 -8.75 -18.20
N ASP C 3 5.54 -9.67 -19.16
CA ASP C 3 5.72 -11.11 -18.92
C ASP C 3 7.14 -11.42 -18.41
N GLU C 4 7.99 -10.42 -18.24
CA GLU C 4 9.36 -10.55 -17.77
C GLU C 4 9.34 -11.22 -16.38
N LEU C 5 9.84 -12.46 -16.30
CA LEU C 5 9.90 -13.24 -15.08
C LEU C 5 10.97 -12.67 -14.15
N LEU C 6 10.55 -11.92 -13.12
CA LEU C 6 11.43 -11.29 -12.15
C LEU C 6 11.30 -12.00 -10.80
N TYR C 7 12.18 -11.66 -9.86
CA TYR C 7 12.23 -12.20 -8.50
C TYR C 7 12.51 -11.01 -7.58
N LEU C 8 12.07 -11.08 -6.32
CA LEU C 8 12.26 -10.04 -5.31
C LEU C 8 12.80 -10.73 -4.05
N PRO C 9 14.10 -10.69 -3.77
CA PRO C 9 14.70 -11.31 -2.58
C PRO C 9 14.49 -10.41 -1.34
N VAL C 10 13.74 -10.85 -0.34
CA VAL C 10 13.47 -10.06 0.87
C VAL C 10 13.39 -10.97 2.10
N ARG C 11 13.74 -10.44 3.27
CA ARG C 11 13.67 -11.14 4.54
C ARG C 11 13.03 -10.17 5.54
N GLY C 12 11.76 -10.38 5.83
CA GLY C 12 10.94 -9.61 6.75
C GLY C 12 9.71 -10.48 6.96
N ARG C 13 9.46 -11.01 8.16
CA ARG C 13 8.32 -11.89 8.39
C ARG C 13 6.98 -11.22 8.16
N GLU C 14 6.81 -10.05 8.79
CA GLU C 14 5.61 -9.23 8.70
C GLU C 14 5.58 -8.53 7.35
N THR C 15 6.75 -8.15 6.83
CA THR C 15 6.92 -7.49 5.54
C THR C 15 6.34 -8.41 4.46
N TYR C 16 6.76 -9.68 4.49
CA TYR C 16 6.34 -10.72 3.57
C TYR C 16 4.83 -10.89 3.65
N GLU C 17 4.24 -11.06 4.84
CA GLU C 17 2.79 -11.23 4.98
C GLU C 17 2.00 -10.02 4.48
N MET C 18 2.45 -8.80 4.80
CA MET C 18 1.77 -7.59 4.36
C MET C 18 1.75 -7.56 2.83
N LEU C 19 2.93 -7.76 2.25
CA LEU C 19 3.17 -7.79 0.82
C LEU C 19 2.35 -8.88 0.13
N LEU C 20 2.30 -10.08 0.70
CA LEU C 20 1.58 -11.22 0.15
C LEU C 20 0.10 -10.92 0.01
N GLU C 21 -0.56 -10.53 1.09
CA GLU C 21 -1.99 -10.24 1.06
C GLU C 21 -2.31 -9.16 0.03
N ILE C 22 -1.50 -8.11 -0.06
CA ILE C 22 -1.69 -7.00 -1.00
C ILE C 22 -1.50 -7.50 -2.44
N LYS C 23 -0.47 -8.32 -2.68
CA LYS C 23 -0.21 -8.85 -4.01
C LYS C 23 -1.33 -9.79 -4.41
N GLU C 24 -1.78 -10.67 -3.52
CA GLU C 24 -2.85 -11.61 -3.79
C GLU C 24 -4.16 -10.89 -4.06
N SER C 25 -4.47 -9.80 -3.34
CA SER C 25 -5.71 -9.06 -3.55
C SER C 25 -5.76 -8.50 -4.97
N LEU C 26 -4.69 -7.82 -5.40
CA LEU C 26 -4.63 -7.23 -6.72
C LEU C 26 -4.56 -8.29 -7.80
N GLU C 27 -3.76 -9.34 -7.60
CA GLU C 27 -3.62 -10.41 -8.57
C GLU C 27 -4.99 -11.07 -8.80
N LEU C 28 -5.70 -11.46 -7.73
CA LEU C 28 -7.02 -12.07 -7.87
C LEU C 28 -7.99 -11.07 -8.53
N MET C 29 -7.98 -9.80 -8.12
CA MET C 29 -8.83 -8.76 -8.69
C MET C 29 -8.59 -8.61 -10.21
N GLN C 30 -7.36 -8.79 -10.67
CA GLN C 30 -6.96 -8.69 -12.07
C GLN C 30 -7.32 -9.97 -12.85
N TYR C 31 -6.95 -11.12 -12.30
CA TYR C 31 -7.16 -12.46 -12.86
C TYR C 31 -8.61 -12.92 -12.85
N LEU C 32 -9.45 -12.38 -11.96
CA LEU C 32 -10.86 -12.73 -11.84
C LEU C 32 -11.60 -11.43 -11.51
N PRO C 33 -11.74 -10.53 -12.50
CA PRO C 33 -12.40 -9.24 -12.36
C PRO C 33 -13.93 -9.37 -12.31
N GLN C 34 -14.46 -10.57 -12.51
CA GLN C 34 -15.88 -10.82 -12.50
C GLN C 34 -16.41 -11.00 -11.08
N HIS C 35 -16.04 -12.11 -10.46
CA HIS C 35 -16.43 -12.59 -9.16
C HIS C 35 -16.37 -11.60 -7.99
N THR C 36 -15.26 -10.91 -7.73
CA THR C 36 -15.23 -10.00 -6.60
C THR C 36 -16.32 -8.94 -6.72
N ILE C 37 -16.40 -8.29 -7.87
CA ILE C 37 -17.37 -7.25 -8.10
C ILE C 37 -18.78 -7.84 -8.04
N GLU C 38 -18.98 -9.08 -8.48
CA GLU C 38 -20.28 -9.74 -8.44
C GLU C 38 -20.74 -9.86 -6.98
N THR C 39 -19.90 -10.43 -6.11
CA THR C 39 -20.22 -10.60 -4.70
C THR C 39 -20.29 -9.24 -3.98
N TYR C 40 -19.45 -8.26 -4.36
CA TYR C 40 -19.45 -6.91 -3.79
C TYR C 40 -20.82 -6.33 -4.02
N ARG C 41 -21.28 -6.36 -5.28
CA ARG C 41 -22.57 -5.86 -5.69
C ARG C 41 -23.67 -6.61 -4.96
N GLN C 42 -23.51 -7.91 -4.73
CA GLN C 42 -24.49 -8.75 -4.03
C GLN C 42 -24.69 -8.21 -2.61
N GLN C 43 -23.59 -8.04 -1.86
CA GLN C 43 -23.61 -7.55 -0.48
C GLN C 43 -24.07 -6.09 -0.43
N GLN C 44 -23.54 -5.22 -1.28
CA GLN C 44 -23.90 -3.80 -1.35
C GLN C 44 -25.41 -3.67 -1.61
N GLN C 45 -25.95 -4.50 -2.51
CA GLN C 45 -27.37 -4.52 -2.83
C GLN C 45 -28.10 -5.00 -1.59
N GLN C 46 -27.69 -6.13 -0.99
CA GLN C 46 -28.32 -6.69 0.21
C GLN C 46 -28.45 -5.70 1.36
N GLN C 47 -27.46 -4.85 1.60
CA GLN C 47 -27.52 -3.85 2.68
C GLN C 47 -28.79 -3.01 2.50
N HIS C 48 -29.06 -2.54 1.28
CA HIS C 48 -30.22 -1.75 0.94
C HIS C 48 -31.48 -2.63 0.85
N GLN C 49 -31.34 -3.83 0.29
CA GLN C 49 -32.40 -4.80 0.12
C GLN C 49 -33.05 -5.13 1.45
N HIS C 50 -32.29 -5.30 2.53
CA HIS C 50 -32.81 -5.59 3.87
C HIS C 50 -33.79 -4.50 4.36
N LEU C 51 -33.73 -3.28 3.79
CA LEU C 51 -34.61 -2.16 4.13
C LEU C 51 -35.80 -2.13 3.18
N LEU C 52 -35.53 -2.23 1.86
CA LEU C 52 -36.52 -2.22 0.80
C LEU C 52 -37.43 -3.44 0.86
N GLN C 53 -36.86 -4.63 0.68
CA GLN C 53 -37.54 -5.91 0.71
C GLN C 53 -37.86 -6.22 2.17
N LYS C 54 -39.10 -6.59 2.45
CA LYS C 54 -39.58 -6.93 3.79
C LYS C 54 -40.71 -7.92 3.59
N GLN C 55 -40.70 -9.04 4.32
CA GLN C 55 -41.74 -10.06 4.23
C GLN C 55 -43.10 -9.41 4.47
N THR C 56 -44.10 -9.85 3.72
CA THR C 56 -45.49 -9.40 3.76
C THR C 56 -46.33 -10.67 3.48
N SER C 57 -47.58 -10.69 3.92
CA SER C 57 -48.46 -11.85 3.71
C SER C 57 -49.07 -11.82 2.31
N ILE C 58 -49.71 -12.92 1.93
CA ILE C 58 -50.42 -13.17 0.67
C ILE C 58 -51.41 -14.32 0.97
N GLN C 59 -52.36 -14.55 0.07
CA GLN C 59 -53.37 -15.60 0.16
C GLN C 59 -53.65 -16.13 -1.25
N SER C 60 -54.20 -17.33 -1.32
CA SER C 60 -54.60 -18.09 -2.49
C SER C 60 -55.60 -19.12 -1.98
N GLY D 1 -27.20 1.36 8.44
CA GLY D 1 -25.91 0.71 8.16
C GLY D 1 -25.11 0.64 9.45
N SER D 2 -23.82 0.96 9.39
CA SER D 2 -22.92 0.97 10.52
C SER D 2 -21.95 2.13 10.30
N ASP D 3 -22.15 3.16 11.10
CA ASP D 3 -21.45 4.43 11.17
C ASP D 3 -21.26 4.65 12.68
N GLU D 4 -20.11 4.21 13.17
CA GLU D 4 -19.74 4.31 14.58
C GLU D 4 -18.27 4.70 14.70
N ASP D 5 -17.41 4.03 13.93
CA ASP D 5 -15.97 4.24 13.89
C ASP D 5 -15.57 4.11 12.43
N THR D 6 -14.89 5.12 11.90
CA THR D 6 -14.42 5.16 10.53
C THR D 6 -13.10 5.91 10.53
N TYR D 7 -12.14 5.49 9.72
CA TYR D 7 -10.85 6.16 9.64
C TYR D 7 -10.83 7.01 8.39
N TYR D 8 -10.22 8.19 8.50
CA TYR D 8 -10.08 9.13 7.41
C TYR D 8 -8.61 9.42 7.20
N LEU D 9 -8.23 9.74 5.96
CA LEU D 9 -6.87 10.09 5.56
C LEU D 9 -6.97 11.41 4.82
N GLN D 10 -5.92 12.23 4.89
CA GLN D 10 -5.83 13.55 4.28
C GLN D 10 -4.38 13.74 3.84
N VAL D 11 -4.04 13.51 2.57
CA VAL D 11 -2.67 13.64 2.06
C VAL D 11 -2.64 13.91 0.56
N ARG D 12 -1.75 14.79 0.09
CA ARG D 12 -1.59 15.10 -1.31
C ARG D 12 -0.33 14.36 -1.75
N GLY D 13 -0.48 13.25 -2.45
CA GLY D 13 0.61 12.44 -2.97
C GLY D 13 0.11 11.98 -4.32
N ARG D 14 0.72 12.39 -5.44
CA ARG D 14 0.21 11.97 -6.74
C ARG D 14 0.28 10.45 -6.91
N LYS D 15 1.48 9.87 -6.78
CA LYS D 15 1.62 8.43 -6.93
C LYS D 15 1.03 7.74 -5.71
N ASN D 16 1.17 8.37 -4.54
CA ASN D 16 0.66 7.82 -3.30
C ASN D 16 -0.84 7.57 -3.38
N PHE D 17 -1.65 8.54 -3.80
CA PHE D 17 -3.09 8.33 -3.88
C PHE D 17 -3.40 7.30 -4.96
N GLU D 18 -2.77 7.38 -6.15
CA GLU D 18 -3.06 6.39 -7.20
C GLU D 18 -2.92 4.96 -6.70
N ILE D 19 -1.76 4.66 -6.12
CA ILE D 19 -1.38 3.37 -5.60
C ILE D 19 -2.23 2.98 -4.38
N LEU D 20 -2.30 3.84 -3.36
CA LEU D 20 -3.05 3.55 -2.15
C LEU D 20 -4.55 3.40 -2.42
N MET D 21 -5.14 4.19 -3.32
CA MET D 21 -6.57 4.08 -3.65
C MET D 21 -6.77 2.71 -4.30
N LYS D 22 -5.98 2.38 -5.32
CA LYS D 22 -6.06 1.10 -6.02
C LYS D 22 -5.99 -0.04 -5.02
N LEU D 23 -4.99 -0.03 -4.15
CA LEU D 23 -4.82 -1.07 -3.15
C LEU D 23 -5.97 -1.07 -2.15
N LYS D 24 -6.52 0.09 -1.76
CA LYS D 24 -7.63 0.12 -0.81
C LYS D 24 -8.86 -0.52 -1.43
N GLU D 25 -9.20 -0.16 -2.67
CA GLU D 25 -10.34 -0.70 -3.41
C GLU D 25 -10.13 -2.21 -3.55
N SER D 26 -8.93 -2.64 -3.93
CA SER D 26 -8.57 -4.04 -4.09
C SER D 26 -8.80 -4.79 -2.78
N LEU D 27 -8.37 -4.22 -1.65
CA LEU D 27 -8.56 -4.84 -0.35
C LEU D 27 -10.02 -4.80 0.07
N GLU D 28 -10.84 -3.83 -0.31
CA GLU D 28 -12.25 -3.82 0.09
C GLU D 28 -12.92 -5.07 -0.51
N LEU D 29 -12.59 -5.35 -1.78
CA LEU D 29 -13.10 -6.50 -2.51
C LEU D 29 -12.55 -7.78 -1.90
N MET D 30 -11.22 -7.88 -1.79
CA MET D 30 -10.55 -9.05 -1.21
C MET D 30 -10.97 -9.33 0.24
N GLU D 31 -11.33 -8.30 1.02
CA GLU D 31 -11.75 -8.46 2.41
C GLU D 31 -13.17 -8.99 2.47
N LEU D 32 -14.06 -8.60 1.54
CA LEU D 32 -15.44 -9.08 1.58
C LEU D 32 -15.62 -10.48 0.98
N VAL D 33 -14.82 -10.85 -0.03
CA VAL D 33 -14.88 -12.13 -0.73
C VAL D 33 -13.90 -13.17 -0.15
N PRO D 34 -14.25 -14.47 -0.19
CA PRO D 34 -13.38 -15.55 0.29
C PRO D 34 -12.13 -15.69 -0.62
N GLN D 35 -11.31 -16.72 -0.40
CA GLN D 35 -10.08 -16.96 -1.15
C GLN D 35 -10.00 -18.34 -1.85
N PRO D 36 -11.06 -18.86 -2.53
CA PRO D 36 -10.98 -20.17 -3.16
C PRO D 36 -9.99 -20.24 -4.32
N LEU D 37 -9.99 -19.27 -5.24
CA LEU D 37 -9.03 -19.30 -6.34
C LEU D 37 -7.63 -19.04 -5.78
N VAL D 38 -7.49 -18.13 -4.83
CA VAL D 38 -6.22 -17.78 -4.21
C VAL D 38 -5.63 -19.03 -3.55
N ASP D 39 -6.36 -19.78 -2.73
CA ASP D 39 -5.88 -20.99 -2.04
C ASP D 39 -5.34 -21.98 -3.09
N SER D 40 -6.17 -22.25 -4.10
CA SER D 40 -5.89 -23.15 -5.20
C SER D 40 -4.61 -22.75 -5.95
N TYR D 41 -4.51 -21.48 -6.33
CA TYR D 41 -3.38 -20.92 -7.05
C TYR D 41 -2.12 -20.85 -6.21
N ARG D 42 -2.22 -20.46 -4.93
CA ARG D 42 -1.11 -20.35 -4.00
C ARG D 42 -0.31 -21.65 -3.97
N GLN D 43 -1.04 -22.77 -3.84
CA GLN D 43 -0.46 -24.11 -3.80
C GLN D 43 0.08 -24.49 -5.20
N GLN D 44 -0.76 -24.41 -6.23
CA GLN D 44 -0.39 -24.75 -7.61
C GLN D 44 0.90 -24.06 -8.06
N GLN D 45 1.00 -22.74 -7.82
CA GLN D 45 2.16 -21.95 -8.20
C GLN D 45 3.35 -22.25 -7.29
N GLN D 46 3.15 -22.59 -6.01
CA GLN D 46 4.27 -22.89 -5.13
C GLN D 46 5.03 -24.11 -5.67
N LEU D 47 4.35 -25.08 -6.28
CA LEU D 47 5.02 -26.27 -6.83
C LEU D 47 6.17 -25.96 -7.83
N LEU D 48 6.27 -24.72 -8.34
CA LEU D 48 7.33 -24.27 -9.26
C LEU D 48 8.67 -24.09 -8.52
N GLN D 49 8.68 -24.22 -7.19
CA GLN D 49 9.85 -24.09 -6.33
C GLN D 49 10.87 -25.20 -6.64
N ARG D 50 12.07 -25.03 -6.12
CA ARG D 50 13.22 -25.93 -6.22
C ARG D 50 13.93 -25.71 -4.91
N SER A 1 14.86 -12.99 13.87
CA SER A 1 15.24 -13.99 12.86
C SER A 1 14.97 -13.47 11.44
N ASP A 2 15.35 -12.23 11.17
CA ASP A 2 15.21 -11.53 9.89
C ASP A 2 16.21 -12.02 8.85
N ASP A 3 17.28 -12.67 9.32
CA ASP A 3 18.39 -13.20 8.55
C ASP A 3 18.08 -14.42 7.66
N GLU A 4 16.81 -14.78 7.50
CA GLU A 4 16.32 -15.88 6.68
C GLU A 4 16.13 -15.32 5.26
N LEU A 5 17.12 -15.50 4.37
CA LEU A 5 17.04 -14.99 3.00
C LEU A 5 15.89 -15.66 2.25
N LEU A 6 14.82 -14.90 1.97
CA LEU A 6 13.64 -15.38 1.27
C LEU A 6 13.74 -15.01 -0.21
N TYR A 7 12.86 -15.60 -1.00
CA TYR A 7 12.73 -15.42 -2.44
C TYR A 7 11.24 -15.27 -2.74
N LEU A 8 10.88 -14.40 -3.70
CA LEU A 8 9.49 -14.17 -4.09
C LEU A 8 9.39 -14.24 -5.63
N PRO A 9 9.01 -15.40 -6.20
CA PRO A 9 8.86 -15.58 -7.64
C PRO A 9 7.52 -14.98 -8.08
N VAL A 10 7.51 -13.93 -8.92
CA VAL A 10 6.31 -13.24 -9.43
C VAL A 10 6.55 -12.77 -10.88
N ARG A 11 5.50 -12.48 -11.66
CA ARG A 11 5.61 -11.96 -13.03
C ARG A 11 4.63 -10.80 -13.12
N GLY A 12 5.13 -9.57 -13.12
CA GLY A 12 4.33 -8.36 -13.22
C GLY A 12 5.29 -7.24 -13.52
N ARG A 13 5.37 -6.71 -14.75
CA ARG A 13 6.36 -5.64 -15.00
C ARG A 13 6.08 -4.36 -14.20
N GLU A 14 4.87 -3.80 -14.27
CA GLU A 14 4.54 -2.58 -13.54
C GLU A 14 4.48 -2.84 -12.05
N THR A 15 4.11 -4.06 -11.68
CA THR A 15 3.97 -4.54 -10.32
C THR A 15 5.35 -4.60 -9.67
N TYR A 16 6.37 -5.09 -10.38
CA TYR A 16 7.73 -5.18 -9.90
C TYR A 16 8.24 -3.77 -9.61
N GLU A 17 8.07 -2.84 -10.56
CA GLU A 17 8.51 -1.46 -10.38
C GLU A 17 7.82 -0.80 -9.18
N MET A 18 6.51 -1.01 -9.03
CA MET A 18 5.72 -0.45 -7.95
C MET A 18 6.19 -0.99 -6.60
N LEU A 19 6.32 -2.32 -6.48
CA LEU A 19 6.76 -2.97 -5.26
C LEU A 19 8.16 -2.55 -4.84
N LEU A 20 9.16 -2.62 -5.72
CA LEU A 20 10.55 -2.27 -5.38
C LEU A 20 10.68 -0.82 -4.92
N GLU A 21 10.01 0.12 -5.60
CA GLU A 21 10.06 1.53 -5.24
C GLU A 21 9.56 1.75 -3.80
N ILE A 22 8.40 1.16 -3.50
CA ILE A 22 7.78 1.29 -2.20
C ILE A 22 8.52 0.44 -1.14
N LYS A 23 9.11 -0.69 -1.51
CA LYS A 23 9.85 -1.54 -0.59
C LYS A 23 10.98 -0.73 0.01
N GLU A 24 11.82 -0.21 -0.88
CA GLU A 24 12.96 0.57 -0.51
C GLU A 24 12.50 1.77 0.30
N SER A 25 11.36 2.39 0.00
CA SER A 25 10.90 3.54 0.79
C SER A 25 10.80 3.17 2.29
N LEU A 26 10.16 2.04 2.59
CA LEU A 26 9.92 1.52 3.94
C LEU A 26 11.17 0.94 4.61
N GLU A 27 11.96 0.20 3.84
CA GLU A 27 13.17 -0.43 4.36
C GLU A 27 14.21 0.65 4.68
N LEU A 28 14.52 1.52 3.73
CA LEU A 28 15.51 2.57 3.89
C LEU A 28 15.09 3.53 5.00
N MET A 29 13.80 3.87 5.11
CA MET A 29 13.29 4.76 6.15
C MET A 29 13.62 4.18 7.52
N GLN A 30 13.27 2.91 7.77
CA GLN A 30 13.53 2.32 9.07
C GLN A 30 15.04 2.15 9.34
N TYR A 31 15.87 2.09 8.28
CA TYR A 31 17.32 1.95 8.39
C TYR A 31 18.01 3.31 8.59
N LEU A 32 17.37 4.41 8.17
CA LEU A 32 17.83 5.80 8.26
C LEU A 32 16.65 6.59 8.83
N PRO A 33 16.27 6.37 10.10
CA PRO A 33 15.13 7.02 10.75
C PRO A 33 15.46 8.46 11.17
N GLN A 34 16.08 9.26 10.29
CA GLN A 34 16.48 10.63 10.54
C GLN A 34 15.35 11.46 11.15
N HIS A 35 15.72 12.52 11.89
CA HIS A 35 14.78 13.41 12.56
C HIS A 35 13.69 13.95 11.65
N THR A 36 13.93 14.07 10.34
CA THR A 36 12.93 14.54 9.39
C THR A 36 11.69 13.64 9.48
N ILE A 37 11.91 12.31 9.41
CA ILE A 37 10.90 11.27 9.47
C ILE A 37 10.26 11.28 10.86
N GLU A 38 11.08 11.21 11.90
CA GLU A 38 10.64 11.18 13.29
C GLU A 38 9.70 12.35 13.61
N THR A 39 10.14 13.58 13.32
CA THR A 39 9.38 14.79 13.57
C THR A 39 8.10 14.81 12.72
N TYR A 40 8.20 14.51 11.41
CA TYR A 40 7.02 14.53 10.55
C TYR A 40 5.98 13.52 11.01
N ARG A 41 6.37 12.31 11.43
CA ARG A 41 5.43 11.28 11.88
C ARG A 41 4.65 11.78 13.10
N GLN A 42 5.36 12.33 14.08
CA GLN A 42 4.75 12.85 15.30
C GLN A 42 3.81 14.02 14.97
N GLN A 43 4.29 14.94 14.12
CA GLN A 43 3.55 16.11 13.68
C GLN A 43 2.29 15.71 12.93
N GLN A 44 2.36 14.79 11.97
CA GLN A 44 1.23 14.32 11.18
C GLN A 44 0.12 13.82 12.10
N GLN A 45 0.45 13.05 13.13
CA GLN A 45 -0.53 12.54 14.07
C GLN A 45 -1.27 13.73 14.69
N GLN A 46 -0.54 14.73 15.20
CA GLN A 46 -1.16 15.91 15.80
C GLN A 46 -1.98 16.69 14.76
N GLN A 47 -1.43 16.90 13.56
CA GLN A 47 -2.05 17.63 12.46
C GLN A 47 -3.41 17.05 12.10
N HIS A 48 -3.63 15.73 12.24
CA HIS A 48 -4.92 15.13 11.90
C HIS A 48 -6.05 15.74 12.75
N GLN A 49 -5.77 16.22 13.97
CA GLN A 49 -6.79 16.86 14.81
C GLN A 49 -7.18 18.21 14.20
N HIS A 50 -6.17 18.95 13.73
CA HIS A 50 -6.29 20.27 13.11
C HIS A 50 -6.60 20.19 11.61
N LEU A 51 -6.99 19.02 11.10
CA LEU A 51 -7.31 18.80 9.68
C LEU A 51 -8.33 19.79 9.11
N LEU A 52 -9.27 20.28 9.93
CA LEU A 52 -10.28 21.25 9.51
C LEU A 52 -9.63 22.57 9.08
N GLN A 53 -9.04 23.29 10.04
CA GLN A 53 -8.39 24.59 9.83
C GLN A 53 -9.41 25.59 9.23
N LYS A 54 -8.98 26.77 8.79
CA LYS A 54 -9.90 27.75 8.21
C LYS A 54 -9.22 28.43 7.02
N GLN A 55 -9.11 27.70 5.90
CA GLN A 55 -8.50 28.19 4.67
C GLN A 55 -9.58 28.72 3.72
N THR A 56 -9.18 29.32 2.59
CA THR A 56 -10.05 29.83 1.55
C THR A 56 -9.15 30.02 0.33
N SER A 57 -9.34 29.20 -0.71
CA SER A 57 -8.56 29.23 -1.93
C SER A 57 -9.49 29.13 -3.15
N ILE A 58 -9.01 29.55 -4.32
CA ILE A 58 -9.77 29.52 -5.57
C ILE A 58 -8.88 29.42 -6.83
N GLN A 59 -7.54 29.48 -6.70
CA GLN A 59 -6.62 29.37 -7.84
C GLN A 59 -6.35 27.90 -8.19
N SER A 60 -5.90 27.66 -9.41
CA SER A 60 -5.53 26.39 -10.01
C SER A 60 -4.43 26.68 -11.01
N GLY B 1 4.66 24.62 -10.52
CA GLY B 1 3.22 24.34 -10.71
C GLY B 1 2.49 24.53 -9.40
N SER B 2 1.19 24.78 -9.48
CA SER B 2 0.36 24.99 -8.32
C SER B 2 0.09 23.65 -7.60
N ASP B 3 -0.42 23.72 -6.38
CA ASP B 3 -0.76 22.58 -5.54
C ASP B 3 -1.81 23.02 -4.53
N GLU B 4 -3.06 22.67 -4.78
CA GLU B 4 -4.21 23.02 -3.94
C GLU B 4 -5.20 21.86 -3.80
N ASP B 5 -5.04 20.81 -4.60
CA ASP B 5 -5.89 19.63 -4.56
C ASP B 5 -5.26 18.67 -3.54
N THR B 6 -6.08 17.90 -2.84
CA THR B 6 -5.62 16.93 -1.86
C THR B 6 -6.51 15.70 -2.02
N TYR B 7 -5.95 14.51 -1.83
CA TYR B 7 -6.71 13.28 -1.97
C TYR B 7 -7.04 12.79 -0.57
N TYR B 8 -8.33 12.50 -0.39
CA TYR B 8 -8.93 12.03 0.83
C TYR B 8 -9.21 10.52 0.73
N LEU B 9 -9.35 9.85 1.87
CA LEU B 9 -9.64 8.43 1.99
C LEU B 9 -10.46 8.23 3.26
N GLN B 10 -11.41 7.31 3.19
CA GLN B 10 -12.34 6.91 4.24
C GLN B 10 -12.56 5.42 4.03
N VAL B 11 -12.03 4.58 4.91
CA VAL B 11 -12.13 3.13 4.84
C VAL B 11 -11.97 2.54 6.25
N ARG B 12 -12.58 1.39 6.59
CA ARG B 12 -12.44 0.80 7.92
C ARG B 12 -11.76 -0.57 7.78
N GLY B 13 -10.46 -0.61 8.08
CA GLY B 13 -9.65 -1.82 8.05
C GLY B 13 -8.62 -1.78 9.15
N ARG B 14 -8.62 -2.65 10.16
CA ARG B 14 -7.58 -2.56 11.20
C ARG B 14 -6.19 -2.85 10.62
N LYS B 15 -6.02 -4.02 10.00
CA LYS B 15 -4.74 -4.42 9.42
C LYS B 15 -4.39 -3.45 8.29
N ASN B 16 -5.37 -3.19 7.42
CA ASN B 16 -5.21 -2.29 6.29
C ASN B 16 -4.69 -0.93 6.74
N PHE B 17 -5.26 -0.29 7.76
CA PHE B 17 -4.79 1.02 8.18
C PHE B 17 -3.35 0.97 8.70
N GLU B 18 -2.98 -0.02 9.52
CA GLU B 18 -1.60 -0.08 10.01
C GLU B 18 -0.62 -0.23 8.84
N ILE B 19 -0.90 -1.17 7.94
CA ILE B 19 -0.08 -1.47 6.77
C ILE B 19 0.00 -0.24 5.84
N LEU B 20 -1.14 0.31 5.44
CA LEU B 20 -1.17 1.47 4.54
C LEU B 20 -0.54 2.69 5.20
N MET B 21 -0.63 2.88 6.52
CA MET B 21 -0.01 4.04 7.16
C MET B 21 1.50 3.97 6.99
N LYS B 22 2.13 2.84 7.38
CA LYS B 22 3.57 2.69 7.25
C LYS B 22 3.99 2.90 5.80
N LEU B 23 3.26 2.32 4.84
CA LEU B 23 3.55 2.42 3.43
C LEU B 23 3.45 3.86 2.93
N LYS B 24 2.36 4.59 3.20
CA LYS B 24 2.20 5.95 2.72
C LYS B 24 3.14 6.93 3.41
N GLU B 25 3.20 6.95 4.74
CA GLU B 25 4.07 7.87 5.46
C GLU B 25 5.51 7.72 5.02
N SER B 26 6.00 6.48 4.93
CA SER B 26 7.36 6.22 4.52
C SER B 26 7.60 6.66 3.07
N LEU B 27 6.62 6.50 2.18
CA LEU B 27 6.78 6.92 0.79
C LEU B 27 6.82 8.44 0.73
N GLU B 28 5.95 9.16 1.46
CA GLU B 28 5.96 10.63 1.45
C GLU B 28 7.31 11.14 1.94
N LEU B 29 7.96 10.44 2.88
CA LEU B 29 9.26 10.83 3.38
C LEU B 29 10.32 10.53 2.32
N MET B 30 10.26 9.36 1.68
CA MET B 30 11.18 8.94 0.61
C MET B 30 11.01 9.88 -0.61
N GLU B 31 9.84 10.50 -0.77
CA GLU B 31 9.48 11.42 -1.83
C GLU B 31 10.06 12.81 -1.52
N LEU B 32 9.92 13.32 -0.29
CA LEU B 32 10.45 14.64 0.04
C LEU B 32 11.96 14.65 0.23
N VAL B 33 12.58 13.57 0.70
CA VAL B 33 14.02 13.47 0.92
C VAL B 33 14.66 12.89 -0.36
N PRO B 34 15.91 13.27 -0.71
CA PRO B 34 16.58 12.74 -1.89
C PRO B 34 16.94 11.26 -1.68
N GLN B 35 17.62 10.64 -2.64
CA GLN B 35 18.01 9.23 -2.57
C GLN B 35 19.54 8.98 -2.41
N PRO B 36 20.23 9.51 -1.38
CA PRO B 36 21.67 9.32 -1.20
C PRO B 36 22.04 7.87 -0.84
N LEU B 37 21.78 7.43 0.40
CA LEU B 37 22.10 6.07 0.84
C LEU B 37 21.41 5.10 -0.10
N VAL B 38 20.15 5.39 -0.42
CA VAL B 38 19.28 4.61 -1.28
C VAL B 38 19.93 4.31 -2.64
N ASP B 39 20.43 5.31 -3.37
CA ASP B 39 21.06 5.07 -4.67
C ASP B 39 22.34 4.26 -4.55
N SER B 40 23.18 4.55 -3.55
CA SER B 40 24.42 3.79 -3.37
C SER B 40 24.08 2.33 -3.01
N TYR B 41 23.12 2.13 -2.11
CA TYR B 41 22.65 0.84 -1.65
C TYR B 41 22.17 0.04 -2.84
N ARG B 42 21.30 0.63 -3.67
CA ARG B 42 20.74 -0.02 -4.85
C ARG B 42 21.84 -0.56 -5.75
N GLN B 43 22.90 0.20 -6.09
CA GLN B 43 23.94 -0.33 -6.95
C GLN B 43 24.75 -1.45 -6.27
N GLN B 44 25.23 -1.19 -5.04
CA GLN B 44 26.03 -2.17 -4.30
C GLN B 44 25.26 -3.49 -4.12
N GLN B 45 23.94 -3.40 -3.90
CA GLN B 45 23.06 -4.53 -3.72
C GLN B 45 22.75 -5.17 -5.08
N GLN B 46 22.49 -4.40 -6.15
CA GLN B 46 22.20 -4.91 -7.49
C GLN B 46 23.29 -5.87 -7.96
N LEU B 47 24.55 -5.64 -7.54
CA LEU B 47 25.65 -6.54 -7.91
C LEU B 47 25.41 -7.97 -7.40
N LEU B 48 24.54 -8.20 -6.41
CA LEU B 48 24.24 -9.52 -5.87
C LEU B 48 23.44 -10.34 -6.89
N GLN B 49 22.66 -9.67 -7.75
CA GLN B 49 21.82 -10.27 -8.77
C GLN B 49 22.60 -10.24 -10.09
N ARG B 50 23.33 -11.33 -10.35
CA ARG B 50 24.17 -11.58 -11.51
C ARG B 50 25.20 -10.48 -11.64
N SER C 1 5.29 -6.40 -22.35
CA SER C 1 5.69 -7.78 -22.06
C SER C 1 5.55 -8.10 -20.57
N ASP C 2 4.50 -8.84 -20.21
CA ASP C 2 4.19 -9.24 -18.82
C ASP C 2 4.55 -10.71 -18.54
N ASP C 3 5.03 -11.45 -19.56
CA ASP C 3 5.39 -12.86 -19.43
C ASP C 3 6.72 -13.06 -18.69
N GLU C 4 7.48 -11.99 -18.48
CA GLU C 4 8.78 -11.98 -17.83
C GLU C 4 8.72 -12.56 -16.40
N LEU C 5 9.09 -13.84 -16.24
CA LEU C 5 9.11 -14.48 -14.94
C LEU C 5 10.23 -13.79 -14.17
N LEU C 6 9.90 -13.16 -13.04
CA LEU C 6 10.83 -12.45 -12.19
C LEU C 6 10.94 -13.17 -10.86
N TYR C 7 11.95 -12.74 -10.11
CA TYR C 7 12.32 -13.21 -8.80
C TYR C 7 12.63 -11.97 -7.97
N LEU C 8 12.36 -12.03 -6.66
CA LEU C 8 12.60 -10.90 -5.77
C LEU C 8 13.23 -11.41 -4.45
N PRO C 9 14.57 -11.39 -4.34
CA PRO C 9 15.30 -11.83 -3.15
C PRO C 9 15.14 -10.77 -2.06
N VAL C 10 14.41 -11.08 -0.98
CA VAL C 10 14.16 -10.15 0.11
C VAL C 10 14.11 -10.91 1.42
N ARG C 11 14.37 -10.26 2.56
CA ARG C 11 14.32 -10.92 3.86
C ARG C 11 13.60 -10.03 4.87
N GLY C 12 12.36 -10.40 5.18
CA GLY C 12 11.46 -9.76 6.13
C GLY C 12 10.31 -10.74 6.36
N ARG C 13 10.08 -11.32 7.55
CA ARG C 13 8.97 -12.28 7.74
C ARG C 13 7.62 -11.58 7.62
N GLU C 14 7.44 -10.47 8.36
CA GLU C 14 6.20 -9.72 8.34
C GLU C 14 6.04 -9.07 6.97
N THR C 15 7.13 -8.54 6.41
CA THR C 15 7.16 -7.86 5.14
C THR C 15 6.75 -8.85 4.03
N TYR C 16 7.33 -10.05 3.99
CA TYR C 16 7.01 -11.07 3.00
C TYR C 16 5.52 -11.41 3.01
N GLU C 17 4.99 -11.78 4.18
CA GLU C 17 3.58 -12.16 4.30
C GLU C 17 2.63 -10.99 3.97
N MET C 18 3.00 -9.76 4.34
CA MET C 18 2.17 -8.58 4.05
C MET C 18 2.13 -8.35 2.55
N LEU C 19 3.30 -8.34 1.90
CA LEU C 19 3.42 -8.14 0.47
C LEU C 19 2.68 -9.22 -0.29
N LEU C 20 2.83 -10.49 0.11
CA LEU C 20 2.19 -11.62 -0.53
C LEU C 20 0.67 -11.52 -0.46
N GLU C 21 0.10 -11.36 0.75
CA GLU C 21 -1.33 -11.26 0.96
C GLU C 21 -1.95 -10.16 0.10
N ILE C 22 -1.35 -8.97 0.11
CA ILE C 22 -1.85 -7.82 -0.63
C ILE C 22 -1.62 -8.01 -2.14
N LYS C 23 -0.47 -8.55 -2.57
CA LYS C 23 -0.18 -8.78 -3.99
C LYS C 23 -1.23 -9.71 -4.55
N GLU C 24 -1.48 -10.80 -3.81
CA GLU C 24 -2.45 -11.80 -4.20
C GLU C 24 -3.79 -11.14 -4.35
N SER C 25 -4.21 -10.29 -3.40
CA SER C 25 -5.50 -9.63 -3.49
C SER C 25 -5.65 -8.88 -4.81
N LEU C 26 -4.67 -8.05 -5.18
CA LEU C 26 -4.71 -7.24 -6.40
C LEU C 26 -4.83 -8.12 -7.64
N GLU C 27 -4.01 -9.15 -7.67
CA GLU C 27 -3.95 -10.11 -8.76
C GLU C 27 -5.31 -10.78 -8.92
N LEU C 28 -5.86 -11.35 -7.85
CA LEU C 28 -7.13 -12.05 -7.79
C LEU C 28 -8.33 -11.14 -8.06
N MET C 29 -8.41 -9.98 -7.40
CA MET C 29 -9.48 -8.99 -7.55
C MET C 29 -9.65 -8.64 -9.03
N GLN C 30 -8.54 -8.50 -9.76
CA GLN C 30 -8.61 -8.18 -11.17
C GLN C 30 -8.72 -9.45 -12.04
N TYR C 31 -8.25 -10.63 -11.59
CA TYR C 31 -8.34 -11.89 -12.36
C TYR C 31 -9.75 -12.46 -12.33
N LEU C 32 -10.56 -12.10 -11.32
CA LEU C 32 -11.92 -12.53 -11.12
C LEU C 32 -12.77 -11.27 -10.96
N PRO C 33 -12.98 -10.50 -12.04
CA PRO C 33 -13.75 -9.26 -12.00
C PRO C 33 -15.25 -9.55 -11.94
N GLN C 34 -15.72 -9.99 -10.77
CA GLN C 34 -17.13 -10.30 -10.52
C GLN C 34 -17.92 -9.01 -10.29
N HIS C 35 -19.25 -9.08 -10.39
CA HIS C 35 -20.12 -7.91 -10.19
C HIS C 35 -20.03 -7.37 -8.77
N THR C 36 -19.68 -8.20 -7.78
CA THR C 36 -19.54 -7.76 -6.40
C THR C 36 -18.52 -6.62 -6.35
N ILE C 37 -17.38 -6.81 -7.01
CA ILE C 37 -16.25 -5.88 -7.11
C ILE C 37 -16.65 -4.68 -7.95
N GLU C 38 -17.22 -4.89 -9.15
CA GLU C 38 -17.62 -3.83 -10.06
C GLU C 38 -18.58 -2.84 -9.38
N THR C 39 -19.66 -3.36 -8.81
CA THR C 39 -20.67 -2.56 -8.12
C THR C 39 -20.03 -1.82 -6.95
N TYR C 40 -19.21 -2.51 -6.14
CA TYR C 40 -18.56 -1.90 -5.00
C TYR C 40 -17.69 -0.73 -5.43
N ARG C 41 -16.89 -0.89 -6.49
CA ARG C 41 -16.00 0.16 -7.00
C ARG C 41 -16.81 1.38 -7.42
N GLN C 42 -17.87 1.20 -8.20
CA GLN C 42 -18.70 2.32 -8.65
C GLN C 42 -19.38 2.99 -7.47
N GLN C 43 -19.93 2.20 -6.54
CA GLN C 43 -20.61 2.72 -5.39
C GLN C 43 -19.64 3.48 -4.49
N GLN C 44 -18.43 2.97 -4.25
CA GLN C 44 -17.41 3.59 -3.43
C GLN C 44 -17.02 4.97 -4.00
N GLN C 45 -17.00 5.11 -5.33
CA GLN C 45 -16.67 6.37 -5.99
C GLN C 45 -17.73 7.41 -5.64
N GLN C 46 -19.01 7.10 -5.89
CA GLN C 46 -20.10 8.01 -5.59
C GLN C 46 -20.19 8.29 -4.09
N GLN C 47 -20.02 7.25 -3.28
CA GLN C 47 -20.08 7.31 -1.82
C GLN C 47 -19.15 8.38 -1.27
N HIS C 48 -17.99 8.64 -1.86
CA HIS C 48 -17.10 9.69 -1.35
C HIS C 48 -17.82 11.04 -1.33
N GLN C 49 -18.71 11.30 -2.30
CA GLN C 49 -19.48 12.54 -2.37
C GLN C 49 -20.54 12.60 -1.26
N HIS C 50 -21.12 11.47 -0.88
CA HIS C 50 -22.16 11.33 0.14
C HIS C 50 -21.62 11.01 1.55
N LEU C 51 -20.29 10.88 1.68
CA LEU C 51 -19.49 10.53 2.85
C LEU C 51 -19.86 11.25 4.16
N LEU C 52 -20.38 12.48 4.09
CA LEU C 52 -20.75 13.24 5.28
C LEU C 52 -21.79 12.52 6.12
N GLN C 53 -22.92 12.13 5.49
CA GLN C 53 -24.04 11.47 6.15
C GLN C 53 -24.57 12.39 7.29
N LYS C 54 -25.51 11.93 8.13
CA LYS C 54 -26.06 12.72 9.23
C LYS C 54 -26.18 11.83 10.48
N GLN C 55 -25.22 10.92 10.64
CA GLN C 55 -25.12 9.96 11.72
C GLN C 55 -25.08 10.59 13.11
N THR C 56 -25.44 9.77 14.10
CA THR C 56 -25.48 10.11 15.50
C THR C 56 -25.42 8.77 16.25
N SER C 57 -24.21 8.36 16.65
CA SER C 57 -23.92 7.13 17.38
C SER C 57 -22.96 7.51 18.50
N ILE C 58 -23.18 7.01 19.72
CA ILE C 58 -22.35 7.30 20.90
C ILE C 58 -22.20 6.07 21.80
N GLN C 59 -22.52 4.88 21.29
CA GLN C 59 -22.45 3.61 22.01
C GLN C 59 -21.39 2.70 21.40
N SER C 60 -20.93 1.73 22.18
CA SER C 60 -19.95 0.71 21.85
C SER C 60 -20.53 -0.60 22.32
N GLY D 1 -18.44 -7.54 18.05
CA GLY D 1 -17.89 -7.29 16.70
C GLY D 1 -18.57 -6.08 16.09
N SER D 2 -18.61 -4.98 16.83
CA SER D 2 -19.23 -3.72 16.46
C SER D 2 -18.36 -2.96 15.45
N ASP D 3 -18.94 -1.97 14.77
CA ASP D 3 -18.25 -1.15 13.79
C ASP D 3 -18.87 0.24 13.72
N GLU D 4 -18.29 1.18 14.45
CA GLU D 4 -18.69 2.58 14.59
C GLU D 4 -17.44 3.47 14.60
N ASP D 5 -16.37 2.97 13.98
CA ASP D 5 -15.08 3.61 13.87
C ASP D 5 -14.56 3.36 12.47
N THR D 6 -13.94 4.35 11.85
CA THR D 6 -13.39 4.30 10.50
C THR D 6 -12.05 5.05 10.51
N TYR D 7 -11.18 4.74 9.56
CA TYR D 7 -9.87 5.35 9.44
C TYR D 7 -9.85 6.21 8.20
N TYR D 8 -9.22 7.38 8.31
CA TYR D 8 -9.12 8.34 7.23
C TYR D 8 -7.66 8.69 6.97
N LEU D 9 -7.39 9.21 5.77
CA LEU D 9 -6.07 9.66 5.35
C LEU D 9 -6.32 10.85 4.43
N GLN D 10 -5.40 11.80 4.46
CA GLN D 10 -5.42 13.03 3.69
C GLN D 10 -3.97 13.31 3.30
N VAL D 11 -3.65 13.24 2.01
CA VAL D 11 -2.31 13.45 1.46
C VAL D 11 -2.44 13.87 -0.01
N ARG D 12 -1.50 14.65 -0.55
CA ARG D 12 -1.56 15.02 -1.96
C ARG D 12 -0.47 14.15 -2.60
N GLY D 13 -0.85 13.07 -3.27
CA GLY D 13 0.09 12.16 -3.93
C GLY D 13 -0.51 11.63 -5.21
N ARG D 14 -0.06 12.04 -6.42
CA ARG D 14 -0.69 11.54 -7.65
C ARG D 14 -0.53 10.02 -7.81
N LYS D 15 0.70 9.52 -7.82
CA LYS D 15 0.95 8.08 -7.97
C LYS D 15 0.53 7.36 -6.72
N ASN D 16 0.86 7.93 -5.55
CA ASN D 16 0.50 7.34 -4.27
C ASN D 16 -0.99 7.07 -4.20
N PHE D 17 -1.84 8.05 -4.54
CA PHE D 17 -3.29 7.85 -4.48
C PHE D 17 -3.73 6.74 -5.44
N GLU D 18 -3.22 6.73 -6.68
CA GLU D 18 -3.60 5.68 -7.64
C GLU D 18 -3.23 4.28 -7.15
N ILE D 19 -2.01 4.14 -6.64
CA ILE D 19 -1.44 2.90 -6.13
C ILE D 19 -2.19 2.47 -4.86
N LEU D 20 -2.35 3.38 -3.89
CA LEU D 20 -3.06 3.10 -2.67
C LEU D 20 -4.50 2.73 -2.96
N MET D 21 -5.16 3.36 -3.95
CA MET D 21 -6.53 3.04 -4.29
C MET D 21 -6.63 1.58 -4.72
N LYS D 22 -5.80 1.15 -5.67
CA LYS D 22 -5.86 -0.23 -6.12
C LYS D 22 -5.57 -1.19 -4.97
N LEU D 23 -4.59 -0.91 -4.12
CA LEU D 23 -4.22 -1.76 -3.00
C LEU D 23 -5.33 -1.84 -1.96
N LYS D 24 -5.89 -0.69 -1.57
CA LYS D 24 -6.94 -0.63 -0.56
C LYS D 24 -8.24 -1.24 -1.06
N GLU D 25 -8.75 -0.79 -2.22
CA GLU D 25 -10.00 -1.29 -2.81
C GLU D 25 -9.90 -2.81 -2.92
N SER D 26 -8.77 -3.30 -3.45
CA SER D 26 -8.52 -4.72 -3.61
C SER D 26 -8.68 -5.44 -2.28
N LEU D 27 -7.96 -5.00 -1.24
CA LEU D 27 -8.04 -5.63 0.07
C LEU D 27 -9.44 -5.49 0.67
N GLU D 28 -10.18 -4.41 0.37
CA GLU D 28 -11.54 -4.21 0.87
C GLU D 28 -12.41 -5.37 0.38
N LEU D 29 -12.32 -5.64 -0.92
CA LEU D 29 -13.07 -6.74 -1.52
C LEU D 29 -12.50 -8.06 -1.01
N MET D 30 -11.18 -8.20 -0.88
CA MET D 30 -10.54 -9.42 -0.38
C MET D 30 -10.91 -9.68 1.09
N GLU D 31 -11.36 -8.66 1.82
CA GLU D 31 -11.74 -8.78 3.22
C GLU D 31 -13.20 -9.27 3.27
N LEU D 32 -14.07 -8.83 2.35
CA LEU D 32 -15.47 -9.26 2.34
C LEU D 32 -15.74 -10.54 1.52
N VAL D 33 -15.01 -10.79 0.43
CA VAL D 33 -15.16 -11.94 -0.46
C VAL D 33 -14.26 -13.09 0.04
N PRO D 34 -14.71 -14.36 -0.02
CA PRO D 34 -13.92 -15.52 0.41
C PRO D 34 -12.71 -15.77 -0.51
N GLN D 35 -11.90 -16.78 -0.16
CA GLN D 35 -10.69 -17.16 -0.88
C GLN D 35 -10.75 -18.53 -1.61
N PRO D 36 -11.72 -18.84 -2.48
CA PRO D 36 -11.79 -20.13 -3.18
C PRO D 36 -10.68 -20.29 -4.23
N LEU D 37 -10.74 -19.54 -5.34
CA LEU D 37 -9.73 -19.64 -6.40
C LEU D 37 -8.38 -19.28 -5.80
N VAL D 38 -8.38 -18.28 -4.92
CA VAL D 38 -7.22 -17.78 -4.21
C VAL D 38 -6.45 -18.92 -3.53
N ASP D 39 -7.10 -19.71 -2.67
CA ASP D 39 -6.42 -20.80 -1.96
C ASP D 39 -6.02 -21.93 -2.90
N SER D 40 -6.93 -22.32 -3.81
CA SER D 40 -6.67 -23.37 -4.79
C SER D 40 -5.43 -23.01 -5.61
N TYR D 41 -5.32 -21.73 -6.01
CA TYR D 41 -4.22 -21.18 -6.78
C TYR D 41 -2.98 -21.13 -5.91
N ARG D 42 -3.10 -20.69 -4.64
CA ARG D 42 -1.98 -20.59 -3.72
C ARG D 42 -1.28 -21.92 -3.60
N GLN D 43 -2.02 -23.02 -3.39
CA GLN D 43 -1.39 -24.33 -3.25
C GLN D 43 -0.74 -24.77 -4.56
N GLN D 44 -1.51 -24.77 -5.66
CA GLN D 44 -1.05 -25.19 -6.97
C GLN D 44 0.21 -24.44 -7.45
N GLN D 45 0.30 -23.13 -7.16
CA GLN D 45 1.44 -22.31 -7.55
C GLN D 45 2.59 -22.52 -6.54
N GLN D 46 2.29 -22.68 -5.25
CA GLN D 46 3.31 -22.87 -4.22
C GLN D 46 4.15 -24.11 -4.54
N LEU D 47 3.53 -25.16 -5.07
CA LEU D 47 4.20 -26.41 -5.43
C LEU D 47 5.30 -26.21 -6.48
N LEU D 48 5.35 -25.08 -7.17
CA LEU D 48 6.37 -24.76 -8.18
C LEU D 48 7.69 -24.33 -7.49
N GLN D 49 7.66 -23.96 -6.20
CA GLN D 49 8.81 -23.52 -5.42
C GLN D 49 9.06 -24.55 -4.31
N ARG D 50 10.11 -25.36 -4.45
CA ARG D 50 10.50 -26.42 -3.51
C ARG D 50 9.28 -27.23 -3.12
N SER A 1 22.84 -10.93 6.81
CA SER A 1 21.46 -11.29 6.49
C SER A 1 20.49 -10.82 7.56
N ASP A 2 19.29 -10.40 7.14
CA ASP A 2 18.26 -9.94 8.06
C ASP A 2 17.73 -11.14 8.82
N ASP A 3 17.17 -12.14 8.12
CA ASP A 3 16.65 -13.35 8.77
C ASP A 3 16.99 -14.63 8.00
N GLU A 4 16.70 -14.67 6.70
CA GLU A 4 16.96 -15.79 5.81
C GLU A 4 16.56 -15.26 4.44
N LEU A 5 17.53 -15.08 3.54
CA LEU A 5 17.32 -14.58 2.20
C LEU A 5 16.44 -15.56 1.42
N LEU A 6 15.15 -15.23 1.29
CA LEU A 6 14.18 -16.04 0.56
C LEU A 6 14.14 -15.48 -0.86
N TYR A 7 13.40 -16.15 -1.75
CA TYR A 7 13.25 -15.76 -3.14
C TYR A 7 11.78 -15.82 -3.52
N LEU A 8 11.21 -14.69 -3.94
CA LEU A 8 9.81 -14.58 -4.35
C LEU A 8 9.73 -14.51 -5.89
N PRO A 9 9.40 -15.61 -6.59
CA PRO A 9 9.28 -15.61 -8.04
C PRO A 9 7.91 -15.06 -8.46
N VAL A 10 7.88 -13.97 -9.22
CA VAL A 10 6.66 -13.31 -9.72
C VAL A 10 6.98 -12.77 -11.12
N ARG A 11 5.99 -12.56 -11.97
CA ARG A 11 6.19 -12.02 -13.32
C ARG A 11 5.14 -10.95 -13.60
N GLY A 12 5.51 -9.68 -13.54
CA GLY A 12 4.63 -8.57 -13.83
C GLY A 12 5.53 -7.35 -13.97
N ARG A 13 5.49 -6.59 -15.06
CA ARG A 13 6.37 -5.41 -15.18
C ARG A 13 5.95 -4.36 -14.14
N GLU A 14 4.66 -4.03 -14.10
CA GLU A 14 4.10 -3.05 -13.18
C GLU A 14 4.05 -3.61 -11.76
N THR A 15 3.88 -4.94 -11.63
CA THR A 15 3.81 -5.66 -10.38
C THR A 15 5.18 -5.60 -9.68
N TYR A 16 6.25 -5.95 -10.40
CA TYR A 16 7.60 -5.94 -9.89
C TYR A 16 8.01 -4.52 -9.52
N GLU A 17 7.83 -3.56 -10.42
CA GLU A 17 8.22 -2.18 -10.15
C GLU A 17 7.57 -1.55 -8.92
N MET A 18 6.23 -1.51 -8.86
CA MET A 18 5.55 -0.89 -7.73
C MET A 18 5.82 -1.60 -6.42
N LEU A 19 5.87 -2.93 -6.41
CA LEU A 19 6.13 -3.65 -5.16
C LEU A 19 7.57 -3.49 -4.73
N LEU A 20 8.54 -3.45 -5.64
CA LEU A 20 9.95 -3.28 -5.28
C LEU A 20 10.13 -1.86 -4.74
N GLU A 21 9.50 -0.87 -5.39
CA GLU A 21 9.56 0.54 -4.99
C GLU A 21 9.08 0.68 -3.55
N ILE A 22 7.93 0.08 -3.23
CA ILE A 22 7.35 0.13 -1.89
C ILE A 22 8.23 -0.65 -0.91
N LYS A 23 8.67 -1.86 -1.27
CA LYS A 23 9.51 -2.71 -0.44
C LYS A 23 10.75 -1.96 -0.01
N GLU A 24 11.42 -1.34 -0.98
CA GLU A 24 12.64 -0.60 -0.75
C GLU A 24 12.39 0.71 -0.02
N SER A 25 11.34 1.46 -0.37
CA SER A 25 11.02 2.71 0.30
C SER A 25 10.91 2.46 1.79
N LEU A 26 10.11 1.45 2.14
CA LEU A 26 9.85 1.05 3.51
C LEU A 26 11.13 0.60 4.20
N GLU A 27 11.84 -0.39 3.64
CA GLU A 27 13.07 -0.88 4.26
C GLU A 27 14.10 0.23 4.47
N LEU A 28 14.32 1.14 3.50
CA LEU A 28 15.31 2.20 3.68
C LEU A 28 14.83 3.19 4.73
N MET A 29 13.56 3.59 4.69
CA MET A 29 12.96 4.52 5.65
C MET A 29 13.06 3.93 7.06
N GLN A 30 12.87 2.61 7.18
CA GLN A 30 12.95 1.89 8.45
C GLN A 30 14.38 1.89 8.98
N TYR A 31 15.39 1.78 8.10
CA TYR A 31 16.81 1.78 8.46
C TYR A 31 17.36 3.19 8.72
N LEU A 32 16.77 4.27 8.17
CA LEU A 32 17.26 5.63 8.37
C LEU A 32 16.19 6.56 8.98
N PRO A 33 15.77 6.32 10.24
CA PRO A 33 14.79 7.16 10.90
C PRO A 33 15.45 8.50 11.30
N GLN A 34 14.69 9.59 11.22
CA GLN A 34 15.11 10.96 11.55
C GLN A 34 13.84 11.76 11.87
N HIS A 35 13.97 13.00 12.36
CA HIS A 35 12.86 13.88 12.74
C HIS A 35 11.75 13.97 11.70
N THR A 36 12.06 14.20 10.43
CA THR A 36 11.03 14.31 9.40
C THR A 36 10.14 13.06 9.38
N ILE A 37 10.73 11.86 9.47
CA ILE A 37 10.03 10.58 9.46
C ILE A 37 9.16 10.46 10.72
N GLU A 38 9.77 10.61 11.90
CA GLU A 38 9.04 10.48 13.16
C GLU A 38 7.92 11.49 13.31
N THR A 39 8.15 12.75 12.95
CA THR A 39 7.11 13.77 13.05
C THR A 39 5.98 13.44 12.06
N TYR A 40 6.28 12.82 10.91
CA TYR A 40 5.25 12.42 9.95
C TYR A 40 4.36 11.39 10.63
N ARG A 41 4.97 10.36 11.23
CA ARG A 41 4.26 9.28 11.93
C ARG A 41 3.36 9.88 13.02
N GLN A 42 3.90 10.78 13.84
CA GLN A 42 3.16 11.44 14.91
C GLN A 42 2.03 12.31 14.35
N GLN A 43 2.27 13.05 13.28
CA GLN A 43 1.27 13.92 12.66
C GLN A 43 0.12 13.10 12.08
N GLN A 44 0.41 12.00 11.39
CA GLN A 44 -0.60 11.15 10.81
C GLN A 44 -1.39 10.48 11.95
N GLN A 45 -0.74 10.14 13.07
CA GLN A 45 -1.34 9.53 14.23
C GLN A 45 -2.27 10.51 14.97
N GLN A 46 -1.98 11.81 14.96
CA GLN A 46 -2.76 12.86 15.63
C GLN A 46 -4.22 12.84 15.18
N GLN A 47 -4.48 12.56 13.89
CA GLN A 47 -5.82 12.55 13.33
C GLN A 47 -6.74 11.60 14.11
N HIS A 48 -6.19 10.54 14.71
CA HIS A 48 -6.88 9.55 15.51
C HIS A 48 -7.68 10.20 16.65
N GLN A 49 -7.28 11.38 17.12
CA GLN A 49 -7.98 12.11 18.17
C GLN A 49 -9.29 12.64 17.61
N HIS A 50 -9.22 13.47 16.57
CA HIS A 50 -10.38 14.06 15.92
C HIS A 50 -11.32 12.98 15.38
N LEU A 51 -10.75 11.88 14.88
CA LEU A 51 -11.43 10.71 14.34
C LEU A 51 -12.41 10.09 15.34
N LEU A 52 -12.20 10.31 16.65
CA LEU A 52 -13.08 9.77 17.68
C LEU A 52 -14.50 10.31 17.56
N GLN A 53 -14.66 11.56 17.14
CA GLN A 53 -15.94 12.23 16.99
C GLN A 53 -16.84 11.39 16.07
N LYS A 54 -17.94 10.86 16.63
CA LYS A 54 -18.89 10.03 15.91
C LYS A 54 -19.72 10.82 14.89
N GLN A 55 -19.92 12.13 15.10
CA GLN A 55 -20.67 12.99 14.19
C GLN A 55 -19.87 13.19 12.89
N THR A 56 -20.26 14.18 12.07
CA THR A 56 -19.62 14.55 10.81
C THR A 56 -19.83 13.54 9.66
N SER A 57 -20.14 12.27 9.96
CA SER A 57 -20.34 11.25 8.95
C SER A 57 -21.84 11.06 8.66
N ILE A 58 -22.26 11.43 7.45
CA ILE A 58 -23.64 11.31 6.93
C ILE A 58 -23.66 11.41 5.39
N GLN A 59 -22.58 11.88 4.76
CA GLN A 59 -22.35 12.06 3.34
C GLN A 59 -20.86 11.80 3.11
N SER A 60 -20.45 11.32 1.93
CA SER A 60 -19.06 11.05 1.58
C SER A 60 -18.95 11.10 0.07
N GLY B 1 -9.58 20.79 -4.68
CA GLY B 1 -8.84 21.55 -3.67
C GLY B 1 -8.33 22.85 -4.25
N SER B 2 -7.22 23.40 -3.72
CA SER B 2 -6.64 24.64 -4.22
C SER B 2 -5.80 24.29 -5.47
N ASP B 3 -4.48 24.09 -5.32
CA ASP B 3 -3.57 23.74 -6.43
C ASP B 3 -2.79 22.47 -6.13
N GLU B 4 -2.81 22.01 -4.88
CA GLU B 4 -2.13 20.81 -4.41
C GLU B 4 -3.06 19.60 -4.51
N ASP B 5 -4.37 19.84 -4.61
CA ASP B 5 -5.48 18.90 -4.71
C ASP B 5 -5.27 17.70 -3.78
N THR B 6 -5.33 17.96 -2.48
CA THR B 6 -5.16 16.97 -1.44
C THR B 6 -6.21 15.87 -1.62
N TYR B 7 -5.79 14.62 -1.43
CA TYR B 7 -6.64 13.44 -1.57
C TYR B 7 -7.03 12.97 -0.18
N TYR B 8 -8.31 12.61 -0.07
CA TYR B 8 -8.95 12.13 1.14
C TYR B 8 -9.35 10.68 0.93
N LEU B 9 -9.39 9.89 2.02
CA LEU B 9 -9.76 8.48 2.01
C LEU B 9 -10.49 8.18 3.32
N GLN B 10 -11.47 7.26 3.27
CA GLN B 10 -12.27 6.89 4.43
C GLN B 10 -12.79 5.45 4.32
N VAL B 11 -12.30 4.52 5.14
CA VAL B 11 -12.68 3.10 5.18
C VAL B 11 -12.41 2.58 6.61
N ARG B 12 -13.14 1.57 7.10
CA ARG B 12 -12.90 1.02 8.44
C ARG B 12 -12.07 -0.26 8.34
N GLY B 13 -10.77 -0.18 8.62
CA GLY B 13 -9.87 -1.34 8.60
C GLY B 13 -8.80 -1.29 9.67
N ARG B 14 -8.73 -2.16 10.66
CA ARG B 14 -7.67 -2.08 11.67
C ARG B 14 -6.30 -2.41 11.05
N LYS B 15 -6.16 -3.58 10.44
CA LYS B 15 -4.94 -4.07 9.78
C LYS B 15 -4.64 -3.17 8.60
N ASN B 16 -5.67 -2.99 7.79
CA ASN B 16 -5.74 -2.22 6.57
C ASN B 16 -5.21 -0.81 6.82
N PHE B 17 -5.63 -0.13 7.90
CA PHE B 17 -5.17 1.21 8.24
C PHE B 17 -3.69 1.20 8.62
N GLU B 18 -3.24 0.28 9.49
CA GLU B 18 -1.82 0.24 9.87
C GLU B 18 -0.92 0.10 8.62
N ILE B 19 -1.33 -0.78 7.71
CA ILE B 19 -0.64 -1.06 6.46
C ILE B 19 -0.62 0.25 5.64
N LEU B 20 -1.78 0.86 5.41
CA LEU B 20 -1.86 2.09 4.64
C LEU B 20 -1.04 3.22 5.26
N MET B 21 -0.98 3.35 6.59
CA MET B 21 -0.21 4.43 7.21
C MET B 21 1.28 4.27 6.94
N LYS B 22 1.86 3.11 7.26
CA LYS B 22 3.29 2.92 7.05
C LYS B 22 3.69 3.03 5.59
N LEU B 23 2.90 2.44 4.69
CA LEU B 23 3.20 2.48 3.28
C LEU B 23 3.09 3.90 2.71
N LYS B 24 1.98 4.60 2.97
CA LYS B 24 1.76 5.96 2.48
C LYS B 24 2.89 6.88 2.91
N GLU B 25 3.09 6.98 4.22
CA GLU B 25 4.08 7.78 4.90
C GLU B 25 5.47 7.52 4.35
N SER B 26 5.87 6.25 4.23
CA SER B 26 7.19 5.92 3.72
C SER B 26 7.36 6.40 2.30
N LEU B 27 6.34 6.20 1.44
CA LEU B 27 6.43 6.63 0.06
C LEU B 27 6.58 8.15 0.02
N GLU B 28 5.85 8.89 0.86
CA GLU B 28 5.95 10.35 0.91
C GLU B 28 7.37 10.74 1.32
N LEU B 29 7.92 10.09 2.35
CA LEU B 29 9.25 10.37 2.85
C LEU B 29 10.31 10.14 1.77
N MET B 30 10.31 8.97 1.13
CA MET B 30 11.27 8.62 0.09
C MET B 30 11.14 9.55 -1.12
N GLU B 31 9.96 10.10 -1.37
CA GLU B 31 9.66 11.01 -2.47
C GLU B 31 9.88 12.49 -2.12
N LEU B 32 9.88 12.89 -0.83
CA LEU B 32 10.09 14.30 -0.45
C LEU B 32 11.56 14.59 -0.25
N VAL B 33 12.33 13.62 0.24
CA VAL B 33 13.76 13.70 0.47
C VAL B 33 14.43 13.12 -0.78
N PRO B 34 15.62 13.61 -1.19
CA PRO B 34 16.34 13.11 -2.36
C PRO B 34 16.80 11.65 -2.15
N GLN B 35 17.64 11.10 -3.03
CA GLN B 35 18.10 9.71 -2.94
C GLN B 35 19.60 9.59 -2.62
N PRO B 36 20.03 9.79 -1.35
CA PRO B 36 21.43 9.70 -0.96
C PRO B 36 21.92 8.22 -0.80
N LEU B 37 21.93 7.69 0.43
CA LEU B 37 22.36 6.33 0.74
C LEU B 37 21.56 5.33 -0.08
N VAL B 38 20.25 5.57 -0.24
CA VAL B 38 19.34 4.73 -0.98
C VAL B 38 19.85 4.47 -2.40
N ASP B 39 20.31 5.49 -3.13
CA ASP B 39 20.82 5.30 -4.49
C ASP B 39 22.14 4.54 -4.47
N SER B 40 23.02 4.90 -3.53
CA SER B 40 24.31 4.23 -3.40
C SER B 40 24.10 2.73 -3.19
N TYR B 41 23.18 2.40 -2.27
CA TYR B 41 22.81 1.04 -1.91
C TYR B 41 22.11 0.34 -3.06
N ARG B 42 21.23 1.03 -3.82
CA ARG B 42 20.52 0.44 -4.95
C ARG B 42 21.52 -0.19 -5.90
N GLN B 43 22.57 0.55 -6.23
CA GLN B 43 23.63 0.08 -7.11
C GLN B 43 24.39 -1.07 -6.44
N GLN B 44 24.83 -0.87 -5.19
CA GLN B 44 25.57 -1.86 -4.42
C GLN B 44 24.87 -3.23 -4.39
N GLN B 45 23.56 -3.25 -4.18
CA GLN B 45 22.76 -4.45 -4.12
C GLN B 45 22.51 -5.00 -5.52
N GLN B 46 22.24 -4.14 -6.51
CA GLN B 46 21.99 -4.54 -7.88
C GLN B 46 23.12 -5.40 -8.43
N LEU B 47 24.38 -5.16 -8.03
CA LEU B 47 25.54 -5.93 -8.48
C LEU B 47 25.48 -7.43 -8.14
N LEU B 48 24.52 -7.88 -7.31
CA LEU B 48 24.30 -9.26 -6.89
C LEU B 48 23.28 -9.94 -7.84
N GLN B 49 22.43 -9.15 -8.52
CA GLN B 49 21.41 -9.64 -9.42
C GLN B 49 22.02 -9.91 -10.81
N ARG B 50 21.21 -10.42 -11.73
CA ARG B 50 21.55 -10.75 -13.11
C ARG B 50 20.26 -10.59 -13.90
N SER C 1 3.49 -18.20 -19.29
CA SER C 1 3.83 -17.29 -18.19
C SER C 1 3.18 -15.94 -18.44
N ASP C 2 3.20 -15.05 -17.44
CA ASP C 2 2.64 -13.69 -17.60
C ASP C 2 3.61 -12.98 -18.55
N ASP C 3 4.90 -12.87 -18.20
CA ASP C 3 5.91 -12.26 -19.06
C ASP C 3 7.27 -12.98 -18.99
N GLU C 4 7.81 -13.16 -17.79
CA GLU C 4 9.08 -13.81 -17.49
C GLU C 4 9.22 -13.85 -15.98
N LEU C 5 9.42 -15.05 -15.43
CA LEU C 5 9.58 -15.30 -14.01
C LEU C 5 10.79 -14.57 -13.44
N LEU C 6 10.59 -13.49 -12.69
CA LEU C 6 11.65 -12.70 -12.06
C LEU C 6 11.82 -13.24 -10.64
N TYR C 7 13.06 -13.47 -10.20
CA TYR C 7 13.40 -14.00 -8.89
C TYR C 7 13.88 -12.84 -8.03
N LEU C 8 13.03 -12.36 -7.12
CA LEU C 8 13.33 -11.25 -6.23
C LEU C 8 13.77 -11.78 -4.85
N PRO C 9 15.04 -11.61 -4.43
CA PRO C 9 15.52 -12.05 -3.13
C PRO C 9 15.19 -11.04 -2.02
N VAL C 10 14.36 -11.38 -1.03
CA VAL C 10 13.96 -10.49 0.08
C VAL C 10 13.81 -11.32 1.37
N ARG C 11 14.09 -10.72 2.54
CA ARG C 11 13.98 -11.36 3.85
C ARG C 11 13.33 -10.52 4.94
N GLY C 12 12.08 -10.79 5.26
CA GLY C 12 11.30 -10.15 6.32
C GLY C 12 10.06 -11.02 6.48
N ARG C 13 9.57 -11.37 7.67
CA ARG C 13 8.33 -12.18 7.69
C ARG C 13 7.20 -11.27 7.25
N GLU C 14 7.05 -10.12 7.91
CA GLU C 14 5.99 -9.18 7.54
C GLU C 14 6.33 -8.53 6.19
N THR C 15 7.61 -8.37 5.85
CA THR C 15 7.98 -7.76 4.59
C THR C 15 7.55 -8.70 3.45
N TYR C 16 7.94 -9.98 3.50
CA TYR C 16 7.58 -10.96 2.47
C TYR C 16 6.06 -11.11 2.44
N GLU C 17 5.44 -11.38 3.59
CA GLU C 17 4.01 -11.57 3.71
C GLU C 17 3.21 -10.36 3.21
N MET C 18 3.43 -9.16 3.74
CA MET C 18 2.66 -7.99 3.31
C MET C 18 2.83 -7.70 1.81
N LEU C 19 4.03 -7.94 1.25
CA LEU C 19 4.25 -7.71 -0.17
C LEU C 19 3.45 -8.73 -0.97
N LEU C 20 3.61 -10.02 -0.66
CA LEU C 20 2.93 -11.12 -1.33
C LEU C 20 1.42 -11.01 -1.18
N GLU C 21 0.92 -10.83 0.03
CA GLU C 21 -0.49 -10.72 0.34
C GLU C 21 -1.14 -9.62 -0.48
N ILE C 22 -0.54 -8.43 -0.53
CA ILE C 22 -1.10 -7.32 -1.29
C ILE C 22 -0.96 -7.60 -2.80
N LYS C 23 0.14 -8.22 -3.23
CA LYS C 23 0.40 -8.55 -4.63
C LYS C 23 -0.65 -9.53 -5.16
N GLU C 24 -0.85 -10.62 -4.43
CA GLU C 24 -1.78 -11.68 -4.77
C GLU C 24 -3.20 -11.13 -4.61
N SER C 25 -3.49 -10.29 -3.61
CA SER C 25 -4.80 -9.71 -3.41
C SER C 25 -5.17 -8.97 -4.70
N LEU C 26 -4.26 -8.14 -5.21
CA LEU C 26 -4.50 -7.37 -6.43
C LEU C 26 -4.59 -8.30 -7.64
N GLU C 27 -3.60 -9.15 -7.88
CA GLU C 27 -3.58 -10.06 -9.03
C GLU C 27 -4.83 -10.94 -9.10
N LEU C 28 -5.18 -11.64 -8.03
CA LEU C 28 -6.34 -12.52 -7.98
C LEU C 28 -7.63 -11.75 -8.14
N MET C 29 -7.82 -10.64 -7.41
CA MET C 29 -9.02 -9.82 -7.54
C MET C 29 -9.14 -9.35 -9.00
N GLN C 30 -8.04 -8.96 -9.64
CA GLN C 30 -8.04 -8.52 -11.03
C GLN C 30 -8.33 -9.71 -11.96
N TYR C 31 -7.90 -10.93 -11.61
CA TYR C 31 -8.15 -12.14 -12.39
C TYR C 31 -9.62 -12.55 -12.26
N LEU C 32 -10.36 -12.07 -11.25
CA LEU C 32 -11.79 -12.36 -11.04
C LEU C 32 -12.55 -11.02 -10.86
N PRO C 33 -12.70 -10.22 -11.93
CA PRO C 33 -13.41 -8.96 -11.86
C PRO C 33 -14.92 -9.25 -11.93
N GLN C 34 -15.71 -8.49 -11.17
CA GLN C 34 -17.16 -8.60 -11.06
C GLN C 34 -17.69 -7.29 -10.45
N HIS C 35 -19.02 -7.11 -10.40
CA HIS C 35 -19.65 -5.91 -9.86
C HIS C 35 -19.14 -5.51 -8.48
N THR C 36 -18.78 -6.41 -7.55
CA THR C 36 -18.28 -5.97 -6.24
C THR C 36 -17.06 -5.05 -6.43
N ILE C 37 -16.12 -5.45 -7.30
CA ILE C 37 -14.90 -4.72 -7.62
C ILE C 37 -15.28 -3.37 -8.22
N GLU C 38 -16.09 -3.39 -9.27
CA GLU C 38 -16.50 -2.16 -9.96
C GLU C 38 -17.26 -1.20 -9.05
N THR C 39 -18.04 -1.71 -8.11
CA THR C 39 -18.80 -0.90 -7.18
C THR C 39 -17.83 -0.23 -6.22
N TYR C 40 -16.93 -0.99 -5.57
CA TYR C 40 -15.96 -0.43 -4.63
C TYR C 40 -15.13 0.67 -5.30
N ARG C 41 -14.62 0.38 -6.51
CA ARG C 41 -13.81 1.34 -7.24
C ARG C 41 -14.62 2.60 -7.55
N GLN C 42 -15.83 2.49 -8.09
CA GLN C 42 -16.63 3.66 -8.41
C GLN C 42 -17.12 4.40 -7.16
N GLN C 43 -17.33 3.72 -6.03
CA GLN C 43 -17.78 4.35 -4.80
C GLN C 43 -16.66 5.26 -4.29
N GLN C 44 -15.39 4.88 -4.45
CA GLN C 44 -14.27 5.72 -4.04
C GLN C 44 -14.08 6.82 -5.10
N GLN C 45 -14.19 6.48 -6.39
CA GLN C 45 -14.06 7.40 -7.51
C GLN C 45 -15.01 8.59 -7.35
N GLN C 46 -16.26 8.33 -6.91
CA GLN C 46 -17.30 9.34 -6.70
C GLN C 46 -16.83 10.49 -5.80
N GLN C 47 -15.99 10.21 -4.79
CA GLN C 47 -15.45 11.21 -3.85
C GLN C 47 -14.76 12.35 -4.60
N HIS C 48 -14.19 12.10 -5.79
CA HIS C 48 -13.51 13.10 -6.61
C HIS C 48 -14.37 14.37 -6.79
N GLN C 49 -15.70 14.23 -6.79
CA GLN C 49 -16.64 15.35 -6.93
C GLN C 49 -16.48 16.29 -5.74
N HIS C 50 -16.64 15.75 -4.53
CA HIS C 50 -16.51 16.50 -3.30
C HIS C 50 -15.07 16.99 -3.14
N LEU C 51 -14.09 16.20 -3.57
CA LEU C 51 -12.67 16.55 -3.49
C LEU C 51 -12.36 17.81 -4.30
N LEU C 52 -13.14 18.07 -5.35
CA LEU C 52 -12.96 19.23 -6.20
C LEU C 52 -13.03 20.52 -5.39
N GLN C 53 -13.84 20.53 -4.31
CA GLN C 53 -14.05 21.65 -3.41
C GLN C 53 -12.73 22.07 -2.76
N LYS C 54 -12.63 23.35 -2.35
CA LYS C 54 -11.43 23.92 -1.73
C LYS C 54 -11.69 24.33 -0.28
N GLN C 55 -12.93 24.62 0.08
CA GLN C 55 -13.30 25.00 1.43
C GLN C 55 -13.15 23.82 2.40
N THR C 56 -13.36 24.08 3.69
CA THR C 56 -13.29 23.12 4.80
C THR C 56 -11.88 22.55 5.10
N SER C 57 -10.89 22.73 4.22
CA SER C 57 -9.52 22.25 4.43
C SER C 57 -8.74 23.31 5.20
N ILE C 58 -8.81 23.34 6.54
CA ILE C 58 -8.10 24.33 7.35
C ILE C 58 -7.50 23.81 8.66
N GLN C 59 -7.98 22.67 9.18
CA GLN C 59 -7.54 22.05 10.41
C GLN C 59 -7.14 20.60 10.12
N SER C 60 -6.32 20.02 10.99
CA SER C 60 -5.83 18.66 10.88
C SER C 60 -6.26 17.98 12.15
N GLY D 1 -16.32 6.99 16.04
CA GLY D 1 -17.44 6.36 15.31
C GLY D 1 -18.48 5.82 16.28
N SER D 2 -19.49 5.09 15.81
CA SER D 2 -20.51 4.52 16.70
C SER D 2 -19.83 3.41 17.51
N ASP D 3 -19.15 2.52 16.80
CA ASP D 3 -18.46 1.38 17.40
C ASP D 3 -17.32 0.90 16.53
N GLU D 4 -17.52 0.86 15.22
CA GLU D 4 -16.55 0.40 14.25
C GLU D 4 -15.33 1.31 14.10
N ASP D 5 -15.42 2.55 14.57
CA ASP D 5 -14.41 3.62 14.55
C ASP D 5 -13.63 3.64 13.23
N THR D 6 -14.27 4.18 12.19
CA THR D 6 -13.73 4.31 10.85
C THR D 6 -12.47 5.19 10.83
N TYR D 7 -11.58 4.95 9.86
CA TYR D 7 -10.33 5.69 9.70
C TYR D 7 -10.39 6.61 8.50
N TYR D 8 -10.03 7.87 8.73
CA TYR D 8 -9.98 8.97 7.79
C TYR D 8 -8.50 9.31 7.53
N LEU D 9 -8.15 9.69 6.30
CA LEU D 9 -6.78 10.03 5.88
C LEU D 9 -6.83 11.23 4.93
N GLN D 10 -5.85 12.13 5.01
CA GLN D 10 -5.76 13.33 4.17
C GLN D 10 -4.28 13.65 3.86
N VAL D 11 -3.85 13.48 2.61
CA VAL D 11 -2.48 13.72 2.14
C VAL D 11 -2.49 14.13 0.66
N ARG D 12 -1.51 14.93 0.17
CA ARG D 12 -1.47 15.27 -1.26
C ARG D 12 -0.25 14.57 -1.86
N GLY D 13 -0.49 13.45 -2.56
CA GLY D 13 0.51 12.64 -3.25
C GLY D 13 -0.09 12.08 -4.54
N ARG D 14 0.29 12.52 -5.73
CA ARG D 14 -0.29 12.00 -6.98
C ARG D 14 -0.12 10.50 -7.21
N LYS D 15 1.12 10.01 -7.25
CA LYS D 15 1.41 8.58 -7.49
C LYS D 15 0.94 7.78 -6.31
N ASN D 16 1.31 8.27 -5.13
CA ASN D 16 1.02 7.66 -3.85
C ASN D 16 -0.49 7.43 -3.73
N PHE D 17 -1.34 8.39 -4.12
CA PHE D 17 -2.78 8.23 -4.04
C PHE D 17 -3.25 7.14 -5.00
N GLU D 18 -2.83 7.18 -6.27
CA GLU D 18 -3.24 6.17 -7.26
C GLU D 18 -2.98 4.75 -6.74
N ILE D 19 -1.75 4.56 -6.26
CA ILE D 19 -1.24 3.32 -5.70
C ILE D 19 -2.15 2.93 -4.51
N LEU D 20 -2.34 3.85 -3.56
CA LEU D 20 -3.17 3.57 -2.39
C LEU D 20 -4.61 3.21 -2.77
N MET D 21 -5.23 3.86 -3.77
CA MET D 21 -6.61 3.53 -4.14
C MET D 21 -6.71 2.07 -4.56
N LYS D 22 -5.88 1.62 -5.50
CA LYS D 22 -5.96 0.22 -5.95
C LYS D 22 -5.62 -0.76 -4.83
N LEU D 23 -4.61 -0.47 -4.02
CA LEU D 23 -4.20 -1.36 -2.94
C LEU D 23 -5.23 -1.42 -1.81
N LYS D 24 -5.92 -0.31 -1.51
CA LYS D 24 -6.92 -0.25 -0.45
C LYS D 24 -8.07 -1.18 -0.87
N GLU D 25 -8.64 -0.88 -2.03
CA GLU D 25 -9.74 -1.57 -2.69
C GLU D 25 -9.46 -3.08 -2.76
N SER D 26 -8.27 -3.45 -3.21
CA SER D 26 -7.84 -4.83 -3.33
C SER D 26 -7.94 -5.58 -2.00
N LEU D 27 -7.33 -5.04 -0.95
CA LEU D 27 -7.32 -5.65 0.37
C LEU D 27 -8.75 -5.84 0.89
N GLU D 28 -9.58 -4.82 0.70
CA GLU D 28 -10.97 -4.81 1.13
C GLU D 28 -11.75 -5.95 0.45
N LEU D 29 -11.50 -6.18 -0.83
CA LEU D 29 -12.16 -7.23 -1.58
C LEU D 29 -11.77 -8.59 -1.03
N MET D 30 -10.46 -8.88 -0.91
CA MET D 30 -10.00 -10.17 -0.41
C MET D 30 -10.51 -10.47 1.01
N GLU D 31 -10.80 -9.46 1.82
CA GLU D 31 -11.29 -9.66 3.18
C GLU D 31 -12.81 -9.86 3.27
N LEU D 32 -13.61 -9.17 2.45
CA LEU D 32 -15.08 -9.29 2.48
C LEU D 32 -15.59 -10.48 1.69
N VAL D 33 -14.90 -10.84 0.61
CA VAL D 33 -15.21 -11.92 -0.30
C VAL D 33 -14.51 -13.19 0.21
N PRO D 34 -15.08 -14.39 -0.02
CA PRO D 34 -14.49 -15.64 0.41
C PRO D 34 -13.17 -15.90 -0.30
N GLN D 35 -12.49 -16.97 0.13
CA GLN D 35 -11.21 -17.39 -0.43
C GLN D 35 -11.31 -18.72 -1.20
N PRO D 36 -12.09 -18.84 -2.30
CA PRO D 36 -12.23 -20.07 -3.08
C PRO D 36 -10.99 -20.33 -3.95
N LEU D 37 -10.93 -19.77 -5.16
CA LEU D 37 -9.79 -19.94 -6.07
C LEU D 37 -8.52 -19.49 -5.40
N VAL D 38 -8.54 -18.36 -4.71
CA VAL D 38 -7.36 -17.81 -4.06
C VAL D 38 -6.66 -18.85 -3.18
N ASP D 39 -7.41 -19.66 -2.42
CA ASP D 39 -6.82 -20.68 -1.56
C ASP D 39 -6.36 -21.87 -2.41
N SER D 40 -7.17 -22.28 -3.39
CA SER D 40 -6.83 -23.38 -4.29
C SER D 40 -5.50 -23.06 -4.96
N TYR D 41 -5.38 -21.85 -5.52
CA TYR D 41 -4.23 -21.31 -6.19
C TYR D 41 -3.09 -21.16 -5.19
N ARG D 42 -3.36 -20.73 -3.95
CA ARG D 42 -2.33 -20.57 -2.92
C ARG D 42 -1.58 -21.89 -2.80
N GLN D 43 -2.30 -23.01 -2.80
CA GLN D 43 -1.71 -24.33 -2.70
C GLN D 43 -1.11 -24.80 -4.04
N GLN D 44 -1.81 -24.62 -5.17
CA GLN D 44 -1.35 -25.02 -6.50
C GLN D 44 0.01 -24.37 -6.83
N GLN D 45 0.07 -23.05 -6.63
CA GLN D 45 1.22 -22.18 -6.85
C GLN D 45 2.34 -22.60 -5.89
N GLN D 46 2.03 -22.81 -4.60
CA GLN D 46 2.99 -23.22 -3.58
C GLN D 46 3.72 -24.50 -3.97
N LEU D 47 3.07 -25.40 -4.72
CA LEU D 47 3.67 -26.64 -5.18
C LEU D 47 4.87 -26.44 -6.13
N LEU D 48 5.22 -25.20 -6.49
CA LEU D 48 6.36 -24.85 -7.34
C LEU D 48 7.51 -24.31 -6.44
N GLN D 49 7.25 -23.97 -5.18
CA GLN D 49 8.25 -23.48 -4.23
C GLN D 49 8.75 -24.67 -3.41
N ARG D 50 9.74 -24.46 -2.54
CA ARG D 50 10.34 -25.47 -1.67
C ARG D 50 10.66 -24.81 -0.35
N SER A 1 15.79 -15.03 13.63
CA SER A 1 16.64 -13.95 13.08
C SER A 1 15.94 -13.32 11.88
N ASP A 2 15.84 -11.99 11.82
CA ASP A 2 15.20 -11.26 10.71
C ASP A 2 16.17 -11.12 9.52
N ASP A 3 17.03 -12.12 9.30
CA ASP A 3 18.05 -12.18 8.25
C ASP A 3 17.84 -13.30 7.24
N GLU A 4 16.67 -13.93 7.27
CA GLU A 4 16.32 -15.01 6.37
C GLU A 4 16.06 -14.39 4.99
N LEU A 5 16.98 -14.61 4.05
CA LEU A 5 16.95 -14.11 2.68
C LEU A 5 15.75 -14.74 1.94
N LEU A 6 14.61 -14.05 1.92
CA LEU A 6 13.37 -14.52 1.30
C LEU A 6 13.18 -13.95 -0.10
N TYR A 7 12.75 -14.79 -1.04
CA TYR A 7 12.49 -14.39 -2.43
C TYR A 7 10.98 -14.28 -2.60
N LEU A 8 10.52 -13.55 -3.61
CA LEU A 8 9.08 -13.40 -3.89
C LEU A 8 8.89 -13.39 -5.41
N PRO A 9 8.46 -14.50 -6.05
CA PRO A 9 8.25 -14.53 -7.49
C PRO A 9 6.96 -13.77 -7.84
N VAL A 10 7.04 -12.80 -8.75
CA VAL A 10 5.90 -12.00 -9.17
C VAL A 10 6.01 -11.65 -10.66
N ARG A 11 4.91 -11.80 -11.42
CA ARG A 11 4.88 -11.43 -12.83
C ARG A 11 3.58 -10.69 -13.15
N GLY A 12 3.66 -9.37 -13.27
CA GLY A 12 2.58 -8.48 -13.60
C GLY A 12 3.31 -7.19 -13.92
N ARG A 13 3.25 -6.64 -15.13
CA ARG A 13 3.97 -5.40 -15.40
C ARG A 13 3.54 -4.27 -14.47
N GLU A 14 2.24 -4.02 -14.35
CA GLU A 14 1.79 -2.96 -13.47
C GLU A 14 2.09 -3.30 -12.00
N THR A 15 1.88 -4.56 -11.59
CA THR A 15 2.10 -5.00 -10.22
C THR A 15 3.57 -4.83 -9.81
N TYR A 16 4.50 -5.24 -10.68
CA TYR A 16 5.93 -5.16 -10.45
C TYR A 16 6.34 -3.71 -10.21
N GLU A 17 5.88 -2.78 -11.05
CA GLU A 17 6.20 -1.37 -10.92
C GLU A 17 5.84 -0.85 -9.52
N MET A 18 4.57 -0.99 -9.12
CA MET A 18 4.13 -0.52 -7.81
C MET A 18 4.81 -1.29 -6.67
N LEU A 19 4.92 -2.61 -6.76
CA LEU A 19 5.54 -3.42 -5.71
C LEU A 19 6.97 -2.97 -5.44
N LEU A 20 7.77 -2.74 -6.49
CA LEU A 20 9.16 -2.32 -6.37
C LEU A 20 9.23 -0.99 -5.64
N GLU A 21 8.49 0.01 -6.10
CA GLU A 21 8.48 1.35 -5.52
C GLU A 21 8.00 1.39 -4.07
N ILE A 22 6.95 0.61 -3.74
CA ILE A 22 6.38 0.54 -2.39
C ILE A 22 7.40 -0.15 -1.48
N LYS A 23 8.00 -1.25 -1.94
CA LYS A 23 8.99 -1.99 -1.15
C LYS A 23 10.20 -1.10 -0.92
N GLU A 24 10.68 -0.40 -1.94
CA GLU A 24 11.83 0.48 -1.84
C GLU A 24 11.54 1.58 -0.83
N SER A 25 10.42 2.29 -0.93
CA SER A 25 10.12 3.35 0.03
C SER A 25 10.21 2.84 1.48
N LEU A 26 9.73 1.63 1.75
CA LEU A 26 9.79 1.06 3.10
C LEU A 26 11.22 0.65 3.48
N GLU A 27 11.88 -0.11 2.62
CA GLU A 27 13.24 -0.63 2.79
C GLU A 27 14.22 0.53 3.03
N LEU A 28 14.22 1.51 2.13
CA LEU A 28 15.08 2.68 2.17
C LEU A 28 14.83 3.48 3.46
N MET A 29 13.56 3.66 3.85
CA MET A 29 13.18 4.36 5.08
C MET A 29 13.71 3.62 6.32
N GLN A 30 13.72 2.28 6.29
CA GLN A 30 14.20 1.48 7.42
C GLN A 30 15.74 1.44 7.47
N TYR A 31 16.42 1.51 6.31
CA TYR A 31 17.87 1.49 6.24
C TYR A 31 18.46 2.85 6.63
N LEU A 32 17.79 3.96 6.31
CA LEU A 32 18.24 5.29 6.67
C LEU A 32 17.09 6.02 7.35
N PRO A 33 16.81 5.70 8.63
CA PRO A 33 15.75 6.37 9.35
C PRO A 33 16.23 7.80 9.63
N GLN A 34 17.46 7.95 10.18
CA GLN A 34 18.04 9.24 10.51
C GLN A 34 17.15 9.97 11.52
N HIS A 35 17.58 11.14 11.99
CA HIS A 35 16.74 11.86 12.93
C HIS A 35 15.48 12.41 12.20
N THR A 36 15.53 12.58 10.88
CA THR A 36 14.41 13.08 10.09
C THR A 36 13.21 12.12 10.14
N ILE A 37 13.38 10.82 9.85
CA ILE A 37 12.25 9.89 9.88
C ILE A 37 11.86 9.64 11.34
N GLU A 38 12.85 9.47 12.23
CA GLU A 38 12.55 9.21 13.64
C GLU A 38 11.68 10.33 14.23
N THR A 39 11.97 11.60 13.92
CA THR A 39 11.19 12.74 14.41
C THR A 39 9.77 12.68 13.86
N TYR A 40 9.65 12.54 12.54
CA TYR A 40 8.37 12.49 11.85
C TYR A 40 7.48 11.36 12.38
N ARG A 41 8.02 10.14 12.46
CA ARG A 41 7.28 8.98 12.96
C ARG A 41 6.89 9.20 14.41
N GLN A 42 7.74 9.81 15.24
CA GLN A 42 7.42 10.04 16.65
C GLN A 42 6.13 10.85 16.77
N GLN A 43 6.05 12.00 16.08
CA GLN A 43 4.88 12.85 16.13
C GLN A 43 3.66 12.13 15.51
N GLN A 44 3.84 11.43 14.38
CA GLN A 44 2.74 10.72 13.74
C GLN A 44 2.18 9.64 14.69
N GLN A 45 3.03 8.91 15.39
CA GLN A 45 2.64 7.87 16.34
C GLN A 45 1.91 8.50 17.53
N GLN A 46 2.24 9.75 17.87
CA GLN A 46 1.59 10.47 18.96
C GLN A 46 0.16 10.81 18.51
N GLN A 47 0.00 11.34 17.28
CA GLN A 47 -1.30 11.68 16.70
C GLN A 47 -2.16 10.41 16.61
N HIS A 48 -1.54 9.30 16.20
CA HIS A 48 -2.15 7.98 16.05
C HIS A 48 -2.84 7.53 17.35
N GLN A 49 -2.30 7.86 18.54
CA GLN A 49 -2.93 7.47 19.80
C GLN A 49 -4.27 8.19 19.95
N HIS A 50 -4.30 9.49 19.66
CA HIS A 50 -5.51 10.29 19.76
C HIS A 50 -6.56 9.82 18.75
N LEU A 51 -6.13 9.44 17.55
CA LEU A 51 -6.99 8.95 16.47
C LEU A 51 -7.65 7.62 16.88
N LEU A 52 -7.00 6.84 17.75
CA LEU A 52 -7.45 5.55 18.25
C LEU A 52 -8.02 5.67 19.68
N GLN A 53 -8.18 6.89 20.22
CA GLN A 53 -8.71 7.13 21.54
C GLN A 53 -10.22 6.92 21.47
N LYS A 54 -10.69 5.71 21.74
CA LYS A 54 -12.10 5.32 21.74
C LYS A 54 -12.17 4.04 22.56
N GLN A 55 -13.15 3.93 23.47
CA GLN A 55 -13.32 2.76 24.31
C GLN A 55 -13.39 1.48 23.51
N THR A 56 -14.32 1.41 22.55
CA THR A 56 -14.51 0.21 21.73
C THR A 56 -14.94 -0.93 22.67
N SER A 57 -14.89 -2.19 22.24
CA SER A 57 -15.30 -3.36 22.99
C SER A 57 -14.32 -3.84 24.08
N ILE A 58 -13.20 -3.17 24.34
CA ILE A 58 -12.22 -3.60 25.35
C ILE A 58 -11.75 -2.41 26.20
N GLN A 59 -11.05 -2.66 27.32
CA GLN A 59 -10.56 -1.60 28.20
C GLN A 59 -9.44 -0.78 27.56
N SER A 60 -9.82 0.37 27.01
CA SER A 60 -9.03 1.40 26.35
C SER A 60 -9.70 2.73 26.67
N GLY B 1 -1.32 29.28 -3.62
CA GLY B 1 -0.22 29.01 -2.69
C GLY B 1 0.53 27.74 -3.03
N SER B 2 -0.13 26.59 -2.93
CA SER B 2 0.37 25.25 -3.22
C SER B 2 -0.64 24.59 -4.17
N ASP B 3 -0.62 23.27 -4.29
CA ASP B 3 -1.57 22.53 -5.12
C ASP B 3 -2.92 22.73 -4.46
N GLU B 4 -3.88 23.32 -5.19
CA GLU B 4 -5.22 23.60 -4.66
C GLU B 4 -6.14 22.38 -4.61
N ASP B 5 -5.58 21.18 -4.72
CA ASP B 5 -6.28 19.90 -4.68
C ASP B 5 -5.58 18.99 -3.66
N THR B 6 -6.25 17.91 -3.29
CA THR B 6 -5.79 16.90 -2.34
C THR B 6 -6.58 15.61 -2.57
N TYR B 7 -6.20 14.53 -1.88
CA TYR B 7 -6.88 13.26 -1.96
C TYR B 7 -7.12 12.87 -0.51
N TYR B 8 -8.36 12.52 -0.21
CA TYR B 8 -8.80 12.14 1.11
C TYR B 8 -9.21 10.67 1.12
N LEU B 9 -9.41 10.08 2.29
CA LEU B 9 -9.83 8.68 2.38
C LEU B 9 -10.68 8.47 3.62
N GLN B 10 -11.55 7.45 3.62
CA GLN B 10 -12.44 7.07 4.72
C GLN B 10 -12.73 5.55 4.68
N VAL B 11 -12.04 4.73 5.47
CA VAL B 11 -12.26 3.27 5.47
C VAL B 11 -12.03 2.75 6.89
N ARG B 12 -12.71 1.67 7.30
CA ARG B 12 -12.50 1.10 8.62
C ARG B 12 -11.93 -0.31 8.46
N GLY B 13 -10.62 -0.41 8.62
CA GLY B 13 -9.84 -1.62 8.58
C GLY B 13 -8.74 -1.49 9.61
N ARG B 14 -8.75 -2.17 10.74
CA ARG B 14 -7.71 -2.07 11.77
C ARG B 14 -6.31 -2.34 11.19
N LYS B 15 -6.13 -3.51 10.58
CA LYS B 15 -4.87 -3.92 9.98
C LYS B 15 -4.58 -3.03 8.79
N ASN B 16 -5.59 -2.84 7.95
CA ASN B 16 -5.54 -2.04 6.74
C ASN B 16 -4.99 -0.63 7.00
N PHE B 17 -5.45 0.04 8.06
CA PHE B 17 -4.99 1.38 8.39
C PHE B 17 -3.55 1.33 8.89
N GLU B 18 -3.19 0.37 9.74
CA GLU B 18 -1.83 0.24 10.27
C GLU B 18 -0.82 0.10 9.11
N ILE B 19 -1.12 -0.79 8.16
CA ILE B 19 -0.31 -1.08 6.99
C ILE B 19 -0.25 0.15 6.08
N LEU B 20 -1.41 0.71 5.74
CA LEU B 20 -1.48 1.86 4.85
C LEU B 20 -0.81 3.08 5.44
N MET B 21 -0.88 3.33 6.76
CA MET B 21 -0.21 4.49 7.37
C MET B 21 1.30 4.34 7.19
N LYS B 22 1.87 3.19 7.59
CA LYS B 22 3.29 2.90 7.46
C LYS B 22 3.76 3.25 6.05
N LEU B 23 3.05 2.71 5.05
CA LEU B 23 3.36 2.92 3.66
C LEU B 23 3.12 4.37 3.18
N LYS B 24 2.12 5.08 3.73
CA LYS B 24 1.78 6.45 3.32
C LYS B 24 2.88 7.39 3.78
N GLU B 25 3.17 7.29 5.07
CA GLU B 25 4.17 8.02 5.82
C GLU B 25 5.48 7.82 5.07
N SER B 26 5.84 6.57 4.82
CA SER B 26 7.05 6.17 4.10
C SER B 26 7.20 6.90 2.76
N LEU B 27 6.15 6.92 1.93
CA LEU B 27 6.20 7.55 0.62
C LEU B 27 6.43 9.07 0.67
N GLU B 28 5.63 9.82 1.44
CA GLU B 28 5.81 11.27 1.48
C GLU B 28 7.13 11.64 2.17
N LEU B 29 7.52 10.91 3.21
CA LEU B 29 8.77 11.19 3.91
C LEU B 29 9.94 10.91 2.98
N MET B 30 9.90 9.84 2.19
CA MET B 30 10.98 9.55 1.26
C MET B 30 11.03 10.64 0.18
N GLU B 31 9.91 11.26 -0.17
CA GLU B 31 9.90 12.30 -1.20
C GLU B 31 10.53 13.61 -0.71
N LEU B 32 10.41 13.94 0.59
CA LEU B 32 10.97 15.18 1.15
C LEU B 32 12.45 15.06 1.51
N VAL B 33 12.92 13.90 1.95
CA VAL B 33 14.31 13.67 2.36
C VAL B 33 15.16 13.33 1.12
N PRO B 34 16.45 13.69 1.06
CA PRO B 34 17.26 13.33 -0.10
C PRO B 34 17.38 11.80 -0.21
N GLN B 35 17.98 11.33 -1.30
CA GLN B 35 18.14 9.90 -1.59
C GLN B 35 19.60 9.40 -1.67
N PRO B 36 20.45 9.61 -0.64
CA PRO B 36 21.85 9.16 -0.65
C PRO B 36 22.04 7.67 -0.39
N LEU B 37 21.43 7.12 0.67
CA LEU B 37 21.57 5.70 0.99
C LEU B 37 21.01 4.88 -0.16
N VAL B 38 20.04 5.42 -0.91
CA VAL B 38 19.44 4.77 -2.05
C VAL B 38 20.54 4.53 -3.09
N ASP B 39 21.32 5.57 -3.42
CA ASP B 39 22.40 5.54 -4.40
C ASP B 39 23.41 4.45 -4.07
N SER B 40 23.89 4.42 -2.82
CA SER B 40 24.86 3.42 -2.38
C SER B 40 24.25 2.02 -2.34
N TYR B 41 23.07 1.87 -1.76
CA TYR B 41 22.39 0.58 -1.65
C TYR B 41 22.19 0.00 -3.04
N ARG B 42 21.66 0.79 -3.99
CA ARG B 42 21.41 0.41 -5.37
C ARG B 42 22.69 -0.13 -6.01
N GLN B 43 23.84 0.50 -5.76
CA GLN B 43 25.11 0.06 -6.32
C GLN B 43 25.59 -1.25 -5.68
N GLN B 44 25.74 -1.26 -4.36
CA GLN B 44 26.21 -2.41 -3.62
C GLN B 44 25.30 -3.62 -3.78
N GLN B 45 24.00 -3.40 -4.00
CA GLN B 45 23.02 -4.45 -4.21
C GLN B 45 23.18 -4.94 -5.66
N GLN B 46 23.47 -4.06 -6.63
CA GLN B 46 23.67 -4.44 -8.02
C GLN B 46 24.81 -5.44 -8.12
N LEU B 47 25.82 -5.33 -7.24
CA LEU B 47 26.95 -6.27 -7.24
C LEU B 47 26.47 -7.71 -7.02
N LEU B 48 25.27 -7.93 -6.46
CA LEU B 48 24.68 -9.24 -6.20
C LEU B 48 24.00 -9.83 -7.44
N GLN B 49 23.82 -9.08 -8.53
CA GLN B 49 23.23 -9.55 -9.78
C GLN B 49 24.25 -9.32 -10.90
N ARG B 50 23.97 -9.80 -12.11
CA ARG B 50 24.87 -9.61 -13.24
C ARG B 50 24.77 -8.14 -13.60
N SER C 1 4.67 -8.17 -22.55
CA SER C 1 4.69 -9.57 -22.13
C SER C 1 4.59 -9.64 -20.61
N ASP C 2 3.49 -10.17 -20.06
CA ASP C 2 3.31 -10.29 -18.60
C ASP C 2 3.88 -11.61 -18.07
N ASP C 3 4.49 -12.42 -18.95
CA ASP C 3 5.10 -13.71 -18.65
C ASP C 3 6.49 -13.60 -18.03
N GLU C 4 6.99 -12.40 -17.72
CA GLU C 4 8.31 -12.21 -17.16
C GLU C 4 8.36 -12.48 -15.64
N LEU C 5 8.64 -13.72 -15.24
CA LEU C 5 8.74 -14.12 -13.83
C LEU C 5 9.95 -13.44 -13.19
N LEU C 6 9.72 -12.47 -12.32
CA LEU C 6 10.76 -11.71 -11.61
C LEU C 6 10.79 -12.23 -10.18
N TYR C 7 11.94 -12.14 -9.50
CA TYR C 7 12.12 -12.61 -8.12
C TYR C 7 12.65 -11.47 -7.27
N LEU C 8 11.78 -10.83 -6.49
CA LEU C 8 12.18 -9.73 -5.62
C LEU C 8 12.76 -10.35 -4.34
N PRO C 9 14.06 -10.20 -4.04
CA PRO C 9 14.67 -10.73 -2.83
C PRO C 9 14.62 -9.67 -1.70
N VAL C 10 14.01 -9.95 -0.55
CA VAL C 10 13.90 -9.05 0.61
C VAL C 10 14.04 -9.86 1.92
N ARG C 11 14.47 -9.29 3.06
CA ARG C 11 14.55 -10.05 4.32
C ARG C 11 14.02 -9.24 5.50
N GLY C 12 12.79 -9.50 5.94
CA GLY C 12 12.15 -8.85 7.08
C GLY C 12 10.91 -9.64 7.42
N ARG C 13 10.58 -9.89 8.70
CA ARG C 13 9.37 -10.64 9.00
C ARG C 13 8.12 -9.82 8.68
N GLU C 14 8.02 -8.59 9.19
CA GLU C 14 6.85 -7.74 8.96
C GLU C 14 6.78 -7.38 7.49
N THR C 15 7.92 -7.07 6.88
CA THR C 15 7.99 -6.70 5.49
C THR C 15 7.49 -7.86 4.64
N TYR C 16 7.95 -9.09 4.88
CA TYR C 16 7.50 -10.25 4.10
C TYR C 16 6.02 -10.51 4.34
N GLU C 17 5.52 -10.39 5.58
CA GLU C 17 4.11 -10.61 5.88
C GLU C 17 3.26 -9.71 4.99
N MET C 18 3.48 -8.39 5.06
CA MET C 18 2.70 -7.44 4.25
C MET C 18 2.99 -7.57 2.75
N LEU C 19 4.23 -7.86 2.34
CA LEU C 19 4.57 -7.99 0.94
C LEU C 19 3.85 -9.18 0.31
N LEU C 20 3.78 -10.32 1.00
CA LEU C 20 3.09 -11.49 0.48
C LEU C 20 1.59 -11.18 0.49
N GLU C 21 1.08 -10.65 1.60
CA GLU C 21 -0.33 -10.31 1.78
C GLU C 21 -0.85 -9.35 0.71
N ILE C 22 -0.15 -8.25 0.44
CA ILE C 22 -0.55 -7.24 -0.55
C ILE C 22 -0.41 -7.81 -1.97
N LYS C 23 0.61 -8.64 -2.22
CA LYS C 23 0.80 -9.24 -3.55
C LYS C 23 -0.37 -10.18 -3.81
N GLU C 24 -0.87 -10.88 -2.79
CA GLU C 24 -1.99 -11.79 -2.90
C GLU C 24 -3.28 -11.03 -3.14
N SER C 25 -3.66 -10.07 -2.30
CA SER C 25 -4.91 -9.35 -2.49
C SER C 25 -5.05 -8.73 -3.87
N LEU C 26 -4.01 -8.10 -4.42
CA LEU C 26 -4.16 -7.49 -5.74
C LEU C 26 -4.22 -8.54 -6.85
N GLU C 27 -3.31 -9.52 -6.83
CA GLU C 27 -3.28 -10.56 -7.85
C GLU C 27 -4.53 -11.43 -7.86
N LEU C 28 -4.98 -11.89 -6.68
CA LEU C 28 -6.15 -12.76 -6.55
C LEU C 28 -7.39 -12.02 -7.03
N MET C 29 -7.55 -10.75 -6.64
CA MET C 29 -8.67 -9.91 -7.03
C MET C 29 -8.69 -9.80 -8.55
N GLN C 30 -7.53 -9.63 -9.19
CA GLN C 30 -7.43 -9.53 -10.64
C GLN C 30 -7.60 -10.90 -11.30
N TYR C 31 -7.31 -12.02 -10.60
CA TYR C 31 -7.43 -13.37 -11.14
C TYR C 31 -8.90 -13.80 -11.20
N LEU C 32 -9.71 -13.45 -10.20
CA LEU C 32 -11.13 -13.79 -10.15
C LEU C 32 -11.91 -12.49 -9.89
N PRO C 33 -12.00 -11.59 -10.88
CA PRO C 33 -12.73 -10.36 -10.70
C PRO C 33 -14.23 -10.70 -10.62
N GLN C 34 -14.75 -11.35 -11.66
CA GLN C 34 -16.15 -11.73 -11.77
C GLN C 34 -17.02 -10.45 -11.75
N HIS C 35 -18.34 -10.57 -11.77
CA HIS C 35 -19.17 -9.37 -11.75
C HIS C 35 -19.00 -8.54 -10.48
N THR C 36 -18.67 -9.14 -9.34
CA THR C 36 -18.51 -8.42 -8.07
C THR C 36 -17.41 -7.36 -8.17
N ILE C 37 -16.20 -7.73 -8.59
CA ILE C 37 -15.09 -6.80 -8.69
C ILE C 37 -15.30 -5.86 -9.87
N GLU C 38 -15.77 -6.35 -11.02
CA GLU C 38 -15.96 -5.49 -12.18
C GLU C 38 -16.93 -4.35 -11.86
N THR C 39 -18.09 -4.67 -11.27
CA THR C 39 -19.09 -3.67 -10.90
C THR C 39 -18.53 -2.66 -9.89
N TYR C 40 -17.74 -3.14 -8.93
CA TYR C 40 -17.15 -2.29 -7.90
C TYR C 40 -16.11 -1.34 -8.50
N ARG C 41 -15.13 -1.87 -9.23
CA ARG C 41 -14.07 -1.07 -9.83
C ARG C 41 -14.64 -0.08 -10.83
N GLN C 42 -15.61 -0.48 -11.65
CA GLN C 42 -16.22 0.41 -12.64
C GLN C 42 -16.83 1.62 -11.92
N GLN C 43 -17.60 1.38 -10.84
CA GLN C 43 -18.22 2.48 -10.10
C GLN C 43 -17.15 3.36 -9.44
N GLN C 44 -16.15 2.77 -8.79
CA GLN C 44 -15.06 3.49 -8.13
C GLN C 44 -14.36 4.42 -9.13
N GLN C 45 -14.00 3.90 -10.31
CA GLN C 45 -13.35 4.65 -11.36
C GLN C 45 -14.22 5.85 -11.78
N GLN C 46 -15.54 5.66 -11.87
CA GLN C 46 -16.48 6.70 -12.25
C GLN C 46 -16.59 7.77 -11.16
N GLN C 47 -16.71 7.37 -9.89
CA GLN C 47 -16.82 8.26 -8.74
C GLN C 47 -15.58 9.17 -8.72
N HIS C 48 -14.40 8.56 -8.90
CA HIS C 48 -13.11 9.20 -8.93
C HIS C 48 -13.03 10.27 -10.03
N GLN C 49 -13.80 10.18 -11.12
CA GLN C 49 -13.76 11.18 -12.17
C GLN C 49 -14.11 12.53 -11.56
N HIS C 50 -15.16 12.57 -10.71
CA HIS C 50 -15.59 13.79 -10.05
C HIS C 50 -14.57 14.26 -9.02
N LEU C 51 -13.80 13.36 -8.42
CA LEU C 51 -12.78 13.74 -7.43
C LEU C 51 -11.67 14.51 -8.16
N LEU C 52 -11.19 13.98 -9.28
CA LEU C 52 -10.13 14.61 -10.08
C LEU C 52 -10.66 15.76 -10.95
N GLN C 53 -11.98 15.95 -11.03
CA GLN C 53 -12.65 16.97 -11.83
C GLN C 53 -12.24 18.36 -11.35
N LYS C 54 -11.27 18.99 -12.03
CA LYS C 54 -10.74 20.32 -11.74
C LYS C 54 -9.86 20.71 -12.91
N GLN C 55 -9.78 22.01 -13.20
CA GLN C 55 -8.97 22.58 -14.27
C GLN C 55 -7.48 22.29 -14.02
N THR C 56 -6.94 22.89 -12.96
CA THR C 56 -5.54 22.76 -12.58
C THR C 56 -4.71 23.43 -13.70
N SER C 57 -3.40 23.22 -13.71
CA SER C 57 -2.46 23.76 -14.67
C SER C 57 -2.55 23.09 -16.06
N ILE C 58 -3.65 22.42 -16.40
CA ILE C 58 -3.85 21.73 -17.67
C ILE C 58 -5.30 21.91 -18.15
N GLN C 59 -5.62 21.51 -19.38
CA GLN C 59 -6.99 21.63 -19.90
C GLN C 59 -7.78 20.43 -19.38
N SER C 60 -8.55 20.62 -18.32
CA SER C 60 -9.39 19.60 -17.66
C SER C 60 -10.63 20.25 -17.08
N GLY D 1 -25.21 -0.57 15.82
CA GLY D 1 -25.50 -0.53 14.38
C GLY D 1 -24.36 -1.18 13.64
N SER D 2 -23.22 -0.50 13.61
CA SER D 2 -21.98 -0.91 13.00
C SER D 2 -20.85 -0.28 13.84
N ASP D 3 -19.63 -0.33 13.31
CA ASP D 3 -18.44 0.21 13.95
C ASP D 3 -18.64 1.70 14.21
N GLU D 4 -18.44 2.17 15.45
CA GLU D 4 -18.58 3.59 15.76
C GLU D 4 -17.31 4.35 15.40
N ASP D 5 -16.31 3.67 14.83
CA ASP D 5 -15.02 4.19 14.46
C ASP D 5 -14.80 4.09 12.95
N THR D 6 -13.87 4.89 12.43
CA THR D 6 -13.43 4.97 11.05
C THR D 6 -12.00 5.52 11.06
N TYR D 7 -11.29 5.44 9.94
CA TYR D 7 -9.94 5.96 9.81
C TYR D 7 -9.93 6.77 8.54
N TYR D 8 -9.43 8.00 8.61
CA TYR D 8 -9.39 8.92 7.48
C TYR D 8 -7.96 9.20 7.03
N LEU D 9 -7.83 9.94 5.93
CA LEU D 9 -6.52 10.33 5.38
C LEU D 9 -6.65 11.66 4.65
N GLN D 10 -5.55 12.42 4.57
CA GLN D 10 -5.42 13.73 3.91
C GLN D 10 -3.98 13.90 3.41
N VAL D 11 -3.72 13.65 2.12
CA VAL D 11 -2.38 13.78 1.51
C VAL D 11 -2.54 14.08 0.02
N ARG D 12 -1.64 14.85 -0.61
CA ARG D 12 -1.72 15.13 -2.06
C ARG D 12 -0.68 14.29 -2.78
N GLY D 13 -1.08 13.20 -3.43
CA GLY D 13 -0.20 12.30 -4.15
C GLY D 13 -0.84 11.80 -5.43
N ARG D 14 -0.40 12.18 -6.63
CA ARG D 14 -0.99 11.71 -7.88
C ARG D 14 -0.70 10.22 -8.06
N LYS D 15 0.58 9.84 -8.06
CA LYS D 15 0.99 8.45 -8.21
C LYS D 15 0.62 7.67 -6.96
N ASN D 16 0.85 8.29 -5.81
CA ASN D 16 0.59 7.69 -4.51
C ASN D 16 -0.90 7.37 -4.37
N PHE D 17 -1.82 8.25 -4.77
CA PHE D 17 -3.24 7.96 -4.64
C PHE D 17 -3.67 6.86 -5.61
N GLU D 18 -3.13 6.82 -6.84
CA GLU D 18 -3.48 5.78 -7.81
C GLU D 18 -3.20 4.41 -7.20
N ILE D 19 -2.02 4.25 -6.60
CA ILE D 19 -1.57 3.03 -5.94
C ILE D 19 -2.51 2.72 -4.76
N LEU D 20 -2.73 3.73 -3.92
CA LEU D 20 -3.56 3.66 -2.72
C LEU D 20 -4.98 3.22 -3.04
N MET D 21 -5.68 3.81 -4.02
CA MET D 21 -7.05 3.37 -4.33
C MET D 21 -7.01 1.93 -4.79
N LYS D 22 -6.17 1.60 -5.79
CA LYS D 22 -6.06 0.25 -6.33
C LYS D 22 -5.91 -0.78 -5.21
N LEU D 23 -4.96 -0.56 -4.30
CA LEU D 23 -4.71 -1.48 -3.19
C LEU D 23 -5.80 -1.43 -2.13
N LYS D 24 -6.36 -0.27 -1.78
CA LYS D 24 -7.40 -0.19 -0.75
C LYS D 24 -8.66 -0.91 -1.20
N GLU D 25 -9.05 -0.67 -2.44
CA GLU D 25 -10.20 -1.25 -3.10
C GLU D 25 -9.99 -2.77 -3.07
N SER D 26 -8.85 -3.25 -3.57
CA SER D 26 -8.51 -4.66 -3.59
C SER D 26 -8.63 -5.30 -2.21
N LEU D 27 -8.16 -4.65 -1.15
CA LEU D 27 -8.21 -5.19 0.21
C LEU D 27 -9.62 -5.27 0.77
N GLU D 28 -10.39 -4.19 0.68
CA GLU D 28 -11.75 -4.18 1.22
C GLU D 28 -12.60 -5.20 0.47
N LEU D 29 -12.43 -5.26 -0.86
CA LEU D 29 -13.15 -6.20 -1.70
C LEU D 29 -12.71 -7.60 -1.34
N MET D 30 -11.42 -7.91 -1.19
CA MET D 30 -11.03 -9.27 -0.83
C MET D 30 -11.55 -9.65 0.57
N GLU D 31 -11.86 -8.68 1.44
CA GLU D 31 -12.40 -9.00 2.75
C GLU D 31 -13.85 -9.47 2.58
N LEU D 32 -14.64 -8.83 1.68
CA LEU D 32 -16.04 -9.19 1.43
C LEU D 32 -16.21 -10.39 0.50
N VAL D 33 -15.32 -10.58 -0.47
CA VAL D 33 -15.37 -11.66 -1.45
C VAL D 33 -14.82 -12.95 -0.81
N PRO D 34 -15.32 -14.15 -1.20
CA PRO D 34 -14.83 -15.41 -0.67
C PRO D 34 -13.45 -15.73 -1.24
N GLN D 35 -12.89 -16.92 -0.94
CA GLN D 35 -11.56 -17.28 -1.44
C GLN D 35 -11.48 -18.62 -2.20
N PRO D 36 -12.28 -18.84 -3.25
CA PRO D 36 -12.27 -20.08 -4.02
C PRO D 36 -11.02 -20.19 -4.91
N LEU D 37 -10.74 -19.17 -5.73
CA LEU D 37 -9.59 -19.16 -6.63
C LEU D 37 -8.32 -19.32 -5.82
N VAL D 38 -8.24 -18.65 -4.67
CA VAL D 38 -7.10 -18.68 -3.77
C VAL D 38 -6.76 -20.12 -3.40
N ASP D 39 -7.74 -20.91 -2.97
CA ASP D 39 -7.54 -22.31 -2.57
C ASP D 39 -6.98 -23.15 -3.72
N SER D 40 -7.65 -23.07 -4.86
CA SER D 40 -7.29 -23.80 -6.06
C SER D 40 -5.88 -23.41 -6.54
N TYR D 41 -5.59 -22.11 -6.57
CA TYR D 41 -4.33 -21.56 -6.99
C TYR D 41 -3.22 -21.94 -6.02
N ARG D 42 -3.44 -21.84 -4.70
CA ARG D 42 -2.48 -22.16 -3.66
C ARG D 42 -1.95 -23.56 -3.90
N GLN D 43 -2.84 -24.53 -4.20
CA GLN D 43 -2.42 -25.89 -4.46
C GLN D 43 -1.59 -25.98 -5.75
N GLN D 44 -2.14 -25.50 -6.87
CA GLN D 44 -1.45 -25.55 -8.16
C GLN D 44 -0.08 -24.84 -8.11
N GLN D 45 0.06 -23.81 -7.28
CA GLN D 45 1.29 -23.07 -7.11
C GLN D 45 2.21 -23.86 -6.17
N GLN D 46 1.68 -24.55 -5.15
CA GLN D 46 2.47 -25.34 -4.22
C GLN D 46 3.26 -26.39 -5.00
N LEU D 47 2.70 -26.91 -6.11
CA LEU D 47 3.39 -27.90 -6.95
C LEU D 47 4.68 -27.34 -7.57
N LEU D 48 4.86 -26.01 -7.61
CA LEU D 48 6.04 -25.33 -8.13
C LEU D 48 7.15 -25.35 -7.07
N GLN D 49 6.81 -25.25 -5.78
CA GLN D 49 7.79 -25.27 -4.71
C GLN D 49 8.04 -26.72 -4.24
N ARG D 50 9.13 -26.92 -3.51
CA ARG D 50 9.49 -28.21 -2.95
C ARG D 50 8.44 -28.53 -1.90
N SER A 1 16.82 -15.12 12.47
CA SER A 1 16.33 -15.02 11.08
C SER A 1 16.25 -13.57 10.59
N ASP A 2 17.26 -12.74 10.84
CA ASP A 2 17.27 -11.32 10.44
C ASP A 2 17.93 -11.09 9.08
N ASP A 3 18.55 -12.11 8.50
CA ASP A 3 19.22 -12.04 7.20
C ASP A 3 18.78 -13.27 6.40
N GLU A 4 17.52 -13.64 6.51
CA GLU A 4 16.93 -14.78 5.83
C GLU A 4 16.66 -14.40 4.38
N LEU A 5 17.67 -14.54 3.52
CA LEU A 5 17.60 -14.24 2.09
C LEU A 5 16.62 -15.22 1.47
N LEU A 6 15.42 -14.72 1.20
CA LEU A 6 14.29 -15.42 0.62
C LEU A 6 14.04 -14.84 -0.76
N TYR A 7 13.21 -15.53 -1.53
CA TYR A 7 12.86 -15.14 -2.89
C TYR A 7 11.35 -15.17 -3.06
N LEU A 8 10.84 -14.45 -4.07
CA LEU A 8 9.43 -14.35 -4.38
C LEU A 8 9.25 -14.38 -5.91
N PRO A 9 8.98 -15.55 -6.53
CA PRO A 9 8.78 -15.68 -7.98
C PRO A 9 7.42 -15.11 -8.41
N VAL A 10 7.39 -13.99 -9.14
CA VAL A 10 6.15 -13.33 -9.61
C VAL A 10 6.37 -12.84 -11.04
N ARG A 11 5.29 -12.75 -11.84
CA ARG A 11 5.35 -12.23 -13.20
C ARG A 11 4.15 -11.31 -13.37
N GLY A 12 4.41 -10.01 -13.30
CA GLY A 12 3.44 -8.95 -13.48
C GLY A 12 4.23 -7.66 -13.63
N ARG A 13 4.20 -6.96 -14.77
CA ARG A 13 4.98 -5.72 -14.89
C ARG A 13 4.50 -4.71 -13.86
N GLU A 14 3.19 -4.44 -13.82
CA GLU A 14 2.63 -3.48 -12.87
C GLU A 14 2.72 -4.00 -11.43
N THR A 15 2.65 -5.32 -11.25
CA THR A 15 2.73 -5.97 -9.95
C THR A 15 4.11 -5.69 -9.34
N TYR A 16 5.18 -5.99 -10.08
CA TYR A 16 6.54 -5.80 -9.63
C TYR A 16 6.85 -4.34 -9.41
N GLU A 17 6.50 -3.47 -10.36
CA GLU A 17 6.76 -2.04 -10.25
C GLU A 17 6.21 -1.46 -8.95
N MET A 18 4.97 -1.82 -8.56
CA MET A 18 4.38 -1.33 -7.32
C MET A 18 5.02 -2.03 -6.11
N LEU A 19 5.22 -3.35 -6.15
CA LEU A 19 5.81 -4.09 -5.04
C LEU A 19 7.17 -3.46 -4.70
N LEU A 20 8.01 -3.27 -5.70
CA LEU A 20 9.35 -2.71 -5.62
C LEU A 20 9.32 -1.27 -5.10
N GLU A 21 8.53 -0.38 -5.69
CA GLU A 21 8.44 1.03 -5.29
C GLU A 21 8.08 1.18 -3.81
N ILE A 22 7.04 0.46 -3.38
CA ILE A 22 6.56 0.51 -2.02
C ILE A 22 7.62 -0.08 -1.08
N LYS A 23 8.14 -1.27 -1.42
CA LYS A 23 9.16 -1.96 -0.64
C LYS A 23 10.38 -1.08 -0.41
N GLU A 24 10.88 -0.41 -1.46
CA GLU A 24 12.04 0.45 -1.35
C GLU A 24 11.76 1.57 -0.36
N SER A 25 10.64 2.29 -0.45
CA SER A 25 10.37 3.38 0.47
C SER A 25 10.45 2.95 1.94
N LEU A 26 9.75 1.87 2.32
CA LEU A 26 9.77 1.41 3.72
C LEU A 26 11.15 0.96 4.17
N GLU A 27 11.83 0.12 3.39
CA GLU A 27 13.13 -0.37 3.79
C GLU A 27 14.16 0.78 3.86
N LEU A 28 14.17 1.67 2.88
CA LEU A 28 15.09 2.81 2.85
C LEU A 28 14.80 3.75 4.02
N MET A 29 13.51 3.93 4.41
CA MET A 29 13.13 4.79 5.53
C MET A 29 13.79 4.26 6.80
N GLN A 30 13.75 2.94 7.01
CA GLN A 30 14.37 2.35 8.19
C GLN A 30 15.89 2.23 8.04
N TYR A 31 16.45 2.29 6.82
CA TYR A 31 17.89 2.21 6.63
C TYR A 31 18.53 3.57 6.91
N LEU A 32 17.78 4.68 6.78
CA LEU A 32 18.29 6.03 7.02
C LEU A 32 17.36 6.74 8.02
N PRO A 33 17.38 6.36 9.32
CA PRO A 33 16.54 6.99 10.32
C PRO A 33 16.98 8.44 10.55
N GLN A 34 16.04 9.30 10.94
CA GLN A 34 16.28 10.73 11.17
C GLN A 34 15.17 11.32 12.06
N HIS A 35 15.40 12.51 12.61
CA HIS A 35 14.45 13.23 13.46
C HIS A 35 13.13 13.47 12.74
N THR A 36 13.20 13.82 11.45
CA THR A 36 12.06 14.09 10.60
C THR A 36 11.13 12.88 10.56
N ILE A 37 11.68 11.68 10.29
CA ILE A 37 10.96 10.42 10.23
C ILE A 37 10.29 10.16 11.58
N GLU A 38 11.03 10.38 12.67
CA GLU A 38 10.51 10.16 14.02
C GLU A 38 9.30 11.03 14.30
N THR A 39 9.41 12.32 13.94
CA THR A 39 8.36 13.31 14.13
C THR A 39 7.12 12.86 13.33
N TYR A 40 7.30 12.48 12.06
CA TYR A 40 6.23 12.03 11.19
C TYR A 40 5.53 10.84 11.84
N ARG A 41 6.30 9.83 12.29
CA ARG A 41 5.74 8.65 12.92
C ARG A 41 4.87 9.02 14.12
N GLN A 42 5.38 9.90 14.98
CA GLN A 42 4.69 10.37 16.18
C GLN A 42 3.40 11.09 15.80
N GLN A 43 3.48 12.13 14.96
CA GLN A 43 2.33 12.91 14.51
C GLN A 43 1.27 12.03 13.86
N GLN A 44 1.67 10.99 13.14
CA GLN A 44 0.76 10.04 12.51
C GLN A 44 0.07 9.21 13.59
N GLN A 45 0.85 8.67 14.54
CA GLN A 45 0.37 7.85 15.64
C GLN A 45 -0.62 8.64 16.52
N GLN A 46 -0.35 9.93 16.76
CA GLN A 46 -1.20 10.81 17.55
C GLN A 46 -2.60 10.92 16.94
N GLN A 47 -2.78 10.72 15.62
CA GLN A 47 -4.09 10.81 14.98
C GLN A 47 -5.07 9.82 15.63
N HIS A 48 -4.66 8.59 15.98
CA HIS A 48 -5.58 7.63 16.60
C HIS A 48 -6.04 8.15 17.96
N GLN A 49 -5.12 8.72 18.75
CA GLN A 49 -5.45 9.27 20.05
C GLN A 49 -6.44 10.42 19.85
N HIS A 50 -6.21 11.27 18.85
CA HIS A 50 -7.08 12.39 18.54
C HIS A 50 -8.46 11.91 18.07
N LEU A 51 -8.53 10.82 17.31
CA LEU A 51 -9.78 10.23 16.81
C LEU A 51 -10.59 9.64 17.96
N LEU A 52 -9.92 9.24 19.05
CA LEU A 52 -10.51 8.68 20.25
C LEU A 52 -10.58 9.74 21.36
N GLN A 53 -10.43 11.01 20.97
CA GLN A 53 -10.46 12.23 21.74
C GLN A 53 -9.62 12.17 23.02
N LYS A 54 -8.32 11.86 22.89
CA LYS A 54 -7.39 11.81 24.02
C LYS A 54 -6.53 13.06 23.92
N GLN A 55 -5.99 13.55 25.03
CA GLN A 55 -5.15 14.75 25.11
C GLN A 55 -4.01 14.70 24.08
N THR A 56 -4.19 15.39 22.95
CA THR A 56 -3.24 15.47 21.86
C THR A 56 -3.34 16.82 21.16
N SER A 57 -4.49 17.13 20.57
CA SER A 57 -4.77 18.37 19.84
C SER A 57 -3.74 18.56 18.72
N ILE A 58 -3.91 17.87 17.58
CA ILE A 58 -2.99 17.97 16.45
C ILE A 58 -3.69 18.54 15.21
N GLN A 59 -3.02 19.45 14.51
CA GLN A 59 -3.53 20.09 13.29
C GLN A 59 -3.53 19.11 12.12
N SER A 60 -4.34 19.38 11.10
CA SER A 60 -4.50 18.60 9.88
C SER A 60 -3.99 19.45 8.74
N GLY B 1 1.54 16.21 -15.41
CA GLY B 1 2.42 16.09 -14.25
C GLY B 1 1.63 15.48 -13.11
N SER B 2 1.12 16.32 -12.23
CA SER B 2 0.31 15.92 -11.09
C SER B 2 -0.87 16.91 -11.01
N ASP B 3 -1.72 16.72 -10.02
CA ASP B 3 -2.89 17.56 -9.78
C ASP B 3 -2.60 18.38 -8.53
N GLU B 4 -3.11 19.61 -8.49
CA GLU B 4 -2.91 20.51 -7.37
C GLU B 4 -3.82 20.19 -6.18
N ASP B 5 -4.88 19.42 -6.38
CA ASP B 5 -5.83 19.07 -5.32
C ASP B 5 -5.21 18.05 -4.34
N THR B 6 -5.89 17.85 -3.22
CA THR B 6 -5.54 16.94 -2.16
C THR B 6 -6.39 15.69 -2.31
N TYR B 7 -5.90 14.55 -1.77
CA TYR B 7 -6.60 13.29 -1.86
C TYR B 7 -6.88 12.77 -0.44
N TYR B 8 -8.12 12.40 -0.20
CA TYR B 8 -8.67 11.90 1.05
C TYR B 8 -9.04 10.42 0.90
N LEU B 9 -9.16 9.69 2.01
CA LEU B 9 -9.52 8.27 2.04
C LEU B 9 -10.24 8.02 3.36
N GLN B 10 -11.28 7.18 3.37
CA GLN B 10 -12.12 6.85 4.54
C GLN B 10 -12.63 5.40 4.49
N VAL B 11 -12.12 4.46 5.30
CA VAL B 11 -12.58 3.06 5.33
C VAL B 11 -12.28 2.41 6.70
N ARG B 12 -13.09 1.46 7.16
CA ARG B 12 -12.83 0.74 8.41
C ARG B 12 -12.01 -0.47 7.96
N GLY B 13 -10.70 -0.47 8.14
CA GLY B 13 -9.82 -1.56 7.77
C GLY B 13 -8.75 -1.63 8.83
N ARG B 14 -8.69 -2.64 9.71
CA ARG B 14 -7.65 -2.64 10.72
C ARG B 14 -6.26 -2.87 10.12
N LYS B 15 -6.06 -3.97 9.39
CA LYS B 15 -4.76 -4.25 8.77
C LYS B 15 -4.48 -3.16 7.73
N ASN B 16 -5.51 -2.89 6.92
CA ASN B 16 -5.49 -1.92 5.85
C ASN B 16 -5.01 -0.57 6.35
N PHE B 17 -5.58 -0.03 7.43
CA PHE B 17 -5.14 1.28 7.90
C PHE B 17 -3.71 1.27 8.41
N GLU B 18 -3.31 0.29 9.21
CA GLU B 18 -1.96 0.21 9.74
C GLU B 18 -0.94 0.23 8.60
N ILE B 19 -1.12 -0.68 7.64
CA ILE B 19 -0.28 -0.85 6.47
C ILE B 19 -0.35 0.43 5.62
N LEU B 20 -1.54 0.84 5.18
CA LEU B 20 -1.73 2.02 4.34
C LEU B 20 -1.16 3.29 5.00
N MET B 21 -1.11 3.37 6.34
CA MET B 21 -0.56 4.50 7.07
C MET B 21 0.95 4.46 6.91
N LYS B 22 1.58 3.32 7.21
CA LYS B 22 3.03 3.17 7.05
C LYS B 22 3.42 3.58 5.63
N LEU B 23 2.66 3.11 4.63
CA LEU B 23 2.93 3.43 3.24
C LEU B 23 2.69 4.91 2.94
N LYS B 24 1.75 5.57 3.62
CA LYS B 24 1.49 6.99 3.39
C LYS B 24 2.70 7.78 3.89
N GLU B 25 3.04 7.56 5.16
CA GLU B 25 4.12 8.15 5.92
C GLU B 25 5.45 7.97 5.19
N SER B 26 5.79 6.72 4.90
CA SER B 26 7.01 6.33 4.21
C SER B 26 7.17 7.07 2.88
N LEU B 27 6.16 7.05 1.99
CA LEU B 27 6.32 7.73 0.71
C LEU B 27 6.40 9.25 0.91
N GLU B 28 5.76 9.85 1.92
CA GLU B 28 5.87 11.29 2.12
C GLU B 28 7.32 11.62 2.50
N LEU B 29 7.89 10.84 3.41
CA LEU B 29 9.26 10.98 3.87
C LEU B 29 10.22 10.76 2.73
N MET B 30 10.07 9.67 1.96
CA MET B 30 10.93 9.37 0.82
C MET B 30 10.91 10.50 -0.20
N GLU B 31 9.76 11.16 -0.36
CA GLU B 31 9.57 12.27 -1.28
C GLU B 31 10.27 13.54 -0.82
N LEU B 32 10.36 13.80 0.49
CA LEU B 32 11.01 15.01 1.01
C LEU B 32 12.49 14.81 1.35
N VAL B 33 12.91 13.62 1.77
CA VAL B 33 14.30 13.28 2.11
C VAL B 33 15.05 12.92 0.82
N PRO B 34 16.35 13.23 0.70
CA PRO B 34 17.15 12.90 -0.48
C PRO B 34 17.36 11.38 -0.63
N GLN B 35 18.13 10.96 -1.64
CA GLN B 35 18.38 9.54 -1.92
C GLN B 35 19.85 9.04 -1.84
N PRO B 36 20.75 9.52 -0.96
CA PRO B 36 22.13 9.04 -0.92
C PRO B 36 22.23 7.54 -0.62
N LEU B 37 21.47 7.08 0.39
CA LEU B 37 21.46 5.68 0.79
C LEU B 37 20.89 4.76 -0.29
N VAL B 38 20.03 5.29 -1.14
CA VAL B 38 19.40 4.54 -2.21
C VAL B 38 20.46 4.27 -3.28
N ASP B 39 21.20 5.30 -3.67
CA ASP B 39 22.25 5.24 -4.69
C ASP B 39 23.33 4.23 -4.31
N SER B 40 23.88 4.35 -3.09
CA SER B 40 24.92 3.45 -2.62
C SER B 40 24.41 2.01 -2.56
N TYR B 41 23.23 1.79 -1.94
CA TYR B 41 22.67 0.46 -1.83
C TYR B 41 22.36 -0.12 -3.21
N ARG B 42 21.86 0.69 -4.15
CA ARG B 42 21.55 0.26 -5.50
C ARG B 42 22.82 -0.31 -6.12
N GLN B 43 23.96 0.36 -5.96
CA GLN B 43 25.24 -0.09 -6.50
C GLN B 43 25.68 -1.39 -5.81
N GLN B 44 25.54 -1.43 -4.47
CA GLN B 44 25.92 -2.57 -3.66
C GLN B 44 25.14 -3.83 -4.06
N GLN B 45 23.80 -3.76 -4.07
CA GLN B 45 22.96 -4.89 -4.46
C GLN B 45 23.24 -5.25 -5.92
N GLN B 46 23.50 -4.25 -6.77
CA GLN B 46 23.78 -4.49 -8.17
C GLN B 46 25.01 -5.40 -8.32
N LEU B 47 26.02 -5.30 -7.45
CA LEU B 47 27.18 -6.20 -7.59
C LEU B 47 26.76 -7.68 -7.40
N LEU B 48 25.67 -7.97 -6.68
CA LEU B 48 25.20 -9.33 -6.43
C LEU B 48 24.47 -9.93 -7.64
N GLN B 49 23.87 -9.12 -8.52
CA GLN B 49 23.13 -9.60 -9.69
C GLN B 49 23.65 -8.90 -10.94
N ARG B 50 24.40 -9.65 -11.75
CA ARG B 50 25.02 -9.22 -12.99
C ARG B 50 24.13 -9.69 -14.13
N SER C 1 7.15 -10.67 -22.23
CA SER C 1 6.93 -9.66 -21.20
C SER C 1 5.83 -10.02 -20.18
N ASP C 2 4.76 -10.73 -20.54
CA ASP C 2 3.67 -11.06 -19.61
C ASP C 2 4.15 -12.08 -18.57
N ASP C 3 4.34 -13.35 -18.97
CA ASP C 3 4.79 -14.44 -18.11
C ASP C 3 6.29 -14.38 -17.83
N GLU C 4 6.80 -13.17 -17.60
CA GLU C 4 8.19 -12.88 -17.30
C GLU C 4 8.47 -13.31 -15.85
N LEU C 5 8.63 -14.62 -15.60
CA LEU C 5 8.92 -15.14 -14.27
C LEU C 5 10.22 -14.51 -13.80
N LEU C 6 10.14 -13.62 -12.82
CA LEU C 6 11.24 -12.88 -12.22
C LEU C 6 11.31 -13.35 -10.77
N TYR C 7 12.48 -13.33 -10.13
CA TYR C 7 12.67 -13.78 -8.74
C TYR C 7 13.14 -12.60 -7.90
N LEU C 8 12.25 -11.98 -7.13
CA LEU C 8 12.57 -10.84 -6.26
C LEU C 8 13.33 -11.33 -5.01
N PRO C 9 14.62 -11.02 -4.80
CA PRO C 9 15.40 -11.44 -3.63
C PRO C 9 15.28 -10.43 -2.48
N VAL C 10 14.73 -10.82 -1.31
CA VAL C 10 14.56 -9.92 -0.16
C VAL C 10 14.71 -10.64 1.18
N ARG C 11 15.19 -9.94 2.22
CA ARG C 11 15.28 -10.50 3.57
C ARG C 11 14.73 -9.43 4.50
N GLY C 12 13.49 -9.62 4.91
CA GLY C 12 12.76 -8.74 5.81
C GLY C 12 11.54 -9.52 6.23
N ARG C 13 11.46 -10.07 7.45
CA ARG C 13 10.29 -10.83 7.87
C ARG C 13 9.01 -9.98 7.78
N GLU C 14 9.00 -8.78 8.36
CA GLU C 14 7.81 -7.93 8.31
C GLU C 14 7.55 -7.48 6.87
N THR C 15 8.61 -7.12 6.14
CA THR C 15 8.54 -6.66 4.77
C THR C 15 8.00 -7.76 3.85
N TYR C 16 8.33 -9.03 4.10
CA TYR C 16 7.87 -10.16 3.30
C TYR C 16 6.38 -10.37 3.51
N GLU C 17 5.97 -10.42 4.78
CA GLU C 17 4.58 -10.61 5.18
C GLU C 17 3.69 -9.54 4.56
N MET C 18 4.02 -8.26 4.77
CA MET C 18 3.23 -7.16 4.22
C MET C 18 3.24 -7.16 2.69
N LEU C 19 4.36 -7.50 2.03
CA LEU C 19 4.36 -7.52 0.56
C LEU C 19 3.41 -8.58 0.05
N LEU C 20 3.47 -9.79 0.63
CA LEU C 20 2.65 -10.93 0.24
C LEU C 20 1.17 -10.67 0.49
N GLU C 21 0.79 -10.18 1.67
CA GLU C 21 -0.60 -9.90 2.04
C GLU C 21 -1.25 -8.96 1.02
N ILE C 22 -0.56 -7.85 0.71
CA ILE C 22 -1.05 -6.87 -0.23
C ILE C 22 -1.09 -7.48 -1.64
N LYS C 23 0.01 -8.11 -2.08
CA LYS C 23 0.13 -8.73 -3.40
C LYS C 23 -1.01 -9.71 -3.65
N GLU C 24 -1.34 -10.53 -2.66
CA GLU C 24 -2.40 -11.50 -2.79
C GLU C 24 -3.72 -10.78 -3.02
N SER C 25 -4.07 -9.76 -2.22
CA SER C 25 -5.34 -9.08 -2.43
C SER C 25 -5.51 -8.57 -3.88
N LEU C 26 -4.49 -7.92 -4.44
CA LEU C 26 -4.52 -7.37 -5.79
C LEU C 26 -4.57 -8.46 -6.86
N GLU C 27 -3.57 -9.34 -6.86
CA GLU C 27 -3.45 -10.43 -7.82
C GLU C 27 -4.70 -11.30 -7.84
N LEU C 28 -5.15 -11.79 -6.69
CA LEU C 28 -6.32 -12.65 -6.59
C LEU C 28 -7.57 -11.97 -7.12
N MET C 29 -7.80 -10.69 -6.79
CA MET C 29 -8.98 -9.96 -7.26
C MET C 29 -8.96 -9.84 -8.80
N GLN C 30 -7.81 -9.51 -9.40
CA GLN C 30 -7.76 -9.40 -10.85
C GLN C 30 -7.95 -10.77 -11.52
N TYR C 31 -7.67 -11.86 -10.81
CA TYR C 31 -7.85 -13.22 -11.32
C TYR C 31 -9.32 -13.64 -11.20
N LEU C 32 -10.10 -13.03 -10.27
CA LEU C 32 -11.50 -13.33 -10.05
C LEU C 32 -12.38 -12.12 -10.36
N PRO C 33 -12.47 -11.67 -11.64
CA PRO C 33 -13.31 -10.53 -11.98
C PRO C 33 -14.78 -10.91 -11.78
N GLN C 34 -15.57 -9.96 -11.30
CA GLN C 34 -17.00 -10.10 -11.03
C GLN C 34 -17.66 -8.73 -11.21
N HIS C 35 -18.99 -8.65 -11.36
CA HIS C 35 -19.65 -7.36 -11.52
C HIS C 35 -19.66 -6.56 -10.21
N THR C 36 -19.57 -7.22 -9.06
CA THR C 36 -19.53 -6.56 -7.76
C THR C 36 -18.26 -5.68 -7.74
N ILE C 37 -17.13 -6.30 -8.09
CA ILE C 37 -15.81 -5.68 -8.17
C ILE C 37 -15.86 -4.52 -9.18
N GLU C 38 -16.44 -4.77 -10.35
CA GLU C 38 -16.59 -3.83 -11.45
C GLU C 38 -17.28 -2.54 -10.97
N THR C 39 -18.39 -2.71 -10.26
CA THR C 39 -19.19 -1.62 -9.73
C THR C 39 -18.37 -0.88 -8.65
N TYR C 40 -17.72 -1.62 -7.75
CA TYR C 40 -16.88 -1.07 -6.69
C TYR C 40 -15.78 -0.20 -7.28
N ARG C 41 -15.15 -0.66 -8.37
CA ARG C 41 -14.09 0.07 -9.04
C ARG C 41 -14.64 1.42 -9.48
N GLN C 42 -15.83 1.45 -10.10
CA GLN C 42 -16.44 2.71 -10.52
C GLN C 42 -16.77 3.58 -9.32
N GLN C 43 -17.30 3.04 -8.22
CA GLN C 43 -17.63 3.82 -7.02
C GLN C 43 -16.38 4.56 -6.54
N GLN C 44 -15.26 3.83 -6.42
CA GLN C 44 -13.98 4.38 -6.01
C GLN C 44 -13.53 5.47 -6.97
N GLN C 45 -13.59 5.22 -8.29
CA GLN C 45 -13.18 6.16 -9.32
C GLN C 45 -14.06 7.42 -9.33
N GLN C 46 -15.33 7.29 -8.93
CA GLN C 46 -16.29 8.38 -8.89
C GLN C 46 -15.80 9.50 -7.96
N GLN C 47 -15.26 9.16 -6.79
CA GLN C 47 -14.77 10.13 -5.81
C GLN C 47 -13.72 11.06 -6.43
N HIS C 48 -12.80 10.54 -7.26
CA HIS C 48 -11.76 11.33 -7.91
C HIS C 48 -12.41 12.40 -8.79
N GLN C 49 -13.44 12.03 -9.55
CA GLN C 49 -14.16 12.97 -10.41
C GLN C 49 -14.98 13.98 -9.61
N HIS C 50 -15.56 13.54 -8.49
CA HIS C 50 -16.37 14.36 -7.59
C HIS C 50 -15.57 15.56 -7.10
N LEU C 51 -14.25 15.41 -6.92
CA LEU C 51 -13.38 16.50 -6.46
C LEU C 51 -13.53 17.70 -7.41
N LEU C 52 -13.47 17.45 -8.73
CA LEU C 52 -13.61 18.47 -9.79
C LEU C 52 -15.09 18.84 -10.03
N GLN C 53 -15.98 18.49 -9.10
CA GLN C 53 -17.42 18.75 -9.11
C GLN C 53 -18.15 18.22 -10.35
N LYS C 54 -17.57 17.22 -11.02
CA LYS C 54 -18.14 16.59 -12.19
C LYS C 54 -19.40 15.84 -11.79
N GLN C 55 -20.36 15.66 -12.71
CA GLN C 55 -21.59 14.94 -12.45
C GLN C 55 -21.20 13.55 -11.93
N THR C 56 -21.41 13.30 -10.65
CA THR C 56 -21.06 12.03 -9.99
C THR C 56 -22.09 11.67 -8.93
N SER C 57 -22.56 12.68 -8.18
CA SER C 57 -23.55 12.67 -7.11
C SER C 57 -23.60 11.30 -6.41
N ILE C 58 -22.52 10.99 -5.68
CA ILE C 58 -22.32 9.75 -4.96
C ILE C 58 -22.25 10.01 -3.45
N GLN C 59 -23.00 9.23 -2.67
CA GLN C 59 -23.03 9.33 -1.22
C GLN C 59 -21.68 8.85 -0.67
N SER C 60 -21.34 9.26 0.55
CA SER C 60 -20.12 8.89 1.24
C SER C 60 -20.45 8.09 2.48
N GLY D 1 -9.34 -8.58 18.83
CA GLY D 1 -10.15 -8.26 17.65
C GLY D 1 -9.64 -6.97 17.04
N SER D 2 -10.51 -5.99 16.82
CA SER D 2 -10.16 -4.71 16.26
C SER D 2 -11.17 -3.68 16.76
N ASP D 3 -10.80 -2.40 16.74
CA ASP D 3 -11.71 -1.33 17.17
C ASP D 3 -12.79 -1.22 16.09
N GLU D 4 -13.86 -0.49 16.35
CA GLU D 4 -14.98 -0.36 15.41
C GLU D 4 -15.08 0.99 14.70
N ASP D 5 -14.18 1.94 14.97
CA ASP D 5 -14.23 3.26 14.33
C ASP D 5 -13.63 3.29 12.93
N THR D 6 -14.00 4.29 12.13
CA THR D 6 -13.51 4.50 10.77
C THR D 6 -12.17 5.20 10.81
N TYR D 7 -11.32 4.93 9.82
CA TYR D 7 -10.01 5.53 9.70
C TYR D 7 -10.05 6.52 8.55
N TYR D 8 -9.49 7.72 8.76
CA TYR D 8 -9.44 8.86 7.85
C TYR D 8 -7.99 9.29 7.54
N LEU D 9 -7.72 9.74 6.31
CA LEU D 9 -6.41 10.22 5.84
C LEU D 9 -6.59 11.34 4.82
N GLN D 10 -5.56 12.18 4.69
CA GLN D 10 -5.52 13.34 3.79
C GLN D 10 -4.08 13.69 3.37
N VAL D 11 -3.67 13.45 2.11
CA VAL D 11 -2.31 13.75 1.60
C VAL D 11 -2.37 14.00 0.10
N ARG D 12 -1.47 14.83 -0.47
CA ARG D 12 -1.46 15.07 -1.91
C ARG D 12 -0.31 14.29 -2.51
N GLY D 13 -0.59 13.16 -3.14
CA GLY D 13 0.40 12.32 -3.79
C GLY D 13 -0.24 11.78 -5.04
N ARG D 14 0.19 12.12 -6.26
CA ARG D 14 -0.44 11.59 -7.46
C ARG D 14 -0.24 10.07 -7.55
N LYS D 15 1.01 9.59 -7.55
CA LYS D 15 1.24 8.14 -7.61
C LYS D 15 0.65 7.48 -6.39
N ASN D 16 0.83 8.09 -5.21
CA ASN D 16 0.33 7.53 -3.97
C ASN D 16 -1.17 7.37 -3.98
N PHE D 17 -1.94 8.32 -4.51
CA PHE D 17 -3.38 8.14 -4.53
C PHE D 17 -3.72 6.97 -5.43
N GLU D 18 -3.11 6.85 -6.61
CA GLU D 18 -3.38 5.74 -7.53
C GLU D 18 -3.10 4.40 -6.85
N ILE D 19 -1.89 4.26 -6.31
CA ILE D 19 -1.41 3.06 -5.63
C ILE D 19 -2.29 2.76 -4.41
N LEU D 20 -2.41 3.69 -3.47
CA LEU D 20 -3.20 3.51 -2.26
C LEU D 20 -4.66 3.22 -2.60
N MET D 21 -5.25 3.82 -3.64
CA MET D 21 -6.64 3.56 -4.01
C MET D 21 -6.76 2.10 -4.40
N LYS D 22 -5.88 1.59 -5.28
CA LYS D 22 -5.90 0.19 -5.70
C LYS D 22 -5.87 -0.68 -4.45
N LEU D 23 -4.93 -0.43 -3.54
CA LEU D 23 -4.79 -1.21 -2.31
C LEU D 23 -6.00 -1.07 -1.37
N LYS D 24 -6.66 0.10 -1.35
CA LYS D 24 -7.85 0.35 -0.51
C LYS D 24 -8.97 -0.56 -1.00
N GLU D 25 -9.29 -0.40 -2.28
CA GLU D 25 -10.31 -1.14 -3.01
C GLU D 25 -10.07 -2.63 -2.81
N SER D 26 -8.82 -3.04 -3.03
CA SER D 26 -8.32 -4.39 -2.93
C SER D 26 -8.64 -5.07 -1.60
N LEU D 27 -8.25 -4.49 -0.47
CA LEU D 27 -8.51 -5.13 0.81
C LEU D 27 -10.01 -5.21 1.10
N GLU D 28 -10.80 -4.19 0.74
CA GLU D 28 -12.25 -4.28 1.00
C GLU D 28 -12.88 -5.36 0.12
N LEU D 29 -12.44 -5.48 -1.13
CA LEU D 29 -12.96 -6.48 -2.06
C LEU D 29 -12.62 -7.88 -1.56
N MET D 30 -11.38 -8.09 -1.13
CA MET D 30 -10.89 -9.36 -0.62
C MET D 30 -11.67 -9.78 0.64
N GLU D 31 -12.01 -8.81 1.49
CA GLU D 31 -12.75 -9.07 2.72
C GLU D 31 -14.18 -9.52 2.40
N LEU D 32 -14.88 -8.87 1.46
CA LEU D 32 -16.26 -9.21 1.12
C LEU D 32 -16.41 -10.49 0.28
N VAL D 33 -15.47 -10.83 -0.59
CA VAL D 33 -15.55 -12.04 -1.44
C VAL D 33 -14.84 -13.22 -0.73
N PRO D 34 -15.31 -14.46 -0.93
CA PRO D 34 -14.68 -15.63 -0.33
C PRO D 34 -13.37 -15.91 -1.07
N GLN D 35 -12.59 -16.92 -0.64
CA GLN D 35 -11.31 -17.28 -1.24
C GLN D 35 -11.25 -18.63 -2.00
N PRO D 36 -12.20 -19.00 -2.90
CA PRO D 36 -12.15 -20.27 -3.61
C PRO D 36 -11.02 -20.33 -4.65
N LEU D 37 -10.90 -19.30 -5.50
CA LEU D 37 -9.87 -19.25 -6.53
C LEU D 37 -8.48 -19.21 -5.88
N VAL D 38 -8.42 -18.69 -4.65
CA VAL D 38 -7.23 -18.57 -3.84
C VAL D 38 -6.81 -19.95 -3.36
N ASP D 39 -7.74 -20.75 -2.83
CA ASP D 39 -7.47 -22.10 -2.33
C ASP D 39 -6.87 -22.97 -3.44
N SER D 40 -7.41 -22.84 -4.66
CA SER D 40 -6.95 -23.57 -5.84
C SER D 40 -5.58 -23.06 -6.30
N TYR D 41 -5.39 -21.74 -6.47
CA TYR D 41 -4.10 -21.20 -6.90
C TYR D 41 -3.02 -21.54 -5.88
N ARG D 42 -3.35 -21.55 -4.58
CA ARG D 42 -2.39 -21.89 -3.54
C ARG D 42 -1.94 -23.32 -3.79
N GLN D 43 -2.85 -24.28 -4.04
CA GLN D 43 -2.46 -25.67 -4.28
C GLN D 43 -1.57 -25.75 -5.53
N GLN D 44 -1.98 -25.11 -6.63
CA GLN D 44 -1.26 -25.10 -7.89
C GLN D 44 0.18 -24.59 -7.71
N GLN D 45 0.33 -23.36 -7.20
CA GLN D 45 1.64 -22.76 -7.01
C GLN D 45 2.45 -23.50 -5.96
N GLN D 46 1.82 -24.03 -4.91
CA GLN D 46 2.55 -24.74 -3.89
C GLN D 46 3.15 -26.02 -4.49
N LEU D 47 2.52 -26.58 -5.53
CA LEU D 47 3.02 -27.78 -6.20
C LEU D 47 4.41 -27.47 -6.76
N LEU D 48 4.62 -26.25 -7.29
CA LEU D 48 5.87 -25.76 -7.87
C LEU D 48 6.92 -25.43 -6.78
N GLN D 49 6.68 -25.66 -5.49
CA GLN D 49 7.66 -25.33 -4.44
C GLN D 49 7.73 -26.41 -3.34
N ARG D 50 8.94 -26.92 -3.11
CA ARG D 50 9.41 -27.94 -2.17
C ARG D 50 9.82 -29.14 -3.00
N SER A 1 17.98 -15.43 9.38
CA SER A 1 17.68 -16.72 10.01
C SER A 1 16.18 -16.92 10.28
N ASP A 2 15.54 -16.05 11.07
CA ASP A 2 14.12 -16.13 11.42
C ASP A 2 13.27 -16.06 10.15
N ASP A 3 13.39 -14.91 9.48
CA ASP A 3 12.72 -14.62 8.22
C ASP A 3 13.44 -15.39 7.13
N GLU A 4 14.77 -15.24 7.12
CA GLU A 4 15.71 -15.87 6.19
C GLU A 4 15.70 -15.18 4.82
N LEU A 5 16.69 -15.50 3.99
CA LEU A 5 16.85 -14.96 2.66
C LEU A 5 15.76 -15.61 1.79
N LEU A 6 14.61 -14.94 1.64
CA LEU A 6 13.47 -15.44 0.87
C LEU A 6 13.53 -14.92 -0.57
N TYR A 7 12.79 -15.59 -1.47
CA TYR A 7 12.70 -15.30 -2.88
C TYR A 7 11.22 -15.34 -3.30
N LEU A 8 10.67 -14.23 -3.79
CA LEU A 8 9.28 -14.13 -4.22
C LEU A 8 9.20 -14.01 -5.76
N PRO A 9 8.90 -15.09 -6.50
CA PRO A 9 8.78 -15.04 -7.96
C PRO A 9 7.43 -14.44 -8.39
N VAL A 10 7.43 -13.40 -9.24
CA VAL A 10 6.24 -12.72 -9.77
C VAL A 10 6.56 -12.28 -11.20
N ARG A 11 5.58 -12.27 -12.11
CA ARG A 11 5.78 -11.84 -13.49
C ARG A 11 4.74 -10.76 -13.80
N GLY A 12 5.16 -9.50 -13.73
CA GLY A 12 4.34 -8.33 -14.02
C GLY A 12 5.28 -7.13 -14.11
N ARG A 13 5.27 -6.34 -15.18
CA ARG A 13 6.18 -5.19 -15.29
C ARG A 13 5.79 -4.15 -14.26
N GLU A 14 4.53 -3.74 -14.23
CA GLU A 14 4.04 -2.73 -13.30
C GLU A 14 4.08 -3.25 -11.87
N THR A 15 3.83 -4.54 -11.69
CA THR A 15 3.85 -5.20 -10.41
C THR A 15 5.26 -5.07 -9.82
N TYR A 16 6.30 -5.32 -10.63
CA TYR A 16 7.68 -5.23 -10.17
C TYR A 16 8.06 -3.80 -9.85
N GLU A 17 7.62 -2.83 -10.66
CA GLU A 17 7.93 -1.42 -10.47
C GLU A 17 7.39 -0.92 -9.13
N MET A 18 6.08 -1.07 -8.91
CA MET A 18 5.43 -0.63 -7.69
C MET A 18 5.99 -1.40 -6.48
N LEU A 19 6.25 -2.70 -6.62
CA LEU A 19 6.79 -3.50 -5.54
C LEU A 19 8.15 -2.94 -5.13
N LEU A 20 9.06 -2.73 -6.09
CA LEU A 20 10.39 -2.21 -5.80
C LEU A 20 10.34 -0.85 -5.12
N GLU A 21 9.55 0.11 -5.62
CA GLU A 21 9.50 1.43 -4.98
C GLU A 21 8.98 1.34 -3.55
N ILE A 22 7.88 0.62 -3.35
CA ILE A 22 7.25 0.46 -2.03
C ILE A 22 8.18 -0.30 -1.07
N LYS A 23 8.85 -1.34 -1.57
CA LYS A 23 9.79 -2.16 -0.80
C LYS A 23 10.94 -1.28 -0.34
N GLU A 24 11.68 -0.69 -1.28
CA GLU A 24 12.82 0.16 -0.99
C GLU A 24 12.40 1.32 -0.10
N SER A 25 11.32 2.02 -0.41
CA SER A 25 10.85 3.13 0.39
C SER A 25 10.69 2.77 1.86
N LEU A 26 9.98 1.69 2.18
CA LEU A 26 9.77 1.30 3.57
C LEU A 26 11.10 0.84 4.18
N GLU A 27 11.85 -0.01 3.48
CA GLU A 27 13.13 -0.51 3.99
C GLU A 27 14.08 0.63 4.34
N LEU A 28 14.25 1.59 3.44
CA LEU A 28 15.15 2.71 3.66
C LEU A 28 14.59 3.62 4.75
N MET A 29 13.29 3.98 4.72
CA MET A 29 12.70 4.85 5.75
C MET A 29 12.85 4.23 7.13
N GLN A 30 12.76 2.90 7.22
CA GLN A 30 12.90 2.12 8.45
C GLN A 30 14.35 2.16 8.94
N TYR A 31 15.33 2.16 8.05
CA TYR A 31 16.75 2.18 8.40
C TYR A 31 17.27 3.60 8.69
N LEU A 32 16.82 4.63 7.94
CA LEU A 32 17.26 6.00 8.16
C LEU A 32 16.78 6.46 9.54
N PRO A 33 17.50 7.37 10.23
CA PRO A 33 17.09 7.84 11.54
C PRO A 33 15.82 8.68 11.39
N GLN A 34 15.11 8.95 12.49
CA GLN A 34 13.89 9.75 12.47
C GLN A 34 14.15 11.27 12.44
N HIS A 35 15.41 11.72 12.34
CA HIS A 35 15.77 13.14 12.34
C HIS A 35 14.93 13.97 11.36
N THR A 36 14.94 13.63 10.06
CA THR A 36 14.17 14.36 9.05
C THR A 36 12.67 14.33 9.37
N ILE A 37 12.15 13.21 9.88
CA ILE A 37 10.75 13.05 10.21
C ILE A 37 10.38 14.01 11.34
N GLU A 38 11.25 14.15 12.34
CA GLU A 38 11.02 15.04 13.47
C GLU A 38 10.94 16.48 12.98
N THR A 39 11.92 16.91 12.17
CA THR A 39 11.95 18.26 11.61
C THR A 39 10.71 18.50 10.73
N TYR A 40 10.30 17.46 9.98
CA TYR A 40 9.16 17.51 9.09
C TYR A 40 7.85 17.68 9.85
N ARG A 41 7.54 16.83 10.84
CA ARG A 41 6.29 16.97 11.60
C ARG A 41 6.27 18.27 12.37
N GLN A 42 7.42 18.73 12.86
CA GLN A 42 7.51 19.98 13.59
C GLN A 42 7.03 21.11 12.66
N GLN A 43 7.67 21.29 11.49
CA GLN A 43 7.25 22.36 10.59
C GLN A 43 5.86 22.16 10.01
N GLN A 44 5.42 20.91 9.83
CA GLN A 44 4.09 20.59 9.30
C GLN A 44 3.04 21.24 10.22
N GLN A 45 3.19 21.08 11.54
CA GLN A 45 2.29 21.66 12.53
C GLN A 45 2.53 23.15 12.71
N GLN A 46 3.80 23.51 12.94
CA GLN A 46 4.25 24.88 13.18
C GLN A 46 3.74 25.88 12.17
N GLN A 47 3.62 25.57 10.87
CA GLN A 47 3.12 26.56 9.92
C GLN A 47 1.76 27.14 10.33
N HIS A 48 0.79 26.30 10.72
CA HIS A 48 -0.52 26.80 11.13
C HIS A 48 -0.36 27.70 12.36
N GLN A 49 0.53 27.32 13.27
CA GLN A 49 0.80 28.07 14.49
C GLN A 49 1.50 29.40 14.17
N HIS A 50 2.37 29.45 13.16
CA HIS A 50 3.08 30.65 12.76
C HIS A 50 2.08 31.70 12.31
N LEU A 51 1.04 31.30 11.55
CA LEU A 51 0.02 32.24 11.08
C LEU A 51 -0.69 32.88 12.27
N LEU A 52 -0.84 32.16 13.38
CA LEU A 52 -1.48 32.64 14.60
C LEU A 52 -0.61 33.62 15.41
N GLN A 53 0.59 33.97 14.94
CA GLN A 53 1.61 34.88 15.50
C GLN A 53 1.37 35.25 16.97
N LYS A 54 1.78 34.38 17.90
CA LYS A 54 1.62 34.60 19.34
C LYS A 54 2.72 35.56 19.87
N GLN A 55 2.94 36.69 19.18
CA GLN A 55 3.92 37.72 19.48
C GLN A 55 5.26 37.11 19.91
N THR A 56 5.80 36.22 19.07
CA THR A 56 7.06 35.52 19.30
C THR A 56 8.28 36.44 19.07
N SER A 57 8.28 37.65 19.64
CA SER A 57 9.35 38.61 19.53
C SER A 57 9.27 39.53 20.75
N ILE A 58 10.06 39.21 21.77
CA ILE A 58 10.19 39.91 23.04
C ILE A 58 11.55 39.47 23.62
N GLN A 59 12.14 40.28 24.50
CA GLN A 59 13.40 40.00 25.17
C GLN A 59 13.32 40.60 26.57
N SER A 60 14.16 40.10 27.46
CA SER A 60 14.33 40.47 28.85
C SER A 60 15.78 40.15 29.14
N GLY B 1 -1.87 29.10 -7.88
CA GLY B 1 -1.19 28.18 -8.79
C GLY B 1 -2.18 27.33 -9.54
N SER B 2 -2.08 26.01 -9.33
CA SER B 2 -2.89 24.97 -9.92
C SER B 2 -4.05 24.62 -8.96
N ASP B 3 -4.76 23.51 -9.16
CA ASP B 3 -5.86 23.09 -8.28
C ASP B 3 -5.26 22.70 -6.91
N GLU B 4 -6.10 22.54 -5.90
CA GLU B 4 -5.73 22.19 -4.53
C GLU B 4 -4.90 20.90 -4.48
N ASP B 5 -5.12 20.00 -5.45
CA ASP B 5 -4.43 18.72 -5.62
C ASP B 5 -4.31 17.98 -4.30
N THR B 6 -5.40 17.38 -3.85
CA THR B 6 -5.44 16.64 -2.60
C THR B 6 -6.42 15.47 -2.70
N TYR B 7 -6.04 14.34 -2.11
CA TYR B 7 -6.85 13.13 -2.08
C TYR B 7 -7.11 12.72 -0.65
N TYR B 8 -8.27 12.10 -0.42
CA TYR B 8 -8.72 11.65 0.88
C TYR B 8 -9.26 10.23 0.77
N LEU B 9 -9.33 9.52 1.88
CA LEU B 9 -9.85 8.16 1.95
C LEU B 9 -10.60 7.98 3.27
N GLN B 10 -11.45 6.96 3.34
CA GLN B 10 -12.26 6.59 4.50
C GLN B 10 -12.47 5.07 4.43
N VAL B 11 -11.86 4.31 5.33
CA VAL B 11 -11.97 2.85 5.37
C VAL B 11 -11.70 2.31 6.79
N ARG B 12 -12.27 1.16 7.19
CA ARG B 12 -12.00 0.59 8.51
C ARG B 12 -11.35 -0.78 8.40
N GLY B 13 -10.04 -0.84 8.58
CA GLY B 13 -9.25 -2.07 8.55
C GLY B 13 -8.11 -1.96 9.55
N ARG B 14 -8.00 -2.81 10.58
CA ARG B 14 -6.90 -2.74 11.55
C ARG B 14 -5.56 -2.96 10.82
N LYS B 15 -5.44 -4.10 10.11
CA LYS B 15 -4.24 -4.46 9.36
C LYS B 15 -3.95 -3.37 8.32
N ASN B 16 -4.99 -2.98 7.57
CA ASN B 16 -4.91 -1.98 6.53
C ASN B 16 -4.40 -0.64 7.05
N PHE B 17 -4.88 -0.12 8.18
CA PHE B 17 -4.40 1.17 8.65
C PHE B 17 -2.91 1.10 8.98
N GLU B 18 -2.47 0.07 9.69
CA GLU B 18 -1.05 -0.05 10.05
C GLU B 18 -0.14 -0.01 8.81
N ILE B 19 -0.43 -0.89 7.84
CA ILE B 19 0.36 -1.02 6.63
C ILE B 19 0.19 0.20 5.71
N LEU B 20 -1.03 0.64 5.40
CA LEU B 20 -1.21 1.79 4.52
C LEU B 20 -0.56 3.03 5.11
N MET B 21 -0.62 3.26 6.44
CA MET B 21 0.00 4.42 7.03
C MET B 21 1.51 4.40 6.78
N LYS B 22 2.19 3.30 7.13
CA LYS B 22 3.64 3.26 6.92
C LYS B 22 4.03 3.36 5.45
N LEU B 23 3.30 2.69 4.54
CA LEU B 23 3.64 2.75 3.12
C LEU B 23 3.38 4.13 2.53
N LYS B 24 2.33 4.84 2.97
CA LYS B 24 2.06 6.18 2.45
C LYS B 24 3.11 7.13 3.00
N GLU B 25 3.37 7.05 4.31
CA GLU B 25 4.33 7.87 5.03
C GLU B 25 5.72 7.71 4.43
N SER B 26 6.18 6.46 4.28
CA SER B 26 7.49 6.16 3.73
C SER B 26 7.64 6.67 2.31
N LEU B 27 6.60 6.56 1.47
CA LEU B 27 6.72 7.06 0.09
C LEU B 27 6.87 8.57 0.12
N GLU B 28 6.10 9.27 0.97
CA GLU B 28 6.21 10.73 1.03
C GLU B 28 7.59 11.17 1.52
N LEU B 29 8.16 10.40 2.46
CA LEU B 29 9.48 10.69 3.00
C LEU B 29 10.52 10.46 1.91
N MET B 30 10.46 9.32 1.20
CA MET B 30 11.40 9.03 0.13
C MET B 30 11.20 10.03 -1.03
N GLU B 31 9.99 10.57 -1.21
CA GLU B 31 9.75 11.54 -2.28
C GLU B 31 10.49 12.84 -1.96
N LEU B 32 10.53 13.29 -0.69
CA LEU B 32 11.25 14.52 -0.33
C LEU B 32 12.76 14.30 -0.24
N VAL B 33 13.20 13.06 0.03
CA VAL B 33 14.63 12.72 0.13
C VAL B 33 15.18 12.60 -1.30
N PRO B 34 16.44 12.98 -1.57
CA PRO B 34 17.01 12.84 -2.90
C PRO B 34 17.28 11.34 -3.15
N GLN B 35 18.42 10.81 -2.70
CA GLN B 35 18.82 9.41 -2.85
C GLN B 35 20.04 9.10 -1.94
N PRO B 36 19.94 9.18 -0.61
CA PRO B 36 21.05 8.90 0.32
C PRO B 36 21.40 7.39 0.38
N LEU B 37 21.05 6.71 1.47
CA LEU B 37 21.31 5.28 1.63
C LEU B 37 20.60 4.52 0.50
N VAL B 38 19.51 5.07 -0.05
CA VAL B 38 18.74 4.47 -1.12
C VAL B 38 19.69 4.16 -2.28
N ASP B 39 20.56 5.11 -2.64
CA ASP B 39 21.53 4.96 -3.74
C ASP B 39 22.67 4.05 -3.33
N SER B 40 23.21 4.23 -2.11
CA SER B 40 24.33 3.40 -1.65
C SER B 40 23.94 1.92 -1.57
N TYR B 41 22.81 1.62 -0.90
CA TYR B 41 22.30 0.28 -0.72
C TYR B 41 21.91 -0.32 -2.06
N ARG B 42 21.29 0.46 -2.97
CA ARG B 42 20.91 -0.05 -4.28
C ARG B 42 22.13 -0.62 -4.97
N GLN B 43 23.25 0.11 -4.96
CA GLN B 43 24.44 -0.35 -5.61
C GLN B 43 24.96 -1.60 -4.90
N GLN B 44 25.12 -1.52 -3.58
CA GLN B 44 25.62 -2.61 -2.76
C GLN B 44 24.83 -3.92 -2.93
N GLN B 45 23.49 -3.89 -2.90
CA GLN B 45 22.67 -5.09 -3.09
C GLN B 45 22.79 -5.57 -4.53
N GLN B 46 22.93 -4.65 -5.51
CA GLN B 46 23.09 -5.04 -6.91
C GLN B 46 24.38 -5.87 -7.08
N LEU B 47 25.40 -5.66 -6.23
CA LEU B 47 26.66 -6.43 -6.27
C LEU B 47 26.45 -7.93 -6.00
N LEU B 48 25.29 -8.32 -5.44
CA LEU B 48 24.94 -9.70 -5.14
C LEU B 48 24.52 -10.44 -6.42
N GLN B 49 24.13 -9.70 -7.46
CA GLN B 49 23.70 -10.23 -8.74
C GLN B 49 24.83 -10.23 -9.76
N ARG B 50 24.57 -10.85 -10.91
CA ARG B 50 25.46 -11.01 -12.05
C ARG B 50 24.60 -11.03 -13.31
N SER C 1 7.60 -13.31 -21.60
CA SER C 1 8.02 -12.61 -22.82
C SER C 1 8.30 -11.14 -22.52
N ASP C 2 7.26 -10.32 -22.32
CA ASP C 2 7.35 -8.89 -22.04
C ASP C 2 7.93 -8.63 -20.65
N ASP C 3 7.12 -8.85 -19.61
CA ASP C 3 7.47 -8.61 -18.21
C ASP C 3 8.53 -9.57 -17.77
N GLU C 4 8.32 -10.83 -18.15
CA GLU C 4 9.15 -11.98 -17.89
C GLU C 4 9.01 -12.49 -16.45
N LEU C 5 9.56 -13.69 -16.21
CA LEU C 5 9.57 -14.37 -14.93
C LEU C 5 10.57 -13.63 -14.04
N LEU C 6 10.10 -12.70 -13.21
CA LEU C 6 10.97 -11.93 -12.33
C LEU C 6 10.92 -12.50 -10.92
N TYR C 7 11.83 -12.04 -10.07
CA TYR C 7 11.95 -12.45 -8.68
C TYR C 7 12.27 -11.23 -7.83
N LEU C 8 11.79 -11.24 -6.59
CA LEU C 8 11.97 -10.17 -5.61
C LEU C 8 12.61 -10.79 -4.36
N PRO C 9 13.95 -10.76 -4.21
CA PRO C 9 14.62 -11.31 -3.03
C PRO C 9 14.48 -10.33 -1.86
N VAL C 10 13.89 -10.74 -0.73
CA VAL C 10 13.70 -9.89 0.47
C VAL C 10 13.85 -10.75 1.74
N ARG C 11 14.12 -10.16 2.91
CA ARG C 11 14.20 -10.90 4.18
C ARG C 11 13.47 -10.12 5.28
N GLY C 12 12.25 -10.51 5.66
CA GLY C 12 11.50 -9.84 6.71
C GLY C 12 10.32 -10.71 7.14
N ARG C 13 9.98 -10.83 8.43
CA ARG C 13 8.81 -11.61 8.82
C ARG C 13 7.57 -10.81 8.39
N GLU C 14 7.53 -9.54 8.79
CA GLU C 14 6.44 -8.61 8.48
C GLU C 14 6.50 -8.30 6.99
N THR C 15 7.70 -8.00 6.45
CA THR C 15 7.84 -7.69 5.04
C THR C 15 7.30 -8.82 4.16
N TYR C 16 7.62 -10.09 4.47
CA TYR C 16 7.14 -11.20 3.65
C TYR C 16 5.63 -11.31 3.73
N GLU C 17 5.08 -11.35 4.95
CA GLU C 17 3.66 -11.47 5.21
C GLU C 17 2.85 -10.37 4.50
N MET C 18 3.18 -9.11 4.77
CA MET C 18 2.49 -7.97 4.19
C MET C 18 2.64 -7.96 2.66
N LEU C 19 3.84 -8.16 2.12
CA LEU C 19 4.04 -8.16 0.68
C LEU C 19 3.22 -9.26 0.02
N LEU C 20 3.25 -10.51 0.51
CA LEU C 20 2.48 -11.61 -0.08
C LEU C 20 1.00 -11.31 -0.04
N GLU C 21 0.45 -10.98 1.14
CA GLU C 21 -0.98 -10.71 1.29
C GLU C 21 -1.45 -9.60 0.35
N ILE C 22 -0.74 -8.48 0.30
CA ILE C 22 -1.12 -7.34 -0.53
C ILE C 22 -0.99 -7.64 -2.03
N LYS C 23 0.08 -8.31 -2.47
CA LYS C 23 0.26 -8.63 -3.88
C LYS C 23 -0.80 -9.61 -4.32
N GLU C 24 -0.99 -10.70 -3.58
CA GLU C 24 -1.98 -11.71 -3.96
C GLU C 24 -3.36 -11.07 -3.94
N SER C 25 -3.71 -10.31 -2.90
CA SER C 25 -5.01 -9.66 -2.84
C SER C 25 -5.28 -8.79 -4.06
N LEU C 26 -4.26 -8.08 -4.56
CA LEU C 26 -4.40 -7.20 -5.72
C LEU C 26 -4.57 -8.01 -6.99
N GLU C 27 -3.61 -8.88 -7.28
CA GLU C 27 -3.64 -9.72 -8.47
C GLU C 27 -4.92 -10.54 -8.52
N LEU C 28 -5.30 -11.21 -7.42
CA LEU C 28 -6.51 -12.01 -7.37
C LEU C 28 -7.72 -11.13 -7.68
N MET C 29 -7.84 -9.95 -7.06
CA MET C 29 -8.96 -9.06 -7.35
C MET C 29 -9.05 -8.76 -8.85
N GLN C 30 -7.90 -8.58 -9.51
CA GLN C 30 -7.81 -8.30 -10.93
C GLN C 30 -8.17 -9.54 -11.77
N TYR C 31 -7.84 -10.76 -11.33
CA TYR C 31 -8.16 -11.96 -12.09
C TYR C 31 -9.64 -12.33 -11.90
N LEU C 32 -10.26 -11.97 -10.77
CA LEU C 32 -11.65 -12.24 -10.47
C LEU C 32 -12.54 -11.30 -11.32
N PRO C 33 -13.81 -11.67 -11.56
CA PRO C 33 -14.72 -10.83 -12.32
C PRO C 33 -15.24 -9.68 -11.45
N GLN C 34 -15.76 -8.64 -12.09
CA GLN C 34 -16.31 -7.46 -11.43
C GLN C 34 -17.68 -7.69 -10.79
N HIS C 35 -18.29 -8.87 -10.91
CA HIS C 35 -19.61 -9.16 -10.36
C HIS C 35 -19.76 -8.73 -8.89
N THR C 36 -18.93 -9.24 -7.98
CA THR C 36 -19.03 -8.87 -6.57
C THR C 36 -18.71 -7.39 -6.36
N ILE C 37 -17.79 -6.81 -7.14
CA ILE C 37 -17.38 -5.40 -7.04
C ILE C 37 -18.56 -4.48 -7.39
N GLU C 38 -19.29 -4.81 -8.45
CA GLU C 38 -20.44 -4.05 -8.92
C GLU C 38 -21.52 -4.09 -7.84
N THR C 39 -21.95 -5.29 -7.45
CA THR C 39 -22.99 -5.44 -6.44
C THR C 39 -22.55 -4.78 -5.12
N TYR C 40 -21.27 -4.85 -4.75
CA TYR C 40 -20.78 -4.25 -3.52
C TYR C 40 -21.03 -2.74 -3.56
N ARG C 41 -20.57 -2.03 -4.61
CA ARG C 41 -20.78 -0.59 -4.67
C ARG C 41 -22.26 -0.24 -4.81
N GLN C 42 -23.03 -0.96 -5.61
CA GLN C 42 -24.45 -0.67 -5.77
C GLN C 42 -25.18 -0.79 -4.43
N GLN C 43 -24.95 -1.87 -3.67
CA GLN C 43 -25.60 -2.06 -2.37
C GLN C 43 -25.11 -1.01 -1.38
N GLN C 44 -23.81 -0.69 -1.39
CA GLN C 44 -23.19 0.29 -0.52
C GLN C 44 -23.87 1.64 -0.71
N GLN C 45 -23.98 2.10 -1.95
CA GLN C 45 -24.61 3.35 -2.31
C GLN C 45 -26.10 3.34 -1.96
N GLN C 46 -26.80 2.24 -2.27
CA GLN C 46 -28.23 2.10 -2.02
C GLN C 46 -28.59 2.27 -0.55
N GLN C 47 -27.79 1.82 0.42
CA GLN C 47 -28.16 1.99 1.83
C GLN C 47 -28.45 3.46 2.16
N HIS C 48 -27.62 4.39 1.67
CA HIS C 48 -27.82 5.81 1.92
C HIS C 48 -29.14 6.27 1.30
N GLN C 49 -29.52 5.76 0.13
CA GLN C 49 -30.78 6.11 -0.53
C GLN C 49 -31.98 5.50 0.23
N HIS C 50 -31.86 4.25 0.69
CA HIS C 50 -32.91 3.52 1.39
C HIS C 50 -33.44 4.29 2.59
N LEU C 51 -32.57 4.95 3.37
CA LEU C 51 -33.01 5.72 4.54
C LEU C 51 -34.06 6.79 4.20
N LEU C 52 -34.08 7.29 2.97
CA LEU C 52 -35.01 8.32 2.50
C LEU C 52 -36.30 7.73 1.91
N GLN C 53 -36.45 6.40 1.86
CA GLN C 53 -37.58 5.61 1.37
C GLN C 53 -38.44 6.36 0.34
N LYS C 54 -37.91 6.51 -0.87
CA LYS C 54 -38.55 7.18 -2.01
C LYS C 54 -39.71 6.33 -2.55
N GLN C 55 -40.76 6.13 -1.75
CA GLN C 55 -41.98 5.36 -2.00
C GLN C 55 -41.76 4.28 -3.07
N THR C 56 -40.82 3.38 -2.79
CA THR C 56 -40.46 2.28 -3.68
C THR C 56 -41.46 1.13 -3.45
N SER C 57 -42.76 1.43 -3.59
CA SER C 57 -43.86 0.50 -3.42
C SER C 57 -45.11 1.14 -4.04
N ILE C 58 -45.45 0.74 -5.26
CA ILE C 58 -46.59 1.18 -6.05
C ILE C 58 -46.70 0.16 -7.21
N GLN C 59 -47.89 0.02 -7.80
CA GLN C 59 -48.16 -0.88 -8.92
C GLN C 59 -49.21 -0.20 -9.80
N SER C 60 -49.28 -0.62 -11.06
CA SER C 60 -50.17 -0.19 -12.11
C SER C 60 -50.29 -1.42 -12.99
N GLY D 1 -22.59 -1.01 19.73
CA GLY D 1 -21.70 -2.18 19.75
C GLY D 1 -20.32 -1.81 20.25
N SER D 2 -19.36 -1.64 19.35
CA SER D 2 -17.98 -1.26 19.64
C SER D 2 -17.81 0.22 19.30
N ASP D 3 -16.58 0.66 19.03
CA ASP D 3 -16.24 2.04 18.67
C ASP D 3 -16.81 2.39 17.29
N GLU D 4 -16.66 3.64 16.88
CA GLU D 4 -17.09 4.14 15.56
C GLU D 4 -16.34 3.36 14.48
N ASP D 5 -15.12 2.92 14.82
CA ASP D 5 -14.15 2.14 14.08
C ASP D 5 -14.11 2.45 12.59
N THR D 6 -13.46 3.55 12.23
CA THR D 6 -13.25 4.05 10.87
C THR D 6 -12.04 4.96 10.91
N TYR D 7 -11.16 4.83 9.92
CA TYR D 7 -9.94 5.59 9.78
C TYR D 7 -10.09 6.42 8.51
N TYR D 8 -9.32 7.49 8.42
CA TYR D 8 -9.34 8.43 7.31
C TYR D 8 -7.92 8.81 6.95
N LEU D 9 -7.70 9.34 5.75
CA LEU D 9 -6.39 9.78 5.26
C LEU D 9 -6.60 11.09 4.50
N GLN D 10 -5.56 11.92 4.47
CA GLN D 10 -5.48 13.25 3.82
C GLN D 10 -4.03 13.38 3.33
N VAL D 11 -3.76 13.15 2.05
CA VAL D 11 -2.42 13.22 1.46
C VAL D 11 -2.49 13.49 -0.04
N ARG D 12 -1.48 14.15 -0.62
CA ARG D 12 -1.47 14.41 -2.06
C ARG D 12 -0.23 13.79 -2.69
N GLY D 13 -0.44 12.65 -3.34
CA GLY D 13 0.56 11.89 -4.06
C GLY D 13 -0.13 11.30 -5.28
N ARG D 14 0.14 11.73 -6.51
CA ARG D 14 -0.55 11.18 -7.69
C ARG D 14 -0.41 9.66 -7.77
N LYS D 15 0.82 9.15 -7.81
CA LYS D 15 1.05 7.71 -7.91
C LYS D 15 0.57 7.02 -6.64
N ASN D 16 0.81 7.63 -5.49
CA ASN D 16 0.41 7.07 -4.21
C ASN D 16 -1.09 6.80 -4.22
N PHE D 17 -1.93 7.77 -4.58
CA PHE D 17 -3.37 7.60 -4.59
C PHE D 17 -3.79 6.50 -5.55
N GLU D 18 -3.22 6.46 -6.77
CA GLU D 18 -3.56 5.45 -7.78
C GLU D 18 -3.30 4.05 -7.25
N ILE D 19 -2.09 3.83 -6.72
CA ILE D 19 -1.63 2.56 -6.20
C ILE D 19 -2.41 2.19 -4.93
N LEU D 20 -2.44 3.07 -3.93
CA LEU D 20 -3.13 2.83 -2.67
C LEU D 20 -4.62 2.56 -2.93
N MET D 21 -5.24 3.16 -3.95
CA MET D 21 -6.65 2.92 -4.26
C MET D 21 -6.79 1.47 -4.73
N LYS D 22 -6.00 1.03 -5.70
CA LYS D 22 -6.14 -0.35 -6.18
C LYS D 22 -5.88 -1.32 -5.05
N LEU D 23 -4.86 -1.08 -4.22
CA LEU D 23 -4.51 -1.95 -3.11
C LEU D 23 -5.61 -1.99 -2.07
N LYS D 24 -5.97 -0.86 -1.44
CA LYS D 24 -6.99 -0.84 -0.39
C LYS D 24 -8.30 -1.46 -0.84
N GLU D 25 -8.76 -1.12 -2.04
CA GLU D 25 -10.01 -1.64 -2.58
C GLU D 25 -9.92 -3.16 -2.72
N SER D 26 -8.85 -3.65 -3.34
CA SER D 26 -8.63 -5.08 -3.53
C SER D 26 -8.54 -5.83 -2.20
N LEU D 27 -7.94 -5.18 -1.18
CA LEU D 27 -7.77 -5.73 0.15
C LEU D 27 -9.15 -5.89 0.79
N GLU D 28 -10.05 -4.91 0.62
CA GLU D 28 -11.39 -5.01 1.18
C GLU D 28 -12.12 -6.16 0.50
N LEU D 29 -11.99 -6.24 -0.83
CA LEU D 29 -12.63 -7.30 -1.59
C LEU D 29 -12.11 -8.68 -1.19
N MET D 30 -10.82 -8.86 -0.89
CA MET D 30 -10.32 -10.18 -0.47
C MET D 30 -10.70 -10.43 0.99
N GLU D 31 -11.00 -9.40 1.77
CA GLU D 31 -11.37 -9.54 3.18
C GLU D 31 -12.85 -9.91 3.32
N LEU D 32 -13.71 -9.55 2.34
CA LEU D 32 -15.13 -9.89 2.40
C LEU D 32 -15.40 -11.21 1.70
N VAL D 33 -14.66 -11.54 0.65
CA VAL D 33 -14.80 -12.79 -0.11
C VAL D 33 -13.95 -13.86 0.61
N PRO D 34 -14.34 -15.14 0.61
CA PRO D 34 -13.62 -16.23 1.28
C PRO D 34 -12.22 -16.51 0.70
N GLN D 35 -12.10 -17.37 -0.32
CA GLN D 35 -10.83 -17.75 -0.95
C GLN D 35 -11.09 -18.59 -2.24
N PRO D 36 -11.82 -18.07 -3.26
CA PRO D 36 -12.12 -18.80 -4.49
C PRO D 36 -10.88 -19.08 -5.36
N LEU D 37 -10.57 -18.16 -6.28
CA LEU D 37 -9.41 -18.31 -7.15
C LEU D 37 -8.14 -18.24 -6.30
N VAL D 38 -8.19 -17.59 -5.13
CA VAL D 38 -7.07 -17.44 -4.22
C VAL D 38 -6.52 -18.83 -3.88
N ASP D 39 -7.36 -19.74 -3.36
CA ASP D 39 -6.92 -21.09 -3.00
C ASP D 39 -6.60 -21.92 -4.23
N SER D 40 -7.45 -21.85 -5.24
CA SER D 40 -7.28 -22.59 -6.49
C SER D 40 -5.93 -22.28 -7.15
N TYR D 41 -5.59 -21.01 -7.31
CA TYR D 41 -4.33 -20.58 -7.91
C TYR D 41 -3.21 -20.93 -6.95
N ARG D 42 -3.36 -20.69 -5.64
CA ARG D 42 -2.34 -21.00 -4.64
C ARG D 42 -1.93 -22.46 -4.74
N GLN D 43 -2.85 -23.40 -4.87
CA GLN D 43 -2.54 -24.83 -4.97
C GLN D 43 -1.77 -25.12 -6.27
N GLN D 44 -2.34 -24.66 -7.39
CA GLN D 44 -1.81 -24.83 -8.73
C GLN D 44 -0.39 -24.25 -8.85
N GLN D 45 -0.15 -23.10 -8.23
CA GLN D 45 1.11 -22.37 -8.21
C GLN D 45 2.06 -22.99 -7.17
N GLN D 46 1.56 -23.54 -6.06
CA GLN D 46 2.38 -24.18 -5.02
C GLN D 46 3.18 -25.29 -5.70
N LEU D 47 2.56 -26.02 -6.64
CA LEU D 47 3.23 -27.08 -7.39
C LEU D 47 4.54 -26.63 -8.06
N LEU D 48 4.73 -25.33 -8.31
CA LEU D 48 5.94 -24.79 -8.93
C LEU D 48 7.13 -24.76 -7.96
N GLN D 49 6.93 -25.02 -6.66
CA GLN D 49 7.98 -25.03 -5.64
C GLN D 49 8.39 -26.46 -5.28
N ARG D 50 9.44 -26.58 -4.47
CA ARG D 50 10.05 -27.79 -3.99
C ARG D 50 10.37 -27.57 -2.53
N SER A 1 10.06 -16.61 9.32
CA SER A 1 10.78 -15.83 10.35
C SER A 1 11.53 -14.68 9.68
N ASP A 2 12.00 -13.70 10.45
CA ASP A 2 12.77 -12.55 9.94
C ASP A 2 14.23 -12.97 9.71
N ASP A 3 14.57 -14.22 10.05
CA ASP A 3 15.89 -14.83 9.97
C ASP A 3 16.03 -15.79 8.79
N GLU A 4 14.98 -16.00 7.99
CA GLU A 4 14.99 -16.90 6.85
C GLU A 4 14.88 -16.07 5.58
N LEU A 5 15.84 -16.17 4.67
CA LEU A 5 15.81 -15.42 3.42
C LEU A 5 14.84 -16.07 2.45
N LEU A 6 13.90 -15.26 1.94
CA LEU A 6 12.85 -15.67 1.01
C LEU A 6 12.97 -14.88 -0.28
N TYR A 7 12.16 -15.24 -1.27
CA TYR A 7 12.13 -14.60 -2.57
C TYR A 7 10.66 -14.49 -2.99
N LEU A 8 10.33 -13.46 -3.76
CA LEU A 8 9.00 -13.18 -4.25
C LEU A 8 8.99 -13.28 -5.79
N PRO A 9 8.60 -14.43 -6.36
CA PRO A 9 8.58 -14.67 -7.80
C PRO A 9 7.29 -14.13 -8.48
N VAL A 10 7.36 -13.08 -9.31
CA VAL A 10 6.21 -12.49 -10.01
C VAL A 10 6.63 -11.98 -11.40
N ARG A 11 5.68 -11.82 -12.33
CA ARG A 11 5.89 -11.32 -13.68
C ARG A 11 4.80 -10.31 -14.01
N GLY A 12 5.15 -9.02 -13.96
CA GLY A 12 4.28 -7.89 -14.28
C GLY A 12 5.15 -6.64 -14.41
N ARG A 13 5.01 -5.81 -15.45
CA ARG A 13 5.85 -4.61 -15.54
C ARG A 13 5.44 -3.60 -14.48
N GLU A 14 4.15 -3.28 -14.40
CA GLU A 14 3.62 -2.34 -13.42
C GLU A 14 3.72 -2.96 -12.03
N THR A 15 3.50 -4.27 -11.95
CA THR A 15 3.54 -5.01 -10.71
C THR A 15 4.96 -4.96 -10.12
N TYR A 16 6.01 -5.29 -10.88
CA TYR A 16 7.38 -5.27 -10.38
C TYR A 16 7.74 -3.88 -9.88
N GLU A 17 7.44 -2.87 -10.69
CA GLU A 17 7.73 -1.49 -10.37
C GLU A 17 7.16 -1.07 -9.02
N MET A 18 5.84 -1.21 -8.83
CA MET A 18 5.18 -0.83 -7.58
C MET A 18 5.60 -1.72 -6.41
N LEU A 19 5.67 -3.04 -6.63
CA LEU A 19 6.04 -4.02 -5.61
C LEU A 19 7.40 -3.65 -5.02
N LEU A 20 8.39 -3.39 -5.88
CA LEU A 20 9.73 -3.03 -5.48
C LEU A 20 9.74 -1.63 -4.88
N GLU A 21 9.13 -0.63 -5.52
CA GLU A 21 9.12 0.76 -5.03
C GLU A 21 8.59 0.89 -3.60
N ILE A 22 7.48 0.22 -3.30
CA ILE A 22 6.90 0.26 -1.96
C ILE A 22 7.73 -0.60 -1.01
N LYS A 23 8.36 -1.69 -1.47
CA LYS A 23 9.19 -2.51 -0.60
C LYS A 23 10.44 -1.72 -0.22
N GLU A 24 11.02 -1.02 -1.17
CA GLU A 24 12.23 -0.22 -1.03
C GLU A 24 11.99 0.94 -0.08
N SER A 25 10.99 1.79 -0.35
CA SER A 25 10.68 2.93 0.51
C SER A 25 10.48 2.47 1.95
N LEU A 26 9.75 1.37 2.14
CA LEU A 26 9.49 0.84 3.47
C LEU A 26 10.77 0.29 4.10
N GLU A 27 11.46 -0.65 3.45
CA GLU A 27 12.69 -1.27 3.97
C GLU A 27 13.73 -0.22 4.35
N LEU A 28 13.93 0.80 3.51
CA LEU A 28 14.88 1.87 3.75
C LEU A 28 14.39 2.72 4.92
N MET A 29 13.14 3.23 4.90
CA MET A 29 12.63 4.05 6.00
C MET A 29 12.74 3.29 7.34
N GLN A 30 12.29 2.02 7.41
CA GLN A 30 12.38 1.25 8.64
C GLN A 30 13.85 1.01 9.04
N TYR A 31 14.80 0.99 8.09
CA TYR A 31 16.21 0.78 8.40
C TYR A 31 16.83 2.05 8.96
N LEU A 32 16.64 3.21 8.30
CA LEU A 32 17.19 4.50 8.69
C LEU A 32 16.10 5.55 9.00
N PRO A 33 15.30 5.39 10.07
CA PRO A 33 14.26 6.34 10.45
C PRO A 33 14.92 7.51 11.18
N GLN A 34 15.83 8.22 10.49
CA GLN A 34 16.56 9.35 11.02
C GLN A 34 16.71 10.37 9.90
N HIS A 35 17.49 10.08 8.86
CA HIS A 35 17.74 10.97 7.74
C HIS A 35 16.46 11.58 7.15
N THR A 36 15.53 10.73 6.71
CA THR A 36 14.25 11.12 6.12
C THR A 36 13.42 11.97 7.06
N ILE A 37 13.28 11.50 8.31
CA ILE A 37 12.52 12.13 9.36
C ILE A 37 13.10 13.53 9.65
N GLU A 38 14.42 13.62 9.71
CA GLU A 38 15.17 14.82 9.96
C GLU A 38 14.82 15.83 8.90
N THR A 39 14.94 15.46 7.62
CA THR A 39 14.65 16.34 6.50
C THR A 39 13.17 16.74 6.49
N TYR A 40 12.22 15.88 6.90
CA TYR A 40 10.80 16.23 6.95
C TYR A 40 10.63 17.40 7.93
N ARG A 41 11.22 17.24 9.13
CA ARG A 41 11.19 18.22 10.20
C ARG A 41 11.87 19.50 9.71
N GLN A 42 13.04 19.35 9.08
CA GLN A 42 13.85 20.42 8.55
C GLN A 42 13.12 21.24 7.51
N GLN A 43 12.42 20.60 6.56
CA GLN A 43 11.67 21.24 5.49
C GLN A 43 10.56 22.12 6.07
N GLN A 44 9.80 21.61 7.05
CA GLN A 44 8.73 22.39 7.61
C GLN A 44 9.28 23.68 8.25
N GLN A 45 10.30 23.56 9.10
CA GLN A 45 10.90 24.71 9.76
C GLN A 45 11.59 25.63 8.75
N GLN A 46 12.20 25.09 7.69
CA GLN A 46 12.88 25.87 6.66
C GLN A 46 11.98 26.96 6.11
N GLN A 47 10.69 26.68 5.92
CA GLN A 47 9.74 27.66 5.41
C GLN A 47 9.79 28.93 6.27
N HIS A 48 9.78 28.79 7.59
CA HIS A 48 9.86 29.93 8.51
C HIS A 48 11.30 30.45 8.55
N GLN A 49 12.30 29.58 8.49
CA GLN A 49 13.70 29.94 8.52
C GLN A 49 14.05 30.89 7.37
N HIS A 50 13.47 30.71 6.19
CA HIS A 50 13.73 31.57 5.03
C HIS A 50 13.33 33.02 5.34
N LEU A 51 12.27 33.23 6.13
CA LEU A 51 11.82 34.57 6.49
C LEU A 51 12.83 35.25 7.43
N LEU A 52 13.56 34.46 8.22
CA LEU A 52 14.59 34.89 9.16
C LEU A 52 16.00 34.65 8.58
N GLN A 53 16.12 34.45 7.26
CA GLN A 53 17.41 34.21 6.61
C GLN A 53 18.37 35.38 6.84
N LYS A 54 19.66 35.07 6.89
CA LYS A 54 20.74 36.04 7.10
C LYS A 54 21.83 35.83 6.05
N GLN A 55 22.84 36.69 6.07
CA GLN A 55 23.99 36.65 5.18
C GLN A 55 24.91 35.49 5.64
N THR A 56 26.09 35.35 5.05
CA THR A 56 27.05 34.30 5.39
C THR A 56 27.58 34.50 6.83
N SER A 57 28.38 33.51 7.25
CA SER A 57 29.04 33.40 8.53
C SER A 57 30.45 33.99 8.35
N ILE A 58 31.35 33.72 9.31
CA ILE A 58 32.75 34.16 9.27
C ILE A 58 33.58 33.24 8.35
N GLN A 59 32.91 32.44 7.52
CA GLN A 59 33.47 31.50 6.56
C GLN A 59 33.34 32.16 5.19
N SER A 60 34.49 32.36 4.53
CA SER A 60 34.63 32.93 3.21
C SER A 60 34.42 31.81 2.21
N GLY B 1 5.85 26.25 -1.93
CA GLY B 1 4.40 26.26 -2.19
C GLY B 1 3.65 25.83 -0.96
N SER B 2 2.64 26.60 -0.55
CA SER B 2 1.83 26.28 0.62
C SER B 2 1.10 24.93 0.45
N ASP B 3 0.69 24.61 -0.78
CA ASP B 3 0.00 23.37 -1.15
C ASP B 3 -1.19 23.07 -0.23
N GLU B 4 -2.10 24.03 -0.15
CA GLU B 4 -3.28 23.97 0.69
C GLU B 4 -4.32 22.92 0.30
N ASP B 5 -4.41 22.52 -0.97
CA ASP B 5 -5.37 21.50 -1.37
C ASP B 5 -4.88 20.16 -0.84
N THR B 6 -5.82 19.30 -0.47
CA THR B 6 -5.51 17.97 0.05
C THR B 6 -6.55 16.98 -0.48
N TYR B 7 -6.24 15.68 -0.45
CA TYR B 7 -7.14 14.62 -0.91
C TYR B 7 -7.54 13.83 0.33
N TYR B 8 -8.84 13.60 0.48
CA TYR B 8 -9.41 12.88 1.61
C TYR B 8 -9.90 11.49 1.23
N LEU B 9 -10.04 10.64 2.25
CA LEU B 9 -10.52 9.26 2.16
C LEU B 9 -11.35 9.00 3.42
N GLN B 10 -12.26 8.03 3.34
CA GLN B 10 -13.15 7.60 4.41
C GLN B 10 -13.44 6.11 4.16
N VAL B 11 -12.78 5.21 4.89
CA VAL B 11 -12.92 3.76 4.73
C VAL B 11 -12.71 2.97 6.02
N ARG B 12 -13.35 1.81 6.16
CA ARG B 12 -13.18 0.97 7.34
C ARG B 12 -12.59 -0.37 6.91
N GLY B 13 -11.29 -0.51 7.14
CA GLY B 13 -10.48 -1.69 6.90
C GLY B 13 -9.49 -1.65 8.05
N ARG B 14 -9.57 -2.49 9.08
CA ARG B 14 -8.63 -2.44 10.22
C ARG B 14 -7.19 -2.67 9.75
N LYS B 15 -6.95 -3.80 9.09
CA LYS B 15 -5.63 -4.15 8.59
C LYS B 15 -5.19 -3.12 7.57
N ASN B 16 -6.12 -2.68 6.70
CA ASN B 16 -5.80 -1.70 5.68
C ASN B 16 -5.35 -0.40 6.28
N PHE B 17 -6.09 0.19 7.21
CA PHE B 17 -5.69 1.45 7.86
C PHE B 17 -4.28 1.37 8.43
N GLU B 18 -3.97 0.34 9.24
CA GLU B 18 -2.64 0.22 9.83
C GLU B 18 -1.56 0.15 8.75
N ILE B 19 -1.70 -0.77 7.79
CA ILE B 19 -0.74 -0.95 6.72
C ILE B 19 -0.63 0.32 5.87
N LEU B 20 -1.74 0.82 5.36
CA LEU B 20 -1.81 2.02 4.53
C LEU B 20 -1.16 3.17 5.25
N MET B 21 -1.36 3.37 6.56
CA MET B 21 -0.71 4.46 7.30
C MET B 21 0.81 4.33 7.15
N LYS B 22 1.35 3.13 7.42
CA LYS B 22 2.78 2.89 7.32
C LYS B 22 3.26 3.15 5.90
N LEU B 23 2.62 2.54 4.89
CA LEU B 23 2.99 2.70 3.49
C LEU B 23 2.94 4.16 3.07
N LYS B 24 1.90 4.89 3.48
CA LYS B 24 1.70 6.29 3.16
C LYS B 24 2.81 7.15 3.72
N GLU B 25 3.05 7.11 5.03
CA GLU B 25 4.09 7.92 5.67
C GLU B 25 5.45 7.54 5.09
N SER B 26 5.72 6.25 4.88
CA SER B 26 6.98 5.81 4.32
C SER B 26 7.17 6.39 2.92
N LEU B 27 6.11 6.43 2.09
CA LEU B 27 6.20 6.98 0.74
C LEU B 27 6.32 8.50 0.81
N GLU B 28 5.68 9.19 1.77
CA GLU B 28 5.75 10.65 1.93
C GLU B 28 7.20 11.04 2.27
N LEU B 29 7.84 10.24 3.12
CA LEU B 29 9.22 10.45 3.53
C LEU B 29 10.11 10.23 2.31
N MET B 30 9.96 9.08 1.66
CA MET B 30 10.71 8.72 0.46
C MET B 30 10.53 9.78 -0.64
N GLU B 31 9.34 10.39 -0.74
CA GLU B 31 9.01 11.43 -1.72
C GLU B 31 9.80 12.71 -1.46
N LEU B 32 9.95 13.13 -0.20
CA LEU B 32 10.69 14.36 0.06
C LEU B 32 12.20 14.23 -0.13
N VAL B 33 12.79 13.06 0.16
CA VAL B 33 14.25 12.86 0.00
C VAL B 33 14.60 12.42 -1.43
N PRO B 34 15.79 12.78 -1.97
CA PRO B 34 16.22 12.37 -3.30
C PRO B 34 16.64 10.89 -3.20
N GLN B 35 17.93 10.55 -3.24
CA GLN B 35 18.39 9.16 -3.13
C GLN B 35 19.81 9.09 -2.53
N PRO B 36 19.98 9.30 -1.22
CA PRO B 36 21.28 9.23 -0.52
C PRO B 36 21.68 7.77 -0.21
N LEU B 37 21.49 7.32 1.06
CA LEU B 37 21.82 5.96 1.47
C LEU B 37 21.11 4.95 0.57
N VAL B 38 19.89 5.29 0.14
CA VAL B 38 19.04 4.50 -0.74
C VAL B 38 19.83 4.09 -1.99
N ASP B 39 20.42 5.05 -2.71
CA ASP B 39 21.19 4.80 -3.92
C ASP B 39 22.37 3.90 -3.61
N SER B 40 23.13 4.26 -2.55
CA SER B 40 24.29 3.49 -2.14
C SER B 40 23.93 2.02 -1.87
N TYR B 41 22.89 1.80 -1.07
CA TYR B 41 22.44 0.47 -0.70
C TYR B 41 21.87 -0.27 -1.91
N ARG B 42 21.19 0.41 -2.85
CA ARG B 42 20.62 -0.25 -4.01
C ARG B 42 21.74 -0.95 -4.76
N GLN B 43 22.86 -0.27 -5.03
CA GLN B 43 23.97 -0.91 -5.75
C GLN B 43 24.68 -1.95 -4.89
N GLN B 44 24.93 -1.64 -3.60
CA GLN B 44 25.62 -2.57 -2.72
C GLN B 44 24.89 -3.91 -2.64
N GLN B 45 23.57 -3.88 -2.49
CA GLN B 45 22.73 -5.07 -2.40
C GLN B 45 22.51 -5.67 -3.79
N GLN B 46 22.46 -4.88 -4.87
CA GLN B 46 22.28 -5.39 -6.23
C GLN B 46 23.39 -6.39 -6.55
N LEU B 47 24.62 -6.13 -6.08
CA LEU B 47 25.77 -7.01 -6.29
C LEU B 47 25.56 -8.40 -5.68
N LEU B 48 24.61 -8.59 -4.76
CA LEU B 48 24.29 -9.87 -4.12
C LEU B 48 23.45 -10.75 -5.06
N GLN B 49 22.81 -10.19 -6.08
CA GLN B 49 21.99 -10.94 -7.02
C GLN B 49 22.50 -10.71 -8.44
N ARG B 50 21.93 -11.43 -9.40
CA ARG B 50 22.31 -11.34 -10.81
C ARG B 50 21.40 -10.31 -11.44
N SER C 1 9.76 -6.28 -17.84
CA SER C 1 8.60 -6.29 -18.75
C SER C 1 7.47 -7.11 -18.13
N ASP C 2 6.41 -7.39 -18.89
CA ASP C 2 5.25 -8.19 -18.46
C ASP C 2 5.46 -9.62 -18.95
N ASP C 3 6.53 -9.87 -19.71
CA ASP C 3 6.89 -11.15 -20.28
C ASP C 3 8.10 -11.79 -19.63
N GLU C 4 8.97 -11.01 -18.97
CA GLU C 4 10.14 -11.58 -18.31
C GLU C 4 9.74 -12.07 -16.91
N LEU C 5 10.25 -13.24 -16.53
CA LEU C 5 9.99 -13.86 -15.23
C LEU C 5 10.87 -13.15 -14.21
N LEU C 6 10.31 -12.31 -13.32
CA LEU C 6 11.11 -11.59 -12.33
C LEU C 6 11.02 -12.23 -10.95
N TYR C 7 11.93 -11.84 -10.06
CA TYR C 7 12.04 -12.32 -8.69
C TYR C 7 12.45 -11.14 -7.79
N LEU C 8 12.15 -11.20 -6.50
CA LEU C 8 12.48 -10.15 -5.53
C LEU C 8 13.06 -10.80 -4.26
N PRO C 9 14.38 -10.72 -3.98
CA PRO C 9 14.98 -11.31 -2.78
C PRO C 9 14.76 -10.43 -1.55
N VAL C 10 14.03 -10.90 -0.52
CA VAL C 10 13.78 -10.10 0.69
C VAL C 10 13.73 -11.01 1.93
N ARG C 11 14.18 -10.49 3.09
CA ARG C 11 14.15 -11.23 4.35
C ARG C 11 13.59 -10.32 5.45
N GLY C 12 12.34 -10.51 5.80
CA GLY C 12 11.60 -9.81 6.84
C GLY C 12 10.32 -10.61 7.04
N ARG C 13 9.95 -11.04 8.25
CA ARG C 13 8.72 -11.80 8.46
C ARG C 13 7.54 -10.91 8.13
N GLU C 14 7.50 -9.72 8.73
CA GLU C 14 6.43 -8.76 8.54
C GLU C 14 6.46 -8.23 7.11
N THR C 15 7.67 -7.94 6.62
CA THR C 15 7.93 -7.45 5.28
C THR C 15 7.33 -8.42 4.26
N TYR C 16 7.58 -9.72 4.43
CA TYR C 16 7.10 -10.78 3.56
C TYR C 16 5.58 -10.95 3.69
N GLU C 17 5.08 -11.07 4.92
CA GLU C 17 3.67 -11.27 5.23
C GLU C 17 2.78 -10.18 4.63
N MET C 18 3.13 -8.92 4.85
CA MET C 18 2.37 -7.79 4.34
C MET C 18 2.43 -7.76 2.82
N LEU C 19 3.64 -7.82 2.26
CA LEU C 19 3.83 -7.77 0.82
C LEU C 19 3.13 -8.91 0.08
N LEU C 20 3.17 -10.16 0.57
CA LEU C 20 2.50 -11.26 -0.14
C LEU C 20 0.99 -11.04 -0.05
N GLU C 21 0.46 -10.57 1.08
CA GLU C 21 -0.99 -10.33 1.22
C GLU C 21 -1.43 -9.32 0.17
N ILE C 22 -0.61 -8.27 -0.04
CA ILE C 22 -0.88 -7.23 -1.01
C ILE C 22 -0.64 -7.77 -2.44
N LYS C 23 0.38 -8.61 -2.65
CA LYS C 23 0.69 -9.20 -3.95
C LYS C 23 -0.49 -10.04 -4.42
N GLU C 24 -0.89 -10.98 -3.58
CA GLU C 24 -1.97 -11.91 -3.83
C GLU C 24 -3.29 -11.18 -4.02
N SER C 25 -3.68 -10.31 -3.08
CA SER C 25 -4.94 -9.61 -3.22
C SER C 25 -5.07 -8.84 -4.53
N LEU C 26 -4.08 -8.01 -4.86
CA LEU C 26 -4.13 -7.22 -6.08
C LEU C 26 -4.03 -8.07 -7.32
N GLU C 27 -3.16 -9.08 -7.34
CA GLU C 27 -3.03 -9.93 -8.51
C GLU C 27 -4.34 -10.65 -8.77
N LEU C 28 -4.99 -11.21 -7.75
CA LEU C 28 -6.26 -11.91 -7.91
C LEU C 28 -7.34 -10.91 -8.30
N MET C 29 -7.46 -9.79 -7.58
CA MET C 29 -8.48 -8.77 -7.86
C MET C 29 -8.35 -8.30 -9.32
N GLN C 30 -7.14 -8.05 -9.84
CA GLN C 30 -6.96 -7.60 -11.22
C GLN C 30 -7.02 -8.74 -12.24
N TYR C 31 -6.83 -10.00 -11.83
CA TYR C 31 -6.87 -11.14 -12.75
C TYR C 31 -8.31 -11.64 -12.91
N LEU C 32 -9.14 -11.42 -11.88
CA LEU C 32 -10.55 -11.80 -11.84
C LEU C 32 -11.39 -10.65 -11.25
N PRO C 33 -11.43 -9.44 -11.88
CA PRO C 33 -12.24 -8.32 -11.41
C PRO C 33 -13.71 -8.59 -11.83
N GLN C 34 -14.25 -9.73 -11.37
CA GLN C 34 -15.57 -10.23 -11.62
C GLN C 34 -16.13 -10.72 -10.29
N HIS C 35 -15.60 -11.85 -9.77
CA HIS C 35 -16.05 -12.47 -8.54
C HIS C 35 -16.08 -11.52 -7.34
N THR C 36 -14.97 -10.90 -6.98
CA THR C 36 -14.89 -9.97 -5.86
C THR C 36 -15.89 -8.82 -5.99
N ILE C 37 -15.95 -8.24 -7.20
CA ILE C 37 -16.82 -7.13 -7.54
C ILE C 37 -18.30 -7.56 -7.43
N GLU C 38 -18.59 -8.82 -7.75
CA GLU C 38 -19.93 -9.40 -7.69
C GLU C 38 -20.28 -9.53 -6.22
N THR C 39 -19.47 -10.23 -5.42
CA THR C 39 -19.72 -10.43 -4.00
C THR C 39 -19.92 -9.08 -3.29
N TYR C 40 -19.15 -8.02 -3.60
CA TYR C 40 -19.33 -6.70 -2.97
C TYR C 40 -20.74 -6.18 -3.24
N ARG C 41 -21.10 -6.13 -4.53
CA ARG C 41 -22.39 -5.62 -4.98
C ARG C 41 -23.54 -6.48 -4.46
N GLN C 42 -23.32 -7.79 -4.36
CA GLN C 42 -24.30 -8.75 -3.89
C GLN C 42 -24.50 -8.58 -2.38
N GLN C 43 -23.44 -8.48 -1.58
CA GLN C 43 -23.50 -8.33 -0.14
C GLN C 43 -24.25 -7.05 0.24
N GLN C 44 -24.03 -5.93 -0.45
CA GLN C 44 -24.75 -4.71 -0.11
C GLN C 44 -26.23 -4.89 -0.44
N GLN C 45 -26.54 -5.40 -1.64
CA GLN C 45 -27.91 -5.63 -2.08
C GLN C 45 -28.64 -6.57 -1.11
N GLN C 46 -27.95 -7.62 -0.62
CA GLN C 46 -28.49 -8.60 0.31
C GLN C 46 -29.06 -7.92 1.56
N GLN C 47 -28.49 -6.80 2.01
CA GLN C 47 -28.97 -6.11 3.19
C GLN C 47 -30.45 -5.75 3.03
N HIS C 48 -30.81 -5.08 1.93
CA HIS C 48 -32.21 -4.73 1.68
C HIS C 48 -32.99 -5.98 1.28
N GLN C 49 -32.34 -7.00 0.70
CA GLN C 49 -33.01 -8.24 0.31
C GLN C 49 -33.51 -8.99 1.55
N HIS C 50 -32.76 -8.96 2.67
CA HIS C 50 -33.14 -9.63 3.91
C HIS C 50 -34.49 -9.12 4.42
N LEU C 51 -34.82 -7.84 4.21
CA LEU C 51 -36.10 -7.29 4.66
C LEU C 51 -37.25 -7.92 3.87
N LEU C 52 -36.99 -8.35 2.63
CA LEU C 52 -37.91 -8.99 1.69
C LEU C 52 -37.66 -10.52 1.66
N GLN C 53 -36.96 -11.09 2.64
CA GLN C 53 -36.63 -12.51 2.70
C GLN C 53 -37.87 -13.41 2.63
N LYS C 54 -38.15 -13.95 1.44
CA LYS C 54 -39.28 -14.85 1.22
C LYS C 54 -38.87 -16.26 1.68
N GLN C 55 -39.85 -17.15 1.71
CA GLN C 55 -39.67 -18.56 2.08
C GLN C 55 -39.01 -19.28 0.88
N THR C 56 -38.89 -20.60 0.94
CA THR C 56 -38.30 -21.40 -0.12
C THR C 56 -39.11 -21.34 -1.43
N SER C 57 -38.53 -21.94 -2.47
CA SER C 57 -39.06 -22.07 -3.81
C SER C 57 -39.79 -23.42 -3.90
N ILE C 58 -40.10 -23.86 -5.12
CA ILE C 58 -40.78 -25.13 -5.38
C ILE C 58 -39.77 -26.30 -5.26
N GLN C 59 -38.52 -26.03 -4.86
CA GLN C 59 -37.45 -26.99 -4.67
C GLN C 59 -37.52 -27.47 -3.23
N SER C 60 -37.63 -28.78 -3.05
CA SER C 60 -37.67 -29.47 -1.78
C SER C 60 -36.23 -29.76 -1.37
N GLY D 1 -24.07 -6.01 10.95
CA GLY D 1 -23.77 -4.69 11.54
C GLY D 1 -23.78 -3.62 10.46
N SER D 2 -23.28 -2.44 10.80
CA SER D 2 -23.22 -1.30 9.89
C SER D 2 -21.82 -0.71 9.82
N ASP D 3 -21.17 -0.59 10.98
CA ASP D 3 -19.84 -0.04 11.16
C ASP D 3 -19.78 1.29 10.43
N GLU D 4 -20.67 2.19 10.89
CA GLU D 4 -20.81 3.55 10.38
C GLU D 4 -19.53 4.31 10.66
N ASP D 5 -18.80 3.93 11.71
CA ASP D 5 -17.53 4.52 12.13
C ASP D 5 -16.50 4.16 11.07
N THR D 6 -15.95 5.17 10.39
CA THR D 6 -14.95 5.00 9.34
C THR D 6 -13.64 5.67 9.73
N TYR D 7 -12.56 5.32 9.04
CA TYR D 7 -11.26 5.92 9.30
C TYR D 7 -11.10 6.94 8.19
N TYR D 8 -10.79 8.17 8.58
CA TYR D 8 -10.58 9.30 7.70
C TYR D 8 -9.08 9.57 7.56
N LEU D 9 -8.64 10.00 6.37
CA LEU D 9 -7.25 10.30 6.08
C LEU D 9 -7.20 11.56 5.22
N GLN D 10 -6.12 12.33 5.32
CA GLN D 10 -5.88 13.56 4.57
C GLN D 10 -4.41 13.61 4.15
N VAL D 11 -4.13 13.48 2.85
CA VAL D 11 -2.78 13.51 2.28
C VAL D 11 -2.79 13.94 0.82
N ARG D 12 -1.71 14.57 0.34
CA ARG D 12 -1.59 14.99 -1.05
C ARG D 12 -0.30 14.38 -1.61
N GLY D 13 -0.45 13.29 -2.35
CA GLY D 13 0.61 12.56 -3.02
C GLY D 13 0.02 12.07 -4.31
N ARG D 14 0.52 12.43 -5.49
CA ARG D 14 -0.07 11.94 -6.73
C ARG D 14 0.11 10.41 -6.78
N LYS D 15 1.35 9.92 -6.67
CA LYS D 15 1.57 8.47 -6.71
C LYS D 15 1.04 7.81 -5.45
N ASN D 16 1.19 8.46 -4.29
CA ASN D 16 0.75 7.88 -3.01
C ASN D 16 -0.76 7.60 -3.05
N PHE D 17 -1.61 8.57 -3.41
CA PHE D 17 -3.06 8.41 -3.51
C PHE D 17 -3.44 7.37 -4.57
N GLU D 18 -2.79 7.38 -5.73
CA GLU D 18 -3.07 6.45 -6.82
C GLU D 18 -2.84 5.00 -6.40
N ILE D 19 -1.66 4.69 -5.88
CA ILE D 19 -1.33 3.35 -5.46
C ILE D 19 -2.13 2.98 -4.21
N LEU D 20 -2.21 3.86 -3.19
CA LEU D 20 -2.95 3.57 -1.97
C LEU D 20 -4.39 3.24 -2.29
N MET D 21 -5.08 3.99 -3.18
CA MET D 21 -6.47 3.67 -3.51
C MET D 21 -6.54 2.28 -4.12
N LYS D 22 -5.64 1.95 -5.06
CA LYS D 22 -5.64 0.62 -5.68
C LYS D 22 -5.50 -0.45 -4.59
N LEU D 23 -4.52 -0.30 -3.68
CA LEU D 23 -4.28 -1.24 -2.59
C LEU D 23 -5.50 -1.36 -1.69
N LYS D 24 -6.05 -0.23 -1.27
CA LYS D 24 -7.20 -0.14 -0.39
C LYS D 24 -8.37 -0.94 -0.94
N GLU D 25 -8.83 -0.58 -2.14
CA GLU D 25 -9.95 -1.22 -2.81
C GLU D 25 -9.70 -2.73 -2.93
N SER D 26 -8.49 -3.09 -3.39
CA SER D 26 -8.07 -4.47 -3.57
C SER D 26 -8.27 -5.27 -2.29
N LEU D 27 -7.72 -4.79 -1.17
CA LEU D 27 -7.82 -5.50 0.10
C LEU D 27 -9.25 -5.44 0.67
N GLU D 28 -10.03 -4.37 0.44
CA GLU D 28 -11.41 -4.30 0.95
C GLU D 28 -12.23 -5.44 0.32
N LEU D 29 -12.00 -5.66 -0.97
CA LEU D 29 -12.64 -6.71 -1.74
C LEU D 29 -12.11 -8.05 -1.21
N MET D 30 -10.78 -8.15 -1.05
CA MET D 30 -10.14 -9.35 -0.53
C MET D 30 -10.68 -9.73 0.85
N GLU D 31 -11.01 -8.75 1.71
CA GLU D 31 -11.54 -8.93 3.05
C GLU D 31 -12.95 -9.50 3.01
N LEU D 32 -13.81 -9.01 2.10
CA LEU D 32 -15.19 -9.52 2.02
C LEU D 32 -15.29 -10.91 1.40
N VAL D 33 -14.34 -11.32 0.56
CA VAL D 33 -14.34 -12.66 -0.05
C VAL D 33 -13.52 -13.61 0.84
N PRO D 34 -13.85 -14.92 0.89
CA PRO D 34 -13.12 -15.88 1.69
C PRO D 34 -11.79 -16.18 0.97
N GLN D 35 -11.62 -17.34 0.33
CA GLN D 35 -10.40 -17.67 -0.39
C GLN D 35 -10.81 -18.63 -1.53
N PRO D 36 -11.59 -18.14 -2.53
CA PRO D 36 -12.07 -18.97 -3.63
C PRO D 36 -10.97 -19.28 -4.67
N LEU D 37 -10.99 -18.59 -5.82
CA LEU D 37 -9.98 -18.80 -6.86
C LEU D 37 -8.60 -18.46 -6.32
N VAL D 38 -8.53 -17.57 -5.32
CA VAL D 38 -7.32 -17.14 -4.66
C VAL D 38 -6.54 -18.36 -4.16
N ASP D 39 -7.18 -19.20 -3.34
CA ASP D 39 -6.53 -20.38 -2.79
C ASP D 39 -6.24 -21.39 -3.88
N SER D 40 -7.17 -21.55 -4.83
CA SER D 40 -6.98 -22.50 -5.91
C SER D 40 -5.71 -22.14 -6.72
N TYR D 41 -5.57 -20.89 -7.16
CA TYR D 41 -4.43 -20.41 -7.92
C TYR D 41 -3.19 -20.42 -7.04
N ARG D 42 -3.34 -20.17 -5.73
CA ARG D 42 -2.22 -20.17 -4.81
C ARG D 42 -1.58 -21.54 -4.78
N GLN D 43 -2.32 -22.63 -4.64
CA GLN D 43 -1.69 -23.94 -4.59
C GLN D 43 -1.18 -24.35 -5.98
N GLN D 44 -2.01 -24.18 -7.02
CA GLN D 44 -1.66 -24.53 -8.40
C GLN D 44 -0.32 -23.90 -8.79
N GLN D 45 -0.14 -22.62 -8.48
CA GLN D 45 1.08 -21.89 -8.79
C GLN D 45 2.18 -22.13 -7.76
N GLN D 46 1.89 -22.48 -6.51
CA GLN D 46 2.92 -22.76 -5.51
C GLN D 46 3.77 -23.92 -6.05
N LEU D 47 3.14 -24.88 -6.74
CA LEU D 47 3.80 -26.03 -7.34
C LEU D 47 4.82 -25.63 -8.42
N LEU D 48 4.75 -24.40 -8.95
CA LEU D 48 5.65 -23.87 -9.97
C LEU D 48 7.07 -23.67 -9.43
N GLN D 49 7.21 -23.46 -8.11
CA GLN D 49 8.46 -23.23 -7.42
C GLN D 49 8.65 -24.25 -6.29
N ARG D 50 9.83 -24.26 -5.66
CA ARG D 50 10.12 -25.19 -4.58
C ARG D 50 9.49 -24.69 -3.29
N SER A 1 12.35 -19.23 9.32
CA SER A 1 11.11 -18.66 8.80
C SER A 1 11.21 -17.15 8.66
N ASP A 2 11.14 -16.44 9.78
CA ASP A 2 11.18 -14.99 9.96
C ASP A 2 12.54 -14.44 9.56
N ASP A 3 13.61 -15.17 9.91
CA ASP A 3 14.99 -14.82 9.64
C ASP A 3 15.52 -15.40 8.33
N GLU A 4 14.68 -16.12 7.58
CA GLU A 4 15.02 -16.77 6.33
C GLU A 4 14.99 -15.78 5.17
N LEU A 5 15.87 -15.96 4.18
CA LEU A 5 15.89 -15.12 2.99
C LEU A 5 14.86 -15.73 2.05
N LEU A 6 13.85 -14.95 1.67
CA LEU A 6 12.77 -15.40 0.81
C LEU A 6 12.95 -14.76 -0.57
N TYR A 7 12.30 -15.30 -1.59
CA TYR A 7 12.39 -14.83 -2.97
C TYR A 7 11.00 -14.92 -3.58
N LEU A 8 10.32 -13.78 -3.74
CA LEU A 8 8.97 -13.71 -4.29
C LEU A 8 9.01 -13.59 -5.83
N PRO A 9 8.60 -14.61 -6.61
CA PRO A 9 8.58 -14.57 -8.08
C PRO A 9 7.26 -13.98 -8.62
N VAL A 10 7.29 -12.91 -9.43
CA VAL A 10 6.10 -12.29 -10.04
C VAL A 10 6.51 -11.77 -11.43
N ARG A 11 5.58 -11.63 -12.37
CA ARG A 11 5.86 -11.10 -13.71
C ARG A 11 4.77 -10.09 -14.07
N GLY A 12 5.05 -8.80 -13.94
CA GLY A 12 4.17 -7.70 -14.25
C GLY A 12 5.03 -6.43 -14.26
N ARG A 13 4.92 -5.53 -15.23
CA ARG A 13 5.77 -4.33 -15.18
C ARG A 13 5.33 -3.41 -14.05
N GLU A 14 4.04 -3.07 -14.01
CA GLU A 14 3.47 -2.21 -13.01
C GLU A 14 3.52 -2.87 -11.65
N THR A 15 3.19 -4.17 -11.59
CA THR A 15 3.20 -4.93 -10.36
C THR A 15 4.64 -5.06 -9.83
N TYR A 16 5.68 -5.14 -10.67
CA TYR A 16 7.05 -5.22 -10.15
C TYR A 16 7.45 -3.86 -9.62
N GLU A 17 7.22 -2.81 -10.40
CA GLU A 17 7.55 -1.43 -10.03
C GLU A 17 6.95 -1.08 -8.69
N MET A 18 5.63 -1.22 -8.54
CA MET A 18 4.98 -0.90 -7.28
C MET A 18 5.52 -1.76 -6.14
N LEU A 19 5.73 -3.07 -6.32
CA LEU A 19 6.24 -3.88 -5.23
C LEU A 19 7.64 -3.46 -4.82
N LEU A 20 8.55 -3.26 -5.77
CA LEU A 20 9.92 -2.88 -5.47
C LEU A 20 9.95 -1.50 -4.80
N GLU A 21 9.38 -0.50 -5.44
CA GLU A 21 9.34 0.89 -4.98
C GLU A 21 8.69 1.03 -3.59
N ILE A 22 7.54 0.40 -3.38
CA ILE A 22 6.81 0.47 -2.11
C ILE A 22 7.54 -0.38 -1.04
N LYS A 23 8.15 -1.52 -1.41
CA LYS A 23 8.85 -2.33 -0.42
C LYS A 23 10.08 -1.57 0.03
N GLU A 24 10.87 -1.05 -0.93
CA GLU A 24 12.07 -0.29 -0.70
C GLU A 24 11.80 0.90 0.22
N SER A 25 10.79 1.73 -0.09
CA SER A 25 10.46 2.89 0.73
C SER A 25 10.15 2.47 2.17
N LEU A 26 9.42 1.37 2.39
CA LEU A 26 9.09 0.91 3.74
C LEU A 26 10.31 0.41 4.47
N GLU A 27 11.07 -0.45 3.80
CA GLU A 27 12.27 -1.10 4.27
C GLU A 27 13.36 -0.09 4.64
N LEU A 28 13.72 0.81 3.72
CA LEU A 28 14.76 1.81 3.94
C LEU A 28 14.32 2.79 5.02
N MET A 29 13.05 3.18 5.08
CA MET A 29 12.63 4.09 6.14
C MET A 29 12.81 3.35 7.48
N GLN A 30 12.39 2.09 7.58
CA GLN A 30 12.54 1.29 8.80
C GLN A 30 14.03 1.06 9.11
N TYR A 31 14.93 1.15 8.12
CA TYR A 31 16.38 0.98 8.28
C TYR A 31 17.06 2.31 8.64
N LEU A 32 16.47 3.44 8.26
CA LEU A 32 16.95 4.80 8.49
C LEU A 32 15.79 5.63 9.04
N PRO A 33 15.27 5.28 10.24
CA PRO A 33 14.15 5.96 10.85
C PRO A 33 14.46 7.34 11.41
N GLN A 34 15.67 7.88 11.19
CA GLN A 34 16.08 9.19 11.69
C GLN A 34 16.27 10.16 10.52
N HIS A 35 17.13 9.83 9.54
CA HIS A 35 17.40 10.70 8.38
C HIS A 35 16.14 11.26 7.70
N THR A 36 15.20 10.39 7.33
CA THR A 36 13.97 10.81 6.66
C THR A 36 13.12 11.72 7.56
N ILE A 37 12.90 11.30 8.81
CA ILE A 37 12.10 12.05 9.78
C ILE A 37 12.71 13.41 10.08
N GLU A 38 14.05 13.50 10.09
CA GLU A 38 14.81 14.71 10.34
C GLU A 38 14.46 15.74 9.25
N THR A 39 14.65 15.39 7.98
CA THR A 39 14.34 16.31 6.89
C THR A 39 12.85 16.66 6.91
N TYR A 40 11.97 15.66 7.14
CA TYR A 40 10.53 15.86 7.19
C TYR A 40 10.13 16.91 8.22
N ARG A 41 10.57 16.76 9.48
CA ARG A 41 10.20 17.71 10.51
C ARG A 41 10.78 19.08 10.22
N GLN A 42 12.02 19.16 9.73
CA GLN A 42 12.64 20.43 9.41
C GLN A 42 11.79 21.14 8.34
N GLN A 43 11.44 20.43 7.26
CA GLN A 43 10.63 20.92 6.14
C GLN A 43 9.26 21.39 6.65
N GLN A 44 8.58 20.58 7.45
CA GLN A 44 7.26 20.90 8.00
C GLN A 44 7.32 22.23 8.77
N GLN A 45 8.34 22.41 9.60
CA GLN A 45 8.57 23.60 10.40
C GLN A 45 8.96 24.80 9.51
N GLN A 46 9.83 24.59 8.52
CA GLN A 46 10.30 25.60 7.57
C GLN A 46 9.10 26.23 6.87
N GLN A 47 8.23 25.38 6.31
CA GLN A 47 7.02 25.83 5.62
C GLN A 47 6.21 26.72 6.55
N HIS A 48 5.94 26.30 7.80
CA HIS A 48 5.17 27.11 8.74
C HIS A 48 5.88 28.43 9.09
N GLN A 49 7.21 28.47 9.06
CA GLN A 49 7.99 29.67 9.35
C GLN A 49 7.80 30.68 8.20
N HIS A 50 8.19 30.25 6.99
CA HIS A 50 8.12 31.05 5.77
C HIS A 50 6.70 31.51 5.44
N LEU A 51 5.68 30.85 6.01
CA LEU A 51 4.27 31.15 5.83
C LEU A 51 3.94 32.56 6.36
N LEU A 52 4.68 33.04 7.37
CA LEU A 52 4.46 34.37 7.94
C LEU A 52 5.34 35.38 7.24
N GLN A 53 6.66 35.31 7.47
CA GLN A 53 7.67 36.19 6.91
C GLN A 53 9.03 35.48 7.07
N LYS A 54 10.07 36.00 6.40
CA LYS A 54 11.45 35.50 6.39
C LYS A 54 11.54 34.17 5.64
N GLN A 55 12.24 34.18 4.51
CA GLN A 55 12.47 33.02 3.65
C GLN A 55 13.98 32.78 3.60
N THR A 56 14.40 31.62 3.08
CA THR A 56 15.79 31.22 2.93
C THR A 56 15.96 30.71 1.49
N SER A 57 15.30 29.61 1.12
CA SER A 57 15.33 29.00 -0.22
C SER A 57 16.72 28.86 -0.85
N ILE A 58 17.74 28.50 -0.06
CA ILE A 58 19.08 28.33 -0.60
C ILE A 58 19.08 27.22 -1.67
N GLN A 59 19.85 27.42 -2.74
CA GLN A 59 20.01 26.53 -3.87
C GLN A 59 21.50 26.33 -4.11
N SER A 60 21.86 25.23 -4.79
CA SER A 60 23.21 24.83 -5.14
C SER A 60 23.16 24.17 -6.51
N GLY B 1 -3.43 19.66 -16.45
CA GLY B 1 -4.00 19.99 -15.15
C GLY B 1 -2.87 20.26 -14.20
N SER B 2 -2.98 19.79 -12.96
CA SER B 2 -1.98 19.99 -11.94
C SER B 2 -2.13 18.87 -10.89
N ASP B 3 -1.29 18.94 -9.87
CA ASP B 3 -1.21 18.06 -8.71
C ASP B 3 -1.01 19.04 -7.56
N GLU B 4 -2.08 19.72 -7.21
CA GLU B 4 -2.10 20.73 -6.16
C GLU B 4 -3.18 20.55 -5.09
N ASP B 5 -4.19 19.71 -5.31
CA ASP B 5 -5.27 19.46 -4.35
C ASP B 5 -4.89 18.34 -3.39
N THR B 6 -5.51 18.31 -2.21
CA THR B 6 -5.24 17.25 -1.23
C THR B 6 -6.15 16.07 -1.58
N TYR B 7 -5.75 14.84 -1.25
CA TYR B 7 -6.55 13.66 -1.51
C TYR B 7 -7.05 13.15 -0.17
N TYR B 8 -8.28 12.64 -0.16
CA TYR B 8 -8.97 12.15 1.02
C TYR B 8 -9.27 10.66 0.87
N LEU B 9 -9.55 9.95 1.97
CA LEU B 9 -9.88 8.53 1.94
C LEU B 9 -10.59 8.15 3.24
N GLN B 10 -11.84 7.70 3.14
CA GLN B 10 -12.69 7.32 4.27
C GLN B 10 -13.08 5.83 4.13
N VAL B 11 -12.45 4.94 4.90
CA VAL B 11 -12.71 3.50 4.86
C VAL B 11 -12.46 2.87 6.23
N ARG B 12 -13.17 1.78 6.56
CA ARG B 12 -13.05 1.05 7.82
C ARG B 12 -12.35 -0.30 7.54
N GLY B 13 -11.06 -0.44 7.84
CA GLY B 13 -10.30 -1.68 7.66
C GLY B 13 -9.30 -1.82 8.80
N ARG B 14 -9.29 -2.89 9.61
CA ARG B 14 -8.32 -2.94 10.73
C ARG B 14 -6.86 -3.09 10.26
N LYS B 15 -6.54 -4.15 9.53
CA LYS B 15 -5.18 -4.38 9.03
C LYS B 15 -4.93 -3.40 7.89
N ASN B 16 -5.93 -3.29 7.03
CA ASN B 16 -5.94 -2.46 5.85
C ASN B 16 -5.53 -1.03 6.20
N PHE B 17 -6.14 -0.38 7.21
CA PHE B 17 -5.76 0.97 7.56
C PHE B 17 -4.39 1.01 8.25
N GLU B 18 -4.09 0.04 9.14
CA GLU B 18 -2.79 0.01 9.82
C GLU B 18 -1.66 0.06 8.79
N ILE B 19 -1.72 -0.86 7.82
CA ILE B 19 -0.77 -1.00 6.72
C ILE B 19 -0.78 0.27 5.87
N LEU B 20 -1.96 0.79 5.49
CA LEU B 20 -2.05 1.99 4.68
C LEU B 20 -1.36 3.17 5.36
N MET B 21 -1.49 3.37 6.68
CA MET B 21 -0.82 4.48 7.35
C MET B 21 0.69 4.29 7.31
N LYS B 22 1.17 3.07 7.59
CA LYS B 22 2.59 2.76 7.56
C LYS B 22 3.15 3.12 6.18
N LEU B 23 2.44 2.73 5.13
CA LEU B 23 2.80 2.99 3.73
C LEU B 23 2.61 4.46 3.32
N LYS B 24 1.69 5.20 3.96
CA LYS B 24 1.41 6.60 3.66
C LYS B 24 2.65 7.43 3.98
N GLU B 25 3.07 7.40 5.25
CA GLU B 25 4.24 8.15 5.69
C GLU B 25 5.47 7.61 4.96
N SER B 26 5.56 6.29 4.74
CA SER B 26 6.70 5.69 4.05
C SER B 26 6.97 6.34 2.69
N LEU B 27 5.97 6.43 1.82
CA LEU B 27 6.19 7.03 0.50
C LEU B 27 6.40 8.53 0.62
N GLU B 28 5.79 9.23 1.57
CA GLU B 28 6.00 10.67 1.72
C GLU B 28 7.47 10.93 2.07
N LEU B 29 8.02 10.13 2.99
CA LEU B 29 9.39 10.22 3.45
C LEU B 29 10.34 9.91 2.31
N MET B 30 10.12 8.79 1.61
CA MET B 30 10.94 8.38 0.47
C MET B 30 10.86 9.42 -0.66
N GLU B 31 9.73 10.13 -0.81
CA GLU B 31 9.53 11.14 -1.84
C GLU B 31 10.27 12.43 -1.48
N LEU B 32 10.24 12.88 -0.22
CA LEU B 32 10.91 14.14 0.14
C LEU B 32 12.43 14.04 0.29
N VAL B 33 12.96 12.91 0.75
CA VAL B 33 14.41 12.77 0.91
C VAL B 33 15.01 12.28 -0.42
N PRO B 34 16.26 12.71 -0.76
CA PRO B 34 16.94 12.29 -1.97
C PRO B 34 17.28 10.78 -1.87
N GLN B 35 18.04 10.23 -2.83
CA GLN B 35 18.38 8.81 -2.79
C GLN B 35 19.85 8.54 -2.42
N PRO B 36 20.37 8.89 -1.21
CA PRO B 36 21.76 8.63 -0.84
C PRO B 36 22.00 7.17 -0.45
N LEU B 37 21.82 6.80 0.83
CA LEU B 37 22.07 5.43 1.27
C LEU B 37 21.21 4.46 0.50
N VAL B 38 19.95 4.83 0.24
CA VAL B 38 19.01 3.99 -0.49
C VAL B 38 19.57 3.58 -1.86
N ASP B 39 20.10 4.49 -2.68
CA ASP B 39 20.61 4.12 -4.02
C ASP B 39 21.95 3.40 -3.93
N SER B 40 22.76 3.75 -2.93
CA SER B 40 24.05 3.12 -2.72
C SER B 40 23.79 1.65 -2.34
N TYR B 41 22.86 1.41 -1.42
CA TYR B 41 22.48 0.08 -0.97
C TYR B 41 21.73 -0.64 -2.09
N ARG B 42 20.87 0.05 -2.84
CA ARG B 42 20.12 -0.55 -3.94
C ARG B 42 21.06 -1.18 -4.94
N GLN B 43 22.10 -0.46 -5.37
CA GLN B 43 23.04 -0.99 -6.33
C GLN B 43 23.87 -2.10 -5.68
N GLN B 44 24.38 -1.89 -4.48
CA GLN B 44 25.19 -2.90 -3.80
C GLN B 44 24.40 -4.21 -3.62
N GLN B 45 23.14 -4.14 -3.21
CA GLN B 45 22.25 -5.27 -2.99
C GLN B 45 21.80 -5.86 -4.32
N GLN B 46 21.63 -5.07 -5.38
CA GLN B 46 21.23 -5.57 -6.69
C GLN B 46 22.27 -6.54 -7.23
N LEU B 47 23.56 -6.28 -6.98
CA LEU B 47 24.64 -7.16 -7.41
C LEU B 47 24.49 -8.55 -6.80
N LEU B 48 23.79 -8.68 -5.66
CA LEU B 48 23.55 -9.94 -4.96
C LEU B 48 22.56 -10.82 -5.75
N GLN B 49 21.86 -10.28 -6.76
CA GLN B 49 20.89 -11.00 -7.59
C GLN B 49 21.02 -10.53 -9.04
N ARG B 50 22.00 -11.08 -9.77
CA ARG B 50 22.35 -10.81 -11.16
C ARG B 50 22.95 -9.43 -11.25
N SER C 1 11.28 -6.98 -20.60
CA SER C 1 11.25 -6.53 -19.20
C SER C 1 9.90 -6.81 -18.56
N ASP C 2 8.81 -6.26 -19.10
CA ASP C 2 7.43 -6.38 -18.61
C ASP C 2 6.96 -7.82 -18.47
N ASP C 3 7.28 -8.66 -19.46
CA ASP C 3 6.91 -10.08 -19.55
C ASP C 3 7.95 -11.01 -18.92
N GLU C 4 9.03 -10.45 -18.36
CA GLU C 4 10.11 -11.22 -17.76
C GLU C 4 9.76 -11.71 -16.36
N LEU C 5 10.13 -12.96 -16.05
CA LEU C 5 9.89 -13.53 -14.73
C LEU C 5 10.91 -12.85 -13.82
N LEU C 6 10.42 -12.03 -12.89
CA LEU C 6 11.22 -11.27 -11.94
C LEU C 6 11.06 -11.89 -10.57
N TYR C 7 11.98 -11.58 -9.67
CA TYR C 7 12.01 -12.07 -8.31
C TYR C 7 12.36 -10.92 -7.37
N LEU C 8 11.78 -10.89 -6.17
CA LEU C 8 12.04 -9.87 -5.17
C LEU C 8 12.64 -10.59 -3.95
N PRO C 9 13.97 -10.66 -3.80
CA PRO C 9 14.62 -11.31 -2.68
C PRO C 9 14.54 -10.41 -1.44
N VAL C 10 13.83 -10.82 -0.39
CA VAL C 10 13.68 -10.04 0.83
C VAL C 10 13.67 -10.96 2.06
N ARG C 11 14.07 -10.44 3.22
CA ARG C 11 14.08 -11.15 4.48
C ARG C 11 13.44 -10.17 5.47
N GLY C 12 12.17 -10.36 5.80
CA GLY C 12 11.41 -9.55 6.73
C GLY C 12 10.16 -10.34 7.02
N ARG C 13 9.82 -10.71 8.25
CA ARG C 13 8.57 -11.47 8.45
C ARG C 13 7.37 -10.61 8.11
N GLU C 14 7.27 -9.40 8.69
CA GLU C 14 6.15 -8.52 8.40
C GLU C 14 6.21 -8.09 6.94
N THR C 15 7.39 -7.66 6.49
CA THR C 15 7.60 -7.20 5.12
C THR C 15 7.16 -8.26 4.11
N TYR C 16 7.45 -9.55 4.32
CA TYR C 16 7.05 -10.61 3.40
C TYR C 16 5.56 -10.89 3.50
N GLU C 17 5.02 -11.10 4.71
CA GLU C 17 3.59 -11.38 4.91
C GLU C 17 2.73 -10.30 4.25
N MET C 18 3.02 -9.02 4.54
CA MET C 18 2.25 -7.92 3.97
C MET C 18 2.42 -7.84 2.46
N LEU C 19 3.65 -7.99 1.92
CA LEU C 19 3.80 -7.91 0.46
C LEU C 19 3.02 -9.04 -0.19
N LEU C 20 3.07 -10.25 0.36
CA LEU C 20 2.36 -11.40 -0.19
C LEU C 20 0.87 -11.08 -0.24
N GLU C 21 0.28 -10.73 0.89
CA GLU C 21 -1.14 -10.42 0.99
C GLU C 21 -1.57 -9.30 0.03
N ILE C 22 -0.84 -8.18 0.01
CA ILE C 22 -1.13 -7.01 -0.83
C ILE C 22 -0.93 -7.32 -2.33
N LYS C 23 0.07 -8.13 -2.69
CA LYS C 23 0.31 -8.46 -4.10
C LYS C 23 -0.80 -9.39 -4.56
N GLU C 24 -1.08 -10.43 -3.78
CA GLU C 24 -2.10 -11.42 -4.09
C GLU C 24 -3.46 -10.72 -4.16
N SER C 25 -3.79 -9.79 -3.26
CA SER C 25 -5.06 -9.10 -3.29
C SER C 25 -5.22 -8.34 -4.61
N LEU C 26 -4.19 -7.61 -5.03
CA LEU C 26 -4.19 -6.81 -6.24
C LEU C 26 -4.25 -7.67 -7.48
N GLU C 27 -3.35 -8.65 -7.56
CA GLU C 27 -3.24 -9.56 -8.69
C GLU C 27 -4.53 -10.34 -8.89
N LEU C 28 -5.05 -11.02 -7.86
CA LEU C 28 -6.26 -11.83 -8.02
C LEU C 28 -7.47 -10.95 -8.30
N MET C 29 -7.53 -9.72 -7.80
CA MET C 29 -8.66 -8.84 -8.09
C MET C 29 -8.57 -8.46 -9.59
N GLN C 30 -7.37 -8.10 -10.07
CA GLN C 30 -7.16 -7.73 -11.47
C GLN C 30 -7.39 -8.95 -12.38
N TYR C 31 -7.15 -10.18 -11.89
CA TYR C 31 -7.34 -11.41 -12.64
C TYR C 31 -8.80 -11.83 -12.64
N LEU C 32 -9.56 -11.55 -11.57
CA LEU C 32 -10.96 -11.91 -11.41
C LEU C 32 -11.80 -10.70 -11.01
N PRO C 33 -12.00 -9.72 -11.91
CA PRO C 33 -12.77 -8.50 -11.62
C PRO C 33 -14.29 -8.67 -11.66
N GLN C 34 -14.84 -9.86 -11.88
CA GLN C 34 -16.30 -10.05 -11.94
C GLN C 34 -16.83 -10.57 -10.60
N HIS C 35 -16.16 -11.59 -10.06
CA HIS C 35 -16.52 -12.27 -8.82
C HIS C 35 -16.48 -11.39 -7.57
N THR C 36 -15.34 -10.78 -7.24
CA THR C 36 -15.19 -9.94 -6.05
C THR C 36 -16.09 -8.70 -6.12
N ILE C 37 -16.00 -7.98 -7.24
CA ILE C 37 -16.76 -6.75 -7.49
C ILE C 37 -18.28 -6.95 -7.36
N GLU C 38 -18.82 -8.10 -7.80
CA GLU C 38 -20.26 -8.38 -7.71
C GLU C 38 -20.62 -8.59 -6.24
N THR C 39 -19.93 -9.50 -5.53
CA THR C 39 -20.20 -9.78 -4.12
C THR C 39 -20.18 -8.48 -3.30
N TYR C 40 -19.19 -7.64 -3.57
CA TYR C 40 -18.98 -6.36 -2.93
C TYR C 40 -20.17 -5.42 -3.17
N ARG C 41 -20.55 -5.20 -4.44
CA ARG C 41 -21.66 -4.32 -4.76
C ARG C 41 -22.96 -4.85 -4.17
N GLN C 42 -23.10 -6.18 -4.13
CA GLN C 42 -24.27 -6.83 -3.57
C GLN C 42 -24.35 -6.51 -2.07
N GLN C 43 -23.23 -6.60 -1.32
CA GLN C 43 -23.26 -6.29 0.11
C GLN C 43 -23.73 -4.86 0.31
N GLN C 44 -23.15 -3.90 -0.42
CA GLN C 44 -23.50 -2.48 -0.30
C GLN C 44 -25.01 -2.27 -0.49
N GLN C 45 -25.58 -2.81 -1.57
CA GLN C 45 -27.00 -2.66 -1.86
C GLN C 45 -27.87 -3.42 -0.84
N GLN C 46 -27.50 -4.64 -0.45
CA GLN C 46 -28.25 -5.42 0.53
C GLN C 46 -28.24 -4.71 1.88
N GLN C 47 -27.10 -4.14 2.28
CA GLN C 47 -26.98 -3.40 3.54
C GLN C 47 -27.98 -2.25 3.49
N HIS C 48 -28.01 -1.50 2.39
CA HIS C 48 -28.93 -0.39 2.20
C HIS C 48 -30.39 -0.88 2.27
N GLN C 49 -30.69 -2.02 1.67
CA GLN C 49 -32.03 -2.61 1.65
C GLN C 49 -32.47 -2.97 3.08
N HIS C 50 -31.64 -3.72 3.81
CA HIS C 50 -31.90 -4.15 5.18
C HIS C 50 -31.92 -2.95 6.13
N LEU C 51 -31.26 -1.83 5.78
CA LEU C 51 -31.23 -0.62 6.63
C LEU C 51 -32.64 -0.07 6.75
N LEU C 52 -33.50 -0.27 5.74
CA LEU C 52 -34.88 0.19 5.79
C LEU C 52 -35.66 -0.87 6.58
N GLN C 53 -35.78 -2.10 6.06
CA GLN C 53 -36.50 -3.19 6.70
C GLN C 53 -36.17 -4.51 5.99
N LYS C 54 -36.61 -5.63 6.57
CA LYS C 54 -36.44 -7.00 6.06
C LYS C 54 -34.96 -7.38 5.92
N GLN C 55 -34.40 -7.90 7.00
CA GLN C 55 -33.03 -8.38 7.12
C GLN C 55 -33.05 -9.80 6.54
N THR C 56 -32.63 -9.98 5.28
CA THR C 56 -32.64 -11.28 4.62
C THR C 56 -31.67 -12.33 5.21
N SER C 57 -30.55 -11.90 5.79
CA SER C 57 -29.46 -12.64 6.42
C SER C 57 -29.57 -14.18 6.44
N ILE C 58 -29.32 -14.85 5.31
CA ILE C 58 -29.38 -16.31 5.26
C ILE C 58 -28.05 -16.82 5.84
N GLN C 59 -28.03 -18.04 6.38
CA GLN C 59 -26.84 -18.66 6.98
C GLN C 59 -26.74 -20.12 6.54
N SER C 60 -25.54 -20.69 6.63
CA SER C 60 -25.21 -22.06 6.27
C SER C 60 -23.97 -22.42 7.10
N GLY D 1 -11.86 -3.63 23.32
CA GLY D 1 -12.21 -2.55 22.38
C GLY D 1 -12.90 -3.14 21.16
N SER D 2 -13.05 -2.33 20.12
CA SER D 2 -13.68 -2.71 18.87
C SER D 2 -13.07 -1.84 17.77
N ASP D 3 -13.45 -2.12 16.53
CA ASP D 3 -13.05 -1.45 15.31
C ASP D 3 -14.32 -1.09 14.55
N GLU D 4 -15.28 -0.49 15.24
CA GLU D 4 -16.54 -0.06 14.63
C GLU D 4 -16.31 1.27 13.88
N ASP D 5 -15.38 2.07 14.39
CA ASP D 5 -14.96 3.38 13.92
C ASP D 5 -14.44 3.36 12.50
N THR D 6 -14.93 4.27 11.66
CA THR D 6 -14.49 4.40 10.28
C THR D 6 -13.20 5.26 10.37
N TYR D 7 -12.21 5.04 9.50
CA TYR D 7 -10.96 5.82 9.53
C TYR D 7 -11.00 6.84 8.40
N TYR D 8 -10.43 8.02 8.63
CA TYR D 8 -10.37 9.13 7.69
C TYR D 8 -8.90 9.50 7.52
N LEU D 9 -8.49 9.90 6.31
CA LEU D 9 -7.11 10.28 6.01
C LEU D 9 -7.13 11.42 4.98
N GLN D 10 -6.23 12.40 5.10
CA GLN D 10 -6.11 13.54 4.19
C GLN D 10 -4.63 13.83 3.93
N VAL D 11 -4.10 13.54 2.75
CA VAL D 11 -2.71 13.78 2.39
C VAL D 11 -2.61 14.06 0.88
N ARG D 12 -1.67 14.91 0.44
CA ARG D 12 -1.47 15.26 -0.97
C ARG D 12 -0.27 14.52 -1.56
N GLY D 13 -0.49 13.47 -2.36
CA GLY D 13 0.54 12.70 -3.05
C GLY D 13 0.02 12.29 -4.41
N ARG D 14 0.57 12.70 -5.55
CA ARG D 14 -0.01 12.27 -6.84
C ARG D 14 0.17 10.76 -7.05
N LYS D 15 1.41 10.27 -7.02
CA LYS D 15 1.68 8.84 -7.20
C LYS D 15 1.16 8.11 -5.98
N ASN D 16 1.43 8.67 -4.79
CA ASN D 16 1.03 8.12 -3.51
C ASN D 16 -0.47 7.81 -3.51
N PHE D 17 -1.32 8.77 -3.89
CA PHE D 17 -2.76 8.56 -3.89
C PHE D 17 -3.21 7.54 -4.91
N GLU D 18 -2.72 7.58 -6.16
CA GLU D 18 -3.17 6.58 -7.15
C GLU D 18 -2.84 5.16 -6.65
N ILE D 19 -1.61 4.96 -6.20
CA ILE D 19 -1.11 3.69 -5.66
C ILE D 19 -2.02 3.27 -4.50
N LEU D 20 -2.21 4.16 -3.52
CA LEU D 20 -3.03 3.91 -2.35
C LEU D 20 -4.47 3.58 -2.75
N MET D 21 -5.07 4.23 -3.75
CA MET D 21 -6.43 3.95 -4.20
C MET D 21 -6.53 2.54 -4.77
N LYS D 22 -5.62 2.19 -5.69
CA LYS D 22 -5.59 0.87 -6.30
C LYS D 22 -5.57 -0.20 -5.21
N LEU D 23 -4.69 0.00 -4.23
CA LEU D 23 -4.53 -0.92 -3.12
C LEU D 23 -5.69 -0.84 -2.12
N LYS D 24 -6.38 0.30 -2.00
CA LYS D 24 -7.50 0.48 -1.08
C LYS D 24 -8.63 -0.47 -1.46
N GLU D 25 -9.16 -0.33 -2.68
CA GLU D 25 -10.24 -1.18 -3.17
C GLU D 25 -9.75 -2.62 -3.16
N SER D 26 -8.50 -2.88 -3.60
CA SER D 26 -7.94 -4.22 -3.64
C SER D 26 -8.05 -4.95 -2.29
N LEU D 27 -7.58 -4.32 -1.20
CA LEU D 27 -7.62 -4.96 0.11
C LEU D 27 -9.04 -5.08 0.63
N GLU D 28 -9.94 -4.12 0.36
CA GLU D 28 -11.33 -4.24 0.84
C GLU D 28 -11.99 -5.45 0.16
N LEU D 29 -11.85 -5.54 -1.16
CA LEU D 29 -12.39 -6.61 -1.98
C LEU D 29 -11.86 -7.98 -1.53
N MET D 30 -10.53 -8.12 -1.41
CA MET D 30 -9.87 -9.36 -1.02
C MET D 30 -10.24 -9.75 0.43
N GLU D 31 -10.59 -8.78 1.29
CA GLU D 31 -10.97 -9.05 2.68
C GLU D 31 -12.42 -9.54 2.74
N LEU D 32 -13.32 -8.95 1.94
CA LEU D 32 -14.73 -9.32 1.97
C LEU D 32 -15.09 -10.66 1.33
N VAL D 33 -14.39 -11.09 0.30
CA VAL D 33 -14.66 -12.36 -0.38
C VAL D 33 -13.76 -13.45 0.23
N PRO D 34 -14.21 -14.71 0.28
CA PRO D 34 -13.43 -15.83 0.81
C PRO D 34 -12.21 -16.13 -0.09
N GLN D 35 -11.58 -17.30 0.05
CA GLN D 35 -10.40 -17.67 -0.73
C GLN D 35 -10.63 -18.90 -1.65
N PRO D 36 -11.48 -18.84 -2.69
CA PRO D 36 -11.71 -19.97 -3.56
C PRO D 36 -10.60 -20.15 -4.63
N LEU D 37 -10.68 -19.46 -5.78
CA LEU D 37 -9.67 -19.58 -6.84
C LEU D 37 -8.34 -19.06 -6.34
N VAL D 38 -8.35 -17.97 -5.56
CA VAL D 38 -7.12 -17.40 -5.03
C VAL D 38 -6.29 -18.43 -4.27
N ASP D 39 -6.92 -19.37 -3.55
CA ASP D 39 -6.20 -20.40 -2.81
C ASP D 39 -5.71 -21.46 -3.77
N SER D 40 -6.55 -21.87 -4.73
CA SER D 40 -6.15 -22.88 -5.72
C SER D 40 -4.91 -22.39 -6.49
N TYR D 41 -4.93 -21.13 -6.95
CA TYR D 41 -3.83 -20.51 -7.67
C TYR D 41 -2.62 -20.46 -6.76
N ARG D 42 -2.79 -19.93 -5.54
CA ARG D 42 -1.71 -19.81 -4.56
C ARG D 42 -1.06 -21.16 -4.34
N GLN D 43 -1.81 -22.24 -4.22
CA GLN D 43 -1.26 -23.56 -4.03
C GLN D 43 -0.42 -23.95 -5.24
N GLN D 44 -0.97 -23.88 -6.46
CA GLN D 44 -0.26 -24.26 -7.68
C GLN D 44 1.00 -23.40 -7.91
N GLN D 45 0.95 -22.10 -7.57
CA GLN D 45 2.06 -21.18 -7.74
C GLN D 45 3.11 -21.38 -6.65
N GLN D 46 2.73 -21.59 -5.39
CA GLN D 46 3.71 -21.83 -4.31
C GLN D 46 4.54 -23.06 -4.70
N LEU D 47 3.91 -24.09 -5.28
CA LEU D 47 4.63 -25.30 -5.69
C LEU D 47 5.68 -25.02 -6.78
N LEU D 48 5.64 -23.86 -7.46
CA LEU D 48 6.59 -23.47 -8.51
C LEU D 48 7.86 -22.86 -7.90
N GLN D 49 7.81 -22.40 -6.64
CA GLN D 49 8.93 -21.77 -5.92
C GLN D 49 8.88 -22.27 -4.47
N ARG D 50 9.70 -23.30 -4.19
CA ARG D 50 9.82 -23.99 -2.91
C ARG D 50 8.56 -24.83 -2.80
#